data_2BS9
#
_entry.id   2BS9
#
_cell.length_a   92.668
_cell.length_b   165.744
_cell.length_c   311.004
_cell.angle_alpha   90.00
_cell.angle_beta   90.00
_cell.angle_gamma   90.00
#
_symmetry.space_group_name_H-M   'P 21 21 21'
#
loop_
_entity.id
_entity.type
_entity.pdbx_description
1 polymer BETA-XYLOSIDASE
2 non-polymer 'CALCIUM ION'
3 water water
#
_entity_poly.entity_id   1
_entity_poly.type   'polypeptide(L)'
_entity_poly.pdbx_seq_one_letter_code
;MGVVNVPSNGREKFKKNWKFCVGTGRLGLALQKEYLDHLKLVQEKIGFRYIRGHGLLSDDVGIYREVEIDGEMKPFYNFT
YIDRIVDSYLALNIRPFIEFGFMPKALASGDQTVFYWKGNVTPPKDYNKWRDLIVAVVSHFIERYGIEEVRTWLFEVWNE
PNLVNFWKDANKQEYFKLYEVTARAVKSVDPHLQVGGPAICGGSDEWITDFLHFCAERRVPVDFVSRHAYTSKAPHKKTF
EYYYQELEPPEDMLEQFKTVRALIRQSPFPHLPLHITEYNTSYSPINPVHDTALNAAYIARILSEGGDYVDSFSYWTFSD
VFEEMDVPKALFHGGFGLVALHSIPKPTFHAFTFFNALGDELLYRDGEMIVTRRKDGSIAAVLWNLVMEKGEGLTKEVQL
VIPVSESAVFIKRQIVNEQYGNAWRVWKQMGRPRFPSRQAVETLRQVAQPHVMTEQRRATDGVIHLSIVLSKNEVTLIEI
EQVRDETSTYVGLDDGEITSYSS
;
_entity_poly.pdbx_strand_id   A,B,C,D,E,F,G,H
#
# COMPACT_ATOMS: atom_id res chain seq x y z
N GLY A 2 -73.37 -2.28 -14.47
CA GLY A 2 -73.33 -2.71 -15.89
C GLY A 2 -72.94 -4.17 -16.04
N VAL A 3 -73.91 -5.00 -16.44
CA VAL A 3 -73.69 -6.42 -16.73
C VAL A 3 -73.70 -6.61 -18.24
N VAL A 4 -72.55 -7.03 -18.79
CA VAL A 4 -72.38 -7.19 -20.22
C VAL A 4 -72.49 -8.65 -20.60
N ASN A 5 -73.40 -8.97 -21.54
CA ASN A 5 -73.50 -10.32 -22.08
C ASN A 5 -72.72 -10.38 -23.38
N VAL A 6 -71.61 -11.11 -23.36
CA VAL A 6 -70.68 -11.17 -24.47
C VAL A 6 -71.17 -12.24 -25.44
N PRO A 7 -71.47 -11.87 -26.68
CA PRO A 7 -71.91 -12.86 -27.67
C PRO A 7 -70.82 -13.87 -28.05
N SER A 8 -71.24 -15.04 -28.55
CA SER A 8 -70.34 -16.10 -29.00
C SER A 8 -69.59 -15.76 -30.28
N ASN A 9 -70.26 -15.05 -31.17
CA ASN A 9 -69.68 -14.66 -32.47
C ASN A 9 -69.92 -13.21 -32.79
N GLY A 10 -68.99 -12.62 -33.53
CA GLY A 10 -69.10 -11.26 -33.99
C GLY A 10 -68.96 -11.18 -35.49
N ARG A 11 -69.66 -10.23 -36.08
CA ARG A 11 -69.64 -10.04 -37.53
C ARG A 11 -68.47 -9.13 -37.94
N GLU A 12 -68.09 -8.19 -37.06
CA GLU A 12 -67.08 -7.19 -37.39
C GLU A 12 -65.66 -7.64 -37.01
N LYS A 13 -64.68 -6.95 -37.58
CA LYS A 13 -63.28 -7.18 -37.26
C LYS A 13 -62.71 -5.94 -36.57
N PHE A 14 -61.97 -6.17 -35.49
CA PHE A 14 -61.16 -5.10 -34.90
C PHE A 14 -59.87 -4.95 -35.72
N LYS A 15 -59.68 -3.79 -36.33
CA LYS A 15 -58.58 -3.56 -37.27
C LYS A 15 -57.23 -3.37 -36.57
N LYS A 16 -56.17 -3.52 -37.35
CA LYS A 16 -54.79 -3.37 -36.88
C LYS A 16 -54.23 -1.96 -37.13
N ASN A 17 -55.10 -1.02 -37.54
CA ASN A 17 -54.75 0.39 -37.80
C ASN A 17 -54.07 1.07 -36.60
N TRP A 18 -54.39 0.60 -35.41
CA TRP A 18 -53.85 1.15 -34.17
C TRP A 18 -52.32 0.94 -34.02
N LYS A 19 -51.76 -0.05 -34.68
CA LYS A 19 -50.29 -0.20 -34.67
C LYS A 19 -49.66 -0.12 -36.05
N PHE A 20 -50.31 0.56 -36.99
CA PHE A 20 -49.72 0.77 -38.31
C PHE A 20 -48.47 1.66 -38.25
N CYS A 21 -48.51 2.71 -37.43
CA CYS A 21 -47.40 3.64 -37.29
C CYS A 21 -47.22 4.11 -35.85
N VAL A 22 -46.00 4.48 -35.51
CA VAL A 22 -45.66 5.12 -34.23
C VAL A 22 -44.72 6.28 -34.52
N GLY A 23 -44.77 7.30 -33.68
CA GLY A 23 -43.92 8.48 -33.85
C GLY A 23 -42.56 8.32 -33.23
N THR A 24 -41.65 9.25 -33.53
CA THR A 24 -40.30 9.24 -32.99
C THR A 24 -39.73 10.66 -32.92
N GLY A 25 -38.71 10.82 -32.07
CA GLY A 25 -37.84 11.98 -32.09
C GLY A 25 -37.13 12.02 -33.41
N ARG A 26 -36.35 13.09 -33.65
CA ARG A 26 -35.80 13.36 -34.98
C ARG A 26 -34.92 12.21 -35.42
N LEU A 27 -34.81 12.00 -36.73
CA LEU A 27 -34.15 10.79 -37.28
C LEU A 27 -32.68 10.65 -36.93
N GLY A 28 -31.99 11.76 -36.73
CA GLY A 28 -30.60 11.73 -36.28
C GLY A 28 -30.40 11.09 -34.91
N LEU A 29 -31.41 11.15 -34.05
CA LEU A 29 -31.30 10.52 -32.73
C LEU A 29 -31.37 9.00 -32.84
N ALA A 30 -31.88 8.50 -33.96
CA ALA A 30 -31.90 7.05 -34.20
C ALA A 30 -30.48 6.44 -34.27
N LEU A 31 -29.48 7.30 -34.35
CA LEU A 31 -28.08 6.89 -34.23
C LEU A 31 -27.69 6.46 -32.80
N GLN A 32 -28.50 6.85 -31.81
CA GLN A 32 -28.17 6.61 -30.41
C GLN A 32 -28.43 5.16 -30.03
N LYS A 33 -27.55 4.58 -29.24
CA LYS A 33 -27.77 3.21 -28.79
C LYS A 33 -29.06 3.13 -28.02
N GLU A 34 -29.25 4.07 -27.09
CA GLU A 34 -30.45 4.16 -26.27
C GLU A 34 -31.71 4.09 -27.13
N TYR A 35 -31.75 4.88 -28.20
CA TYR A 35 -32.88 4.88 -29.13
C TYR A 35 -33.19 3.47 -29.64
N LEU A 36 -32.17 2.78 -30.16
CA LEU A 36 -32.36 1.43 -30.70
C LEU A 36 -32.72 0.38 -29.65
N ASP A 37 -32.25 0.54 -28.42
CA ASP A 37 -32.72 -0.30 -27.29
C ASP A 37 -34.25 -0.19 -27.11
N HIS A 38 -34.75 1.03 -27.22
CA HIS A 38 -36.18 1.28 -27.04
C HIS A 38 -36.97 0.74 -28.20
N LEU A 39 -36.43 0.92 -29.39
CA LEU A 39 -37.14 0.51 -30.61
C LEU A 39 -37.26 -1.02 -30.64
N LYS A 40 -36.19 -1.70 -30.25
CA LYS A 40 -36.19 -3.15 -30.17
C LYS A 40 -37.27 -3.65 -29.19
N LEU A 41 -37.32 -3.07 -28.01
CA LEU A 41 -38.30 -3.45 -27.01
C LEU A 41 -39.72 -3.23 -27.52
N VAL A 42 -39.96 -2.06 -28.10
CA VAL A 42 -41.26 -1.73 -28.62
C VAL A 42 -41.60 -2.69 -29.76
N GLN A 43 -40.61 -3.04 -30.57
CA GLN A 43 -40.88 -3.94 -31.68
C GLN A 43 -41.06 -5.38 -31.24
N GLU A 44 -40.46 -5.77 -30.10
CA GLU A 44 -40.69 -7.11 -29.56
C GLU A 44 -42.10 -7.25 -28.97
N LYS A 45 -42.62 -6.21 -28.34
CA LYS A 45 -43.86 -6.30 -27.54
C LYS A 45 -45.11 -5.75 -28.27
N ILE A 46 -44.86 -4.82 -29.18
CA ILE A 46 -45.86 -4.20 -29.99
C ILE A 46 -45.18 -4.16 -31.33
N GLY A 47 -45.64 -4.87 -32.32
CA GLY A 47 -44.86 -4.74 -33.55
C GLY A 47 -45.45 -3.69 -34.47
N PHE A 48 -45.09 -2.42 -34.34
CA PHE A 48 -45.51 -1.40 -35.32
C PHE A 48 -44.95 -1.66 -36.74
N ARG A 49 -45.69 -1.23 -37.75
CA ARG A 49 -45.27 -1.40 -39.14
C ARG A 49 -44.42 -0.24 -39.67
N TYR A 50 -44.73 0.99 -39.22
CA TYR A 50 -44.07 2.19 -39.74
C TYR A 50 -43.64 3.12 -38.60
N ILE A 51 -42.64 3.96 -38.83
CA ILE A 51 -42.15 4.91 -37.83
C ILE A 51 -42.01 6.28 -38.50
N ARG A 52 -42.53 7.31 -37.84
CA ARG A 52 -42.69 8.63 -38.44
C ARG A 52 -42.04 9.70 -37.59
N GLY A 53 -41.10 10.45 -38.17
CA GLY A 53 -40.51 11.60 -37.52
C GLY A 53 -39.86 12.67 -38.39
N HIS A 54 -39.41 13.71 -37.73
CA HIS A 54 -38.87 14.91 -38.36
C HIS A 54 -37.40 14.74 -38.64
N GLY A 55 -36.85 15.64 -39.46
CA GLY A 55 -35.42 15.88 -39.53
C GLY A 55 -34.61 15.00 -40.45
N LEU A 56 -35.25 14.28 -41.38
CA LEU A 56 -34.54 13.50 -42.36
C LEU A 56 -33.54 14.39 -43.12
N LEU A 57 -34.01 15.56 -43.55
CA LEU A 57 -33.23 16.47 -44.39
C LEU A 57 -32.49 17.53 -43.57
N SER A 58 -32.66 17.52 -42.25
CA SER A 58 -31.94 18.43 -41.37
C SER A 58 -30.44 18.05 -41.26
N ASP A 59 -29.59 18.99 -40.85
CA ASP A 59 -28.15 18.86 -41.08
C ASP A 59 -27.39 17.92 -40.14
N ASP A 60 -28.02 17.48 -39.06
CA ASP A 60 -27.39 16.46 -38.21
C ASP A 60 -27.29 15.10 -38.94
N VAL A 61 -28.42 14.64 -39.51
CA VAL A 61 -28.44 13.49 -40.41
C VAL A 61 -27.48 13.71 -41.60
N GLY A 62 -27.41 14.97 -42.06
CA GLY A 62 -26.30 15.46 -42.90
C GLY A 62 -26.36 15.28 -44.41
N ILE A 63 -27.54 14.97 -44.94
CA ILE A 63 -27.64 14.61 -46.34
C ILE A 63 -27.19 15.71 -47.29
N TYR A 64 -27.64 16.95 -47.10
CA TYR A 64 -27.37 18.02 -48.08
C TYR A 64 -26.22 18.95 -47.72
N ARG A 65 -25.25 18.98 -48.63
CA ARG A 65 -24.07 19.84 -48.54
C ARG A 65 -23.69 20.48 -49.89
N GLU A 66 -22.95 21.58 -49.81
CA GLU A 66 -22.10 22.11 -50.89
C GLU A 66 -20.84 22.47 -50.11
N VAL A 67 -19.57 22.42 -50.55
CA VAL A 67 -18.89 21.70 -51.64
C VAL A 67 -18.40 22.58 -52.83
N GLU A 68 -17.24 23.18 -52.59
CA GLU A 68 -16.55 24.03 -53.56
C GLU A 68 -15.66 23.23 -54.50
N ILE A 69 -16.01 23.25 -55.79
CA ILE A 69 -15.25 22.61 -56.85
C ILE A 69 -14.89 23.64 -57.92
N ASP A 70 -13.59 23.73 -58.22
CA ASP A 70 -13.03 24.75 -59.12
C ASP A 70 -13.22 26.10 -58.44
N GLY A 71 -14.34 26.79 -58.68
CA GLY A 71 -14.74 27.90 -57.82
C GLY A 71 -16.24 28.04 -57.58
N GLU A 72 -17.02 27.00 -57.89
CA GLU A 72 -18.48 27.01 -57.77
C GLU A 72 -18.95 26.11 -56.62
N MET A 73 -20.01 26.52 -55.92
CA MET A 73 -20.66 25.66 -54.95
C MET A 73 -21.53 24.67 -55.72
N LYS A 74 -21.38 23.39 -55.40
CA LYS A 74 -22.08 22.29 -56.08
C LYS A 74 -22.64 21.27 -55.09
N PRO A 75 -23.77 20.62 -55.43
CA PRO A 75 -24.44 19.71 -54.48
C PRO A 75 -23.70 18.40 -54.22
N PHE A 76 -23.71 17.98 -52.95
CA PHE A 76 -23.16 16.71 -52.53
C PHE A 76 -24.14 16.11 -51.54
N TYR A 77 -24.50 14.84 -51.75
CA TYR A 77 -25.51 14.17 -50.92
C TYR A 77 -24.82 13.09 -50.08
N ASN A 78 -24.79 13.30 -48.77
CA ASN A 78 -24.06 12.42 -47.85
C ASN A 78 -25.02 11.40 -47.24
N PHE A 79 -24.97 10.17 -47.75
CA PHE A 79 -25.91 9.13 -47.31
C PHE A 79 -25.45 8.28 -46.13
N THR A 80 -24.33 8.67 -45.51
CA THR A 80 -23.66 7.84 -44.49
C THR A 80 -24.59 7.51 -43.33
N TYR A 81 -25.26 8.53 -42.81
CA TYR A 81 -26.08 8.38 -41.61
C TYR A 81 -27.45 7.76 -41.87
N ILE A 82 -28.20 8.15 -42.92
CA ILE A 82 -29.56 7.57 -43.08
C ILE A 82 -29.50 6.14 -43.53
N ASP A 83 -28.46 5.79 -44.28
CA ASP A 83 -28.18 4.38 -44.56
C ASP A 83 -28.16 3.59 -43.27
N ARG A 84 -27.42 4.07 -42.26
CA ARG A 84 -27.33 3.38 -40.98
C ARG A 84 -28.66 3.38 -40.25
N ILE A 85 -29.40 4.48 -40.38
CA ILE A 85 -30.67 4.66 -39.70
C ILE A 85 -31.72 3.76 -40.29
N VAL A 86 -31.95 3.88 -41.59
CA VAL A 86 -32.95 3.05 -42.27
C VAL A 86 -32.59 1.56 -42.21
N ASP A 87 -31.29 1.20 -42.30
CA ASP A 87 -30.89 -0.21 -42.12
C ASP A 87 -31.34 -0.73 -40.76
N SER A 88 -31.15 0.08 -39.72
CA SER A 88 -31.50 -0.31 -38.34
C SER A 88 -33.02 -0.41 -38.14
N TYR A 89 -33.76 0.42 -38.89
CA TYR A 89 -35.20 0.36 -38.87
C TYR A 89 -35.67 -0.98 -39.44
N LEU A 90 -35.26 -1.27 -40.67
CA LEU A 90 -35.60 -2.51 -41.33
C LEU A 90 -35.15 -3.78 -40.61
N ALA A 91 -33.98 -3.76 -39.95
CA ALA A 91 -33.54 -4.94 -39.20
C ALA A 91 -34.49 -5.16 -38.03
N LEU A 92 -35.18 -4.11 -37.58
CA LEU A 92 -36.19 -4.24 -36.54
C LEU A 92 -37.61 -4.32 -37.05
N ASN A 93 -37.77 -4.62 -38.34
CA ASN A 93 -39.06 -4.87 -38.98
C ASN A 93 -39.98 -3.66 -38.95
N ILE A 94 -39.40 -2.47 -39.06
CA ILE A 94 -40.21 -1.25 -39.12
C ILE A 94 -39.75 -0.43 -40.33
N ARG A 95 -40.69 0.18 -41.05
CA ARG A 95 -40.34 0.92 -42.25
C ARG A 95 -40.55 2.37 -42.02
N PRO A 96 -39.81 3.22 -42.72
CA PRO A 96 -40.00 4.66 -42.56
C PRO A 96 -41.29 5.14 -43.24
N PHE A 97 -42.09 5.81 -42.44
CA PHE A 97 -43.10 6.76 -42.89
C PHE A 97 -42.33 8.06 -42.99
N ILE A 98 -41.71 8.27 -44.14
CA ILE A 98 -40.85 9.40 -44.33
C ILE A 98 -41.59 10.74 -44.28
N GLU A 99 -40.97 11.69 -43.57
CA GLU A 99 -41.37 13.09 -43.59
C GLU A 99 -40.25 13.96 -44.14
N PHE A 100 -40.46 14.51 -45.33
CA PHE A 100 -39.46 15.38 -45.95
C PHE A 100 -39.46 16.70 -45.21
N GLY A 101 -38.40 16.90 -44.46
CA GLY A 101 -38.11 18.15 -43.78
C GLY A 101 -36.93 17.94 -42.83
N PHE A 102 -36.48 18.98 -42.13
CA PHE A 102 -36.87 20.36 -42.37
C PHE A 102 -35.95 20.88 -43.46
N MET A 103 -35.62 22.16 -43.42
CA MET A 103 -34.90 22.74 -44.52
C MET A 103 -33.40 22.76 -44.22
N PRO A 104 -32.60 22.12 -45.09
CA PRO A 104 -31.14 22.15 -44.98
C PRO A 104 -30.68 23.60 -45.03
N LYS A 105 -29.80 24.00 -44.11
CA LYS A 105 -29.30 25.39 -44.04
C LYS A 105 -28.76 25.92 -45.37
N ALA A 106 -28.09 25.04 -46.11
CA ALA A 106 -27.41 25.42 -47.34
C ALA A 106 -28.42 25.66 -48.46
N LEU A 107 -29.68 25.29 -48.21
CA LEU A 107 -30.78 25.57 -49.13
C LEU A 107 -31.76 26.61 -48.63
N ALA A 108 -31.65 26.99 -47.36
CA ALA A 108 -32.61 27.89 -46.71
C ALA A 108 -32.66 29.27 -47.37
N SER A 109 -33.86 29.87 -47.41
CA SER A 109 -34.07 31.25 -47.89
C SER A 109 -33.83 32.28 -46.80
N GLY A 110 -34.06 31.87 -45.56
CA GLY A 110 -33.84 32.72 -44.40
C GLY A 110 -33.29 31.94 -43.22
N ASP A 111 -33.31 32.57 -42.04
CA ASP A 111 -32.61 32.04 -40.88
C ASP A 111 -33.53 31.51 -39.74
N GLN A 112 -34.87 31.59 -39.91
CA GLN A 112 -35.79 31.18 -38.86
C GLN A 112 -35.70 29.66 -38.63
N THR A 113 -35.66 29.27 -37.36
CA THR A 113 -35.53 27.87 -36.97
C THR A 113 -36.57 27.45 -35.94
N VAL A 114 -36.66 26.15 -35.73
CA VAL A 114 -37.55 25.57 -34.72
C VAL A 114 -36.79 24.60 -33.80
N PHE A 115 -37.22 24.53 -32.54
CA PHE A 115 -36.62 23.61 -31.54
C PHE A 115 -35.18 23.90 -31.08
N TYR A 116 -34.82 23.21 -30.00
CA TYR A 116 -33.47 23.23 -29.42
C TYR A 116 -32.45 22.90 -30.49
N TRP A 117 -32.81 21.98 -31.38
CA TRP A 117 -31.91 21.53 -32.43
C TRP A 117 -31.94 22.37 -33.72
N LYS A 118 -32.81 23.38 -33.76
CA LYS A 118 -32.80 24.42 -34.80
C LYS A 118 -32.99 23.90 -36.22
N GLY A 119 -34.03 23.13 -36.47
CA GLY A 119 -34.38 22.82 -37.85
C GLY A 119 -34.82 24.11 -38.52
N ASN A 120 -34.40 24.31 -39.75
CA ASN A 120 -34.72 25.53 -40.47
C ASN A 120 -36.08 25.42 -41.14
N VAL A 121 -36.95 26.39 -40.88
CA VAL A 121 -38.34 26.33 -41.31
C VAL A 121 -38.65 27.35 -42.40
N THR A 122 -37.71 27.58 -43.30
CA THR A 122 -37.92 28.53 -44.40
C THR A 122 -37.92 27.78 -45.74
N PRO A 123 -38.61 28.33 -46.73
CA PRO A 123 -38.65 27.74 -48.09
C PRO A 123 -37.26 27.64 -48.66
N PRO A 124 -37.02 26.73 -49.61
CA PRO A 124 -35.74 26.71 -50.31
C PRO A 124 -35.52 28.00 -51.13
N LYS A 125 -34.29 28.49 -51.20
CA LYS A 125 -33.94 29.67 -52.02
C LYS A 125 -34.27 29.39 -53.47
N ASP A 126 -34.12 28.12 -53.84
CA ASP A 126 -34.35 27.67 -55.20
C ASP A 126 -35.07 26.33 -55.12
N TYR A 127 -36.31 26.29 -55.64
CA TYR A 127 -37.13 25.08 -55.70
C TYR A 127 -36.60 24.02 -56.64
N ASN A 128 -35.77 24.39 -57.60
CA ASN A 128 -35.11 23.40 -58.44
C ASN A 128 -34.03 22.62 -57.66
N LYS A 129 -33.38 23.27 -56.71
CA LYS A 129 -32.40 22.62 -55.85
C LYS A 129 -33.10 21.67 -54.85
N TRP A 130 -34.30 22.04 -54.42
CA TRP A 130 -35.08 21.23 -53.49
C TRP A 130 -35.62 19.99 -54.18
N ARG A 131 -36.06 20.17 -55.43
CA ARG A 131 -36.48 19.08 -56.29
C ARG A 131 -35.33 18.11 -56.50
N ASP A 132 -34.15 18.65 -56.85
CA ASP A 132 -32.97 17.83 -57.13
C ASP A 132 -32.57 17.01 -55.88
N LEU A 133 -32.91 17.54 -54.69
CA LEU A 133 -32.66 16.88 -53.42
C LEU A 133 -33.58 15.71 -53.20
N ILE A 134 -34.87 15.93 -53.44
CA ILE A 134 -35.85 14.86 -53.26
C ILE A 134 -35.55 13.71 -54.21
N VAL A 135 -35.21 14.03 -55.44
CA VAL A 135 -34.87 13.01 -56.43
C VAL A 135 -33.65 12.20 -56.00
N ALA A 136 -32.63 12.89 -55.50
CA ALA A 136 -31.41 12.21 -55.05
C ALA A 136 -31.68 11.32 -53.85
N VAL A 137 -32.51 11.78 -52.92
CA VAL A 137 -32.82 11.01 -51.73
C VAL A 137 -33.70 9.80 -52.10
N VAL A 138 -34.80 10.06 -52.80
CA VAL A 138 -35.69 8.95 -53.14
C VAL A 138 -34.98 7.93 -54.03
N SER A 139 -34.16 8.41 -54.96
CA SER A 139 -33.40 7.52 -55.86
C SER A 139 -32.41 6.67 -55.10
N HIS A 140 -31.72 7.28 -54.12
CA HIS A 140 -30.73 6.52 -53.33
C HIS A 140 -31.42 5.42 -52.53
N PHE A 141 -32.56 5.74 -51.94
CA PHE A 141 -33.37 4.72 -51.26
C PHE A 141 -33.66 3.50 -52.15
N ILE A 142 -34.02 3.75 -53.41
CA ILE A 142 -34.29 2.70 -54.37
C ILE A 142 -33.02 1.93 -54.75
N GLU A 143 -31.92 2.64 -54.94
CA GLU A 143 -30.65 2.02 -55.21
C GLU A 143 -30.25 1.04 -54.11
N ARG A 144 -30.38 1.43 -52.86
CA ARG A 144 -29.97 0.61 -51.73
C ARG A 144 -30.94 -0.51 -51.33
N TYR A 145 -32.22 -0.19 -51.24
CA TYR A 145 -33.20 -1.13 -50.72
C TYR A 145 -34.02 -1.79 -51.83
N GLY A 146 -33.93 -1.27 -53.05
CA GLY A 146 -34.64 -1.85 -54.19
C GLY A 146 -36.03 -1.24 -54.31
N ILE A 147 -36.58 -1.23 -55.52
CA ILE A 147 -37.85 -0.52 -55.79
C ILE A 147 -39.07 -1.16 -55.10
N GLU A 148 -39.10 -2.48 -54.97
CA GLU A 148 -40.27 -3.12 -54.32
C GLU A 148 -40.41 -2.68 -52.87
N GLU A 149 -39.30 -2.64 -52.16
CA GLU A 149 -39.32 -2.25 -50.74
C GLU A 149 -39.76 -0.77 -50.60
N VAL A 150 -39.19 0.11 -51.39
CA VAL A 150 -39.42 1.55 -51.22
C VAL A 150 -40.88 1.93 -51.56
N ARG A 151 -41.53 1.15 -52.42
CA ARG A 151 -42.93 1.38 -52.75
C ARG A 151 -43.88 1.08 -51.59
N THR A 152 -43.42 0.34 -50.57
CA THR A 152 -44.25 0.06 -49.38
C THR A 152 -44.19 1.19 -48.36
N TRP A 153 -43.28 2.15 -48.55
CA TRP A 153 -43.09 3.28 -47.61
C TRP A 153 -44.12 4.39 -47.88
N LEU A 154 -44.15 5.40 -47.02
CA LEU A 154 -44.99 6.61 -47.25
C LEU A 154 -44.16 7.88 -47.15
N PHE A 155 -44.58 8.89 -47.88
CA PHE A 155 -43.81 10.11 -48.02
C PHE A 155 -44.70 11.32 -47.72
N GLU A 156 -44.52 11.93 -46.54
CA GLU A 156 -45.33 13.09 -46.12
C GLU A 156 -44.50 14.33 -46.39
N VAL A 157 -45.13 15.43 -46.81
CA VAL A 157 -44.41 16.67 -47.11
C VAL A 157 -44.50 17.69 -45.98
N TRP A 158 -43.35 17.90 -45.34
CA TRP A 158 -43.20 18.87 -44.26
C TRP A 158 -43.96 18.51 -42.99
N ASN A 159 -43.98 19.45 -42.06
CA ASN A 159 -44.68 19.33 -40.82
C ASN A 159 -45.43 20.63 -40.48
N GLU A 160 -46.68 20.51 -40.07
CA GLU A 160 -47.52 21.61 -39.58
C GLU A 160 -47.28 22.99 -40.23
N PRO A 161 -47.43 23.07 -41.55
CA PRO A 161 -47.14 24.32 -42.27
C PRO A 161 -48.18 25.40 -41.94
N ASN A 162 -49.31 25.00 -41.37
CA ASN A 162 -50.29 25.93 -40.82
C ASN A 162 -49.93 26.54 -39.48
N LEU A 163 -48.75 26.19 -38.95
CA LEU A 163 -48.24 26.74 -37.71
C LEU A 163 -46.97 27.54 -38.03
N VAL A 164 -46.96 28.79 -37.59
CA VAL A 164 -45.91 29.77 -37.87
C VAL A 164 -44.50 29.33 -37.37
N ASN A 165 -44.48 28.59 -36.28
CA ASN A 165 -43.27 27.97 -35.74
C ASN A 165 -42.59 26.98 -36.67
N PHE A 166 -43.37 26.35 -37.54
CA PHE A 166 -42.87 25.26 -38.35
C PHE A 166 -42.63 25.64 -39.79
N TRP A 167 -43.10 26.83 -40.18
CA TRP A 167 -43.12 27.25 -41.59
C TRP A 167 -43.35 28.77 -41.69
N LYS A 168 -42.41 29.45 -42.32
CA LYS A 168 -42.41 30.91 -42.40
C LYS A 168 -43.76 31.50 -42.77
N ASP A 169 -44.29 32.32 -41.85
CA ASP A 169 -45.55 33.07 -42.02
C ASP A 169 -46.83 32.20 -42.04
N ALA A 170 -46.69 30.90 -41.76
CA ALA A 170 -47.74 29.92 -42.00
C ALA A 170 -48.34 30.13 -43.39
N ASN A 171 -47.46 30.29 -44.36
CA ASN A 171 -47.85 30.70 -45.68
C ASN A 171 -48.48 29.52 -46.43
N LYS A 172 -49.82 29.55 -46.49
CA LYS A 172 -50.60 28.52 -47.18
C LYS A 172 -50.14 28.29 -48.62
N GLN A 173 -50.12 29.35 -49.44
CA GLN A 173 -49.80 29.16 -50.85
C GLN A 173 -48.36 28.65 -51.05
N GLU A 174 -47.45 29.09 -50.19
CA GLU A 174 -46.05 28.66 -50.30
C GLU A 174 -45.87 27.15 -49.99
N TYR A 175 -46.62 26.61 -49.02
CA TYR A 175 -46.61 25.18 -48.74
C TYR A 175 -47.15 24.39 -49.94
N PHE A 176 -48.23 24.87 -50.54
CA PHE A 176 -48.81 24.14 -51.66
C PHE A 176 -47.81 24.08 -52.81
N LYS A 177 -47.06 25.16 -52.99
CA LYS A 177 -45.98 25.16 -53.96
C LYS A 177 -44.91 24.11 -53.62
N LEU A 178 -44.50 24.05 -52.35
CA LEU A 178 -43.53 23.06 -51.85
C LEU A 178 -44.08 21.63 -51.95
N TYR A 179 -45.37 21.47 -51.76
CA TYR A 179 -45.96 20.14 -51.91
C TYR A 179 -45.87 19.72 -53.38
N GLU A 180 -46.26 20.62 -54.27
CA GLU A 180 -46.24 20.31 -55.68
C GLU A 180 -44.85 19.94 -56.21
N VAL A 181 -43.83 20.71 -55.86
CA VAL A 181 -42.46 20.42 -56.29
C VAL A 181 -42.02 19.06 -55.70
N THR A 182 -42.27 18.83 -54.43
CA THR A 182 -41.91 17.55 -53.81
C THR A 182 -42.66 16.35 -54.43
N ALA A 183 -43.99 16.48 -54.53
CA ALA A 183 -44.84 15.39 -55.02
C ALA A 183 -44.46 15.00 -56.44
N ARG A 184 -44.34 15.99 -57.30
CA ARG A 184 -43.88 15.73 -58.66
C ARG A 184 -42.48 15.12 -58.68
N ALA A 185 -41.63 15.54 -57.73
CA ALA A 185 -40.26 15.02 -57.70
C ALA A 185 -40.29 13.52 -57.40
N VAL A 186 -41.02 13.14 -56.35
CA VAL A 186 -41.16 11.77 -55.92
C VAL A 186 -41.73 10.92 -57.05
N LYS A 187 -42.76 11.41 -57.73
CA LYS A 187 -43.42 10.68 -58.82
C LYS A 187 -42.54 10.49 -60.05
N SER A 188 -41.65 11.45 -60.31
CA SER A 188 -40.69 11.36 -61.42
C SER A 188 -39.64 10.24 -61.20
N VAL A 189 -39.35 9.88 -59.96
CA VAL A 189 -38.50 8.72 -59.69
C VAL A 189 -39.29 7.45 -59.95
N ASP A 190 -40.44 7.34 -59.31
CA ASP A 190 -41.33 6.21 -59.53
C ASP A 190 -42.78 6.60 -59.24
N PRO A 191 -43.70 6.33 -60.18
CA PRO A 191 -45.10 6.78 -60.01
C PRO A 191 -45.89 6.08 -58.92
N HIS A 192 -45.45 4.93 -58.40
CA HIS A 192 -46.24 4.20 -57.42
C HIS A 192 -45.93 4.61 -55.98
N LEU A 193 -44.95 5.49 -55.79
CA LEU A 193 -44.57 5.98 -54.47
C LEU A 193 -45.63 6.88 -53.92
N GLN A 194 -46.04 6.58 -52.69
CA GLN A 194 -47.20 7.21 -52.08
C GLN A 194 -46.77 8.49 -51.36
N VAL A 195 -47.21 9.61 -51.89
CA VAL A 195 -46.89 10.93 -51.33
C VAL A 195 -48.15 11.65 -50.88
N GLY A 196 -48.02 12.50 -49.88
CA GLY A 196 -49.20 13.14 -49.31
C GLY A 196 -48.90 14.22 -48.31
N GLY A 197 -49.96 14.75 -47.72
CA GLY A 197 -49.89 15.90 -46.84
C GLY A 197 -51.29 16.26 -46.39
N PRO A 198 -51.53 17.42 -45.78
CA PRO A 198 -50.54 18.48 -45.55
C PRO A 198 -49.99 18.57 -44.10
N ALA A 199 -50.21 17.54 -43.29
CA ALA A 199 -49.48 17.33 -42.05
C ALA A 199 -49.77 18.40 -41.00
N ILE A 200 -50.96 18.97 -41.08
CA ILE A 200 -51.34 20.12 -40.28
C ILE A 200 -51.68 19.76 -38.83
N CYS A 201 -51.48 20.73 -37.95
CA CYS A 201 -52.01 20.67 -36.59
C CYS A 201 -53.48 21.08 -36.64
N GLY A 202 -54.21 20.86 -35.56
CA GLY A 202 -55.65 21.14 -35.50
C GLY A 202 -55.97 22.64 -35.52
N GLY A 203 -57.25 22.97 -35.48
CA GLY A 203 -57.67 24.36 -35.37
C GLY A 203 -57.84 25.14 -36.65
N SER A 204 -57.55 24.52 -37.79
CA SER A 204 -57.79 25.15 -39.09
C SER A 204 -57.93 24.11 -40.25
N ASP A 205 -59.01 23.31 -40.18
CA ASP A 205 -59.22 22.23 -41.15
C ASP A 205 -59.64 22.65 -42.55
N GLU A 206 -59.87 23.96 -42.75
CA GLU A 206 -59.99 24.51 -44.11
C GLU A 206 -58.76 24.22 -44.96
N TRP A 207 -57.58 24.11 -44.34
CA TRP A 207 -56.37 23.77 -45.06
C TRP A 207 -56.51 22.46 -45.81
N ILE A 208 -57.18 21.48 -45.22
CA ILE A 208 -57.30 20.19 -45.89
C ILE A 208 -58.16 20.35 -47.15
N THR A 209 -59.28 21.07 -47.02
CA THR A 209 -60.15 21.35 -48.14
C THR A 209 -59.36 22.04 -49.25
N ASP A 210 -58.62 23.07 -48.88
CA ASP A 210 -57.88 23.93 -49.81
C ASP A 210 -56.71 23.19 -50.48
N PHE A 211 -56.06 22.32 -49.70
CA PHE A 211 -54.97 21.48 -50.20
C PHE A 211 -55.51 20.63 -51.31
N LEU A 212 -56.59 19.91 -51.04
CA LEU A 212 -57.14 18.94 -51.97
C LEU A 212 -57.73 19.55 -53.25
N HIS A 213 -58.31 20.75 -53.14
CA HIS A 213 -58.79 21.50 -54.30
C HIS A 213 -57.60 21.97 -55.15
N PHE A 214 -56.54 22.40 -54.48
CA PHE A 214 -55.32 22.80 -55.16
C PHE A 214 -54.78 21.60 -55.95
N CYS A 215 -54.76 20.41 -55.33
CA CYS A 215 -54.21 19.23 -56.00
C CYS A 215 -55.08 18.79 -57.19
N ALA A 216 -56.41 18.95 -57.07
CA ALA A 216 -57.34 18.56 -58.13
C ALA A 216 -57.27 19.49 -59.33
N GLU A 217 -57.41 20.80 -59.10
CA GLU A 217 -57.39 21.80 -60.17
C GLU A 217 -56.15 21.72 -61.01
N ARG A 218 -55.02 21.59 -60.31
CA ARG A 218 -53.70 21.65 -60.89
C ARG A 218 -53.09 20.29 -61.09
N ARG A 219 -53.88 19.23 -60.87
CA ARG A 219 -53.49 17.85 -61.18
C ARG A 219 -52.13 17.50 -60.57
N VAL A 220 -51.98 17.88 -59.31
CA VAL A 220 -50.85 17.48 -58.46
C VAL A 220 -51.14 16.14 -57.79
N PRO A 221 -50.22 15.19 -57.88
CA PRO A 221 -50.34 13.90 -57.19
C PRO A 221 -50.55 14.00 -55.66
N VAL A 222 -51.66 13.42 -55.16
CA VAL A 222 -51.89 13.13 -53.75
C VAL A 222 -52.29 11.67 -53.59
N ASP A 223 -51.75 10.98 -52.59
CA ASP A 223 -52.14 9.59 -52.35
C ASP A 223 -52.72 9.38 -50.95
N PHE A 224 -52.56 10.36 -50.07
CA PHE A 224 -53.10 10.28 -48.72
C PHE A 224 -53.14 11.66 -48.10
N VAL A 225 -53.92 11.77 -47.03
CA VAL A 225 -54.01 12.98 -46.26
C VAL A 225 -53.44 12.68 -44.89
N SER A 226 -52.76 13.66 -44.33
CA SER A 226 -52.20 13.54 -43.00
C SER A 226 -52.55 14.79 -42.19
N ARG A 227 -52.66 14.57 -40.89
CA ARG A 227 -53.23 15.52 -39.97
C ARG A 227 -52.78 15.10 -38.57
N HIS A 228 -52.62 16.06 -37.67
CA HIS A 228 -52.19 15.79 -36.28
C HIS A 228 -53.34 16.05 -35.33
N ALA A 229 -53.41 15.30 -34.24
CA ALA A 229 -54.51 15.41 -33.27
C ALA A 229 -54.03 15.37 -31.82
N TYR A 230 -54.30 16.44 -31.07
CA TYR A 230 -54.06 16.47 -29.64
C TYR A 230 -55.28 17.06 -28.95
N THR A 231 -55.30 16.98 -27.63
CA THR A 231 -56.44 17.48 -26.86
C THR A 231 -56.03 18.34 -25.67
N SER A 232 -54.83 18.90 -25.72
CA SER A 232 -54.37 19.73 -24.62
C SER A 232 -54.55 21.20 -24.96
N LYS A 233 -55.08 21.97 -24.01
CA LYS A 233 -55.15 23.43 -24.10
C LYS A 233 -53.76 24.00 -23.88
N ALA A 234 -53.60 25.29 -24.21
CA ALA A 234 -52.33 25.96 -23.96
C ALA A 234 -52.04 25.86 -22.47
N PRO A 235 -50.78 25.92 -22.07
CA PRO A 235 -50.42 25.81 -20.64
C PRO A 235 -51.06 26.91 -19.73
N HIS A 236 -51.45 26.50 -18.54
CA HIS A 236 -51.99 27.35 -17.47
C HIS A 236 -50.91 27.57 -16.40
N LYS A 237 -49.91 26.69 -16.35
CA LYS A 237 -48.74 26.92 -15.50
C LYS A 237 -47.50 26.31 -16.15
N LYS A 238 -46.42 27.08 -16.13
CA LYS A 238 -45.12 26.63 -16.56
C LYS A 238 -44.15 26.70 -15.37
N THR A 239 -43.20 25.78 -15.36
CA THR A 239 -41.98 25.90 -14.58
C THR A 239 -40.78 25.92 -15.54
N PHE A 240 -39.56 25.98 -15.00
CA PHE A 240 -38.38 26.02 -15.84
C PHE A 240 -38.26 24.77 -16.71
N GLU A 241 -38.90 23.69 -16.27
CA GLU A 241 -38.82 22.39 -16.93
C GLU A 241 -40.15 21.76 -17.36
N TYR A 242 -41.29 22.35 -17.02
CA TYR A 242 -42.61 21.73 -17.29
C TYR A 242 -43.65 22.63 -17.99
N TYR A 243 -44.46 22.06 -18.89
CA TYR A 243 -45.76 22.63 -19.27
C TYR A 243 -46.86 21.79 -18.58
N TYR A 244 -47.79 22.44 -17.90
CA TYR A 244 -48.98 21.79 -17.38
C TYR A 244 -50.19 22.29 -18.16
N GLN A 245 -50.99 21.35 -18.67
CA GLN A 245 -52.12 21.66 -19.56
C GLN A 245 -53.38 20.86 -19.20
N GLU A 246 -54.53 21.52 -19.30
CA GLU A 246 -55.83 20.86 -19.14
C GLU A 246 -56.11 20.03 -20.41
N LEU A 247 -56.78 18.89 -20.24
CA LEU A 247 -57.14 17.99 -21.32
C LEU A 247 -58.65 17.97 -21.55
N GLU A 248 -59.04 18.04 -22.82
CA GLU A 248 -60.38 17.64 -23.26
C GLU A 248 -60.49 16.11 -23.16
N PRO A 249 -61.72 15.60 -23.04
CA PRO A 249 -61.90 14.15 -22.93
C PRO A 249 -61.60 13.45 -24.27
N PRO A 250 -61.44 12.12 -24.28
CA PRO A 250 -61.16 11.37 -25.51
C PRO A 250 -62.16 11.55 -26.66
N GLU A 251 -63.44 11.80 -26.35
CA GLU A 251 -64.45 12.05 -27.38
C GLU A 251 -64.02 13.17 -28.32
N ASP A 252 -63.27 14.15 -27.80
CA ASP A 252 -62.81 15.28 -28.61
C ASP A 252 -61.84 14.82 -29.72
N MET A 253 -60.96 13.86 -29.42
CA MET A 253 -60.04 13.34 -30.42
C MET A 253 -60.73 12.50 -31.49
N LEU A 254 -61.56 11.57 -31.07
CA LEU A 254 -62.34 10.77 -31.99
C LEU A 254 -63.15 11.68 -32.89
N GLU A 255 -63.71 12.74 -32.32
CA GLU A 255 -64.48 13.71 -33.09
C GLU A 255 -63.58 14.50 -34.06
N GLN A 256 -62.34 14.77 -33.67
CA GLN A 256 -61.37 15.33 -34.61
C GLN A 256 -61.15 14.38 -35.80
N PHE A 257 -60.94 13.09 -35.52
CA PHE A 257 -60.69 12.09 -36.57
C PHE A 257 -61.87 12.06 -37.53
N LYS A 258 -63.05 11.95 -36.97
CA LYS A 258 -64.29 11.80 -37.71
C LYS A 258 -64.58 13.05 -38.54
N THR A 259 -64.21 14.21 -38.02
CA THR A 259 -64.47 15.47 -38.71
C THR A 259 -63.65 15.54 -40.00
N VAL A 260 -62.37 15.14 -39.90
CA VAL A 260 -61.45 15.26 -41.02
C VAL A 260 -61.81 14.23 -42.08
N ARG A 261 -62.23 13.05 -41.65
CA ARG A 261 -62.71 12.01 -42.57
C ARG A 261 -63.91 12.49 -43.39
N ALA A 262 -64.77 13.28 -42.78
CA ALA A 262 -65.93 13.84 -43.49
C ALA A 262 -65.48 14.91 -44.51
N LEU A 263 -64.48 15.73 -44.16
CA LEU A 263 -63.97 16.71 -45.13
C LEU A 263 -63.37 16.02 -46.38
N ILE A 264 -62.68 14.90 -46.19
CA ILE A 264 -62.09 14.20 -47.30
C ILE A 264 -63.20 13.63 -48.19
N ARG A 265 -64.23 13.08 -47.55
CA ARG A 265 -65.37 12.45 -48.25
C ARG A 265 -66.18 13.42 -49.11
N GLN A 266 -66.17 14.71 -48.76
CA GLN A 266 -66.78 15.78 -49.54
C GLN A 266 -65.84 16.41 -50.59
N SER A 267 -64.53 16.15 -50.47
CA SER A 267 -63.52 16.80 -51.32
C SER A 267 -63.52 16.24 -52.74
N PRO A 268 -62.72 16.80 -53.65
CA PRO A 268 -62.49 16.17 -54.96
C PRO A 268 -61.75 14.82 -54.94
N PHE A 269 -61.19 14.41 -53.80
CA PHE A 269 -60.57 13.08 -53.66
C PHE A 269 -61.25 12.31 -52.52
N PRO A 270 -62.49 11.88 -52.73
CA PRO A 270 -63.31 11.31 -51.64
C PRO A 270 -62.77 10.04 -50.98
N HIS A 271 -61.91 9.30 -51.69
CA HIS A 271 -61.49 7.96 -51.30
C HIS A 271 -60.09 7.93 -50.68
N LEU A 272 -59.54 9.10 -50.38
CA LEU A 272 -58.15 9.16 -49.89
C LEU A 272 -57.98 8.59 -48.48
N PRO A 273 -56.98 7.73 -48.29
CA PRO A 273 -56.58 7.34 -46.93
C PRO A 273 -56.33 8.57 -46.04
N LEU A 274 -56.69 8.48 -44.75
CA LEU A 274 -56.33 9.46 -43.75
C LEU A 274 -55.34 8.83 -42.73
N HIS A 275 -54.20 9.48 -42.54
CA HIS A 275 -53.22 9.05 -41.55
C HIS A 275 -53.03 10.18 -40.54
N ILE A 276 -53.28 9.90 -39.27
CA ILE A 276 -53.02 10.88 -38.24
C ILE A 276 -51.57 10.67 -37.81
N THR A 277 -50.66 11.49 -38.34
CA THR A 277 -49.23 11.24 -38.21
C THR A 277 -48.63 11.57 -36.84
N GLU A 278 -49.40 12.26 -36.00
CA GLU A 278 -49.09 12.44 -34.58
C GLU A 278 -50.38 12.44 -33.80
N TYR A 279 -50.35 11.83 -32.62
CA TYR A 279 -51.44 11.97 -31.67
C TYR A 279 -50.97 11.68 -30.23
N ASN A 280 -51.48 12.43 -29.27
CA ASN A 280 -51.31 12.17 -27.82
C ASN A 280 -52.28 13.08 -27.09
N THR A 281 -52.29 13.02 -25.77
CA THR A 281 -53.02 13.98 -24.96
C THR A 281 -52.36 15.38 -25.08
N SER A 282 -51.24 15.62 -24.40
CA SER A 282 -50.47 16.87 -24.55
C SER A 282 -49.56 16.86 -25.77
N TYR A 283 -49.41 18.04 -26.39
CA TYR A 283 -48.52 18.22 -27.52
C TYR A 283 -47.11 18.68 -27.11
N SER A 284 -46.86 18.77 -25.81
CA SER A 284 -45.60 19.27 -25.25
C SER A 284 -44.72 18.14 -24.70
N PRO A 285 -43.44 18.11 -25.08
CA PRO A 285 -42.50 17.06 -24.62
C PRO A 285 -42.03 17.21 -23.17
N ILE A 286 -42.62 18.16 -22.43
CA ILE A 286 -42.29 18.33 -21.02
C ILE A 286 -43.55 18.44 -20.13
N ASN A 287 -44.61 17.75 -20.49
CA ASN A 287 -45.81 17.69 -19.67
C ASN A 287 -45.89 16.36 -18.90
N PRO A 288 -45.72 16.35 -17.58
CA PRO A 288 -45.75 15.11 -16.79
C PRO A 288 -46.91 14.14 -17.05
N VAL A 289 -48.05 14.63 -17.54
CA VAL A 289 -49.20 13.76 -17.85
C VAL A 289 -48.84 12.51 -18.68
N HIS A 290 -47.88 12.66 -19.60
CA HIS A 290 -47.40 11.53 -20.43
C HIS A 290 -46.88 10.33 -19.61
N ASP A 291 -46.31 10.62 -18.44
CA ASP A 291 -45.69 9.60 -17.59
C ASP A 291 -46.69 8.81 -16.75
N THR A 292 -47.98 9.15 -16.83
CA THR A 292 -48.97 8.67 -15.87
C THR A 292 -49.83 7.52 -16.37
N ALA A 293 -50.50 6.93 -15.39
CA ALA A 293 -51.56 5.95 -15.63
C ALA A 293 -52.77 6.57 -16.32
N LEU A 294 -53.06 7.85 -16.06
CA LEU A 294 -54.18 8.50 -16.72
C LEU A 294 -53.95 8.53 -18.21
N ASN A 295 -52.73 8.90 -18.61
CA ASN A 295 -52.39 8.92 -20.02
C ASN A 295 -52.70 7.58 -20.67
N ALA A 296 -52.44 6.48 -19.96
CA ALA A 296 -52.63 5.12 -20.47
C ALA A 296 -54.11 4.76 -20.64
N ALA A 297 -54.90 5.07 -19.63
CA ALA A 297 -56.35 4.86 -19.66
C ALA A 297 -57.07 5.78 -20.68
N TYR A 298 -56.49 6.93 -20.94
CA TYR A 298 -57.07 7.87 -21.89
C TYR A 298 -56.77 7.34 -23.28
N ILE A 299 -55.54 6.92 -23.51
CA ILE A 299 -55.15 6.46 -24.84
C ILE A 299 -55.86 5.15 -25.23
N ALA A 300 -56.30 4.35 -24.27
CA ALA A 300 -56.94 3.08 -24.59
C ALA A 300 -58.27 3.22 -25.37
N ARG A 301 -59.12 4.15 -24.93
CA ARG A 301 -60.36 4.49 -25.65
C ARG A 301 -60.05 4.86 -27.08
N ILE A 302 -58.98 5.60 -27.31
CA ILE A 302 -58.56 5.95 -28.67
C ILE A 302 -58.11 4.72 -29.48
N LEU A 303 -57.34 3.81 -28.87
CA LEU A 303 -56.86 2.61 -29.56
C LEU A 303 -58.05 1.76 -29.95
N SER A 304 -59.07 1.77 -29.10
CA SER A 304 -60.26 0.96 -29.30
C SER A 304 -61.10 1.41 -30.47
N GLU A 305 -61.10 2.70 -30.75
CA GLU A 305 -62.05 3.28 -31.71
C GLU A 305 -61.43 4.05 -32.87
N GLY A 306 -60.23 4.58 -32.69
CA GLY A 306 -59.62 5.44 -33.67
C GLY A 306 -59.64 4.90 -35.09
N GLY A 307 -59.38 3.61 -35.23
CA GLY A 307 -59.43 2.89 -36.49
C GLY A 307 -60.77 2.89 -37.21
N ASP A 308 -61.86 3.22 -36.54
CA ASP A 308 -63.14 3.42 -37.24
C ASP A 308 -63.05 4.49 -38.33
N TYR A 309 -62.36 5.59 -38.04
CA TYR A 309 -62.38 6.79 -38.87
C TYR A 309 -61.15 7.04 -39.71
N VAL A 310 -60.04 6.42 -39.33
CA VAL A 310 -58.77 6.68 -39.99
C VAL A 310 -58.03 5.37 -40.31
N ASP A 311 -57.12 5.46 -41.28
CA ASP A 311 -56.30 4.32 -41.74
C ASP A 311 -55.11 4.07 -40.85
N SER A 312 -54.56 5.14 -40.28
CA SER A 312 -53.66 5.00 -39.14
C SER A 312 -53.74 6.20 -38.22
N PHE A 313 -53.27 5.98 -36.99
CA PHE A 313 -53.00 7.03 -36.02
C PHE A 313 -51.72 6.70 -35.22
N SER A 314 -50.74 7.61 -35.33
CA SER A 314 -49.36 7.40 -34.90
C SER A 314 -49.08 8.10 -33.58
N TYR A 315 -49.00 7.30 -32.52
CA TYR A 315 -48.71 7.81 -31.20
C TYR A 315 -47.34 8.44 -31.17
N TRP A 316 -47.30 9.69 -30.74
CA TRP A 316 -46.11 10.47 -30.76
C TRP A 316 -45.73 10.51 -29.31
N THR A 317 -44.80 9.67 -28.82
CA THR A 317 -43.82 8.88 -29.57
C THR A 317 -43.57 7.51 -28.95
N PHE A 318 -42.77 6.70 -29.63
CA PHE A 318 -42.34 5.43 -29.06
C PHE A 318 -41.40 5.58 -27.83
N SER A 319 -40.68 6.69 -27.75
CA SER A 319 -39.55 6.80 -26.82
C SER A 319 -39.25 8.22 -26.35
N ASP A 320 -38.75 8.34 -25.12
CA ASP A 320 -38.35 9.63 -24.55
C ASP A 320 -37.02 10.11 -25.13
N VAL A 321 -36.38 9.29 -25.96
CA VAL A 321 -35.19 9.75 -26.67
C VAL A 321 -35.61 10.86 -27.65
N PHE A 322 -35.29 12.09 -27.30
CA PHE A 322 -36.02 13.25 -27.83
C PHE A 322 -35.30 14.51 -27.37
N GLU A 323 -35.20 15.52 -28.24
CA GLU A 323 -34.49 16.75 -27.89
C GLU A 323 -35.16 18.06 -28.35
N GLU A 324 -36.45 18.04 -28.67
CA GLU A 324 -37.13 19.25 -29.13
C GLU A 324 -37.00 20.40 -28.13
N MET A 325 -37.08 20.09 -26.84
CA MET A 325 -36.89 21.08 -25.82
C MET A 325 -35.73 20.72 -24.89
N ASP A 326 -34.59 20.41 -25.53
CA ASP A 326 -33.32 20.12 -24.84
C ASP A 326 -33.31 18.71 -24.22
N VAL A 327 -32.20 18.35 -23.56
CA VAL A 327 -32.03 16.98 -23.12
C VAL A 327 -32.87 16.85 -21.87
N PRO A 328 -33.55 15.72 -21.69
CA PRO A 328 -34.33 15.47 -20.47
C PRO A 328 -33.64 15.85 -19.14
N LYS A 329 -34.28 16.71 -18.37
CA LYS A 329 -33.74 17.16 -17.08
C LYS A 329 -34.03 16.17 -15.94
N ALA A 330 -34.90 15.18 -16.14
CA ALA A 330 -35.11 14.14 -15.12
C ALA A 330 -35.58 12.82 -15.76
N LEU A 331 -35.61 11.74 -15.00
CA LEU A 331 -35.94 10.46 -15.61
C LEU A 331 -37.35 10.52 -16.21
N PHE A 332 -38.31 10.85 -15.37
CA PHE A 332 -39.69 11.08 -15.80
C PHE A 332 -39.88 12.60 -15.85
N HIS A 333 -39.98 13.12 -17.06
CA HIS A 333 -39.87 14.56 -17.30
C HIS A 333 -40.95 15.10 -18.21
N GLY A 334 -42.02 14.31 -18.38
CA GLY A 334 -43.13 14.67 -19.23
C GLY A 334 -42.95 14.40 -20.71
N GLY A 335 -42.01 13.53 -21.04
CA GLY A 335 -41.75 13.16 -22.43
C GLY A 335 -42.86 12.35 -23.06
N PHE A 336 -42.94 12.43 -24.39
CA PHE A 336 -43.95 11.78 -25.22
C PHE A 336 -43.91 10.24 -25.21
N GLY A 337 -42.75 9.69 -24.88
CA GLY A 337 -42.50 8.29 -25.11
C GLY A 337 -43.38 7.28 -24.40
N LEU A 338 -43.67 6.17 -25.09
CA LEU A 338 -44.16 4.95 -24.46
C LEU A 338 -43.08 4.41 -23.55
N VAL A 339 -41.83 4.64 -23.91
CA VAL A 339 -40.70 4.05 -23.21
C VAL A 339 -39.84 5.15 -22.61
N ALA A 340 -39.66 5.13 -21.30
CA ALA A 340 -38.72 6.04 -20.64
C ALA A 340 -37.28 5.59 -20.85
N LEU A 341 -36.39 6.54 -20.67
CA LEU A 341 -34.96 6.28 -20.64
C LEU A 341 -34.63 5.11 -19.71
N HIS A 342 -33.64 4.33 -20.11
CA HIS A 342 -33.24 3.05 -19.51
C HIS A 342 -34.14 1.90 -19.94
N SER A 343 -34.96 2.11 -20.95
CA SER A 343 -35.92 1.12 -21.42
C SER A 343 -37.04 0.78 -20.41
N ILE A 344 -37.44 1.75 -19.59
CA ILE A 344 -38.48 1.51 -18.59
C ILE A 344 -39.82 1.76 -19.28
N PRO A 345 -40.73 0.79 -19.33
CA PRO A 345 -42.02 1.02 -19.98
C PRO A 345 -42.88 1.91 -19.10
N LYS A 346 -43.56 2.88 -19.69
CA LYS A 346 -44.54 3.72 -19.02
C LYS A 346 -45.92 3.02 -19.05
N PRO A 347 -46.86 3.49 -18.24
CA PRO A 347 -48.21 2.90 -18.25
C PRO A 347 -48.83 2.84 -19.62
N THR A 348 -48.58 3.85 -20.47
CA THR A 348 -49.09 3.86 -21.84
C THR A 348 -48.52 2.75 -22.70
N PHE A 349 -47.23 2.42 -22.53
CA PHE A 349 -46.63 1.25 -23.20
C PHE A 349 -47.49 0.01 -23.00
N HIS A 350 -47.90 -0.24 -21.77
CA HIS A 350 -48.72 -1.44 -21.48
C HIS A 350 -50.11 -1.43 -22.18
N ALA A 351 -50.73 -0.26 -22.33
CA ALA A 351 -51.95 -0.16 -23.13
C ALA A 351 -51.76 -0.79 -24.51
N PHE A 352 -50.66 -0.46 -25.18
CA PHE A 352 -50.37 -0.97 -26.51
C PHE A 352 -50.09 -2.48 -26.52
N THR A 353 -49.34 -2.94 -25.52
CA THR A 353 -49.07 -4.35 -25.32
C THR A 353 -50.37 -5.12 -25.07
N PHE A 354 -51.23 -4.58 -24.23
CA PHE A 354 -52.51 -5.19 -23.97
C PHE A 354 -53.32 -5.28 -25.25
N PHE A 355 -53.41 -4.19 -26.02
CA PHE A 355 -54.15 -4.24 -27.29
C PHE A 355 -53.57 -5.24 -28.26
N ASN A 356 -52.25 -5.47 -28.19
CA ASN A 356 -51.51 -6.40 -29.07
C ASN A 356 -51.83 -7.85 -28.79
N ALA A 357 -52.56 -8.12 -27.72
CA ALA A 357 -53.03 -9.48 -27.39
C ALA A 357 -54.46 -9.73 -27.89
N LEU A 358 -55.13 -8.70 -28.38
CA LEU A 358 -56.49 -8.83 -28.90
C LEU A 358 -56.56 -9.67 -30.17
N GLY A 359 -57.64 -10.43 -30.29
CA GLY A 359 -57.99 -11.10 -31.52
C GLY A 359 -58.65 -10.20 -32.55
N ASP A 360 -58.86 -10.78 -33.73
CA ASP A 360 -59.36 -10.07 -34.90
C ASP A 360 -60.88 -9.97 -34.89
N GLU A 361 -61.54 -11.03 -34.44
CA GLU A 361 -63.00 -11.09 -34.37
C GLU A 361 -63.48 -10.34 -33.15
N LEU A 362 -64.33 -9.34 -33.38
CA LEU A 362 -64.85 -8.48 -32.33
C LEU A 362 -66.18 -9.00 -31.74
N LEU A 363 -66.20 -9.36 -30.45
CA LEU A 363 -67.43 -9.83 -29.78
C LEU A 363 -68.30 -8.68 -29.24
N TYR A 364 -67.66 -7.67 -28.66
CA TYR A 364 -68.40 -6.61 -27.97
C TYR A 364 -67.50 -5.42 -27.71
N ARG A 365 -68.05 -4.24 -27.91
CA ARG A 365 -67.32 -3.01 -27.69
C ARG A 365 -68.26 -1.91 -27.20
N ASP A 366 -67.90 -1.26 -26.10
CA ASP A 366 -68.49 0.04 -25.75
C ASP A 366 -67.36 1.02 -25.37
N GLY A 367 -67.69 2.13 -24.71
CA GLY A 367 -66.73 3.18 -24.41
C GLY A 367 -65.75 2.92 -23.28
N GLU A 368 -65.82 1.72 -22.68
CA GLU A 368 -64.97 1.32 -21.55
C GLU A 368 -64.34 -0.07 -21.70
N MET A 369 -64.62 -0.81 -22.79
CA MET A 369 -64.01 -2.12 -22.99
C MET A 369 -64.08 -2.60 -24.44
N ILE A 370 -63.18 -3.51 -24.80
CA ILE A 370 -63.22 -4.17 -26.11
C ILE A 370 -62.99 -5.65 -25.87
N VAL A 371 -63.84 -6.50 -26.46
CA VAL A 371 -63.79 -7.94 -26.22
C VAL A 371 -63.66 -8.70 -27.54
N THR A 372 -62.68 -9.60 -27.62
CA THR A 372 -62.39 -10.28 -28.89
C THR A 372 -62.17 -11.76 -28.70
N ARG A 373 -62.40 -12.50 -29.78
CA ARG A 373 -62.03 -13.90 -29.88
C ARG A 373 -60.85 -14.02 -30.83
N ARG A 374 -59.97 -14.97 -30.56
CA ARG A 374 -58.79 -15.26 -31.39
C ARG A 374 -58.92 -16.61 -32.07
N LYS A 375 -58.01 -16.88 -32.99
CA LYS A 375 -57.95 -18.14 -33.78
C LYS A 375 -58.15 -19.46 -33.00
N ASP A 376 -57.49 -19.58 -31.85
CA ASP A 376 -57.59 -20.78 -30.99
C ASP A 376 -58.88 -20.90 -30.15
N GLY A 377 -59.74 -19.89 -30.22
CA GLY A 377 -61.01 -19.88 -29.46
C GLY A 377 -60.97 -19.19 -28.10
N SER A 378 -59.81 -18.75 -27.66
CA SER A 378 -59.70 -18.01 -26.38
C SER A 378 -60.32 -16.61 -26.52
N ILE A 379 -60.71 -15.99 -25.40
CA ILE A 379 -61.25 -14.63 -25.41
C ILE A 379 -60.18 -13.67 -24.86
N ALA A 380 -59.89 -12.59 -25.58
CA ALA A 380 -59.07 -11.49 -25.06
C ALA A 380 -59.85 -10.18 -24.96
N ALA A 381 -59.82 -9.55 -23.78
CA ALA A 381 -60.50 -8.31 -23.52
C ALA A 381 -59.57 -7.27 -22.89
N VAL A 382 -59.70 -6.00 -23.31
CA VAL A 382 -59.05 -4.88 -22.65
C VAL A 382 -60.12 -3.94 -22.09
N LEU A 383 -60.01 -3.67 -20.79
CA LEU A 383 -60.93 -2.79 -20.08
C LEU A 383 -60.16 -1.61 -19.49
N TRP A 384 -60.80 -0.44 -19.44
CA TRP A 384 -60.18 0.75 -18.86
C TRP A 384 -61.19 1.59 -18.09
N ASN A 385 -60.69 2.35 -17.12
CA ASN A 385 -61.52 3.17 -16.24
C ASN A 385 -60.84 4.53 -16.20
N LEU A 386 -61.08 5.31 -17.24
CA LEU A 386 -60.55 6.66 -17.31
C LEU A 386 -61.31 7.57 -16.35
N VAL A 387 -60.62 8.14 -15.37
CA VAL A 387 -61.20 9.15 -14.49
C VAL A 387 -60.35 10.41 -14.59
N MET A 388 -60.90 11.47 -15.18
CA MET A 388 -60.14 12.70 -15.39
C MET A 388 -60.21 13.70 -14.23
N GLU A 389 -61.16 13.50 -13.31
CA GLU A 389 -61.29 14.38 -12.14
C GLU A 389 -60.43 13.87 -11.01
N LYS A 390 -60.16 14.78 -10.06
CA LYS A 390 -59.36 14.46 -8.88
C LYS A 390 -60.19 13.65 -7.87
N GLY A 391 -59.50 13.10 -6.87
CA GLY A 391 -60.14 12.30 -5.86
C GLY A 391 -59.63 10.88 -5.83
N GLU A 392 -59.67 10.28 -4.65
CA GLU A 392 -59.25 8.90 -4.46
C GLU A 392 -60.43 7.96 -4.65
N GLY A 393 -60.14 6.67 -4.76
CA GLY A 393 -61.17 5.66 -4.91
C GLY A 393 -61.69 5.57 -6.34
N LEU A 394 -62.95 5.96 -6.54
CA LEU A 394 -63.61 5.97 -7.86
C LEU A 394 -63.41 4.65 -8.67
N THR A 395 -63.85 3.54 -8.07
CA THR A 395 -63.73 2.19 -8.70
C THR A 395 -64.92 1.87 -9.60
N LYS A 396 -64.66 1.15 -10.68
CA LYS A 396 -65.69 0.70 -11.62
C LYS A 396 -65.84 -0.83 -11.57
N GLU A 397 -67.02 -1.31 -11.15
CA GLU A 397 -67.35 -2.72 -11.22
C GLU A 397 -67.88 -3.05 -12.62
N VAL A 398 -67.37 -4.14 -13.21
CA VAL A 398 -67.77 -4.58 -14.54
C VAL A 398 -68.06 -6.08 -14.47
N GLN A 399 -69.24 -6.48 -14.95
CA GLN A 399 -69.64 -7.89 -14.88
C GLN A 399 -69.76 -8.44 -16.30
N LEU A 400 -68.91 -9.41 -16.62
CA LEU A 400 -68.90 -10.08 -17.92
C LEU A 400 -69.59 -11.43 -17.79
N VAL A 401 -70.50 -11.71 -18.71
CA VAL A 401 -71.13 -13.01 -18.80
C VAL A 401 -70.72 -13.55 -20.16
N ILE A 402 -69.87 -14.58 -20.13
CA ILE A 402 -69.17 -15.07 -21.30
C ILE A 402 -69.54 -16.53 -21.59
N PRO A 403 -69.79 -16.86 -22.86
CA PRO A 403 -70.16 -18.24 -23.23
C PRO A 403 -68.95 -19.09 -23.58
N VAL A 404 -68.87 -20.24 -22.91
CA VAL A 404 -67.88 -21.23 -23.26
C VAL A 404 -68.40 -22.59 -22.81
N SER A 405 -68.40 -23.56 -23.73
CA SER A 405 -68.83 -24.92 -23.41
C SER A 405 -67.64 -25.75 -22.91
N GLU A 406 -66.49 -25.10 -22.75
CA GLU A 406 -65.20 -25.76 -22.55
C GLU A 406 -64.99 -26.45 -21.19
N SER A 407 -66.02 -26.54 -20.34
CA SER A 407 -65.95 -27.19 -19.02
C SER A 407 -65.29 -26.34 -17.92
N ALA A 408 -64.05 -25.91 -18.13
CA ALA A 408 -63.37 -24.97 -17.25
C ALA A 408 -62.34 -24.11 -17.99
N VAL A 409 -61.91 -23.04 -17.31
CA VAL A 409 -61.20 -21.97 -17.97
C VAL A 409 -60.01 -21.43 -17.13
N PHE A 410 -58.94 -21.02 -17.81
CA PHE A 410 -57.83 -20.31 -17.17
C PHE A 410 -57.87 -18.82 -17.58
N ILE A 411 -57.98 -17.96 -16.57
CA ILE A 411 -58.05 -16.52 -16.72
C ILE A 411 -56.73 -15.91 -16.25
N LYS A 412 -56.07 -15.20 -17.16
CA LYS A 412 -54.88 -14.42 -16.87
C LYS A 412 -55.22 -12.95 -17.01
N ARG A 413 -55.09 -12.23 -15.91
CA ARG A 413 -55.35 -10.83 -15.88
C ARG A 413 -54.07 -10.06 -15.61
N GLN A 414 -53.89 -8.97 -16.36
CA GLN A 414 -52.73 -8.07 -16.22
C GLN A 414 -53.25 -6.65 -16.02
N ILE A 415 -52.75 -5.99 -14.98
CA ILE A 415 -53.24 -4.67 -14.64
C ILE A 415 -52.07 -3.64 -14.59
N VAL A 416 -52.33 -2.46 -15.15
CA VAL A 416 -51.52 -1.28 -14.92
C VAL A 416 -52.49 -0.20 -14.43
N ASN A 417 -52.17 0.42 -13.29
CA ASN A 417 -52.97 1.48 -12.70
C ASN A 417 -52.08 2.39 -11.85
N GLU A 418 -52.65 3.18 -10.94
CA GLU A 418 -51.86 4.07 -10.07
C GLU A 418 -50.96 3.35 -9.07
N GLN A 419 -51.28 2.10 -8.77
CA GLN A 419 -50.52 1.31 -7.79
C GLN A 419 -49.51 0.37 -8.50
N TYR A 420 -49.96 -0.39 -9.50
CA TYR A 420 -49.11 -1.35 -10.23
C TYR A 420 -48.77 -0.95 -11.68
N GLY A 421 -47.58 -1.34 -12.13
CA GLY A 421 -47.13 -1.10 -13.49
C GLY A 421 -46.71 0.33 -13.77
N ASN A 422 -46.49 1.07 -12.68
CA ASN A 422 -46.36 2.51 -12.68
C ASN A 422 -45.03 2.92 -12.02
N ALA A 423 -44.02 3.14 -12.85
CA ALA A 423 -42.70 3.49 -12.36
C ALA A 423 -42.65 4.96 -11.86
N TRP A 424 -43.48 5.81 -12.46
CA TRP A 424 -43.57 7.21 -12.04
C TRP A 424 -43.90 7.29 -10.54
N ARG A 425 -44.90 6.53 -10.11
CA ARG A 425 -45.31 6.55 -8.69
C ARG A 425 -44.16 6.22 -7.74
N VAL A 426 -43.39 5.20 -8.07
CA VAL A 426 -42.27 4.75 -7.25
C VAL A 426 -41.07 5.69 -7.36
N TRP A 427 -40.84 6.25 -8.54
CA TRP A 427 -39.78 7.23 -8.70
C TRP A 427 -39.96 8.39 -7.73
N LYS A 428 -41.21 8.82 -7.50
CA LYS A 428 -41.52 9.86 -6.50
C LYS A 428 -41.20 9.37 -5.09
N GLN A 429 -41.54 8.12 -4.81
CA GLN A 429 -41.23 7.50 -3.51
C GLN A 429 -39.70 7.49 -3.24
N MET A 430 -38.92 7.33 -4.29
CA MET A 430 -37.45 7.44 -4.18
C MET A 430 -36.91 8.88 -4.02
N GLY A 431 -37.80 9.88 -4.03
CA GLY A 431 -37.40 11.27 -3.86
C GLY A 431 -37.16 11.94 -5.19
N ARG A 432 -37.83 11.46 -6.24
CA ARG A 432 -37.70 11.97 -7.60
C ARG A 432 -36.23 12.17 -8.08
N PRO A 433 -35.40 11.13 -8.03
CA PRO A 433 -34.01 11.28 -8.50
C PRO A 433 -33.93 11.68 -9.97
N ARG A 434 -33.27 12.79 -10.29
CA ARG A 434 -33.16 13.25 -11.65
C ARG A 434 -32.40 12.23 -12.48
N PHE A 435 -31.31 11.75 -11.89
CA PHE A 435 -30.28 10.95 -12.55
C PHE A 435 -29.99 9.75 -11.67
N PRO A 436 -30.92 8.80 -11.62
CA PRO A 436 -30.83 7.69 -10.66
C PRO A 436 -29.67 6.73 -10.95
N SER A 437 -29.24 6.05 -9.89
CA SER A 437 -28.20 5.03 -9.98
C SER A 437 -28.71 3.82 -10.76
N ARG A 438 -27.81 2.91 -11.13
CA ARG A 438 -28.19 1.74 -11.93
C ARG A 438 -29.18 0.93 -11.13
N GLN A 439 -28.97 0.90 -9.83
CA GLN A 439 -29.73 0.07 -8.89
C GLN A 439 -31.17 0.61 -8.71
N ALA A 440 -31.32 1.93 -8.63
CA ALA A 440 -32.66 2.52 -8.56
C ALA A 440 -33.42 2.30 -9.88
N VAL A 441 -32.69 2.30 -10.99
CA VAL A 441 -33.25 2.06 -12.31
C VAL A 441 -33.79 0.64 -12.46
N GLU A 442 -33.01 -0.35 -12.02
CA GLU A 442 -33.46 -1.76 -12.07
C GLU A 442 -34.72 -1.98 -11.23
N THR A 443 -34.79 -1.29 -10.10
CA THR A 443 -35.99 -1.33 -9.25
C THR A 443 -37.19 -0.75 -9.98
N LEU A 444 -37.02 0.39 -10.65
CA LEU A 444 -38.10 1.00 -11.43
C LEU A 444 -38.54 0.11 -12.61
N ARG A 445 -37.60 -0.56 -13.25
CA ARG A 445 -37.95 -1.56 -14.27
C ARG A 445 -38.84 -2.68 -13.70
N GLN A 446 -38.48 -3.21 -12.53
CA GLN A 446 -39.22 -4.34 -11.94
C GLN A 446 -40.64 -3.89 -11.58
N VAL A 447 -40.72 -2.78 -10.87
CA VAL A 447 -41.97 -2.11 -10.52
C VAL A 447 -42.81 -1.73 -11.77
N ALA A 448 -42.16 -1.44 -12.90
CA ALA A 448 -42.84 -1.08 -14.15
C ALA A 448 -43.61 -2.25 -14.84
N GLN A 449 -43.30 -3.48 -14.46
CA GLN A 449 -43.93 -4.67 -15.04
C GLN A 449 -45.37 -4.72 -14.55
N PRO A 450 -46.31 -5.15 -15.40
CA PRO A 450 -47.70 -5.23 -14.98
C PRO A 450 -47.92 -6.19 -13.85
N HIS A 451 -48.95 -5.94 -13.05
CA HIS A 451 -49.37 -6.89 -12.06
C HIS A 451 -50.20 -7.99 -12.70
N VAL A 452 -49.84 -9.24 -12.39
CA VAL A 452 -50.52 -10.43 -12.91
C VAL A 452 -51.31 -11.16 -11.81
N MET A 453 -52.55 -11.53 -12.14
CA MET A 453 -53.36 -12.39 -11.32
C MET A 453 -53.88 -13.50 -12.21
N THR A 454 -53.93 -14.72 -11.69
CA THR A 454 -54.46 -15.85 -12.45
C THR A 454 -55.46 -16.65 -11.62
N GLU A 455 -56.39 -17.30 -12.32
CA GLU A 455 -57.33 -18.19 -11.68
C GLU A 455 -57.92 -19.24 -12.63
N GLN A 456 -58.36 -20.35 -12.06
CA GLN A 456 -59.14 -21.35 -12.79
C GLN A 456 -60.58 -21.16 -12.36
N ARG A 457 -61.48 -21.07 -13.32
CA ARG A 457 -62.90 -20.94 -13.04
C ARG A 457 -63.65 -22.00 -13.80
N ARG A 458 -64.57 -22.66 -13.11
CA ARG A 458 -65.40 -23.69 -13.71
C ARG A 458 -66.66 -23.09 -14.35
N ALA A 459 -66.97 -23.60 -15.54
CA ALA A 459 -68.15 -23.19 -16.30
C ALA A 459 -69.41 -23.78 -15.68
N THR A 460 -70.26 -22.90 -15.15
CA THR A 460 -71.57 -23.29 -14.64
C THR A 460 -72.61 -22.96 -15.70
N ASP A 461 -73.27 -23.99 -16.23
CA ASP A 461 -74.38 -23.84 -17.18
C ASP A 461 -73.98 -23.28 -18.56
N GLY A 462 -72.74 -23.54 -19.00
CA GLY A 462 -72.26 -23.08 -20.30
C GLY A 462 -71.75 -21.64 -20.32
N VAL A 463 -71.68 -21.03 -19.13
CA VAL A 463 -71.33 -19.61 -19.01
C VAL A 463 -70.39 -19.33 -17.83
N ILE A 464 -69.45 -18.41 -18.02
CA ILE A 464 -68.57 -17.95 -16.96
C ILE A 464 -68.97 -16.52 -16.63
N HIS A 465 -69.11 -16.23 -15.34
CA HIS A 465 -69.45 -14.88 -14.90
C HIS A 465 -68.24 -14.30 -14.17
N LEU A 466 -67.59 -13.34 -14.81
CA LEU A 466 -66.44 -12.65 -14.23
C LEU A 466 -66.87 -11.29 -13.65
N SER A 467 -66.44 -11.01 -12.42
CA SER A 467 -66.66 -9.70 -11.82
C SER A 467 -65.30 -9.04 -11.62
N ILE A 468 -65.13 -7.89 -12.27
CA ILE A 468 -63.83 -7.22 -12.41
C ILE A 468 -63.91 -5.84 -11.80
N VAL A 469 -63.21 -5.63 -10.70
CA VAL A 469 -63.12 -4.31 -10.11
C VAL A 469 -61.85 -3.66 -10.68
N LEU A 470 -62.04 -2.52 -11.35
CA LEU A 470 -60.95 -1.70 -11.88
C LEU A 470 -60.74 -0.51 -10.97
N SER A 471 -59.52 -0.23 -10.56
CA SER A 471 -59.28 0.98 -9.79
C SER A 471 -59.13 2.21 -10.72
N LYS A 472 -58.96 3.40 -10.14
CA LYS A 472 -58.89 4.63 -10.93
C LYS A 472 -57.77 4.61 -12.02
N ASN A 473 -58.13 5.00 -13.23
CA ASN A 473 -57.18 5.05 -14.35
C ASN A 473 -56.44 3.73 -14.65
N GLU A 474 -57.08 2.61 -14.33
CA GLU A 474 -56.60 1.29 -14.67
C GLU A 474 -56.90 0.95 -16.12
N VAL A 475 -55.93 0.29 -16.75
CA VAL A 475 -56.15 -0.48 -17.96
C VAL A 475 -55.72 -1.89 -17.61
N THR A 476 -56.44 -2.88 -18.15
CA THR A 476 -56.21 -4.26 -17.80
C THR A 476 -56.55 -5.24 -18.94
N LEU A 477 -55.71 -6.27 -19.10
CA LEU A 477 -55.89 -7.31 -20.10
C LEU A 477 -56.41 -8.55 -19.41
N ILE A 478 -57.40 -9.20 -20.02
CA ILE A 478 -57.95 -10.46 -19.50
C ILE A 478 -57.99 -11.45 -20.64
N GLU A 479 -57.14 -12.49 -20.57
CA GLU A 479 -57.18 -13.62 -21.50
C GLU A 479 -57.94 -14.75 -20.80
N ILE A 480 -58.83 -15.40 -21.55
CA ILE A 480 -59.58 -16.56 -21.07
C ILE A 480 -59.36 -17.73 -22.03
N GLU A 481 -58.61 -18.74 -21.58
CA GLU A 481 -58.25 -19.91 -22.37
C GLU A 481 -58.96 -21.17 -21.92
N GLN A 482 -58.99 -22.19 -22.78
CA GLN A 482 -59.55 -23.49 -22.40
C GLN A 482 -58.57 -24.23 -21.50
N VAL A 483 -59.07 -24.81 -20.41
CA VAL A 483 -58.24 -25.76 -19.66
C VAL A 483 -58.46 -27.17 -20.19
N ARG A 484 -57.43 -27.71 -20.84
CA ARG A 484 -57.34 -29.15 -21.10
C ARG A 484 -56.66 -29.78 -19.88
N ASP A 485 -57.47 -30.22 -18.91
CA ASP A 485 -56.94 -30.75 -17.63
C ASP A 485 -56.24 -32.12 -17.77
N GLU A 486 -55.01 -32.22 -17.29
CA GLU A 486 -54.21 -33.44 -17.44
C GLU A 486 -54.07 -34.17 -16.11
N THR A 487 -54.76 -33.65 -15.10
CA THR A 487 -54.63 -34.10 -13.72
C THR A 487 -54.89 -35.60 -13.55
N SER A 488 -55.93 -36.08 -14.21
CA SER A 488 -56.28 -37.48 -14.13
C SER A 488 -55.20 -38.44 -14.69
N THR A 489 -54.29 -37.96 -15.56
CA THR A 489 -53.13 -38.79 -15.96
C THR A 489 -52.08 -38.99 -14.87
N TYR A 490 -52.09 -38.12 -13.87
CA TYR A 490 -51.19 -38.22 -12.72
C TYR A 490 -51.85 -39.14 -11.70
N VAL A 491 -51.91 -40.42 -12.00
CA VAL A 491 -52.65 -41.36 -11.16
C VAL A 491 -52.04 -41.53 -9.75
N GLY A 492 -52.84 -41.24 -8.72
CA GLY A 492 -52.42 -41.33 -7.33
C GLY A 492 -52.03 -39.97 -6.77
N LEU A 493 -52.03 -38.96 -7.62
CA LEU A 493 -51.51 -37.66 -7.22
C LEU A 493 -52.28 -37.17 -6.01
N ASP A 494 -51.59 -36.64 -5.02
CA ASP A 494 -52.28 -36.12 -3.86
C ASP A 494 -51.48 -35.02 -3.20
N ASP A 495 -51.85 -33.77 -3.47
CA ASP A 495 -51.16 -32.63 -2.85
C ASP A 495 -51.20 -32.70 -1.31
N GLY A 496 -52.21 -33.37 -0.76
CA GLY A 496 -52.34 -33.59 0.68
C GLY A 496 -51.21 -34.41 1.28
N GLU A 497 -50.44 -35.05 0.41
CA GLU A 497 -49.24 -35.80 0.80
C GLU A 497 -47.97 -34.93 0.78
N ILE A 498 -48.12 -33.62 0.58
CA ILE A 498 -47.02 -32.68 0.74
C ILE A 498 -47.21 -31.93 2.05
N THR A 499 -46.17 -31.92 2.88
CA THR A 499 -46.17 -31.09 4.09
C THR A 499 -46.92 -29.78 3.91
N SER A 500 -47.92 -29.58 4.78
CA SER A 500 -48.65 -28.32 4.94
C SER A 500 -49.81 -28.18 3.95
N TYR A 501 -49.84 -28.99 2.91
CA TYR A 501 -50.83 -28.85 1.84
C TYR A 501 -51.95 -29.87 1.99
N SER A 502 -53.11 -29.58 1.37
CA SER A 502 -54.32 -30.38 1.52
C SER A 502 -54.78 -31.01 0.21
N GLY B 2 -8.14 -26.20 -70.38
CA GLY B 2 -9.23 -26.14 -71.41
C GLY B 2 -9.92 -24.79 -71.41
N VAL B 3 -10.41 -24.35 -72.59
CA VAL B 3 -11.11 -23.06 -72.74
C VAL B 3 -12.63 -23.24 -72.79
N VAL B 4 -13.31 -22.67 -71.81
CA VAL B 4 -14.76 -22.72 -71.68
C VAL B 4 -15.35 -21.36 -72.02
N ASN B 5 -16.29 -21.34 -72.96
CA ASN B 5 -17.01 -20.12 -73.31
C ASN B 5 -18.38 -20.09 -72.63
N VAL B 6 -18.56 -19.17 -71.69
CA VAL B 6 -19.79 -19.07 -70.91
C VAL B 6 -20.84 -18.33 -71.75
N PRO B 7 -22.00 -18.94 -72.03
CA PRO B 7 -23.08 -18.21 -72.71
C PRO B 7 -23.71 -17.11 -71.84
N SER B 8 -24.28 -16.10 -72.49
CA SER B 8 -24.85 -14.93 -71.80
C SER B 8 -26.03 -15.28 -70.89
N ASN B 9 -26.96 -16.07 -71.43
CA ASN B 9 -28.07 -16.59 -70.65
C ASN B 9 -28.14 -18.10 -70.79
N GLY B 10 -29.02 -18.71 -70.01
CA GLY B 10 -29.18 -20.15 -70.02
C GLY B 10 -30.63 -20.57 -69.89
N ARG B 11 -30.93 -21.75 -70.42
CA ARG B 11 -32.29 -22.28 -70.44
C ARG B 11 -32.66 -22.94 -69.09
N GLU B 12 -31.76 -23.76 -68.57
CA GLU B 12 -32.00 -24.56 -67.36
C GLU B 12 -31.76 -23.76 -66.08
N LYS B 13 -32.33 -24.26 -64.99
CA LYS B 13 -32.25 -23.65 -63.66
C LYS B 13 -31.58 -24.63 -62.69
N PHE B 14 -30.49 -24.20 -62.06
CA PHE B 14 -29.88 -24.92 -60.94
C PHE B 14 -30.82 -24.95 -59.73
N LYS B 15 -31.07 -26.15 -59.22
CA LYS B 15 -32.02 -26.36 -58.15
C LYS B 15 -31.36 -26.25 -56.76
N LYS B 16 -32.21 -26.03 -55.76
CA LYS B 16 -31.79 -25.99 -54.36
C LYS B 16 -31.91 -27.40 -53.73
N ASN B 17 -32.03 -28.43 -54.56
CA ASN B 17 -32.12 -29.80 -54.05
C ASN B 17 -30.94 -30.14 -53.14
N TRP B 18 -29.78 -29.56 -53.45
CA TRP B 18 -28.53 -29.82 -52.75
C TRP B 18 -28.57 -29.44 -51.27
N LYS B 19 -29.40 -28.47 -50.91
CA LYS B 19 -29.51 -28.05 -49.52
C LYS B 19 -30.88 -28.29 -48.90
N PHE B 20 -31.70 -29.12 -49.53
CA PHE B 20 -33.00 -29.51 -48.93
C PHE B 20 -32.87 -30.14 -47.53
N CYS B 21 -31.88 -31.01 -47.34
CA CYS B 21 -31.74 -31.80 -46.11
C CYS B 21 -30.28 -32.02 -45.74
N VAL B 22 -30.00 -32.17 -44.43
CA VAL B 22 -28.66 -32.46 -43.92
C VAL B 22 -28.83 -33.45 -42.80
N GLY B 23 -27.88 -34.35 -42.62
CA GLY B 23 -27.93 -35.36 -41.57
C GLY B 23 -27.41 -34.88 -40.23
N THR B 24 -27.65 -35.69 -39.19
CA THR B 24 -27.19 -35.41 -37.84
C THR B 24 -26.92 -36.69 -37.06
N GLY B 25 -26.09 -36.57 -36.02
CA GLY B 25 -26.04 -37.58 -35.00
C GLY B 25 -27.37 -37.70 -34.32
N ARG B 26 -27.52 -38.68 -33.44
CA ARG B 26 -28.83 -39.03 -32.90
C ARG B 26 -29.52 -37.80 -32.25
N LEU B 27 -30.85 -37.77 -32.31
CA LEU B 27 -31.64 -36.61 -31.85
C LEU B 27 -31.38 -36.21 -30.39
N GLY B 28 -31.07 -37.17 -29.54
CA GLY B 28 -30.79 -36.89 -28.14
C GLY B 28 -29.55 -36.02 -27.93
N LEU B 29 -28.63 -36.06 -28.88
CA LEU B 29 -27.45 -35.20 -28.85
C LEU B 29 -27.77 -33.76 -29.20
N ALA B 30 -28.94 -33.52 -29.79
CA ALA B 30 -29.43 -32.17 -30.07
C ALA B 30 -29.68 -31.34 -28.79
N LEU B 31 -29.73 -32.00 -27.67
CA LEU B 31 -29.81 -31.34 -26.39
C LEU B 31 -28.50 -30.64 -25.99
N GLN B 32 -27.39 -31.00 -26.63
CA GLN B 32 -26.07 -30.45 -26.31
C GLN B 32 -25.94 -29.01 -26.80
N LYS B 33 -25.34 -28.14 -26.00
CA LYS B 33 -25.11 -26.79 -26.46
C LYS B 33 -24.21 -26.81 -27.66
N GLU B 34 -23.22 -27.69 -27.65
CA GLU B 34 -22.26 -27.77 -28.75
C GLU B 34 -22.99 -28.08 -30.06
N TYR B 35 -23.94 -28.99 -29.99
CA TYR B 35 -24.74 -29.36 -31.16
C TYR B 35 -25.41 -28.13 -31.74
N LEU B 36 -26.13 -27.39 -30.90
CA LEU B 36 -26.82 -26.15 -31.31
C LEU B 36 -25.88 -25.05 -31.77
N ASP B 37 -24.67 -24.99 -31.21
CA ASP B 37 -23.63 -24.07 -31.69
C ASP B 37 -23.42 -24.35 -33.17
N HIS B 38 -23.08 -25.61 -33.51
CA HIS B 38 -22.79 -25.95 -34.93
C HIS B 38 -23.97 -25.76 -35.84
N LEU B 39 -25.16 -26.00 -35.35
CA LEU B 39 -26.37 -25.92 -36.18
C LEU B 39 -26.69 -24.48 -36.55
N LYS B 40 -26.44 -23.56 -35.63
CA LYS B 40 -26.64 -22.13 -35.85
C LYS B 40 -25.68 -21.65 -36.92
N LEU B 41 -24.43 -22.08 -36.84
CA LEU B 41 -23.46 -21.72 -37.86
C LEU B 41 -23.90 -22.22 -39.24
N VAL B 42 -24.33 -23.47 -39.29
CA VAL B 42 -24.74 -24.10 -40.52
C VAL B 42 -25.97 -23.38 -41.06
N GLN B 43 -26.89 -22.93 -40.21
CA GLN B 43 -28.08 -22.25 -40.72
C GLN B 43 -27.85 -20.80 -41.16
N GLU B 44 -26.81 -20.15 -40.63
CA GLU B 44 -26.40 -18.81 -41.09
C GLU B 44 -25.71 -18.82 -42.46
N LYS B 45 -24.85 -19.81 -42.73
CA LYS B 45 -23.94 -19.81 -43.90
C LYS B 45 -24.37 -20.72 -45.07
N ILE B 46 -24.96 -21.85 -44.73
CA ILE B 46 -25.69 -22.69 -45.65
C ILE B 46 -26.99 -22.60 -44.94
N GLY B 47 -28.12 -22.68 -45.58
CA GLY B 47 -29.30 -22.83 -44.72
C GLY B 47 -30.13 -23.97 -45.21
N PHE B 48 -30.03 -25.12 -44.56
CA PHE B 48 -30.82 -26.29 -44.93
C PHE B 48 -32.26 -26.20 -44.47
N ARG B 49 -33.15 -26.89 -45.19
CA ARG B 49 -34.57 -26.90 -44.87
C ARG B 49 -34.97 -27.96 -43.84
N TYR B 50 -34.36 -29.14 -43.89
CA TYR B 50 -34.71 -30.26 -43.02
C TYR B 50 -33.45 -30.89 -42.42
N ILE B 51 -33.62 -31.69 -41.37
CA ILE B 51 -32.49 -32.36 -40.72
C ILE B 51 -32.91 -33.80 -40.36
N ARG B 52 -32.01 -34.76 -40.56
CA ARG B 52 -32.35 -36.17 -40.50
C ARG B 52 -31.33 -36.98 -39.69
N GLY B 53 -31.80 -37.65 -38.62
CA GLY B 53 -31.01 -38.63 -37.93
C GLY B 53 -31.78 -39.72 -37.18
N HIS B 54 -31.02 -40.58 -36.54
CA HIS B 54 -31.52 -41.72 -35.78
C HIS B 54 -31.99 -41.33 -34.37
N GLY B 55 -32.71 -42.24 -33.71
CA GLY B 55 -32.92 -42.20 -32.28
C GLY B 55 -34.06 -41.38 -31.68
N LEU B 56 -34.96 -40.88 -32.52
CA LEU B 56 -36.17 -40.25 -32.04
C LEU B 56 -36.86 -41.07 -30.93
N LEU B 57 -36.93 -42.38 -31.12
CA LEU B 57 -37.72 -43.24 -30.21
C LEU B 57 -36.83 -44.05 -29.28
N SER B 58 -35.52 -43.85 -29.42
CA SER B 58 -34.57 -44.50 -28.52
C SER B 58 -34.60 -43.85 -27.14
N ASP B 59 -34.01 -44.55 -26.17
CA ASP B 59 -34.37 -44.31 -24.79
C ASP B 59 -33.71 -43.06 -24.15
N ASP B 60 -32.71 -42.45 -24.77
CA ASP B 60 -32.12 -41.24 -24.20
C ASP B 60 -33.08 -40.09 -24.36
N VAL B 61 -33.70 -39.96 -25.53
CA VAL B 61 -34.75 -39.00 -25.79
C VAL B 61 -35.98 -39.36 -24.93
N GLY B 62 -36.19 -40.64 -24.69
CA GLY B 62 -36.98 -41.13 -23.57
C GLY B 62 -38.50 -41.06 -23.67
N ILE B 63 -39.04 -41.08 -24.89
CA ILE B 63 -40.48 -40.97 -25.13
C ILE B 63 -41.30 -42.14 -24.61
N TYR B 64 -40.85 -43.38 -24.82
CA TYR B 64 -41.67 -44.55 -24.45
C TYR B 64 -41.23 -45.17 -23.13
N ARG B 65 -42.15 -45.17 -22.18
CA ARG B 65 -41.97 -45.82 -20.87
C ARG B 65 -43.19 -46.66 -20.43
N GLU B 66 -42.95 -47.52 -19.45
CA GLU B 66 -44.01 -48.13 -18.60
C GLU B 66 -43.37 -48.31 -17.21
N VAL B 67 -43.86 -47.82 -16.05
CA VAL B 67 -45.16 -47.24 -15.61
C VAL B 67 -46.17 -48.26 -15.05
N GLU B 68 -45.99 -48.60 -13.77
CA GLU B 68 -46.83 -49.60 -13.09
C GLU B 68 -47.99 -48.96 -12.31
N ILE B 69 -49.23 -49.14 -12.79
CA ILE B 69 -50.41 -48.57 -12.16
C ILE B 69 -51.39 -49.65 -11.66
N ASP B 70 -51.70 -49.58 -10.37
CA ASP B 70 -52.34 -50.67 -9.64
C ASP B 70 -51.36 -51.85 -9.69
N GLY B 71 -51.54 -52.80 -10.60
CA GLY B 71 -50.59 -53.90 -10.72
C GLY B 71 -50.05 -54.23 -12.10
N GLU B 72 -50.29 -53.36 -13.09
CA GLU B 72 -50.01 -53.66 -14.51
C GLU B 72 -49.18 -52.57 -15.22
N MET B 73 -48.41 -52.98 -16.22
CA MET B 73 -47.58 -52.07 -16.98
C MET B 73 -48.42 -51.33 -18.04
N LYS B 74 -48.29 -50.01 -18.05
CA LYS B 74 -49.13 -49.13 -18.86
C LYS B 74 -48.23 -48.12 -19.55
N PRO B 75 -48.57 -47.71 -20.77
CA PRO B 75 -47.68 -46.80 -21.52
C PRO B 75 -47.72 -45.35 -21.01
N PHE B 76 -46.57 -44.69 -21.07
CA PHE B 76 -46.43 -43.29 -20.74
C PHE B 76 -45.51 -42.64 -21.75
N TYR B 77 -45.97 -41.53 -22.33
CA TYR B 77 -45.23 -40.85 -23.38
C TYR B 77 -44.62 -39.55 -22.85
N ASN B 78 -43.29 -39.54 -22.71
CA ASN B 78 -42.57 -38.42 -22.12
C ASN B 78 -42.05 -37.52 -23.23
N PHE B 79 -42.71 -36.38 -23.44
CA PHE B 79 -42.30 -35.49 -24.54
C PHE B 79 -41.31 -34.37 -24.14
N THR B 80 -40.79 -34.44 -22.93
CA THR B 80 -39.94 -33.38 -22.39
C THR B 80 -38.79 -33.02 -23.30
N TYR B 81 -38.08 -34.04 -23.72
CA TYR B 81 -36.87 -33.87 -24.50
C TYR B 81 -37.14 -33.53 -25.97
N ILE B 82 -38.03 -34.24 -26.67
CA ILE B 82 -38.20 -33.85 -28.10
C ILE B 82 -38.91 -32.53 -28.26
N ASP B 83 -39.74 -32.12 -27.30
CA ASP B 83 -40.33 -30.77 -27.32
C ASP B 83 -39.25 -29.72 -27.41
N ARG B 84 -38.23 -29.85 -26.56
CA ARG B 84 -37.07 -28.92 -26.57
C ARG B 84 -36.26 -29.05 -27.86
N ILE B 85 -36.03 -30.28 -28.29
CA ILE B 85 -35.28 -30.57 -29.52
C ILE B 85 -35.96 -29.98 -30.76
N VAL B 86 -37.22 -30.28 -30.98
CA VAL B 86 -37.92 -29.75 -32.17
C VAL B 86 -38.07 -28.21 -32.10
N ASP B 87 -38.37 -27.70 -30.90
CA ASP B 87 -38.40 -26.25 -30.63
C ASP B 87 -37.11 -25.59 -31.12
N SER B 88 -35.97 -26.20 -30.73
CA SER B 88 -34.65 -25.66 -31.05
C SER B 88 -34.39 -25.71 -32.56
N TYR B 89 -34.86 -26.78 -33.21
CA TYR B 89 -34.88 -26.87 -34.67
C TYR B 89 -35.71 -25.74 -35.32
N LEU B 90 -36.99 -25.63 -34.98
CA LEU B 90 -37.83 -24.59 -35.58
C LEU B 90 -37.28 -23.18 -35.34
N ALA B 91 -36.57 -22.97 -34.22
CA ALA B 91 -35.99 -21.66 -33.90
C ALA B 91 -34.85 -21.36 -34.86
N LEU B 92 -34.19 -22.40 -35.35
CA LEU B 92 -33.11 -22.22 -36.32
C LEU B 92 -33.56 -22.45 -37.76
N ASN B 93 -34.85 -22.38 -38.02
CA ASN B 93 -35.42 -22.42 -39.38
C ASN B 93 -35.19 -23.74 -40.12
N ILE B 94 -35.15 -24.84 -39.37
CA ILE B 94 -34.97 -26.18 -39.91
C ILE B 94 -36.04 -27.14 -39.36
N ARG B 95 -36.60 -27.99 -40.23
CA ARG B 95 -37.66 -28.93 -39.85
C ARG B 95 -37.14 -30.35 -39.77
N PRO B 96 -37.75 -31.17 -38.92
CA PRO B 96 -37.35 -32.57 -38.81
C PRO B 96 -37.78 -33.37 -40.03
N PHE B 97 -36.82 -34.00 -40.70
CA PHE B 97 -37.09 -35.18 -41.54
C PHE B 97 -37.06 -36.33 -40.53
N ILE B 98 -38.21 -36.57 -39.90
CA ILE B 98 -38.33 -37.60 -38.85
C ILE B 98 -37.95 -39.00 -39.34
N GLU B 99 -37.13 -39.70 -38.59
CA GLU B 99 -36.89 -41.14 -38.79
C GLU B 99 -37.40 -41.92 -37.58
N PHE B 100 -38.39 -42.78 -37.79
CA PHE B 100 -38.97 -43.55 -36.69
C PHE B 100 -38.06 -44.71 -36.34
N GLY B 101 -37.46 -44.64 -35.16
CA GLY B 101 -36.50 -45.62 -34.71
C GLY B 101 -35.56 -45.03 -33.66
N PHE B 102 -34.82 -45.86 -32.94
CA PHE B 102 -34.90 -47.32 -33.03
C PHE B 102 -36.01 -47.87 -32.12
N MET B 103 -35.91 -49.11 -31.63
CA MET B 103 -36.96 -49.70 -30.79
C MET B 103 -36.71 -49.33 -29.33
N PRO B 104 -37.69 -48.75 -28.65
CA PRO B 104 -37.57 -48.59 -27.20
C PRO B 104 -37.38 -49.97 -26.53
N LYS B 105 -36.47 -50.04 -25.55
CA LYS B 105 -36.22 -51.20 -24.69
C LYS B 105 -37.50 -51.89 -24.20
N ALA B 106 -38.44 -51.11 -23.66
CA ALA B 106 -39.64 -51.66 -23.03
C ALA B 106 -40.62 -52.18 -24.10
N LEU B 107 -40.34 -51.86 -25.35
CA LEU B 107 -41.11 -52.38 -26.44
C LEU B 107 -40.39 -53.46 -27.27
N ALA B 108 -39.12 -53.70 -26.99
CA ALA B 108 -38.28 -54.59 -27.82
C ALA B 108 -38.61 -56.07 -27.61
N SER B 109 -38.43 -56.87 -28.65
CA SER B 109 -38.72 -58.30 -28.60
C SER B 109 -37.49 -59.14 -28.29
N GLY B 110 -36.31 -58.64 -28.66
CA GLY B 110 -35.05 -59.27 -28.36
C GLY B 110 -34.02 -58.27 -27.86
N ASP B 111 -32.78 -58.75 -27.69
CA ASP B 111 -31.69 -58.02 -27.04
C ASP B 111 -30.72 -57.29 -27.98
N GLN B 112 -30.82 -57.53 -29.27
CA GLN B 112 -29.79 -57.03 -30.19
C GLN B 112 -29.85 -55.49 -30.30
N THR B 113 -28.67 -54.87 -30.19
CA THR B 113 -28.54 -53.42 -30.28
C THR B 113 -27.46 -53.11 -31.30
N VAL B 114 -27.30 -51.81 -31.57
CA VAL B 114 -26.29 -51.30 -32.47
C VAL B 114 -25.72 -49.99 -31.89
N PHE B 115 -24.46 -49.70 -32.25
CA PHE B 115 -23.75 -48.52 -31.78
C PHE B 115 -23.29 -48.59 -30.33
N TYR B 116 -22.38 -47.68 -30.02
CA TYR B 116 -21.94 -47.40 -28.66
C TYR B 116 -23.19 -47.04 -27.82
N TRP B 117 -24.14 -46.29 -28.38
CA TRP B 117 -25.33 -45.91 -27.60
C TRP B 117 -26.48 -46.94 -27.56
N LYS B 118 -26.26 -48.12 -28.13
CA LYS B 118 -27.17 -49.28 -27.93
C LYS B 118 -28.63 -49.05 -28.33
N GLY B 119 -28.83 -48.54 -29.53
CA GLY B 119 -30.18 -48.50 -30.11
C GLY B 119 -30.66 -49.95 -30.28
N ASN B 120 -31.85 -50.27 -29.83
CA ASN B 120 -32.35 -51.63 -29.98
C ASN B 120 -32.92 -51.81 -31.41
N VAL B 121 -32.53 -52.90 -32.08
CA VAL B 121 -32.85 -53.14 -33.50
C VAL B 121 -33.75 -54.37 -33.73
N THR B 122 -34.48 -54.79 -32.70
CA THR B 122 -35.39 -55.92 -32.84
C THR B 122 -36.77 -55.37 -33.19
N PRO B 123 -37.66 -56.20 -33.72
CA PRO B 123 -39.04 -55.74 -33.96
C PRO B 123 -39.76 -55.55 -32.64
N PRO B 124 -40.84 -54.78 -32.62
CA PRO B 124 -41.62 -54.62 -31.41
C PRO B 124 -42.26 -55.96 -31.00
N LYS B 125 -42.33 -56.26 -29.70
CA LYS B 125 -42.98 -57.47 -29.20
C LYS B 125 -44.45 -57.50 -29.66
N ASP B 126 -45.07 -56.32 -29.70
CA ASP B 126 -46.49 -56.19 -29.97
C ASP B 126 -46.73 -55.04 -30.95
N TYR B 127 -47.13 -55.37 -32.17
CA TYR B 127 -47.26 -54.37 -33.23
C TYR B 127 -48.32 -53.33 -32.95
N ASN B 128 -49.31 -53.67 -32.15
CA ASN B 128 -50.32 -52.72 -31.71
C ASN B 128 -49.79 -51.67 -30.73
N LYS B 129 -48.84 -52.05 -29.89
CA LYS B 129 -48.18 -51.09 -28.98
C LYS B 129 -47.33 -50.09 -29.76
N TRP B 130 -46.62 -50.56 -30.80
CA TRP B 130 -45.86 -49.71 -31.69
C TRP B 130 -46.74 -48.72 -32.44
N ARG B 131 -47.81 -49.21 -33.09
CA ARG B 131 -48.82 -48.36 -33.69
C ARG B 131 -49.23 -47.23 -32.77
N ASP B 132 -49.57 -47.62 -31.54
CA ASP B 132 -50.05 -46.67 -30.53
C ASP B 132 -48.99 -45.61 -30.20
N LEU B 133 -47.73 -46.04 -30.17
CA LEU B 133 -46.58 -45.15 -30.00
C LEU B 133 -46.52 -44.13 -31.15
N ILE B 134 -46.67 -44.59 -32.39
CA ILE B 134 -46.59 -43.71 -33.54
C ILE B 134 -47.70 -42.70 -33.49
N VAL B 135 -48.90 -43.16 -33.15
CA VAL B 135 -50.07 -42.29 -33.09
C VAL B 135 -49.89 -41.25 -31.97
N ALA B 136 -49.45 -41.69 -30.81
CA ALA B 136 -49.14 -40.79 -29.70
C ALA B 136 -48.12 -39.70 -30.10
N VAL B 137 -47.08 -40.09 -30.82
CA VAL B 137 -45.99 -39.17 -31.15
C VAL B 137 -46.41 -38.17 -32.20
N VAL B 138 -46.97 -38.65 -33.30
CA VAL B 138 -47.44 -37.76 -34.38
C VAL B 138 -48.57 -36.87 -33.86
N SER B 139 -49.43 -37.43 -33.02
CA SER B 139 -50.54 -36.65 -32.46
C SER B 139 -50.04 -35.52 -31.59
N HIS B 140 -48.96 -35.79 -30.86
CA HIS B 140 -48.38 -34.81 -29.97
C HIS B 140 -47.77 -33.66 -30.77
N PHE B 141 -47.00 -34.01 -31.79
CA PHE B 141 -46.41 -33.03 -32.68
C PHE B 141 -47.45 -32.08 -33.22
N ILE B 142 -48.62 -32.61 -33.61
CA ILE B 142 -49.69 -31.78 -34.13
C ILE B 142 -50.29 -30.92 -33.00
N GLU B 143 -50.43 -31.49 -31.83
CA GLU B 143 -50.91 -30.72 -30.68
C GLU B 143 -49.99 -29.52 -30.35
N ARG B 144 -48.68 -29.71 -30.47
CA ARG B 144 -47.74 -28.70 -30.06
C ARG B 144 -47.48 -27.64 -31.14
N TYR B 145 -47.22 -28.09 -32.36
CA TYR B 145 -46.77 -27.25 -33.46
C TYR B 145 -47.83 -26.91 -34.52
N GLY B 146 -49.01 -27.53 -34.42
CA GLY B 146 -50.12 -27.25 -35.33
C GLY B 146 -50.05 -28.10 -36.60
N ILE B 147 -51.23 -28.40 -37.16
CA ILE B 147 -51.32 -29.32 -38.28
C ILE B 147 -50.60 -28.81 -39.53
N GLU B 148 -50.66 -27.50 -39.78
CA GLU B 148 -50.05 -26.93 -40.98
C GLU B 148 -48.53 -27.14 -40.98
N GLU B 149 -47.90 -26.91 -39.84
CA GLU B 149 -46.47 -27.13 -39.69
C GLU B 149 -46.09 -28.60 -39.92
N VAL B 150 -46.78 -29.51 -39.23
CA VAL B 150 -46.41 -30.93 -39.25
C VAL B 150 -46.69 -31.55 -40.63
N ARG B 151 -47.60 -30.96 -41.41
CA ARG B 151 -47.86 -31.44 -42.76
C ARG B 151 -46.68 -31.14 -43.70
N THR B 152 -45.76 -30.27 -43.30
CA THR B 152 -44.58 -30.00 -44.13
C THR B 152 -43.41 -30.93 -43.80
N TRP B 153 -43.54 -31.73 -42.74
CA TRP B 153 -42.44 -32.61 -42.29
C TRP B 153 -42.39 -33.86 -43.13
N LEU B 154 -41.36 -34.69 -42.98
CA LEU B 154 -41.34 -36.01 -43.65
C LEU B 154 -40.98 -37.11 -42.68
N PHE B 155 -41.53 -38.30 -42.93
CA PHE B 155 -41.50 -39.42 -41.99
C PHE B 155 -40.99 -40.71 -42.67
N GLU B 156 -39.75 -41.05 -42.37
CA GLU B 156 -39.08 -42.23 -42.88
C GLU B 156 -39.27 -43.30 -41.79
N VAL B 157 -39.41 -44.55 -42.22
CA VAL B 157 -39.62 -45.65 -41.29
C VAL B 157 -38.35 -46.49 -41.18
N TRP B 158 -37.71 -46.39 -40.02
CA TRP B 158 -36.55 -47.18 -39.64
C TRP B 158 -35.33 -46.75 -40.43
N ASN B 159 -34.29 -47.59 -40.38
CA ASN B 159 -33.03 -47.32 -40.99
C ASN B 159 -32.32 -48.61 -41.38
N GLU B 160 -31.80 -48.62 -42.63
CA GLU B 160 -31.04 -49.71 -43.22
C GLU B 160 -31.50 -51.12 -42.79
N PRO B 161 -32.78 -51.45 -43.03
CA PRO B 161 -33.34 -52.76 -42.72
C PRO B 161 -32.70 -53.91 -43.51
N ASN B 162 -31.99 -53.58 -44.57
CA ASN B 162 -31.24 -54.57 -45.38
C ASN B 162 -29.84 -54.90 -44.83
N LEU B 163 -29.47 -54.32 -43.69
CA LEU B 163 -28.24 -54.68 -42.97
C LEU B 163 -28.63 -55.28 -41.62
N VAL B 164 -27.95 -56.36 -41.27
CA VAL B 164 -28.22 -57.15 -40.06
C VAL B 164 -27.96 -56.38 -38.76
N ASN B 165 -27.07 -55.39 -38.82
CA ASN B 165 -26.72 -54.57 -37.65
C ASN B 165 -27.83 -53.59 -37.25
N PHE B 166 -28.68 -53.24 -38.23
CA PHE B 166 -29.74 -52.25 -38.01
C PHE B 166 -31.13 -52.86 -37.83
N TRP B 167 -31.29 -54.14 -38.14
CA TRP B 167 -32.61 -54.79 -38.12
C TRP B 167 -32.43 -56.32 -38.04
N LYS B 168 -33.11 -56.98 -37.12
CA LYS B 168 -32.82 -58.39 -36.83
C LYS B 168 -32.93 -59.27 -38.08
N ASP B 169 -31.85 -60.00 -38.39
CA ASP B 169 -31.78 -60.93 -39.53
C ASP B 169 -31.89 -60.29 -40.93
N ALA B 170 -31.82 -58.96 -41.00
CA ALA B 170 -32.18 -58.18 -42.18
C ALA B 170 -33.50 -58.65 -42.83
N ASN B 171 -34.52 -58.84 -42.00
CA ASN B 171 -35.78 -59.46 -42.40
C ASN B 171 -36.70 -58.59 -43.29
N LYS B 172 -36.55 -58.74 -44.60
CA LYS B 172 -37.36 -58.04 -45.61
C LYS B 172 -38.85 -57.97 -45.28
N GLN B 173 -39.44 -59.10 -44.92
CA GLN B 173 -40.88 -59.20 -44.69
C GLN B 173 -41.29 -58.58 -43.37
N GLU B 174 -40.48 -58.74 -42.35
CA GLU B 174 -40.77 -58.13 -41.06
C GLU B 174 -40.69 -56.61 -41.21
N TYR B 175 -39.73 -56.11 -42.00
CA TYR B 175 -39.61 -54.68 -42.23
C TYR B 175 -40.82 -54.15 -42.97
N PHE B 176 -41.36 -54.92 -43.91
CA PHE B 176 -42.51 -54.46 -44.68
C PHE B 176 -43.73 -54.37 -43.77
N LYS B 177 -43.95 -55.39 -42.92
CA LYS B 177 -44.96 -55.33 -41.85
C LYS B 177 -44.77 -54.09 -40.97
N LEU B 178 -43.51 -53.77 -40.61
CA LEU B 178 -43.20 -52.62 -39.76
C LEU B 178 -43.56 -51.38 -40.54
N TYR B 179 -43.21 -51.36 -41.81
CA TYR B 179 -43.50 -50.21 -42.64
C TYR B 179 -45.00 -49.93 -42.70
N GLU B 180 -45.79 -50.99 -42.93
CA GLU B 180 -47.24 -50.84 -43.13
C GLU B 180 -47.94 -50.38 -41.86
N VAL B 181 -47.54 -50.95 -40.72
CA VAL B 181 -48.07 -50.53 -39.42
C VAL B 181 -47.73 -49.03 -39.18
N THR B 182 -46.50 -48.63 -39.46
CA THR B 182 -46.08 -47.24 -39.22
C THR B 182 -46.84 -46.31 -40.16
N ALA B 183 -46.78 -46.63 -41.45
CA ALA B 183 -47.42 -45.85 -42.51
C ALA B 183 -48.91 -45.61 -42.27
N ARG B 184 -49.61 -46.67 -41.93
CA ARG B 184 -51.05 -46.58 -41.68
C ARG B 184 -51.34 -45.82 -40.38
N ALA B 185 -50.47 -45.95 -39.39
CA ALA B 185 -50.68 -45.27 -38.11
C ALA B 185 -50.56 -43.76 -38.32
N VAL B 186 -49.57 -43.38 -39.14
CA VAL B 186 -49.30 -41.99 -39.49
C VAL B 186 -50.47 -41.36 -40.26
N LYS B 187 -50.97 -42.05 -41.29
CA LYS B 187 -52.14 -41.60 -42.05
C LYS B 187 -53.42 -41.51 -41.21
N SER B 188 -53.59 -42.45 -40.25
CA SER B 188 -54.75 -42.44 -39.36
C SER B 188 -54.84 -41.15 -38.53
N VAL B 189 -53.70 -40.60 -38.11
CA VAL B 189 -53.68 -39.29 -37.43
C VAL B 189 -54.07 -38.17 -38.40
N ASP B 190 -53.36 -38.11 -39.53
CA ASP B 190 -53.73 -37.19 -40.61
C ASP B 190 -53.28 -37.67 -41.99
N PRO B 191 -54.23 -37.79 -42.93
CA PRO B 191 -53.95 -38.35 -44.25
C PRO B 191 -52.95 -37.62 -45.15
N HIS B 192 -52.74 -36.32 -44.98
CA HIS B 192 -51.74 -35.57 -45.77
C HIS B 192 -50.28 -35.86 -45.39
N LEU B 193 -50.04 -36.43 -44.22
CA LEU B 193 -48.64 -36.63 -43.78
C LEU B 193 -47.86 -37.57 -44.71
N GLN B 194 -46.63 -37.19 -44.99
CA GLN B 194 -45.80 -37.84 -45.98
C GLN B 194 -44.93 -38.88 -45.28
N VAL B 195 -45.25 -40.15 -45.55
CA VAL B 195 -44.48 -41.27 -44.99
C VAL B 195 -43.75 -42.02 -46.12
N GLY B 196 -42.62 -42.65 -45.81
CA GLY B 196 -41.82 -43.27 -46.85
C GLY B 196 -40.76 -44.23 -46.35
N GLY B 197 -40.03 -44.81 -47.30
CA GLY B 197 -38.98 -45.77 -47.02
C GLY B 197 -38.32 -46.24 -48.31
N PRO B 198 -37.54 -47.32 -48.29
CA PRO B 198 -37.23 -48.14 -47.11
C PRO B 198 -35.89 -47.87 -46.36
N ALA B 199 -35.19 -46.78 -46.68
CA ALA B 199 -34.02 -46.34 -45.91
C ALA B 199 -32.80 -47.25 -46.01
N ILE B 200 -32.73 -48.02 -47.09
CA ILE B 200 -31.73 -49.08 -47.24
C ILE B 200 -30.34 -48.58 -47.60
N CYS B 201 -29.29 -49.28 -47.16
CA CYS B 201 -27.94 -49.03 -47.69
C CYS B 201 -27.87 -49.60 -49.09
N GLY B 202 -26.82 -49.22 -49.84
CA GLY B 202 -26.62 -49.73 -51.20
C GLY B 202 -26.31 -51.21 -51.27
N GLY B 203 -26.09 -51.71 -52.50
CA GLY B 203 -25.71 -53.09 -52.74
C GLY B 203 -26.85 -54.09 -52.84
N SER B 204 -28.09 -53.61 -52.81
CA SER B 204 -29.27 -54.47 -52.62
C SER B 204 -30.59 -53.85 -53.14
N ASP B 205 -30.54 -53.17 -54.28
CA ASP B 205 -31.69 -52.34 -54.72
C ASP B 205 -32.98 -53.07 -55.10
N GLU B 206 -32.92 -54.39 -55.22
CA GLU B 206 -34.13 -55.17 -55.36
C GLU B 206 -35.12 -54.91 -54.19
N TRP B 207 -34.62 -54.48 -53.03
CA TRP B 207 -35.46 -54.05 -51.89
C TRP B 207 -36.39 -52.89 -52.25
N ILE B 208 -35.90 -51.95 -53.04
CA ILE B 208 -36.73 -50.85 -53.51
C ILE B 208 -37.82 -51.34 -54.49
N THR B 209 -37.49 -52.28 -55.38
CA THR B 209 -38.50 -52.91 -56.22
C THR B 209 -39.53 -53.68 -55.37
N ASP B 210 -39.06 -54.49 -54.42
CA ASP B 210 -39.95 -55.30 -53.60
C ASP B 210 -40.79 -54.45 -52.65
N PHE B 211 -40.23 -53.33 -52.18
CA PHE B 211 -40.91 -52.42 -51.27
C PHE B 211 -42.12 -51.83 -51.98
N LEU B 212 -41.84 -51.23 -53.12
CA LEU B 212 -42.89 -50.61 -53.93
C LEU B 212 -43.90 -51.64 -54.42
N HIS B 213 -43.49 -52.90 -54.60
CA HIS B 213 -44.50 -53.91 -54.92
C HIS B 213 -45.29 -54.35 -53.68
N PHE B 214 -44.66 -54.38 -52.52
CA PHE B 214 -45.41 -54.70 -51.30
C PHE B 214 -46.54 -53.67 -51.12
N CYS B 215 -46.21 -52.39 -51.34
CA CYS B 215 -47.14 -51.29 -51.13
C CYS B 215 -48.28 -51.31 -52.18
N ALA B 216 -47.98 -51.71 -53.41
CA ALA B 216 -48.98 -51.75 -54.48
C ALA B 216 -49.99 -52.85 -54.23
N GLU B 217 -49.48 -54.06 -54.04
CA GLU B 217 -50.28 -55.25 -53.77
C GLU B 217 -51.21 -55.02 -52.61
N ARG B 218 -50.71 -54.40 -51.53
CA ARG B 218 -51.46 -54.35 -50.29
C ARG B 218 -52.04 -52.97 -50.01
N ARG B 219 -52.01 -52.08 -51.01
CA ARG B 219 -52.62 -50.76 -50.92
C ARG B 219 -52.05 -49.96 -49.72
N VAL B 220 -50.77 -50.14 -49.42
CA VAL B 220 -50.14 -49.44 -48.31
C VAL B 220 -49.60 -48.09 -48.76
N PRO B 221 -49.83 -47.02 -47.98
CA PRO B 221 -49.36 -45.69 -48.37
C PRO B 221 -47.86 -45.54 -48.54
N VAL B 222 -47.47 -44.78 -49.56
CA VAL B 222 -46.08 -44.41 -49.80
C VAL B 222 -46.06 -43.05 -50.47
N ASP B 223 -45.27 -42.13 -49.93
CA ASP B 223 -45.20 -40.78 -50.47
C ASP B 223 -43.80 -40.45 -50.95
N PHE B 224 -42.81 -41.22 -50.54
CA PHE B 224 -41.46 -41.04 -51.06
C PHE B 224 -40.64 -42.32 -50.91
N VAL B 225 -39.54 -42.38 -51.66
CA VAL B 225 -38.57 -43.44 -51.52
C VAL B 225 -37.27 -42.84 -50.98
N SER B 226 -36.66 -43.54 -50.03
CA SER B 226 -35.37 -43.17 -49.48
C SER B 226 -34.37 -44.30 -49.69
N ARG B 227 -33.13 -43.90 -49.93
CA ARG B 227 -31.99 -44.77 -50.05
C ARG B 227 -30.76 -44.03 -49.53
N HIS B 228 -29.70 -44.77 -49.19
CA HIS B 228 -28.45 -44.21 -48.71
C HIS B 228 -27.38 -44.50 -49.73
N ALA B 229 -26.32 -43.69 -49.76
CA ALA B 229 -25.31 -43.78 -50.79
C ALA B 229 -23.91 -43.38 -50.29
N TYR B 230 -22.99 -44.35 -50.29
CA TYR B 230 -21.60 -44.13 -49.97
C TYR B 230 -20.71 -44.75 -51.04
N THR B 231 -19.46 -44.36 -51.06
CA THR B 231 -18.57 -44.84 -52.10
C THR B 231 -17.32 -45.53 -51.56
N SER B 232 -17.30 -45.81 -50.28
CA SER B 232 -16.14 -46.39 -49.65
C SER B 232 -16.29 -47.92 -49.63
N LYS B 233 -15.17 -48.61 -49.76
CA LYS B 233 -15.12 -50.04 -49.61
C LYS B 233 -14.91 -50.35 -48.14
N ALA B 234 -14.92 -51.64 -47.82
CA ALA B 234 -14.57 -52.12 -46.49
C ALA B 234 -13.17 -51.68 -46.11
N PRO B 235 -12.94 -51.43 -44.83
CA PRO B 235 -11.62 -51.02 -44.33
C PRO B 235 -10.51 -51.99 -44.72
N HIS B 236 -9.43 -51.44 -45.25
CA HIS B 236 -8.22 -52.17 -45.56
C HIS B 236 -7.19 -52.06 -44.39
N LYS B 237 -7.33 -51.04 -43.53
CA LYS B 237 -6.53 -50.92 -42.28
C LYS B 237 -7.37 -50.26 -41.18
N LYS B 238 -7.42 -50.88 -40.01
CA LYS B 238 -8.02 -50.30 -38.81
C LYS B 238 -6.95 -50.10 -37.75
N THR B 239 -6.97 -48.95 -37.08
CA THR B 239 -6.28 -48.79 -35.79
C THR B 239 -7.32 -48.85 -34.69
N PHE B 240 -6.90 -48.64 -33.44
CA PHE B 240 -7.82 -48.54 -32.30
C PHE B 240 -8.84 -47.39 -32.37
N GLU B 241 -8.55 -46.37 -33.19
CA GLU B 241 -9.44 -45.21 -33.35
C GLU B 241 -9.88 -44.89 -34.79
N TYR B 242 -9.24 -45.49 -35.81
CA TYR B 242 -9.54 -45.16 -37.20
C TYR B 242 -10.01 -46.36 -38.03
N TYR B 243 -10.89 -46.11 -38.98
CA TYR B 243 -11.05 -46.96 -40.17
C TYR B 243 -10.45 -46.17 -41.36
N TYR B 244 -9.61 -46.82 -42.15
CA TYR B 244 -9.11 -46.29 -43.42
C TYR B 244 -9.72 -47.14 -44.55
N GLN B 245 -10.20 -46.46 -45.59
CA GLN B 245 -10.93 -47.11 -46.67
C GLN B 245 -10.64 -46.45 -48.01
N GLU B 246 -10.55 -47.27 -49.06
CA GLU B 246 -10.48 -46.74 -50.44
C GLU B 246 -11.87 -46.29 -50.90
N LEU B 247 -11.88 -45.34 -51.83
CA LEU B 247 -13.10 -44.72 -52.35
C LEU B 247 -13.22 -44.97 -53.85
N GLU B 248 -14.45 -45.21 -54.31
CA GLU B 248 -14.76 -45.17 -55.72
C GLU B 248 -14.88 -43.70 -56.09
N PRO B 249 -14.73 -43.35 -57.37
CA PRO B 249 -14.88 -41.95 -57.81
C PRO B 249 -16.33 -41.48 -57.70
N PRO B 250 -16.57 -40.17 -57.80
CA PRO B 250 -17.92 -39.62 -57.56
C PRO B 250 -19.00 -40.08 -58.54
N GLU B 251 -18.66 -40.35 -59.80
CA GLU B 251 -19.63 -40.85 -60.78
C GLU B 251 -20.29 -42.12 -60.29
N ASP B 252 -19.61 -42.89 -59.43
CA ASP B 252 -20.22 -44.09 -58.85
C ASP B 252 -21.46 -43.74 -58.04
N MET B 253 -21.38 -42.68 -57.23
CA MET B 253 -22.53 -42.19 -56.46
C MET B 253 -23.61 -41.66 -57.39
N LEU B 254 -23.25 -40.81 -58.33
CA LEU B 254 -24.26 -40.33 -59.28
C LEU B 254 -25.00 -41.49 -59.98
N GLU B 255 -24.29 -42.57 -60.33
CA GLU B 255 -24.89 -43.76 -60.97
C GLU B 255 -25.88 -44.43 -60.05
N GLN B 256 -25.52 -44.53 -58.76
CA GLN B 256 -26.41 -45.02 -57.74
C GLN B 256 -27.69 -44.21 -57.75
N PHE B 257 -27.60 -42.88 -57.70
CA PHE B 257 -28.78 -42.01 -57.63
C PHE B 257 -29.67 -42.31 -58.84
N LYS B 258 -29.01 -42.31 -60.01
CA LYS B 258 -29.65 -42.44 -61.31
C LYS B 258 -30.29 -43.81 -61.49
N THR B 259 -29.67 -44.85 -60.91
CA THR B 259 -30.17 -46.23 -60.98
C THR B 259 -31.43 -46.40 -60.14
N VAL B 260 -31.40 -45.85 -58.93
CA VAL B 260 -32.54 -45.91 -58.02
C VAL B 260 -33.73 -45.11 -58.59
N ARG B 261 -33.45 -43.99 -59.26
CA ARG B 261 -34.54 -43.22 -59.88
C ARG B 261 -35.18 -43.99 -61.02
N ALA B 262 -34.39 -44.77 -61.76
CA ALA B 262 -34.93 -45.61 -62.83
C ALA B 262 -35.83 -46.71 -62.27
N LEU B 263 -35.44 -47.30 -61.13
CA LEU B 263 -36.25 -48.34 -60.47
C LEU B 263 -37.61 -47.83 -59.97
N ILE B 264 -37.65 -46.56 -59.57
CA ILE B 264 -38.90 -45.90 -59.21
C ILE B 264 -39.75 -45.66 -60.45
N ARG B 265 -39.10 -45.26 -61.55
CA ARG B 265 -39.81 -44.93 -62.79
C ARG B 265 -40.51 -46.13 -63.44
N GLN B 266 -40.04 -47.33 -63.13
CA GLN B 266 -40.61 -48.59 -63.61
C GLN B 266 -41.69 -49.13 -62.68
N SER B 267 -41.63 -48.72 -61.43
CA SER B 267 -42.50 -49.24 -60.37
C SER B 267 -43.95 -48.82 -60.60
N PRO B 268 -44.88 -49.34 -59.80
CA PRO B 268 -46.27 -48.87 -59.84
C PRO B 268 -46.48 -47.46 -59.27
N PHE B 269 -45.44 -46.82 -58.76
CA PHE B 269 -45.53 -45.46 -58.23
C PHE B 269 -44.46 -44.61 -58.90
N PRO B 270 -44.60 -44.38 -60.20
CA PRO B 270 -43.57 -43.65 -60.96
C PRO B 270 -43.35 -42.19 -60.53
N HIS B 271 -44.32 -41.56 -59.87
CA HIS B 271 -44.20 -40.14 -59.53
C HIS B 271 -43.50 -39.85 -58.16
N LEU B 272 -43.16 -40.89 -57.40
CA LEU B 272 -42.63 -40.70 -56.05
C LEU B 272 -41.29 -39.97 -56.00
N PRO B 273 -41.19 -38.97 -55.14
CA PRO B 273 -39.90 -38.35 -54.81
C PRO B 273 -38.86 -39.35 -54.30
N LEU B 274 -37.60 -39.06 -54.55
CA LEU B 274 -36.48 -39.87 -54.10
C LEU B 274 -35.65 -39.01 -53.15
N HIS B 275 -35.58 -39.43 -51.89
CA HIS B 275 -34.75 -38.74 -50.88
C HIS B 275 -33.58 -39.61 -50.47
N ILE B 276 -32.37 -39.16 -50.77
CA ILE B 276 -31.15 -39.87 -50.40
C ILE B 276 -30.75 -39.43 -48.99
N THR B 277 -31.32 -40.07 -47.98
CA THR B 277 -31.26 -39.54 -46.61
C THR B 277 -29.92 -39.70 -45.88
N GLU B 278 -28.94 -40.35 -46.51
CA GLU B 278 -27.55 -40.29 -46.08
C GLU B 278 -26.64 -40.33 -47.30
N TYR B 279 -25.62 -39.50 -47.29
CA TYR B 279 -24.51 -39.64 -48.25
C TYR B 279 -23.23 -38.99 -47.75
N ASN B 280 -22.12 -39.61 -48.11
CA ASN B 280 -20.77 -39.10 -47.86
C ASN B 280 -19.83 -40.03 -48.61
N THR B 281 -18.54 -39.71 -48.66
CA THR B 281 -17.55 -40.63 -49.19
C THR B 281 -17.49 -41.94 -48.37
N SER B 282 -17.08 -41.84 -47.11
CA SER B 282 -16.99 -42.99 -46.22
C SER B 282 -18.19 -43.01 -45.32
N TYR B 283 -18.63 -44.22 -44.99
CA TYR B 283 -19.76 -44.44 -44.10
C TYR B 283 -19.35 -44.65 -42.62
N SER B 284 -18.07 -44.47 -42.31
CA SER B 284 -17.54 -44.67 -40.96
C SER B 284 -17.24 -43.32 -40.28
N PRO B 285 -17.71 -43.10 -39.05
CA PRO B 285 -17.47 -41.84 -38.33
C PRO B 285 -16.05 -41.72 -37.76
N ILE B 286 -15.16 -42.63 -38.11
CA ILE B 286 -13.77 -42.53 -37.69
C ILE B 286 -12.81 -42.71 -38.86
N ASN B 287 -13.23 -42.24 -40.04
CA ASN B 287 -12.38 -42.24 -41.21
C ASN B 287 -11.89 -40.83 -41.49
N PRO B 288 -10.61 -40.56 -41.19
CA PRO B 288 -10.04 -39.22 -41.39
C PRO B 288 -10.26 -38.58 -42.78
N VAL B 289 -10.62 -39.35 -43.81
CA VAL B 289 -10.88 -38.77 -45.13
C VAL B 289 -11.86 -37.59 -45.05
N HIS B 290 -12.80 -37.68 -44.11
CA HIS B 290 -13.80 -36.63 -43.91
C HIS B 290 -13.25 -35.27 -43.52
N ASP B 291 -12.05 -35.24 -42.95
CA ASP B 291 -11.49 -33.99 -42.45
C ASP B 291 -10.67 -33.24 -43.48
N THR B 292 -10.59 -33.78 -44.71
CA THR B 292 -9.65 -33.32 -45.75
C THR B 292 -10.23 -32.49 -46.90
N ALA B 293 -9.34 -31.77 -47.55
CA ALA B 293 -9.67 -31.05 -48.76
C ALA B 293 -10.22 -32.00 -49.85
N LEU B 294 -9.68 -33.23 -49.94
CA LEU B 294 -10.19 -34.18 -50.90
C LEU B 294 -11.69 -34.40 -50.73
N ASN B 295 -12.15 -34.67 -49.50
CA ASN B 295 -13.59 -34.79 -49.24
C ASN B 295 -14.43 -33.65 -49.82
N ALA B 296 -13.95 -32.41 -49.69
CA ALA B 296 -14.68 -31.22 -50.20
C ALA B 296 -14.76 -31.18 -51.71
N ALA B 297 -13.61 -31.36 -52.35
CA ALA B 297 -13.50 -31.41 -53.81
C ALA B 297 -14.32 -32.55 -54.39
N TYR B 298 -14.45 -33.63 -53.62
CA TYR B 298 -15.21 -34.80 -54.03
C TYR B 298 -16.71 -34.52 -53.91
N ILE B 299 -17.12 -34.01 -52.76
CA ILE B 299 -18.51 -33.68 -52.51
C ILE B 299 -18.97 -32.57 -53.45
N ALA B 300 -18.07 -31.72 -53.91
CA ALA B 300 -18.46 -30.58 -54.75
C ALA B 300 -19.11 -31.10 -56.02
N ARG B 301 -18.51 -32.16 -56.56
CA ARG B 301 -19.01 -32.82 -57.76
C ARG B 301 -20.41 -33.32 -57.55
N ILE B 302 -20.66 -33.92 -56.39
CA ILE B 302 -22.00 -34.43 -56.12
C ILE B 302 -23.00 -33.27 -55.96
N LEU B 303 -22.58 -32.16 -55.32
CA LEU B 303 -23.50 -31.03 -55.15
C LEU B 303 -23.89 -30.47 -56.52
N SER B 304 -22.96 -30.48 -57.45
CA SER B 304 -23.18 -29.95 -58.79
C SER B 304 -24.25 -30.66 -59.58
N GLU B 305 -24.30 -31.97 -59.44
CA GLU B 305 -25.13 -32.81 -60.29
C GLU B 305 -26.23 -33.61 -59.56
N GLY B 306 -26.05 -33.89 -58.27
CA GLY B 306 -26.92 -34.79 -57.54
C GLY B 306 -28.41 -34.58 -57.75
N GLY B 307 -28.81 -33.31 -57.81
CA GLY B 307 -30.20 -32.89 -57.89
C GLY B 307 -30.90 -33.18 -59.21
N ASP B 308 -30.13 -33.56 -60.23
CA ASP B 308 -30.69 -34.01 -61.50
C ASP B 308 -31.51 -35.31 -61.41
N TYR B 309 -31.16 -36.15 -60.44
CA TYR B 309 -31.75 -37.50 -60.30
C TYR B 309 -32.65 -37.66 -59.08
N VAL B 310 -32.39 -36.88 -58.04
CA VAL B 310 -33.03 -37.04 -56.75
C VAL B 310 -33.65 -35.71 -56.30
N ASP B 311 -34.67 -35.81 -55.46
CA ASP B 311 -35.33 -34.63 -54.88
C ASP B 311 -34.53 -34.06 -53.70
N SER B 312 -33.85 -34.92 -52.95
CA SER B 312 -32.86 -34.48 -51.99
C SER B 312 -31.76 -35.51 -51.78
N PHE B 313 -30.62 -35.01 -51.34
CA PHE B 313 -29.54 -35.83 -50.86
C PHE B 313 -28.92 -35.15 -49.65
N SER B 314 -28.84 -35.90 -48.54
CA SER B 314 -28.62 -35.32 -47.21
C SER B 314 -27.22 -35.70 -46.72
N TYR B 315 -26.37 -34.68 -46.55
CA TYR B 315 -24.98 -34.92 -46.17
C TYR B 315 -24.95 -35.41 -44.73
N TRP B 316 -24.40 -36.60 -44.52
CA TRP B 316 -24.31 -37.20 -43.22
C TRP B 316 -22.89 -36.86 -42.82
N THR B 317 -22.65 -35.88 -41.93
CA THR B 317 -23.63 -35.07 -41.19
C THR B 317 -23.25 -33.56 -41.16
N PHE B 318 -24.11 -32.73 -40.56
CA PHE B 318 -23.77 -31.34 -40.30
C PHE B 318 -22.67 -31.16 -39.21
N SER B 319 -22.54 -32.11 -38.28
CA SER B 319 -21.67 -31.91 -37.12
C SER B 319 -20.96 -33.16 -36.60
N ASP B 320 -19.76 -32.96 -36.04
CA ASP B 320 -19.01 -34.04 -35.38
C ASP B 320 -19.59 -34.41 -34.02
N VAL B 321 -20.55 -33.63 -33.53
CA VAL B 321 -21.29 -34.03 -32.35
C VAL B 321 -21.98 -35.35 -32.73
N PHE B 322 -21.46 -36.45 -32.19
CA PHE B 322 -21.70 -37.80 -32.72
C PHE B 322 -21.10 -38.81 -31.73
N GLU B 323 -21.78 -39.93 -31.54
CA GLU B 323 -21.34 -40.95 -30.58
C GLU B 323 -21.60 -42.40 -31.05
N GLU B 324 -21.88 -42.65 -32.34
CA GLU B 324 -22.08 -44.03 -32.83
C GLU B 324 -20.90 -44.94 -32.48
N MET B 325 -19.71 -44.38 -32.53
CA MET B 325 -18.51 -45.11 -32.13
C MET B 325 -17.79 -44.39 -30.98
N ASP B 326 -18.57 -44.05 -29.95
CA ASP B 326 -18.06 -43.46 -28.71
C ASP B 326 -17.67 -41.99 -28.93
N VAL B 327 -17.25 -41.32 -27.86
CA VAL B 327 -16.91 -39.90 -27.92
C VAL B 327 -15.63 -39.71 -28.72
N PRO B 328 -15.65 -38.76 -29.65
CA PRO B 328 -14.46 -38.41 -30.42
C PRO B 328 -13.19 -38.36 -29.57
N LYS B 329 -12.18 -39.12 -30.01
CA LYS B 329 -10.92 -39.31 -29.28
C LYS B 329 -9.87 -38.24 -29.60
N ALA B 330 -10.17 -37.39 -30.58
CA ALA B 330 -9.32 -36.23 -30.89
C ALA B 330 -10.12 -35.17 -31.64
N LEU B 331 -9.55 -33.99 -31.85
CA LEU B 331 -10.30 -32.91 -32.52
C LEU B 331 -10.73 -33.33 -33.91
N PHE B 332 -9.75 -33.68 -34.74
CA PHE B 332 -10.03 -34.19 -36.07
C PHE B 332 -9.84 -35.70 -36.04
N HIS B 333 -10.97 -36.38 -36.03
CA HIS B 333 -11.01 -37.79 -35.70
C HIS B 333 -11.72 -38.62 -36.76
N GLY B 334 -12.01 -38.01 -37.89
CA GLY B 334 -12.62 -38.70 -39.03
C GLY B 334 -14.13 -38.70 -39.02
N GLY B 335 -14.72 -37.80 -38.23
CA GLY B 335 -16.16 -37.72 -38.09
C GLY B 335 -16.77 -37.23 -39.38
N PHE B 336 -18.06 -37.47 -39.52
CA PHE B 336 -18.83 -37.16 -40.72
C PHE B 336 -19.04 -35.65 -40.96
N GLY B 337 -18.94 -34.86 -39.90
CA GLY B 337 -19.44 -33.49 -39.90
C GLY B 337 -18.85 -32.51 -40.88
N LEU B 338 -19.66 -31.57 -41.33
CA LEU B 338 -19.12 -30.40 -41.99
C LEU B 338 -18.43 -29.53 -40.93
N VAL B 339 -18.89 -29.61 -39.69
CA VAL B 339 -18.41 -28.72 -38.65
C VAL B 339 -17.78 -29.57 -37.57
N ALA B 340 -16.51 -29.27 -37.26
CA ALA B 340 -15.76 -29.96 -36.20
C ALA B 340 -16.08 -29.34 -34.86
N LEU B 341 -15.82 -30.07 -33.79
CA LEU B 341 -15.92 -29.51 -32.43
C LEU B 341 -15.24 -28.13 -32.33
N HIS B 342 -15.82 -27.30 -31.47
CA HIS B 342 -15.55 -25.85 -31.31
C HIS B 342 -15.99 -25.01 -32.49
N SER B 343 -16.98 -25.49 -33.24
CA SER B 343 -17.49 -24.78 -34.42
C SER B 343 -16.43 -24.45 -35.46
N ILE B 344 -15.47 -25.35 -35.64
CA ILE B 344 -14.44 -25.13 -36.64
C ILE B 344 -14.87 -25.75 -37.99
N PRO B 345 -15.02 -24.95 -39.04
CA PRO B 345 -15.48 -25.51 -40.32
C PRO B 345 -14.38 -26.38 -40.98
N LYS B 346 -14.76 -27.59 -41.42
CA LYS B 346 -13.89 -28.46 -42.23
C LYS B 346 -13.96 -27.99 -43.68
N PRO B 347 -13.04 -28.42 -44.54
CA PRO B 347 -13.08 -28.03 -45.96
C PRO B 347 -14.42 -28.27 -46.64
N THR B 348 -15.10 -29.36 -46.30
CA THR B 348 -16.38 -29.71 -46.93
C THR B 348 -17.48 -28.69 -46.68
N PHE B 349 -17.48 -28.09 -45.50
CA PHE B 349 -18.43 -27.03 -45.14
C PHE B 349 -18.33 -25.89 -46.13
N HIS B 350 -17.10 -25.58 -46.51
CA HIS B 350 -16.90 -24.44 -47.39
C HIS B 350 -17.46 -24.75 -48.77
N ALA B 351 -17.44 -26.01 -49.20
CA ALA B 351 -18.03 -26.38 -50.48
C ALA B 351 -19.53 -26.09 -50.50
N PHE B 352 -20.23 -26.29 -49.39
CA PHE B 352 -21.65 -26.01 -49.31
C PHE B 352 -21.90 -24.50 -49.35
N THR B 353 -21.26 -23.81 -48.43
CA THR B 353 -21.18 -22.34 -48.42
C THR B 353 -20.97 -21.73 -49.82
N PHE B 354 -20.11 -22.34 -50.61
CA PHE B 354 -19.75 -21.83 -51.92
C PHE B 354 -20.89 -22.09 -52.86
N PHE B 355 -21.52 -23.26 -52.75
CA PHE B 355 -22.71 -23.54 -53.54
C PHE B 355 -23.89 -22.64 -53.18
N ASN B 356 -23.90 -22.15 -51.95
CA ASN B 356 -24.98 -21.30 -51.44
C ASN B 356 -24.90 -19.88 -52.01
N ALA B 357 -23.78 -19.53 -52.64
CA ALA B 357 -23.62 -18.27 -53.39
C ALA B 357 -24.08 -18.35 -54.85
N LEU B 358 -24.34 -19.56 -55.36
CA LEU B 358 -24.80 -19.73 -56.73
C LEU B 358 -26.18 -19.15 -56.93
N GLY B 359 -26.44 -18.64 -58.14
CA GLY B 359 -27.77 -18.21 -58.56
C GLY B 359 -28.56 -19.34 -59.20
N ASP B 360 -29.85 -19.07 -59.44
CA ASP B 360 -30.78 -20.04 -60.03
C ASP B 360 -30.53 -20.33 -61.52
N GLU B 361 -29.92 -19.39 -62.24
CA GLU B 361 -29.77 -19.49 -63.70
C GLU B 361 -28.48 -20.22 -64.09
N LEU B 362 -28.61 -21.31 -64.82
CA LEU B 362 -27.45 -22.08 -65.23
C LEU B 362 -26.86 -21.62 -66.58
N LEU B 363 -25.62 -21.12 -66.54
CA LEU B 363 -24.88 -20.71 -67.75
C LEU B 363 -24.08 -21.85 -68.34
N TYR B 364 -23.34 -22.55 -67.49
CA TYR B 364 -22.54 -23.70 -67.92
C TYR B 364 -22.28 -24.67 -66.79
N ARG B 365 -22.13 -25.94 -67.15
CA ARG B 365 -21.77 -26.96 -66.18
C ARG B 365 -21.03 -28.10 -66.88
N ASP B 366 -19.86 -28.47 -66.37
CA ASP B 366 -19.20 -29.72 -66.73
C ASP B 366 -18.72 -30.42 -65.45
N GLY B 367 -17.94 -31.48 -65.60
CA GLY B 367 -17.55 -32.32 -64.48
C GLY B 367 -16.64 -31.69 -63.42
N GLU B 368 -16.19 -30.46 -63.65
CA GLU B 368 -15.32 -29.76 -62.71
C GLU B 368 -15.71 -28.30 -62.42
N MET B 369 -16.80 -27.83 -63.00
CA MET B 369 -17.29 -26.49 -62.69
C MET B 369 -18.78 -26.31 -62.92
N ILE B 370 -19.34 -25.30 -62.26
CA ILE B 370 -20.71 -24.87 -62.48
C ILE B 370 -20.67 -23.34 -62.51
N VAL B 371 -21.36 -22.75 -63.48
CA VAL B 371 -21.34 -21.28 -63.66
C VAL B 371 -22.79 -20.79 -63.67
N THR B 372 -23.13 -19.80 -62.85
CA THR B 372 -24.51 -19.32 -62.75
C THR B 372 -24.61 -17.81 -62.88
N ARG B 373 -25.83 -17.34 -63.17
CA ARG B 373 -26.21 -15.93 -63.11
C ARG B 373 -27.23 -15.71 -61.99
N ARG B 374 -27.00 -14.67 -61.18
CA ARG B 374 -27.93 -14.27 -60.13
C ARG B 374 -28.88 -13.16 -60.62
N LYS B 375 -29.91 -12.85 -59.82
CA LYS B 375 -30.91 -11.86 -60.25
C LYS B 375 -30.28 -10.52 -60.56
N ASP B 376 -29.29 -10.11 -59.75
CA ASP B 376 -28.68 -8.78 -59.95
C ASP B 376 -27.84 -8.64 -61.24
N GLY B 377 -27.56 -9.76 -61.92
CA GLY B 377 -26.76 -9.76 -63.14
C GLY B 377 -25.33 -10.25 -62.93
N SER B 378 -24.96 -10.52 -61.68
CA SER B 378 -23.60 -10.91 -61.35
C SER B 378 -23.40 -12.37 -61.66
N ILE B 379 -22.17 -12.78 -61.96
CA ILE B 379 -21.85 -14.20 -62.16
C ILE B 379 -21.34 -14.81 -60.86
N ALA B 380 -21.70 -16.07 -60.62
CA ALA B 380 -21.13 -16.86 -59.55
C ALA B 380 -20.81 -18.27 -60.06
N ALA B 381 -19.55 -18.67 -59.96
CA ALA B 381 -19.09 -20.01 -60.35
C ALA B 381 -18.40 -20.74 -59.22
N VAL B 382 -18.60 -22.04 -59.13
CA VAL B 382 -17.78 -22.90 -58.28
C VAL B 382 -17.01 -23.90 -59.14
N LEU B 383 -15.69 -23.94 -58.94
CA LEU B 383 -14.77 -24.83 -59.64
C LEU B 383 -14.05 -25.73 -58.64
N TRP B 384 -13.71 -26.94 -59.07
CA TRP B 384 -13.06 -27.92 -58.20
C TRP B 384 -12.08 -28.81 -58.97
N ASN B 385 -11.04 -29.24 -58.27
CA ASN B 385 -9.98 -30.04 -58.85
C ASN B 385 -9.79 -31.32 -58.05
N LEU B 386 -10.69 -32.28 -58.22
CA LEU B 386 -10.54 -33.58 -57.57
C LEU B 386 -9.35 -34.34 -58.14
N VAL B 387 -8.41 -34.73 -57.27
CA VAL B 387 -7.31 -35.60 -57.64
C VAL B 387 -7.17 -36.69 -56.57
N MET B 388 -7.67 -37.89 -56.90
CA MET B 388 -7.69 -39.02 -55.97
C MET B 388 -6.38 -39.79 -55.88
N GLU B 389 -5.42 -39.44 -56.71
CA GLU B 389 -4.13 -40.14 -56.74
C GLU B 389 -3.14 -39.38 -55.85
N LYS B 390 -2.18 -40.13 -55.29
CA LYS B 390 -1.11 -39.55 -54.48
C LYS B 390 -0.17 -38.75 -55.36
N GLY B 391 0.58 -37.84 -54.74
CA GLY B 391 1.54 -37.00 -55.44
C GLY B 391 1.28 -35.53 -55.19
N GLU B 392 2.31 -34.71 -55.41
CA GLU B 392 2.19 -33.27 -55.22
C GLU B 392 2.16 -32.57 -56.57
N GLY B 393 1.99 -31.25 -56.55
CA GLY B 393 1.67 -30.49 -57.76
C GLY B 393 0.26 -30.85 -58.24
N LEU B 394 0.16 -31.43 -59.44
CA LEU B 394 -1.10 -31.88 -60.03
C LEU B 394 -2.16 -30.75 -60.10
N THR B 395 -1.71 -29.61 -60.62
CA THR B 395 -2.55 -28.43 -60.85
C THR B 395 -3.44 -28.58 -62.09
N LYS B 396 -4.47 -27.74 -62.16
CA LYS B 396 -5.42 -27.73 -63.26
C LYS B 396 -5.66 -26.27 -63.65
N GLU B 397 -5.43 -25.95 -64.91
CA GLU B 397 -5.71 -24.62 -65.42
C GLU B 397 -7.10 -24.59 -66.07
N VAL B 398 -7.80 -23.49 -65.85
CA VAL B 398 -9.12 -23.27 -66.42
C VAL B 398 -9.18 -21.86 -67.01
N GLN B 399 -9.62 -21.79 -68.26
CA GLN B 399 -9.66 -20.55 -69.05
C GLN B 399 -11.14 -20.20 -69.30
N LEU B 400 -11.63 -19.18 -68.62
CA LEU B 400 -13.05 -18.84 -68.61
C LEU B 400 -13.28 -17.53 -69.37
N VAL B 401 -13.86 -17.62 -70.55
CA VAL B 401 -14.27 -16.44 -71.30
C VAL B 401 -15.71 -16.16 -70.92
N ILE B 402 -15.97 -14.94 -70.45
CA ILE B 402 -17.24 -14.62 -69.78
C ILE B 402 -17.90 -13.39 -70.39
N PRO B 403 -19.17 -13.53 -70.77
CA PRO B 403 -19.93 -12.43 -71.37
C PRO B 403 -20.51 -11.54 -70.28
N VAL B 404 -20.25 -10.24 -70.41
CA VAL B 404 -20.75 -9.25 -69.48
C VAL B 404 -20.66 -7.88 -70.16
N SER B 405 -21.75 -7.09 -70.08
CA SER B 405 -21.80 -5.77 -70.72
C SER B 405 -21.17 -4.67 -69.86
N GLU B 406 -21.22 -4.87 -68.54
CA GLU B 406 -20.83 -3.87 -67.55
C GLU B 406 -19.31 -3.58 -67.62
N SER B 407 -18.95 -2.47 -68.31
CA SER B 407 -17.56 -2.04 -68.61
C SER B 407 -16.37 -2.32 -67.63
N ALA B 408 -16.65 -2.47 -66.32
CA ALA B 408 -15.62 -2.92 -65.36
C ALA B 408 -16.18 -3.93 -64.38
N VAL B 409 -15.32 -4.79 -63.86
CA VAL B 409 -15.76 -5.93 -63.08
C VAL B 409 -14.89 -6.16 -61.85
N PHE B 410 -15.55 -6.39 -60.70
CA PHE B 410 -14.90 -6.73 -59.45
C PHE B 410 -15.05 -8.21 -59.19
N ILE B 411 -13.92 -8.89 -59.06
CA ILE B 411 -13.89 -10.35 -58.94
C ILE B 411 -13.42 -10.69 -57.54
N LYS B 412 -14.21 -11.52 -56.84
CA LYS B 412 -13.88 -11.94 -55.50
C LYS B 412 -13.82 -13.47 -55.51
N ARG B 413 -12.64 -14.01 -55.25
CA ARG B 413 -12.42 -15.44 -55.27
C ARG B 413 -12.15 -15.90 -53.85
N GLN B 414 -12.77 -17.00 -53.47
CA GLN B 414 -12.50 -17.64 -52.20
C GLN B 414 -12.01 -19.06 -52.45
N ILE B 415 -10.97 -19.46 -51.73
CA ILE B 415 -10.36 -20.75 -52.01
C ILE B 415 -10.16 -21.54 -50.73
N VAL B 416 -10.42 -22.84 -50.83
CA VAL B 416 -9.99 -23.79 -49.81
C VAL B 416 -9.33 -24.97 -50.51
N ASN B 417 -8.18 -25.38 -50.01
CA ASN B 417 -7.42 -26.45 -50.63
C ASN B 417 -6.52 -27.11 -49.60
N GLU B 418 -5.34 -27.59 -49.97
CA GLU B 418 -4.48 -28.24 -49.00
C GLU B 418 -3.77 -27.22 -48.13
N GLN B 419 -3.55 -26.02 -48.66
CA GLN B 419 -2.90 -24.94 -47.93
C GLN B 419 -3.89 -24.08 -47.14
N TYR B 420 -4.98 -23.65 -47.78
CA TYR B 420 -5.89 -22.68 -47.16
C TYR B 420 -7.27 -23.22 -46.80
N GLY B 421 -7.88 -22.64 -45.75
CA GLY B 421 -9.19 -23.05 -45.28
C GLY B 421 -9.22 -24.47 -44.76
N ASN B 422 -8.07 -24.91 -44.25
CA ASN B 422 -7.83 -26.29 -43.87
C ASN B 422 -7.21 -26.41 -42.49
N ALA B 423 -8.07 -26.61 -41.50
CA ALA B 423 -7.65 -26.66 -40.10
C ALA B 423 -6.96 -27.97 -39.81
N TRP B 424 -7.29 -28.99 -40.60
CA TRP B 424 -6.65 -30.30 -40.48
C TRP B 424 -5.13 -30.20 -40.73
N ARG B 425 -4.74 -29.49 -41.78
CA ARG B 425 -3.31 -29.31 -42.09
C ARG B 425 -2.54 -28.69 -40.92
N VAL B 426 -3.09 -27.60 -40.39
CA VAL B 426 -2.45 -26.86 -39.31
C VAL B 426 -2.48 -27.62 -37.99
N TRP B 427 -3.54 -28.38 -37.76
CA TRP B 427 -3.63 -29.25 -36.60
C TRP B 427 -2.51 -30.29 -36.56
N LYS B 428 -2.08 -30.77 -37.72
CA LYS B 428 -0.86 -31.61 -37.81
C LYS B 428 0.42 -30.84 -37.42
N GLN B 429 0.53 -29.61 -37.90
CA GLN B 429 1.64 -28.74 -37.53
C GLN B 429 1.75 -28.50 -36.01
N MET B 430 0.62 -28.53 -35.32
CA MET B 430 0.57 -28.28 -33.88
C MET B 430 0.99 -29.48 -33.07
N GLY B 431 1.00 -30.66 -33.70
CA GLY B 431 1.36 -31.90 -33.07
C GLY B 431 0.17 -32.80 -32.79
N ARG B 432 -0.92 -32.61 -33.54
CA ARG B 432 -2.15 -33.37 -33.38
C ARG B 432 -2.63 -33.44 -31.92
N PRO B 433 -2.82 -32.29 -31.29
CA PRO B 433 -3.35 -32.28 -29.93
C PRO B 433 -4.76 -32.91 -29.96
N ARG B 434 -4.99 -33.88 -29.10
CA ARG B 434 -6.29 -34.53 -29.08
C ARG B 434 -7.32 -33.55 -28.52
N PHE B 435 -6.90 -32.82 -27.47
CA PHE B 435 -7.76 -31.95 -26.69
C PHE B 435 -7.09 -30.57 -26.57
N PRO B 436 -7.05 -29.82 -27.66
CA PRO B 436 -6.28 -28.58 -27.68
C PRO B 436 -6.86 -27.49 -26.77
N SER B 437 -5.97 -26.56 -26.43
CA SER B 437 -6.28 -25.37 -25.65
C SER B 437 -7.22 -24.43 -26.38
N ARG B 438 -7.77 -23.49 -25.63
CA ARG B 438 -8.61 -22.45 -26.20
C ARG B 438 -7.87 -21.71 -27.34
N GLN B 439 -6.60 -21.43 -27.12
CA GLN B 439 -5.81 -20.60 -28.02
C GLN B 439 -5.43 -21.37 -29.29
N ALA B 440 -5.16 -22.67 -29.15
CA ALA B 440 -4.88 -23.47 -30.33
C ALA B 440 -6.15 -23.59 -31.19
N VAL B 441 -7.30 -23.64 -30.54
CA VAL B 441 -8.57 -23.73 -31.24
C VAL B 441 -8.91 -22.45 -32.00
N GLU B 442 -8.65 -21.29 -31.42
CA GLU B 442 -8.94 -20.00 -32.11
C GLU B 442 -8.05 -19.89 -33.33
N THR B 443 -6.82 -20.33 -33.19
CA THR B 443 -5.89 -20.31 -34.32
C THR B 443 -6.39 -21.24 -35.43
N LEU B 444 -6.93 -22.39 -35.04
CA LEU B 444 -7.52 -23.33 -36.01
C LEU B 444 -8.74 -22.74 -36.64
N ARG B 445 -9.54 -22.01 -35.88
CA ARG B 445 -10.68 -21.31 -36.46
C ARG B 445 -10.29 -20.21 -37.47
N GLN B 446 -9.18 -19.50 -37.26
CA GLN B 446 -8.76 -18.45 -38.20
C GLN B 446 -8.26 -19.07 -39.49
N VAL B 447 -7.51 -20.15 -39.33
CA VAL B 447 -6.90 -20.84 -40.46
C VAL B 447 -7.99 -21.52 -41.31
N ALA B 448 -9.10 -21.91 -40.66
CA ALA B 448 -10.20 -22.61 -41.35
C ALA B 448 -10.98 -21.70 -42.29
N GLN B 449 -10.85 -20.39 -42.15
CA GLN B 449 -11.44 -19.44 -43.12
C GLN B 449 -10.81 -19.55 -44.52
N PRO B 450 -11.62 -19.44 -45.56
CA PRO B 450 -11.12 -19.45 -46.94
C PRO B 450 -10.09 -18.37 -47.21
N HIS B 451 -9.18 -18.63 -48.14
CA HIS B 451 -8.26 -17.60 -48.58
C HIS B 451 -8.97 -16.76 -49.64
N VAL B 452 -9.04 -15.46 -49.39
CA VAL B 452 -9.68 -14.52 -50.29
C VAL B 452 -8.66 -13.74 -51.10
N MET B 453 -8.90 -13.65 -52.40
CA MET B 453 -8.18 -12.71 -53.25
C MET B 453 -9.19 -11.98 -54.14
N THR B 454 -8.96 -10.70 -54.36
CA THR B 454 -9.85 -9.84 -55.14
C THR B 454 -9.07 -9.11 -56.21
N GLU B 455 -9.73 -8.74 -57.30
CA GLU B 455 -9.13 -7.89 -58.32
C GLU B 455 -10.16 -7.08 -59.12
N GLN B 456 -9.73 -5.99 -59.73
CA GLN B 456 -10.58 -5.29 -60.69
C GLN B 456 -10.03 -5.57 -62.08
N ARG B 457 -10.94 -5.76 -63.03
CA ARG B 457 -10.56 -6.05 -64.40
C ARG B 457 -11.46 -5.29 -65.37
N ARG B 458 -10.83 -4.56 -66.27
CA ARG B 458 -11.57 -3.85 -67.29
C ARG B 458 -11.85 -4.84 -68.43
N ALA B 459 -13.08 -4.79 -68.94
CA ALA B 459 -13.49 -5.64 -70.05
C ALA B 459 -12.85 -5.18 -71.35
N THR B 460 -12.61 -6.13 -72.24
CA THR B 460 -12.33 -5.86 -73.64
C THR B 460 -13.41 -6.57 -74.49
N ASP B 461 -14.01 -5.81 -75.42
CA ASP B 461 -15.05 -6.29 -76.34
C ASP B 461 -16.22 -7.06 -75.67
N GLY B 462 -16.73 -6.53 -74.56
CA GLY B 462 -17.87 -7.11 -73.85
C GLY B 462 -17.60 -8.49 -73.29
N VAL B 463 -16.33 -8.77 -73.00
CA VAL B 463 -15.90 -10.10 -72.54
C VAL B 463 -14.62 -10.02 -71.67
N ILE B 464 -14.59 -10.84 -70.63
CA ILE B 464 -13.45 -10.89 -69.72
C ILE B 464 -12.80 -12.25 -69.84
N HIS B 465 -11.48 -12.31 -69.74
CA HIS B 465 -10.84 -13.62 -69.61
C HIS B 465 -10.22 -13.82 -68.24
N LEU B 466 -10.61 -14.94 -67.62
CA LEU B 466 -10.10 -15.37 -66.33
C LEU B 466 -9.20 -16.58 -66.54
N SER B 467 -7.95 -16.47 -66.11
CA SER B 467 -7.06 -17.62 -66.01
C SER B 467 -7.11 -18.01 -64.56
N ILE B 468 -7.48 -19.25 -64.31
CA ILE B 468 -7.69 -19.75 -62.96
C ILE B 468 -6.80 -20.96 -62.75
N VAL B 469 -5.87 -20.84 -61.82
CA VAL B 469 -5.07 -21.99 -61.41
C VAL B 469 -5.65 -22.55 -60.10
N LEU B 470 -6.11 -23.79 -60.16
CA LEU B 470 -6.58 -24.54 -58.99
C LEU B 470 -5.53 -25.59 -58.63
N SER B 471 -5.10 -25.64 -57.38
CA SER B 471 -4.14 -26.64 -56.93
C SER B 471 -4.86 -27.95 -56.56
N LYS B 472 -4.13 -28.90 -56.01
CA LYS B 472 -4.68 -30.22 -55.73
C LYS B 472 -5.82 -30.18 -54.72
N ASN B 473 -6.96 -30.75 -55.08
CA ASN B 473 -8.17 -30.79 -54.25
C ASN B 473 -8.69 -29.41 -53.80
N GLU B 474 -8.49 -28.40 -54.64
CA GLU B 474 -9.07 -27.09 -54.44
C GLU B 474 -10.58 -27.08 -54.74
N VAL B 475 -11.33 -26.34 -53.92
CA VAL B 475 -12.69 -25.88 -54.25
C VAL B 475 -12.70 -24.37 -54.09
N THR B 476 -13.19 -23.67 -55.11
CA THR B 476 -13.16 -22.22 -55.12
C THR B 476 -14.47 -21.62 -55.67
N LEU B 477 -14.94 -20.58 -54.98
CA LEU B 477 -16.04 -19.73 -55.42
C LEU B 477 -15.42 -18.50 -56.08
N ILE B 478 -15.94 -18.13 -57.26
CA ILE B 478 -15.58 -16.88 -57.94
C ILE B 478 -16.86 -16.13 -58.22
N GLU B 479 -16.96 -14.92 -57.67
CA GLU B 479 -18.08 -14.02 -57.91
C GLU B 479 -17.58 -12.86 -58.77
N ILE B 480 -18.31 -12.52 -59.82
CA ILE B 480 -17.96 -11.45 -60.74
C ILE B 480 -19.08 -10.41 -60.74
N GLU B 481 -18.81 -9.22 -60.19
CA GLU B 481 -19.80 -8.15 -60.09
C GLU B 481 -19.45 -6.94 -60.91
N GLN B 482 -20.48 -6.21 -61.33
CA GLN B 482 -20.34 -4.94 -62.04
C GLN B 482 -19.66 -3.94 -61.12
N VAL B 483 -18.72 -3.19 -61.66
CA VAL B 483 -18.17 -2.02 -60.99
C VAL B 483 -18.92 -0.80 -61.51
N ARG B 484 -19.64 -0.16 -60.61
CA ARG B 484 -20.15 1.20 -60.81
C ARG B 484 -19.12 2.11 -60.14
N ASP B 485 -18.13 2.53 -60.93
CA ASP B 485 -17.00 3.33 -60.44
C ASP B 485 -17.50 4.70 -60.00
N GLU B 486 -17.25 5.06 -58.74
CA GLU B 486 -17.65 6.35 -58.21
C GLU B 486 -16.46 7.32 -58.12
N THR B 487 -15.30 6.88 -58.61
CA THR B 487 -14.07 7.66 -58.54
C THR B 487 -14.19 9.13 -58.99
N SER B 488 -14.89 9.38 -60.09
CA SER B 488 -14.99 10.74 -60.64
C SER B 488 -15.76 11.72 -59.75
N THR B 489 -16.58 11.22 -58.84
CA THR B 489 -17.22 12.08 -57.84
C THR B 489 -16.22 12.65 -56.84
N TYR B 490 -15.10 11.96 -56.63
CA TYR B 490 -14.07 12.42 -55.69
C TYR B 490 -13.13 13.37 -56.43
N VAL B 491 -13.58 14.61 -56.64
CA VAL B 491 -12.86 15.53 -57.53
C VAL B 491 -11.58 16.03 -56.85
N GLY B 492 -10.45 15.85 -57.54
CA GLY B 492 -9.14 16.22 -57.01
C GLY B 492 -8.40 15.01 -56.45
N LEU B 493 -9.05 13.87 -56.36
CA LEU B 493 -8.46 12.73 -55.66
C LEU B 493 -7.17 12.29 -56.37
N ASP B 494 -6.10 12.16 -55.60
CA ASP B 494 -4.79 11.74 -56.10
C ASP B 494 -4.14 10.95 -54.98
N ASP B 495 -4.07 9.64 -55.14
CA ASP B 495 -3.38 8.77 -54.18
C ASP B 495 -1.88 9.11 -54.08
N GLY B 496 -1.32 9.59 -55.20
CA GLY B 496 0.06 10.05 -55.28
C GLY B 496 0.41 11.18 -54.34
N GLU B 497 -0.63 11.82 -53.78
CA GLU B 497 -0.50 12.80 -52.70
C GLU B 497 -0.51 12.20 -51.29
N ILE B 498 -0.49 10.87 -51.21
CA ILE B 498 -0.35 10.13 -49.97
C ILE B 498 1.08 9.54 -49.92
N THR B 499 1.78 9.77 -48.81
CA THR B 499 3.13 9.27 -48.61
C THR B 499 3.31 7.83 -49.07
N SER B 500 4.18 7.65 -50.05
CA SER B 500 4.63 6.33 -50.51
C SER B 500 3.81 5.80 -51.67
N TYR B 501 2.65 6.39 -51.91
CA TYR B 501 1.73 5.88 -52.92
C TYR B 501 1.86 6.65 -54.23
N SER B 502 1.44 5.99 -55.31
CA SER B 502 1.17 6.66 -56.59
C SER B 502 -0.12 6.11 -57.16
N GLY C 2 -44.02 -10.74 19.07
CA GLY C 2 -43.97 -9.47 19.83
C GLY C 2 -43.32 -8.37 19.02
N VAL C 3 -42.67 -7.43 19.70
CA VAL C 3 -41.94 -6.34 19.03
C VAL C 3 -40.43 -6.61 19.07
N VAL C 4 -39.75 -6.27 17.98
CA VAL C 4 -38.31 -6.48 17.84
C VAL C 4 -37.61 -5.13 17.69
N ASN C 5 -36.78 -4.79 18.66
CA ASN C 5 -35.91 -3.62 18.59
C ASN C 5 -34.61 -4.00 17.91
N VAL C 6 -34.47 -3.61 16.64
CA VAL C 6 -33.21 -3.82 15.91
C VAL C 6 -32.10 -2.88 16.43
N PRO C 7 -31.00 -3.44 16.95
CA PRO C 7 -29.83 -2.61 17.33
C PRO C 7 -29.21 -1.91 16.14
N SER C 8 -28.70 -0.70 16.34
CA SER C 8 -28.11 0.10 15.26
C SER C 8 -26.74 -0.43 14.81
N ASN C 9 -26.03 -1.08 15.73
CA ASN C 9 -24.73 -1.67 15.44
C ASN C 9 -24.70 -3.15 15.84
N GLY C 10 -24.00 -3.96 15.04
CA GLY C 10 -23.84 -5.37 15.31
C GLY C 10 -22.37 -5.77 15.43
N ARG C 11 -22.07 -6.60 16.42
CA ARG C 11 -20.73 -7.18 16.56
C ARG C 11 -20.44 -8.19 15.45
N GLU C 12 -21.41 -9.07 15.19
CA GLU C 12 -21.17 -10.25 14.35
C GLU C 12 -21.34 -10.01 12.85
N LYS C 13 -20.68 -10.88 12.09
CA LYS C 13 -20.72 -10.91 10.64
C LYS C 13 -21.61 -12.08 10.18
N PHE C 14 -22.51 -11.84 9.23
CA PHE C 14 -23.18 -12.93 8.54
C PHE C 14 -22.26 -13.40 7.40
N LYS C 15 -21.86 -14.67 7.45
CA LYS C 15 -20.82 -15.18 6.55
C LYS C 15 -21.38 -15.51 5.16
N LYS C 16 -20.50 -15.62 4.18
CA LYS C 16 -20.88 -15.96 2.79
C LYS C 16 -20.86 -17.47 2.53
N ASN C 17 -20.78 -18.23 3.62
CA ASN C 17 -20.79 -19.70 3.62
C ASN C 17 -21.96 -20.32 2.87
N TRP C 18 -23.11 -19.69 3.00
CA TRP C 18 -24.35 -20.16 2.40
C TRP C 18 -24.38 -20.24 0.88
N LYS C 19 -23.50 -19.48 0.19
CA LYS C 19 -23.41 -19.57 -1.24
C LYS C 19 -22.02 -19.98 -1.78
N PHE C 20 -21.20 -20.59 -0.93
CA PHE C 20 -19.94 -21.21 -1.33
C PHE C 20 -20.10 -22.28 -2.42
N CYS C 21 -21.17 -23.08 -2.31
CA CYS C 21 -21.35 -24.25 -3.15
C CYS C 21 -22.81 -24.61 -3.36
N VAL C 22 -23.09 -25.11 -4.56
CA VAL C 22 -24.41 -25.57 -4.94
C VAL C 22 -24.30 -26.90 -5.66
N GLY C 23 -25.32 -27.72 -5.57
CA GLY C 23 -25.31 -29.05 -6.14
C GLY C 23 -25.76 -29.09 -7.59
N THR C 24 -25.47 -30.20 -8.27
CA THR C 24 -25.90 -30.40 -9.65
C THR C 24 -26.25 -31.84 -9.94
N GLY C 25 -27.06 -32.01 -10.98
CA GLY C 25 -27.24 -33.32 -11.59
C GLY C 25 -25.89 -33.71 -12.15
N ARG C 26 -25.78 -34.92 -12.70
CA ARG C 26 -24.45 -35.48 -13.02
C ARG C 26 -23.79 -34.65 -14.08
N LEU C 27 -22.45 -34.65 -14.08
CA LEU C 27 -21.65 -33.72 -14.90
C LEU C 27 -21.93 -33.83 -16.39
N GLY C 28 -22.21 -35.05 -16.86
CA GLY C 28 -22.51 -35.24 -18.30
C GLY C 28 -23.69 -34.41 -18.75
N LEU C 29 -24.59 -34.09 -17.84
CA LEU C 29 -25.71 -33.22 -18.17
C LEU C 29 -25.30 -31.78 -18.39
N ALA C 30 -24.15 -31.38 -17.88
CA ALA C 30 -23.64 -30.01 -18.11
C ALA C 30 -23.45 -29.69 -19.60
N LEU C 31 -23.36 -30.72 -20.41
CA LEU C 31 -23.40 -30.55 -21.85
C LEU C 31 -24.75 -30.05 -22.38
N GLN C 32 -25.83 -30.13 -21.62
CA GLN C 32 -27.12 -29.66 -22.16
C GLN C 32 -27.20 -28.13 -22.23
N LYS C 33 -27.87 -27.62 -23.26
CA LYS C 33 -28.10 -26.19 -23.34
C LYS C 33 -28.92 -25.76 -22.17
N GLU C 34 -29.99 -26.51 -21.91
CA GLU C 34 -30.88 -26.26 -20.80
C GLU C 34 -30.09 -26.12 -19.50
N TYR C 35 -29.18 -27.03 -19.23
CA TYR C 35 -28.35 -26.94 -18.03
C TYR C 35 -27.64 -25.57 -17.95
N LEU C 36 -26.99 -25.17 -19.04
CA LEU C 36 -26.20 -23.93 -19.09
C LEU C 36 -27.05 -22.67 -19.04
N ASP C 37 -28.28 -22.72 -19.58
CA ASP C 37 -29.20 -21.58 -19.41
C ASP C 37 -29.49 -21.41 -17.91
N HIS C 38 -29.68 -22.53 -17.23
CA HIS C 38 -29.94 -22.56 -15.80
C HIS C 38 -28.79 -22.10 -14.94
N LEU C 39 -27.60 -22.51 -15.29
CA LEU C 39 -26.41 -22.08 -14.55
C LEU C 39 -26.24 -20.53 -14.70
N LYS C 40 -26.42 -20.01 -15.90
CA LYS C 40 -26.23 -18.57 -16.16
C LYS C 40 -27.19 -17.77 -15.28
N LEU C 41 -28.47 -18.18 -15.26
CA LEU C 41 -29.46 -17.51 -14.43
C LEU C 41 -29.07 -17.52 -12.95
N VAL C 42 -28.63 -18.69 -12.50
CA VAL C 42 -28.22 -18.89 -11.12
C VAL C 42 -26.96 -18.08 -10.77
N GLN C 43 -26.01 -17.96 -11.70
CA GLN C 43 -24.76 -17.23 -11.45
C GLN C 43 -24.91 -15.70 -11.48
N GLU C 44 -25.91 -15.22 -12.23
CA GLU C 44 -26.24 -13.80 -12.30
C GLU C 44 -27.01 -13.32 -11.05
N LYS C 45 -27.89 -14.14 -10.52
CA LYS C 45 -28.76 -13.71 -9.41
C LYS C 45 -28.26 -14.14 -8.05
N ILE C 46 -27.46 -15.20 -8.00
CA ILE C 46 -26.91 -15.73 -6.77
C ILE C 46 -25.42 -15.91 -6.99
N GLY C 47 -24.59 -15.46 -6.08
CA GLY C 47 -23.17 -15.60 -6.41
C GLY C 47 -22.41 -16.93 -6.24
N PHE C 48 -22.89 -18.12 -6.67
CA PHE C 48 -22.25 -19.39 -6.17
C PHE C 48 -20.80 -19.53 -6.60
N ARG C 49 -19.95 -19.92 -5.67
CA ARG C 49 -18.51 -20.14 -5.91
C ARG C 49 -18.12 -21.53 -6.48
N TYR C 50 -18.74 -22.59 -5.97
CA TYR C 50 -18.39 -23.97 -6.34
C TYR C 50 -19.65 -24.78 -6.77
N ILE C 51 -19.43 -25.86 -7.51
CA ILE C 51 -20.54 -26.69 -8.00
C ILE C 51 -20.20 -28.19 -7.86
N ARG C 52 -21.06 -28.93 -7.17
CA ARG C 52 -20.73 -30.28 -6.72
C ARG C 52 -21.72 -31.29 -7.27
N GLY C 53 -21.23 -32.32 -7.94
CA GLY C 53 -22.10 -33.37 -8.46
C GLY C 53 -21.41 -34.66 -8.85
N HIS C 54 -22.22 -35.67 -9.16
CA HIS C 54 -21.73 -37.02 -9.50
C HIS C 54 -21.40 -37.17 -10.94
N GLY C 55 -20.76 -38.29 -11.26
CA GLY C 55 -20.66 -38.76 -12.61
C GLY C 55 -19.40 -38.37 -13.36
N LEU C 56 -18.49 -37.65 -12.70
CA LEU C 56 -17.27 -37.18 -13.35
C LEU C 56 -16.59 -38.29 -14.12
N LEU C 57 -16.36 -39.41 -13.43
CA LEU C 57 -15.64 -40.57 -13.98
C LEU C 57 -16.57 -41.61 -14.65
N SER C 58 -17.87 -41.33 -14.65
CA SER C 58 -18.84 -42.23 -15.26
C SER C 58 -18.82 -42.13 -16.78
N ASP C 59 -19.43 -43.09 -17.45
CA ASP C 59 -19.08 -43.38 -18.84
C ASP C 59 -19.73 -42.49 -19.89
N ASP C 60 -20.80 -41.78 -19.56
CA ASP C 60 -21.29 -40.72 -20.46
C ASP C 60 -20.25 -39.61 -20.68
N VAL C 61 -19.63 -39.14 -19.61
CA VAL C 61 -18.58 -38.14 -19.72
C VAL C 61 -17.39 -38.78 -20.44
N GLY C 62 -17.17 -40.06 -20.16
CA GLY C 62 -16.41 -40.94 -21.04
C GLY C 62 -14.91 -40.88 -20.96
N ILE C 63 -14.38 -40.50 -19.80
CA ILE C 63 -12.93 -40.37 -19.64
C ILE C 63 -12.21 -41.71 -19.74
N TYR C 64 -12.62 -42.70 -18.94
CA TYR C 64 -11.85 -43.94 -18.90
C TYR C 64 -12.28 -44.97 -19.93
N ARG C 65 -11.34 -45.27 -20.81
CA ARG C 65 -11.48 -46.31 -21.80
C ARG C 65 -10.25 -47.22 -21.81
N GLU C 66 -10.45 -48.45 -22.29
CA GLU C 66 -9.38 -49.37 -22.59
C GLU C 66 -9.29 -49.55 -24.08
N VAL C 67 -8.08 -49.78 -24.55
CA VAL C 67 -7.77 -49.65 -25.95
C VAL C 67 -6.64 -50.61 -26.31
N GLU C 68 -6.82 -51.38 -27.38
CA GLU C 68 -5.85 -52.44 -27.70
C GLU C 68 -4.71 -51.93 -28.59
N ILE C 69 -3.51 -51.92 -28.03
CA ILE C 69 -2.32 -51.35 -28.65
C ILE C 69 -1.13 -52.32 -28.48
N ASP C 70 -0.55 -52.79 -29.58
CA ASP C 70 0.56 -53.75 -29.51
C ASP C 70 0.10 -55.01 -28.74
N GLY C 71 -1.12 -55.49 -29.02
CA GLY C 71 -1.66 -56.68 -28.38
C GLY C 71 -1.75 -56.63 -26.86
N GLU C 72 -2.10 -55.46 -26.31
CA GLU C 72 -2.52 -55.36 -24.91
C GLU C 72 -3.56 -54.26 -24.65
N MET C 73 -4.34 -54.47 -23.57
CA MET C 73 -5.36 -53.53 -23.15
C MET C 73 -4.72 -52.42 -22.34
N LYS C 74 -4.75 -51.21 -22.90
CA LYS C 74 -4.10 -50.03 -22.32
C LYS C 74 -5.11 -48.91 -22.05
N PRO C 75 -4.79 -48.00 -21.13
CA PRO C 75 -5.72 -46.91 -20.82
C PRO C 75 -5.68 -45.82 -21.87
N PHE C 76 -6.84 -45.30 -22.20
CA PHE C 76 -6.99 -44.09 -23.00
C PHE C 76 -7.90 -43.16 -22.21
N TYR C 77 -7.48 -41.91 -22.03
CA TYR C 77 -8.26 -40.95 -21.26
C TYR C 77 -8.83 -39.90 -22.20
N ASN C 78 -10.14 -39.89 -22.33
CA ASN C 78 -10.82 -39.02 -23.27
C ASN C 78 -11.34 -37.78 -22.55
N PHE C 79 -10.68 -36.65 -22.78
CA PHE C 79 -11.00 -35.41 -22.04
C PHE C 79 -11.91 -34.49 -22.82
N THR C 80 -12.50 -34.99 -23.90
CA THR C 80 -13.31 -34.17 -24.80
C THR C 80 -14.47 -33.51 -24.10
N TYR C 81 -15.20 -34.30 -23.34
CA TYR C 81 -16.38 -33.77 -22.65
C TYR C 81 -16.06 -32.95 -21.36
N ILE C 82 -15.20 -33.39 -20.42
CA ILE C 82 -14.95 -32.51 -19.23
C ILE C 82 -14.20 -31.24 -19.58
N ASP C 83 -13.45 -31.23 -20.67
CA ASP C 83 -12.84 -30.01 -21.12
C ASP C 83 -13.94 -29.02 -21.40
N ARG C 84 -14.96 -29.43 -22.13
CA ARG C 84 -16.06 -28.54 -22.48
C ARG C 84 -16.88 -28.18 -21.26
N ILE C 85 -17.11 -29.13 -20.37
CA ILE C 85 -17.88 -28.93 -19.15
C ILE C 85 -17.19 -27.93 -18.19
N VAL C 86 -15.94 -28.22 -17.85
CA VAL C 86 -15.19 -27.38 -16.93
C VAL C 86 -14.91 -26.01 -17.58
N ASP C 87 -14.64 -25.96 -18.88
CA ASP C 87 -14.60 -24.69 -19.60
C ASP C 87 -15.87 -23.84 -19.35
N SER C 88 -17.04 -24.46 -19.48
CA SER C 88 -18.31 -23.73 -19.34
C SER C 88 -18.59 -23.32 -17.85
N TYR C 89 -18.13 -24.11 -16.90
CA TYR C 89 -18.15 -23.70 -15.50
C TYR C 89 -17.30 -22.43 -15.31
N LEU C 90 -16.01 -22.49 -15.64
CA LEU C 90 -15.13 -21.33 -15.46
C LEU C 90 -15.63 -20.06 -16.21
N ALA C 91 -16.32 -20.22 -17.32
CA ALA C 91 -16.79 -19.05 -18.08
C ALA C 91 -17.95 -18.40 -17.33
N LEU C 92 -18.67 -19.18 -16.53
CA LEU C 92 -19.74 -18.66 -15.70
C LEU C 92 -19.33 -18.43 -14.21
N ASN C 93 -18.02 -18.23 -13.98
CA ASN C 93 -17.46 -17.93 -12.65
C ASN C 93 -17.80 -18.93 -11.57
N ILE C 94 -17.82 -20.21 -11.93
CA ILE C 94 -18.01 -21.28 -10.95
C ILE C 94 -16.93 -22.35 -11.16
N ARG C 95 -16.49 -22.98 -10.08
CA ARG C 95 -15.46 -24.02 -10.19
C ARG C 95 -15.99 -25.32 -9.58
N PRO C 96 -15.41 -26.42 -10.01
CA PRO C 96 -15.85 -27.72 -9.54
C PRO C 96 -15.47 -28.01 -8.09
N PHE C 97 -16.45 -28.45 -7.31
CA PHE C 97 -16.21 -29.25 -6.13
C PHE C 97 -16.25 -30.69 -6.68
N ILE C 98 -15.11 -31.13 -7.19
CA ILE C 98 -14.93 -32.45 -7.78
C ILE C 98 -15.36 -33.58 -6.86
N GLU C 99 -16.05 -34.55 -7.43
CA GLU C 99 -16.42 -35.77 -6.70
C GLU C 99 -15.95 -36.94 -7.55
N PHE C 100 -14.95 -37.68 -7.06
CA PHE C 100 -14.38 -38.78 -7.81
C PHE C 100 -15.30 -39.99 -7.78
N GLY C 101 -16.08 -40.16 -8.85
CA GLY C 101 -16.99 -41.27 -9.00
C GLY C 101 -17.82 -41.11 -10.28
N PHE C 102 -18.63 -42.11 -10.65
CA PHE C 102 -18.67 -43.41 -9.97
C PHE C 102 -17.62 -44.26 -10.67
N MET C 103 -17.75 -45.57 -10.64
CA MET C 103 -16.72 -46.43 -11.21
C MET C 103 -16.92 -46.61 -12.72
N PRO C 104 -15.90 -46.30 -13.54
CA PRO C 104 -15.97 -46.63 -14.97
C PRO C 104 -16.19 -48.13 -15.20
N LYS C 105 -17.02 -48.47 -16.18
CA LYS C 105 -17.47 -49.85 -16.45
C LYS C 105 -16.30 -50.78 -16.69
N ALA C 106 -15.34 -50.35 -17.52
CA ALA C 106 -14.15 -51.12 -17.85
C ALA C 106 -13.16 -51.30 -16.70
N LEU C 107 -13.40 -50.62 -15.58
CA LEU C 107 -12.57 -50.74 -14.41
C LEU C 107 -13.34 -51.33 -13.21
N ALA C 108 -14.63 -51.57 -13.39
CA ALA C 108 -15.45 -52.13 -12.33
C ALA C 108 -15.16 -53.62 -12.10
N SER C 109 -15.30 -54.03 -10.85
CA SER C 109 -15.09 -55.42 -10.41
C SER C 109 -16.39 -56.19 -10.40
N GLY C 110 -17.51 -55.48 -10.45
CA GLY C 110 -18.83 -56.07 -10.49
C GLY C 110 -19.87 -55.23 -11.23
N ASP C 111 -21.12 -55.66 -11.10
CA ASP C 111 -22.19 -55.27 -12.02
C ASP C 111 -23.27 -54.38 -11.42
N GLN C 112 -23.24 -54.24 -10.10
CA GLN C 112 -24.20 -53.41 -9.41
C GLN C 112 -24.09 -51.94 -9.86
N THR C 113 -25.24 -51.35 -10.20
CA THR C 113 -25.31 -49.96 -10.57
C THR C 113 -26.30 -49.21 -9.74
N VAL C 114 -26.33 -47.91 -9.96
CA VAL C 114 -27.27 -47.05 -9.28
C VAL C 114 -27.88 -46.07 -10.31
N PHE C 115 -29.14 -45.69 -10.07
CA PHE C 115 -29.85 -44.72 -10.89
C PHE C 115 -30.27 -45.24 -12.28
N TYR C 116 -31.21 -44.52 -12.86
CA TYR C 116 -31.61 -44.68 -14.25
C TYR C 116 -30.40 -44.67 -15.18
N TRP C 117 -29.40 -43.82 -14.94
CA TRP C 117 -28.19 -43.78 -15.82
C TRP C 117 -27.06 -44.75 -15.47
N LYS C 118 -27.33 -45.66 -14.55
CA LYS C 118 -26.47 -46.81 -14.31
C LYS C 118 -24.98 -46.55 -13.99
N GLY C 119 -24.69 -45.63 -13.09
CA GLY C 119 -23.32 -45.52 -12.61
C GLY C 119 -22.91 -46.76 -11.85
N ASN C 120 -21.75 -47.32 -12.16
CA ASN C 120 -21.31 -48.52 -11.51
C ASN C 120 -20.82 -48.20 -10.08
N VAL C 121 -21.25 -49.00 -9.08
CA VAL C 121 -20.94 -48.73 -7.68
C VAL C 121 -20.07 -49.81 -7.05
N THR C 122 -19.25 -50.50 -7.84
CA THR C 122 -18.37 -51.51 -7.30
C THR C 122 -16.96 -50.96 -7.24
N PRO C 123 -16.15 -51.51 -6.35
CA PRO C 123 -14.71 -51.19 -6.29
C PRO C 123 -14.01 -51.39 -7.60
N PRO C 124 -12.87 -50.74 -7.80
CA PRO C 124 -12.08 -50.95 -9.01
C PRO C 124 -11.44 -52.34 -8.97
N LYS C 125 -11.41 -53.02 -10.10
CA LYS C 125 -10.85 -54.36 -10.18
C LYS C 125 -9.33 -54.30 -10.01
N ASP C 126 -8.75 -53.13 -10.29
CA ASP C 126 -7.33 -52.86 -10.05
C ASP C 126 -7.09 -51.44 -9.44
N TYR C 127 -6.68 -51.40 -8.16
CA TYR C 127 -6.55 -50.14 -7.44
C TYR C 127 -5.43 -49.25 -8.01
N ASN C 128 -4.40 -49.87 -8.56
CA ASN C 128 -3.31 -49.16 -9.23
C ASN C 128 -3.75 -48.47 -10.51
N LYS C 129 -4.76 -49.03 -11.18
CA LYS C 129 -5.35 -48.43 -12.37
C LYS C 129 -6.26 -47.27 -12.02
N TRP C 130 -7.02 -47.45 -10.94
CA TRP C 130 -7.81 -46.37 -10.39
C TRP C 130 -6.90 -45.18 -10.07
N ARG C 131 -5.79 -45.47 -9.39
CA ARG C 131 -4.82 -44.45 -9.00
C ARG C 131 -4.31 -43.72 -10.24
N ASP C 132 -3.92 -44.48 -11.27
CA ASP C 132 -3.43 -43.90 -12.51
C ASP C 132 -4.49 -43.08 -13.22
N LEU C 133 -5.76 -43.48 -13.04
CA LEU C 133 -6.89 -42.74 -13.54
C LEU C 133 -6.99 -41.39 -12.83
N ILE C 134 -6.97 -41.41 -11.49
CA ILE C 134 -7.01 -40.19 -10.69
C ILE C 134 -5.85 -39.27 -11.11
N VAL C 135 -4.67 -39.84 -11.28
CA VAL C 135 -3.48 -39.06 -11.58
C VAL C 135 -3.60 -38.41 -12.95
N ALA C 136 -4.08 -39.18 -13.94
CA ALA C 136 -4.21 -38.69 -15.30
C ALA C 136 -5.24 -37.58 -15.39
N VAL C 137 -6.31 -37.67 -14.62
CA VAL C 137 -7.35 -36.64 -14.63
C VAL C 137 -6.92 -35.33 -13.93
N VAL C 138 -6.26 -35.46 -12.79
CA VAL C 138 -5.82 -34.28 -12.06
C VAL C 138 -4.69 -33.59 -12.82
N SER C 139 -3.81 -34.37 -13.42
CA SER C 139 -2.72 -33.85 -14.25
C SER C 139 -3.23 -33.15 -15.50
N HIS C 140 -4.27 -33.71 -16.12
CA HIS C 140 -4.87 -33.07 -17.26
C HIS C 140 -5.48 -31.71 -16.86
N PHE C 141 -6.13 -31.63 -15.68
CA PHE C 141 -6.67 -30.36 -15.21
C PHE C 141 -5.57 -29.31 -15.09
N ILE C 142 -4.45 -29.69 -14.48
CA ILE C 142 -3.35 -28.77 -14.26
C ILE C 142 -2.82 -28.32 -15.63
N GLU C 143 -2.66 -29.26 -16.56
CA GLU C 143 -2.19 -28.94 -17.91
C GLU C 143 -3.09 -27.91 -18.63
N ARG C 144 -4.41 -28.02 -18.46
CA ARG C 144 -5.32 -27.17 -19.21
C ARG C 144 -5.60 -25.84 -18.50
N TYR C 145 -5.66 -25.86 -17.18
CA TYR C 145 -6.20 -24.73 -16.42
C TYR C 145 -5.15 -23.98 -15.61
N GLY C 146 -4.00 -24.60 -15.41
CA GLY C 146 -2.90 -24.01 -14.67
C GLY C 146 -2.95 -24.45 -13.23
N ILE C 147 -1.79 -24.63 -12.60
CA ILE C 147 -1.75 -25.17 -11.26
C ILE C 147 -2.46 -24.24 -10.25
N GLU C 148 -2.43 -22.92 -10.47
CA GLU C 148 -3.01 -21.98 -9.49
C GLU C 148 -4.53 -22.04 -9.47
N GLU C 149 -5.10 -22.15 -10.67
CA GLU C 149 -6.52 -22.41 -10.81
C GLU C 149 -6.94 -23.71 -10.10
N VAL C 150 -6.23 -24.80 -10.36
CA VAL C 150 -6.66 -26.12 -9.86
C VAL C 150 -6.56 -26.22 -8.32
N ARG C 151 -5.60 -25.47 -7.74
CA ARG C 151 -5.40 -25.45 -6.28
C ARG C 151 -6.54 -24.82 -5.49
N THR C 152 -7.37 -24.02 -6.16
CA THR C 152 -8.57 -23.44 -5.53
C THR C 152 -9.78 -24.39 -5.48
N TRP C 153 -9.65 -25.56 -6.13
CA TRP C 153 -10.75 -26.53 -6.24
C TRP C 153 -10.78 -27.40 -5.00
N LEU C 154 -11.83 -28.20 -4.84
CA LEU C 154 -11.90 -29.23 -3.80
C LEU C 154 -12.20 -30.59 -4.43
N PHE C 155 -11.84 -31.65 -3.72
CA PHE C 155 -11.83 -33.00 -4.29
C PHE C 155 -12.43 -34.01 -3.29
N GLU C 156 -13.72 -34.31 -3.46
CA GLU C 156 -14.43 -35.27 -2.62
C GLU C 156 -14.22 -36.69 -3.15
N VAL C 157 -14.02 -37.66 -2.26
CA VAL C 157 -13.85 -39.06 -2.71
C VAL C 157 -15.15 -39.88 -2.58
N TRP C 158 -15.78 -40.14 -3.72
CA TRP C 158 -16.91 -41.08 -3.83
C TRP C 158 -18.16 -40.43 -3.28
N ASN C 159 -19.23 -41.19 -3.09
CA ASN C 159 -20.51 -40.69 -2.62
C ASN C 159 -21.25 -41.72 -1.76
N GLU C 160 -21.68 -41.30 -0.58
CA GLU C 160 -22.48 -42.11 0.34
C GLU C 160 -22.06 -43.59 0.38
N PRO C 161 -20.84 -43.85 0.82
CA PRO C 161 -20.35 -45.22 0.88
C PRO C 161 -20.99 -46.02 2.01
N ASN C 162 -21.73 -45.34 2.90
CA ASN C 162 -22.48 -46.02 3.98
C ASN C 162 -23.86 -46.48 3.52
N LEU C 163 -24.17 -46.22 2.25
CA LEU C 163 -25.41 -46.68 1.63
C LEU C 163 -25.10 -47.77 0.61
N VAL C 164 -25.79 -48.91 0.71
CA VAL C 164 -25.55 -50.05 -0.21
C VAL C 164 -25.83 -49.73 -1.69
N ASN C 165 -26.77 -48.84 -1.93
CA ASN C 165 -27.09 -48.39 -3.28
C ASN C 165 -25.91 -47.70 -3.97
N PHE C 166 -25.03 -47.07 -3.20
CA PHE C 166 -23.95 -46.27 -3.75
C PHE C 166 -22.60 -46.98 -3.72
N TRP C 167 -22.51 -48.09 -2.98
CA TRP C 167 -21.24 -48.74 -2.74
C TRP C 167 -21.45 -50.18 -2.26
N LYS C 168 -20.83 -51.13 -2.95
CA LYS C 168 -20.98 -52.57 -2.65
C LYS C 168 -20.94 -52.91 -1.17
N ASP C 169 -22.09 -53.36 -0.65
CA ASP C 169 -22.24 -53.86 0.73
C ASP C 169 -22.12 -52.74 1.78
N ALA C 170 -22.10 -51.48 1.32
CA ALA C 170 -21.72 -50.39 2.21
C ALA C 170 -20.42 -50.76 2.97
N ASN C 171 -19.42 -51.24 2.25
CA ASN C 171 -18.20 -51.80 2.84
C ASN C 171 -17.31 -50.69 3.41
N LYS C 172 -17.31 -50.55 4.72
CA LYS C 172 -16.60 -49.44 5.39
C LYS C 172 -15.10 -49.51 5.11
N GLN C 173 -14.52 -50.67 5.38
CA GLN C 173 -13.07 -50.82 5.26
C GLN C 173 -12.62 -50.63 3.80
N GLU C 174 -13.42 -51.07 2.84
CA GLU C 174 -13.08 -50.91 1.44
C GLU C 174 -13.27 -49.45 0.98
N TYR C 175 -14.21 -48.71 1.53
CA TYR C 175 -14.24 -47.28 1.27
C TYR C 175 -12.95 -46.59 1.79
N PHE C 176 -12.52 -46.92 3.01
CA PHE C 176 -11.29 -46.34 3.55
C PHE C 176 -10.10 -46.61 2.64
N LYS C 177 -10.05 -47.80 2.04
CA LYS C 177 -8.98 -48.14 1.09
C LYS C 177 -9.06 -47.27 -0.17
N LEU C 178 -10.28 -47.07 -0.67
CA LEU C 178 -10.53 -46.24 -1.83
C LEU C 178 -10.16 -44.80 -1.56
N TYR C 179 -10.46 -44.33 -0.35
CA TYR C 179 -10.06 -42.98 0.05
C TYR C 179 -8.54 -42.83 0.06
N GLU C 180 -7.84 -43.75 0.72
CA GLU C 180 -6.37 -43.68 0.80
C GLU C 180 -5.71 -43.69 -0.57
N VAL C 181 -6.12 -44.62 -1.43
CA VAL C 181 -5.52 -44.68 -2.75
C VAL C 181 -5.85 -43.39 -3.53
N THR C 182 -7.03 -42.84 -3.32
CA THR C 182 -7.43 -41.66 -4.07
C THR C 182 -6.68 -40.43 -3.54
N ALA C 183 -6.71 -40.25 -2.24
CA ALA C 183 -6.10 -39.13 -1.52
C ALA C 183 -4.60 -39.03 -1.74
N ARG C 184 -3.90 -40.16 -1.68
CA ARG C 184 -2.46 -40.18 -1.95
C ARG C 184 -2.12 -39.95 -3.42
N ALA C 185 -3.03 -40.29 -4.33
CA ALA C 185 -2.80 -40.06 -5.75
C ALA C 185 -2.94 -38.56 -6.09
N VAL C 186 -3.95 -37.93 -5.49
CA VAL C 186 -4.17 -36.50 -5.61
C VAL C 186 -2.97 -35.73 -5.07
N LYS C 187 -2.51 -36.10 -3.87
CA LYS C 187 -1.35 -35.43 -3.26
C LYS C 187 -0.07 -35.65 -4.07
N SER C 188 0.09 -36.83 -4.66
CA SER C 188 1.25 -37.09 -5.50
C SER C 188 1.32 -36.14 -6.70
N VAL C 189 0.17 -35.66 -7.22
CA VAL C 189 0.19 -34.71 -8.36
C VAL C 189 0.61 -33.31 -7.90
N ASP C 190 -0.04 -32.83 -6.84
CA ASP C 190 0.29 -31.57 -6.18
C ASP C 190 -0.17 -31.60 -4.74
N PRO C 191 0.71 -31.23 -3.80
CA PRO C 191 0.38 -31.27 -2.37
C PRO C 191 -0.63 -30.25 -1.84
N HIS C 192 -0.95 -29.19 -2.57
CA HIS C 192 -1.93 -28.18 -2.13
C HIS C 192 -3.40 -28.60 -2.34
N LEU C 193 -3.62 -29.64 -3.15
CA LEU C 193 -4.96 -30.06 -3.56
C LEU C 193 -5.76 -30.64 -2.40
N GLN C 194 -6.86 -29.99 -2.07
CA GLN C 194 -7.65 -30.31 -0.89
C GLN C 194 -8.57 -31.52 -1.16
N VAL C 195 -8.31 -32.61 -0.46
CA VAL C 195 -9.05 -33.86 -0.65
C VAL C 195 -9.73 -34.23 0.66
N GLY C 196 -10.90 -34.88 0.58
CA GLY C 196 -11.58 -35.32 1.77
C GLY C 196 -12.79 -36.23 1.55
N GLY C 197 -13.47 -36.54 2.64
CA GLY C 197 -14.58 -37.48 2.67
C GLY C 197 -15.25 -37.44 4.04
N PRO C 198 -16.03 -38.44 4.43
CA PRO C 198 -16.33 -39.64 3.62
C PRO C 198 -17.61 -39.54 2.77
N ALA C 199 -18.22 -38.35 2.73
CA ALA C 199 -19.40 -38.08 1.89
C ALA C 199 -20.61 -38.95 2.22
N ILE C 200 -20.76 -39.29 3.49
CA ILE C 200 -21.83 -40.19 3.94
C ILE C 200 -23.19 -39.49 4.04
N CYS C 201 -24.27 -40.26 3.92
CA CYS C 201 -25.62 -39.78 4.26
C CYS C 201 -25.78 -39.89 5.76
N GLY C 202 -26.86 -39.33 6.28
CA GLY C 202 -27.20 -39.42 7.69
C GLY C 202 -27.56 -40.82 8.17
N GLY C 203 -27.75 -40.95 9.48
CA GLY C 203 -28.13 -42.21 10.10
C GLY C 203 -27.01 -43.07 10.68
N SER C 204 -25.75 -42.80 10.32
CA SER C 204 -24.62 -43.60 10.83
C SER C 204 -23.30 -42.77 10.99
N ASP C 205 -23.35 -41.79 11.88
CA ASP C 205 -22.29 -40.79 12.04
C ASP C 205 -21.04 -41.32 12.72
N GLU C 206 -21.09 -42.55 13.23
CA GLU C 206 -19.87 -43.22 13.67
C GLU C 206 -18.83 -43.34 12.54
N TRP C 207 -19.29 -43.31 11.28
CA TRP C 207 -18.43 -43.36 10.09
C TRP C 207 -17.46 -42.20 9.97
N ILE C 208 -17.87 -41.01 10.42
CA ILE C 208 -16.95 -39.90 10.47
C ILE C 208 -15.85 -40.17 11.50
N THR C 209 -16.23 -40.61 12.69
CA THR C 209 -15.25 -40.96 13.72
C THR C 209 -14.29 -42.04 13.22
N ASP C 210 -14.81 -43.06 12.54
CA ASP C 210 -13.97 -44.16 12.08
C ASP C 210 -13.11 -43.74 10.90
N PHE C 211 -13.62 -42.83 10.08
CA PHE C 211 -12.90 -42.38 8.92
C PHE C 211 -11.67 -41.57 9.35
N LEU C 212 -11.84 -40.76 10.38
CA LEU C 212 -10.75 -39.91 10.84
C LEU C 212 -9.75 -40.69 11.66
N HIS C 213 -10.20 -41.75 12.32
CA HIS C 213 -9.25 -42.58 13.04
C HIS C 213 -8.43 -43.41 12.08
N PHE C 214 -9.03 -43.79 10.96
CA PHE C 214 -8.33 -44.49 9.91
C PHE C 214 -7.21 -43.62 9.30
N CYS C 215 -7.55 -42.37 8.95
CA CYS C 215 -6.60 -41.44 8.36
C CYS C 215 -5.48 -41.04 9.37
N ALA C 216 -5.78 -41.07 10.66
CA ALA C 216 -4.78 -40.76 11.69
C ALA C 216 -3.78 -41.91 11.81
N GLU C 217 -4.31 -43.12 11.87
CA GLU C 217 -3.49 -44.30 12.15
C GLU C 217 -2.61 -44.71 10.98
N ARG C 218 -3.01 -44.41 9.76
CA ARG C 218 -2.20 -44.79 8.59
C ARG C 218 -1.66 -43.56 7.87
N ARG C 219 -1.66 -42.41 8.57
CA ARG C 219 -1.11 -41.13 8.09
C ARG C 219 -1.53 -40.84 6.65
N VAL C 220 -2.84 -40.93 6.43
CA VAL C 220 -3.46 -40.63 5.15
C VAL C 220 -3.90 -39.17 5.08
N PRO C 221 -3.58 -38.46 4.00
CA PRO C 221 -3.98 -37.06 3.85
C PRO C 221 -5.49 -36.87 3.85
N VAL C 222 -5.97 -36.01 4.74
CA VAL C 222 -7.35 -35.53 4.79
C VAL C 222 -7.37 -34.01 5.00
N ASP C 223 -8.08 -33.30 4.14
CA ASP C 223 -8.18 -31.84 4.26
C ASP C 223 -9.59 -31.37 4.62
N PHE C 224 -10.59 -32.24 4.48
CA PHE C 224 -11.93 -31.88 4.94
C PHE C 224 -12.81 -33.08 5.20
N VAL C 225 -13.91 -32.83 5.89
CA VAL C 225 -14.92 -33.83 6.16
C VAL C 225 -16.16 -33.40 5.40
N SER C 226 -16.72 -34.33 4.64
CA SER C 226 -17.95 -34.08 3.90
C SER C 226 -19.08 -34.97 4.40
N ARG C 227 -20.29 -34.45 4.25
CA ARG C 227 -21.44 -35.09 4.83
C ARG C 227 -22.71 -34.54 4.21
N HIS C 228 -23.75 -35.36 4.17
CA HIS C 228 -25.03 -34.99 3.56
C HIS C 228 -26.14 -34.88 4.63
N ALA C 229 -27.02 -33.89 4.49
CA ALA C 229 -28.07 -33.62 5.47
C ALA C 229 -29.46 -33.41 4.82
N TYR C 230 -30.41 -34.26 5.22
CA TYR C 230 -31.80 -34.16 4.78
C TYR C 230 -32.74 -34.39 5.97
N THR C 231 -33.97 -33.91 5.84
CA THR C 231 -34.94 -34.01 6.95
C THR C 231 -36.14 -34.88 6.61
N SER C 232 -36.12 -35.54 5.46
CA SER C 232 -37.24 -36.37 5.01
C SER C 232 -37.15 -37.82 5.51
N LYS C 233 -38.27 -38.32 6.03
CA LYS C 233 -38.41 -39.74 6.33
C LYS C 233 -38.58 -40.51 5.03
N ALA C 234 -38.47 -41.83 5.12
CA ALA C 234 -38.64 -42.66 3.92
C ALA C 234 -40.06 -42.46 3.36
N PRO C 235 -40.20 -42.55 2.03
CA PRO C 235 -41.48 -42.35 1.36
C PRO C 235 -42.58 -43.26 1.92
N HIS C 236 -43.71 -42.68 2.26
CA HIS C 236 -44.86 -43.39 2.80
C HIS C 236 -45.93 -43.63 1.75
N LYS C 237 -45.80 -42.98 0.61
CA LYS C 237 -46.65 -43.24 -0.56
C LYS C 237 -45.87 -43.04 -1.85
N LYS C 238 -46.19 -43.85 -2.86
CA LYS C 238 -45.62 -43.75 -4.20
C LYS C 238 -46.72 -43.73 -5.24
N THR C 239 -46.54 -42.94 -6.29
CA THR C 239 -47.22 -43.15 -7.55
C THR C 239 -46.13 -43.50 -8.57
N PHE C 240 -46.52 -43.70 -9.82
CA PHE C 240 -45.54 -44.12 -10.84
C PHE C 240 -44.46 -43.05 -11.08
N GLU C 241 -44.76 -41.80 -10.68
CA GLU C 241 -43.88 -40.64 -10.85
C GLU C 241 -43.52 -39.84 -9.57
N TYR C 242 -44.14 -40.13 -8.42
CA TYR C 242 -43.82 -39.43 -7.17
C TYR C 242 -43.34 -40.32 -6.00
N TYR C 243 -42.50 -39.75 -5.14
CA TYR C 243 -42.34 -40.19 -3.76
C TYR C 243 -42.88 -39.06 -2.88
N TYR C 244 -43.81 -39.36 -1.99
CA TYR C 244 -44.24 -38.41 -0.95
C TYR C 244 -43.63 -38.81 0.39
N GLN C 245 -43.12 -37.81 1.13
CA GLN C 245 -42.42 -38.02 2.42
C GLN C 245 -42.77 -36.94 3.43
N GLU C 246 -42.81 -37.34 4.71
CA GLU C 246 -42.96 -36.39 5.81
C GLU C 246 -41.60 -35.81 6.17
N LEU C 247 -41.59 -34.57 6.67
CA LEU C 247 -40.34 -33.89 7.04
C LEU C 247 -40.30 -33.56 8.54
N GLU C 248 -39.10 -33.66 9.10
CA GLU C 248 -38.76 -33.10 10.38
C GLU C 248 -38.60 -31.59 10.21
N PRO C 249 -38.66 -30.85 11.32
CA PRO C 249 -38.51 -29.39 11.23
C PRO C 249 -37.07 -29.02 10.89
N PRO C 250 -36.82 -27.75 10.57
CA PRO C 250 -35.46 -27.31 10.21
C PRO C 250 -34.43 -27.51 11.33
N GLU C 251 -34.85 -27.40 12.58
CA GLU C 251 -33.91 -27.60 13.71
C GLU C 251 -33.24 -28.98 13.66
N ASP C 252 -33.91 -29.97 13.06
CA ASP C 252 -33.29 -31.29 12.89
C ASP C 252 -32.05 -31.21 11.99
N MET C 253 -32.14 -30.48 10.88
CA MET C 253 -30.97 -30.29 10.03
C MET C 253 -29.84 -29.54 10.75
N LEU C 254 -30.18 -28.46 11.46
CA LEU C 254 -29.18 -27.66 12.17
C LEU C 254 -28.49 -28.48 13.25
N GLU C 255 -29.25 -29.33 13.92
CA GLU C 255 -28.72 -30.25 14.91
C GLU C 255 -27.79 -31.28 14.25
N GLN C 256 -28.17 -31.80 13.07
CA GLN C 256 -27.29 -32.68 12.28
C GLN C 256 -25.94 -31.98 11.96
N PHE C 257 -26.01 -30.70 11.59
CA PHE C 257 -24.81 -29.92 11.32
C PHE C 257 -23.95 -29.81 12.56
N LYS C 258 -24.61 -29.48 13.67
CA LYS C 258 -23.93 -29.19 14.93
C LYS C 258 -23.30 -30.46 15.49
N THR C 259 -24.04 -31.56 15.39
CA THR C 259 -23.61 -32.84 15.93
C THR C 259 -22.42 -33.42 15.15
N VAL C 260 -22.34 -33.15 13.84
CA VAL C 260 -21.20 -33.63 13.05
C VAL C 260 -19.94 -32.80 13.33
N ARG C 261 -20.11 -31.50 13.48
CA ARG C 261 -19.02 -30.59 13.82
C ARG C 261 -18.35 -31.01 15.13
N ALA C 262 -19.14 -31.33 16.15
CA ALA C 262 -18.62 -31.74 17.44
C ALA C 262 -17.81 -33.04 17.33
N LEU C 263 -18.26 -33.97 16.48
CA LEU C 263 -17.51 -35.19 16.24
C LEU C 263 -16.12 -34.92 15.64
N ILE C 264 -16.01 -33.97 14.71
CA ILE C 264 -14.69 -33.58 14.18
C ILE C 264 -13.77 -33.03 15.28
N ARG C 265 -14.34 -32.18 16.14
CA ARG C 265 -13.58 -31.52 17.21
C ARG C 265 -13.06 -32.47 18.32
N GLN C 266 -13.62 -33.67 18.46
CA GLN C 266 -13.14 -34.69 19.42
C GLN C 266 -12.11 -35.65 18.80
N SER C 267 -12.12 -35.72 17.48
CA SER C 267 -11.23 -36.62 16.74
C SER C 267 -9.81 -36.05 16.68
N PRO C 268 -8.87 -36.82 16.13
CA PRO C 268 -7.49 -36.36 15.97
C PRO C 268 -7.26 -35.24 14.93
N PHE C 269 -8.30 -34.81 14.22
CA PHE C 269 -8.19 -33.68 13.29
C PHE C 269 -9.24 -32.61 13.65
N PRO C 270 -9.09 -31.95 14.79
CA PRO C 270 -10.14 -31.10 15.34
C PRO C 270 -10.43 -29.85 14.51
N HIS C 271 -9.45 -29.42 13.72
CA HIS C 271 -9.57 -28.17 12.98
C HIS C 271 -10.19 -28.33 11.57
N LEU C 272 -10.41 -29.56 11.09
CA LEU C 272 -10.80 -29.78 9.68
C LEU C 272 -12.09 -29.07 9.27
N PRO C 273 -12.09 -28.41 8.11
CA PRO C 273 -13.32 -27.91 7.49
C PRO C 273 -14.45 -28.95 7.33
N LEU C 274 -15.69 -28.49 7.44
CA LEU C 274 -16.88 -29.31 7.28
C LEU C 274 -17.76 -28.80 6.13
N HIS C 275 -17.80 -29.55 5.02
CA HIS C 275 -18.58 -29.21 3.84
C HIS C 275 -19.76 -30.18 3.75
N ILE C 276 -20.96 -29.65 3.97
CA ILE C 276 -22.18 -30.38 3.73
C ILE C 276 -22.39 -30.39 2.21
N THR C 277 -21.89 -31.41 1.52
CA THR C 277 -21.93 -31.36 0.04
C THR C 277 -23.31 -31.66 -0.58
N GLU C 278 -24.31 -31.93 0.25
CA GLU C 278 -25.70 -32.09 -0.17
C GLU C 278 -26.65 -31.75 0.95
N TYR C 279 -27.65 -30.94 0.67
CA TYR C 279 -28.75 -30.78 1.61
C TYR C 279 -30.01 -30.34 0.87
N ASN C 280 -31.16 -30.74 1.39
CA ASN C 280 -32.48 -30.25 0.96
C ASN C 280 -33.46 -30.85 1.96
N THR C 281 -34.73 -30.49 1.87
CA THR C 281 -35.76 -31.18 2.64
C THR C 281 -35.79 -32.68 2.27
N SER C 282 -36.27 -33.01 1.07
CA SER C 282 -36.40 -34.39 0.63
C SER C 282 -35.18 -34.76 -0.20
N TYR C 283 -34.74 -36.02 -0.06
CA TYR C 283 -33.61 -36.57 -0.81
C TYR C 283 -34.04 -37.28 -2.10
N SER C 284 -35.23 -36.99 -2.57
CA SER C 284 -35.80 -37.68 -3.73
C SER C 284 -35.99 -36.66 -4.85
N PRO C 285 -35.51 -36.93 -6.05
CA PRO C 285 -35.73 -35.99 -7.18
C PRO C 285 -37.16 -36.00 -7.76
N ILE C 286 -38.09 -36.68 -7.10
CA ILE C 286 -39.48 -36.72 -7.54
C ILE C 286 -40.46 -36.51 -6.37
N ASN C 287 -40.14 -35.61 -5.44
CA ASN C 287 -41.04 -35.28 -4.34
C ASN C 287 -41.46 -33.85 -4.50
N PRO C 288 -42.72 -33.63 -4.90
CA PRO C 288 -43.27 -32.29 -5.17
C PRO C 288 -43.05 -31.20 -4.13
N VAL C 289 -42.73 -31.55 -2.89
CA VAL C 289 -42.49 -30.56 -1.85
C VAL C 289 -41.48 -29.50 -2.29
N HIS C 290 -40.54 -29.94 -3.13
CA HIS C 290 -39.48 -29.12 -3.69
C HIS C 290 -39.96 -27.95 -4.54
N ASP C 291 -41.18 -28.04 -5.09
CA ASP C 291 -41.71 -27.02 -6.01
C ASP C 291 -42.57 -25.96 -5.32
N THR C 292 -42.58 -25.96 -3.99
CA THR C 292 -43.56 -25.17 -3.22
C THR C 292 -42.97 -24.01 -2.41
N ALA C 293 -43.86 -23.13 -1.97
CA ALA C 293 -43.50 -22.04 -1.05
C ALA C 293 -42.99 -22.58 0.28
N LEU C 294 -43.55 -23.70 0.74
CA LEU C 294 -43.07 -24.36 1.96
C LEU C 294 -41.57 -24.66 1.88
N ASN C 295 -41.10 -25.22 0.78
CA ASN C 295 -39.68 -25.49 0.63
C ASN C 295 -38.82 -24.21 0.88
N ALA C 296 -39.28 -23.09 0.34
CA ALA C 296 -38.53 -21.84 0.46
C ALA C 296 -38.50 -21.32 1.90
N ALA C 297 -39.67 -21.31 2.54
CA ALA C 297 -39.79 -21.00 3.97
C ALA C 297 -38.89 -21.89 4.84
N TYR C 298 -38.93 -23.20 4.63
CA TYR C 298 -38.04 -24.14 5.31
C TYR C 298 -36.55 -23.78 5.17
N ILE C 299 -36.12 -23.58 3.94
CA ILE C 299 -34.68 -23.49 3.66
C ILE C 299 -34.09 -22.13 4.03
N ALA C 300 -34.94 -21.10 4.09
CA ALA C 300 -34.48 -19.78 4.52
C ALA C 300 -33.95 -19.82 5.96
N ARG C 301 -34.65 -20.53 6.86
CA ARG C 301 -34.16 -20.75 8.22
C ARG C 301 -32.77 -21.40 8.23
N ILE C 302 -32.53 -22.32 7.29
CA ILE C 302 -31.23 -22.99 7.21
C ILE C 302 -30.15 -22.02 6.70
N LEU C 303 -30.47 -21.26 5.65
CA LEU C 303 -29.54 -20.25 5.13
C LEU C 303 -29.10 -19.24 6.18
N SER C 304 -30.00 -18.94 7.12
CA SER C 304 -29.80 -17.91 8.13
C SER C 304 -28.85 -18.37 9.23
N GLU C 305 -28.80 -19.67 9.48
CA GLU C 305 -28.04 -20.21 10.61
C GLU C 305 -26.97 -21.22 10.27
N GLY C 306 -27.07 -21.90 9.13
CA GLY C 306 -26.24 -23.06 8.86
C GLY C 306 -24.76 -22.76 8.83
N GLY C 307 -24.42 -21.55 8.41
CA GLY C 307 -23.04 -21.11 8.33
C GLY C 307 -22.35 -21.09 9.70
N ASP C 308 -23.15 -21.05 10.76
CA ASP C 308 -22.64 -21.06 12.14
C ASP C 308 -21.90 -22.35 12.52
N TYR C 309 -22.15 -23.43 11.78
CA TYR C 309 -21.67 -24.77 12.13
C TYR C 309 -20.74 -25.37 11.13
N VAL C 310 -20.84 -24.93 9.88
CA VAL C 310 -20.12 -25.54 8.77
C VAL C 310 -19.49 -24.50 7.86
N ASP C 311 -18.42 -24.86 7.18
CA ASP C 311 -17.81 -23.99 6.16
C ASP C 311 -18.60 -23.87 4.87
N SER C 312 -19.38 -24.90 4.54
CA SER C 312 -20.28 -24.82 3.37
C SER C 312 -21.41 -25.87 3.42
N PHE C 313 -22.54 -25.52 2.83
CA PHE C 313 -23.71 -26.40 2.77
C PHE C 313 -24.38 -26.17 1.43
N SER C 314 -24.32 -27.23 0.63
CA SER C 314 -24.57 -27.17 -0.80
C SER C 314 -25.96 -27.67 -1.12
N TYR C 315 -26.84 -26.73 -1.47
CA TYR C 315 -28.20 -27.06 -1.82
C TYR C 315 -28.24 -27.95 -3.06
N TRP C 316 -28.75 -29.16 -2.90
CA TRP C 316 -28.97 -30.11 -3.99
C TRP C 316 -30.39 -29.87 -4.54
N THR C 317 -30.57 -29.20 -5.67
CA THR C 317 -29.55 -28.81 -6.65
C THR C 317 -29.96 -27.45 -7.17
N PHE C 318 -29.15 -26.88 -8.06
CA PHE C 318 -29.42 -25.59 -8.67
C PHE C 318 -30.47 -25.68 -9.75
N SER C 319 -30.76 -26.89 -10.23
CA SER C 319 -31.56 -27.07 -11.45
C SER C 319 -32.27 -28.44 -11.55
N ASP C 320 -33.50 -28.40 -12.07
CA ASP C 320 -34.29 -29.62 -12.34
C ASP C 320 -33.71 -30.44 -13.51
N VAL C 321 -32.64 -29.96 -14.15
CA VAL C 321 -31.91 -30.75 -15.15
C VAL C 321 -31.20 -31.92 -14.46
N PHE C 322 -31.86 -33.06 -14.52
CA PHE C 322 -31.55 -34.20 -13.64
C PHE C 322 -32.11 -35.45 -14.29
N GLU C 323 -31.49 -36.58 -14.02
CA GLU C 323 -31.96 -37.86 -14.55
C GLU C 323 -31.79 -39.05 -13.63
N GLU C 324 -31.61 -38.87 -12.32
CA GLU C 324 -31.43 -40.03 -11.43
C GLU C 324 -32.60 -40.99 -11.49
N MET C 325 -33.80 -40.43 -11.56
CA MET C 325 -35.02 -41.22 -11.72
C MET C 325 -35.70 -40.97 -13.05
N ASP C 326 -34.92 -40.92 -14.13
CA ASP C 326 -35.44 -40.72 -15.49
C ASP C 326 -35.78 -39.24 -15.79
N VAL C 327 -36.05 -38.96 -17.06
CA VAL C 327 -36.38 -37.62 -17.52
C VAL C 327 -37.66 -37.17 -16.84
N PRO C 328 -37.68 -35.92 -16.35
CA PRO C 328 -38.91 -35.32 -15.82
C PRO C 328 -40.14 -35.61 -16.69
N LYS C 329 -41.20 -36.03 -16.01
CA LYS C 329 -42.45 -36.48 -16.65
C LYS C 329 -43.49 -35.37 -16.65
N ALA C 330 -43.23 -34.29 -15.94
CA ALA C 330 -44.03 -33.06 -16.04
C ALA C 330 -43.18 -31.83 -15.69
N LEU C 331 -43.63 -30.63 -16.02
CA LEU C 331 -42.86 -29.40 -15.75
C LEU C 331 -42.43 -29.33 -14.28
N PHE C 332 -43.39 -29.39 -13.38
CA PHE C 332 -43.12 -29.46 -11.95
C PHE C 332 -43.37 -30.90 -11.48
N HIS C 333 -42.27 -31.58 -11.16
CA HIS C 333 -42.24 -33.03 -11.02
C HIS C 333 -41.61 -33.46 -9.68
N GLY C 334 -41.35 -32.50 -8.79
CA GLY C 334 -40.65 -32.79 -7.56
C GLY C 334 -39.13 -32.80 -7.65
N GLY C 335 -38.57 -32.25 -8.72
CA GLY C 335 -37.13 -32.16 -8.82
C GLY C 335 -36.51 -31.31 -7.72
N PHE C 336 -35.24 -31.55 -7.48
CA PHE C 336 -34.41 -30.83 -6.52
C PHE C 336 -34.16 -29.36 -6.86
N GLY C 337 -34.20 -29.04 -8.13
CA GLY C 337 -33.69 -27.77 -8.61
C GLY C 337 -34.27 -26.51 -8.01
N LEU C 338 -33.40 -25.51 -7.88
CA LEU C 338 -33.80 -24.15 -7.64
C LEU C 338 -34.57 -23.62 -8.84
N VAL C 339 -34.12 -24.00 -10.02
CA VAL C 339 -34.72 -23.57 -11.27
C VAL C 339 -35.34 -24.75 -12.00
N ALA C 340 -36.55 -24.53 -12.51
CA ALA C 340 -37.29 -25.53 -13.28
C ALA C 340 -37.00 -25.41 -14.77
N LEU C 341 -37.17 -26.49 -15.51
CA LEU C 341 -37.06 -26.41 -16.97
C LEU C 341 -37.81 -25.17 -17.47
N HIS C 342 -37.28 -24.67 -18.59
CA HIS C 342 -37.59 -23.37 -19.14
C HIS C 342 -37.11 -22.20 -18.29
N SER C 343 -36.10 -22.41 -17.45
CA SER C 343 -35.51 -21.32 -16.64
C SER C 343 -36.55 -20.61 -15.75
N ILE C 344 -37.54 -21.36 -15.26
CA ILE C 344 -38.55 -20.81 -14.38
C ILE C 344 -38.04 -20.92 -12.95
N PRO C 345 -37.92 -19.83 -12.20
CA PRO C 345 -37.45 -19.93 -10.82
C PRO C 345 -38.55 -20.46 -9.90
N LYS C 346 -38.24 -21.50 -9.14
CA LYS C 346 -39.14 -21.99 -8.11
C LYS C 346 -39.03 -21.03 -6.90
N PRO C 347 -39.96 -21.10 -5.95
CA PRO C 347 -39.89 -20.29 -4.73
C PRO C 347 -38.56 -20.36 -3.98
N THR C 348 -37.95 -21.54 -3.90
CA THR C 348 -36.69 -21.68 -3.17
C THR C 348 -35.60 -20.77 -3.75
N PHE C 349 -35.58 -20.61 -5.08
CA PHE C 349 -34.63 -19.73 -5.81
C PHE C 349 -34.68 -18.30 -5.30
N HIS C 350 -35.86 -17.84 -4.97
CA HIS C 350 -36.03 -16.50 -4.42
C HIS C 350 -35.48 -16.39 -3.00
N ALA C 351 -35.67 -17.40 -2.17
CA ALA C 351 -34.97 -17.45 -0.88
C ALA C 351 -33.47 -17.15 -1.04
N PHE C 352 -32.82 -17.73 -2.05
CA PHE C 352 -31.37 -17.54 -2.25
C PHE C 352 -31.06 -16.12 -2.74
N THR C 353 -31.95 -15.59 -3.57
CA THR C 353 -31.79 -14.27 -4.18
C THR C 353 -31.91 -13.20 -3.13
N PHE C 354 -32.80 -13.46 -2.18
CA PHE C 354 -33.12 -12.55 -1.09
C PHE C 354 -31.94 -12.54 -0.13
N PHE C 355 -31.33 -13.71 0.08
CA PHE C 355 -30.14 -13.78 0.95
C PHE C 355 -28.94 -13.15 0.27
N ASN C 356 -28.94 -13.13 -1.06
CA ASN C 356 -27.87 -12.49 -1.82
C ASN C 356 -27.90 -10.95 -1.67
N ALA C 357 -29.04 -10.39 -1.27
CA ALA C 357 -29.12 -8.94 -1.02
C ALA C 357 -28.66 -8.53 0.40
N LEU C 358 -28.45 -9.49 1.30
CA LEU C 358 -28.08 -9.17 2.68
C LEU C 358 -26.66 -8.58 2.78
N GLY C 359 -26.47 -7.69 3.77
CA GLY C 359 -25.17 -7.13 4.10
C GLY C 359 -24.34 -7.95 5.10
N ASP C 360 -23.06 -7.57 5.19
CA ASP C 360 -22.08 -8.17 6.10
C ASP C 360 -22.47 -8.08 7.57
N GLU C 361 -22.93 -6.91 7.98
CA GLU C 361 -23.13 -6.60 9.40
C GLU C 361 -24.44 -7.20 9.88
N LEU C 362 -24.38 -8.11 10.83
CA LEU C 362 -25.58 -8.75 11.33
C LEU C 362 -26.12 -7.93 12.50
N LEU C 363 -27.24 -7.25 12.30
CA LEU C 363 -27.84 -6.41 13.35
C LEU C 363 -28.65 -7.22 14.34
N TYR C 364 -29.36 -8.22 13.82
CA TYR C 364 -30.27 -9.04 14.60
C TYR C 364 -30.60 -10.33 13.86
N ARG C 365 -30.87 -11.38 14.62
CA ARG C 365 -31.34 -12.65 14.08
C ARG C 365 -32.14 -13.43 15.12
N ASP C 366 -33.34 -13.88 14.75
CA ASP C 366 -34.01 -14.98 15.45
C ASP C 366 -34.43 -16.08 14.46
N GLY C 367 -35.14 -17.09 14.95
CA GLY C 367 -35.54 -18.22 14.12
C GLY C 367 -36.51 -17.95 12.99
N GLU C 368 -36.99 -16.71 12.87
CA GLU C 368 -37.88 -16.31 11.77
C GLU C 368 -37.43 -15.05 10.96
N MET C 369 -36.34 -14.38 11.37
CA MET C 369 -35.78 -13.28 10.56
C MET C 369 -34.25 -13.09 10.74
N ILE C 370 -33.65 -12.49 9.71
CA ILE C 370 -32.26 -12.01 9.75
C ILE C 370 -32.21 -10.57 9.22
N VAL C 371 -31.67 -9.65 10.01
CA VAL C 371 -31.62 -8.22 9.69
C VAL C 371 -30.17 -7.75 9.64
N THR C 372 -29.79 -7.08 8.55
CA THR C 372 -28.40 -6.73 8.30
C THR C 372 -28.22 -5.30 7.82
N ARG C 373 -27.00 -4.80 7.97
CA ARG C 373 -26.62 -3.50 7.43
C ARG C 373 -25.59 -3.66 6.34
N ARG C 374 -25.80 -2.96 5.23
CA ARG C 374 -24.90 -2.97 4.07
C ARG C 374 -23.80 -1.91 4.20
N LYS C 375 -22.76 -2.00 3.37
CA LYS C 375 -21.67 -1.03 3.36
C LYS C 375 -22.12 0.44 3.18
N ASP C 376 -23.15 0.69 2.37
CA ASP C 376 -23.66 2.07 2.20
C ASP C 376 -24.61 2.58 3.32
N GLY C 377 -24.76 1.84 4.41
CA GLY C 377 -25.68 2.20 5.48
C GLY C 377 -27.14 1.74 5.35
N SER C 378 -27.47 1.10 4.23
CA SER C 378 -28.84 0.62 3.99
C SER C 378 -29.11 -0.69 4.78
N ILE C 379 -30.38 -0.95 5.08
CA ILE C 379 -30.79 -2.12 5.86
C ILE C 379 -31.44 -3.13 4.94
N ALA C 380 -31.06 -4.39 5.08
CA ALA C 380 -31.66 -5.49 4.34
C ALA C 380 -32.04 -6.63 5.31
N ALA C 381 -33.29 -7.09 5.23
CA ALA C 381 -33.83 -8.08 6.15
C ALA C 381 -34.59 -9.14 5.38
N VAL C 382 -34.44 -10.40 5.77
CA VAL C 382 -35.22 -11.47 5.22
C VAL C 382 -36.05 -12.05 6.35
N LEU C 383 -37.32 -12.23 6.10
CA LEU C 383 -38.24 -12.82 7.04
C LEU C 383 -38.96 -13.98 6.37
N TRP C 384 -39.18 -15.05 7.13
CA TRP C 384 -39.95 -16.21 6.68
C TRP C 384 -41.00 -16.62 7.74
N ASN C 385 -42.10 -17.17 7.26
CA ASN C 385 -43.18 -17.69 8.09
C ASN C 385 -43.34 -19.16 7.75
N LEU C 386 -42.42 -19.98 8.22
CA LEU C 386 -42.55 -21.41 7.99
C LEU C 386 -43.80 -21.94 8.70
N VAL C 387 -44.66 -22.66 7.96
CA VAL C 387 -45.81 -23.32 8.56
C VAL C 387 -45.99 -24.72 7.99
N MET C 388 -45.59 -25.73 8.75
CA MET C 388 -45.58 -27.12 8.32
C MET C 388 -46.96 -27.80 8.44
N GLU C 389 -47.85 -27.26 9.25
CA GLU C 389 -49.15 -27.90 9.50
C GLU C 389 -50.18 -27.44 8.48
N LYS C 390 -51.19 -28.28 8.29
CA LYS C 390 -52.18 -28.04 7.24
C LYS C 390 -53.17 -26.96 7.64
N GLY C 391 -53.83 -26.36 6.66
CA GLY C 391 -54.83 -25.34 6.91
C GLY C 391 -54.58 -24.02 6.22
N GLU C 392 -55.59 -23.14 6.34
CA GLU C 392 -55.57 -21.82 5.72
C GLU C 392 -55.22 -20.77 6.78
N GLY C 393 -54.94 -19.54 6.35
CA GLY C 393 -54.63 -18.46 7.26
C GLY C 393 -53.25 -18.68 7.86
N LEU C 394 -53.20 -18.76 9.20
CA LEU C 394 -51.96 -19.01 9.94
C LEU C 394 -50.91 -17.93 9.61
N THR C 395 -51.29 -16.67 9.85
CA THR C 395 -50.40 -15.53 9.62
C THR C 395 -49.47 -15.28 10.82
N LYS C 396 -48.35 -14.61 10.53
CA LYS C 396 -47.49 -14.05 11.55
C LYS C 396 -47.44 -12.53 11.35
N GLU C 397 -47.82 -11.78 12.38
CA GLU C 397 -47.60 -10.33 12.41
C GLU C 397 -46.27 -10.08 13.10
N VAL C 398 -45.43 -9.28 12.46
CA VAL C 398 -44.12 -8.93 13.01
C VAL C 398 -44.04 -7.41 13.11
N GLN C 399 -43.47 -6.91 14.20
CA GLN C 399 -43.24 -5.47 14.34
C GLN C 399 -41.75 -5.22 14.49
N LEU C 400 -41.23 -4.27 13.71
CA LEU C 400 -39.81 -3.98 13.64
C LEU C 400 -39.58 -2.49 13.95
N VAL C 401 -38.79 -2.20 14.99
CA VAL C 401 -38.34 -0.84 15.25
C VAL C 401 -36.88 -0.77 14.85
N ILE C 402 -36.62 -0.17 13.70
CA ILE C 402 -35.27 -0.08 13.14
C ILE C 402 -34.80 1.37 13.19
N PRO C 403 -33.58 1.60 13.66
CA PRO C 403 -32.97 2.93 13.60
C PRO C 403 -32.29 3.15 12.25
N VAL C 404 -32.21 4.41 11.85
CA VAL C 404 -31.52 4.80 10.62
C VAL C 404 -31.04 6.24 10.76
N SER C 405 -29.87 6.52 10.16
CA SER C 405 -29.27 7.85 10.20
C SER C 405 -29.58 8.62 8.91
N GLU C 406 -30.86 8.80 8.59
CA GLU C 406 -31.27 9.43 7.32
C GLU C 406 -32.29 10.58 7.46
N SER C 407 -33.54 10.28 7.78
CA SER C 407 -34.64 11.26 7.98
C SER C 407 -35.84 10.99 7.06
N ALA C 408 -35.57 10.46 5.87
CA ALA C 408 -36.60 9.89 4.99
C ALA C 408 -36.08 8.59 4.36
N VAL C 409 -36.96 7.61 4.21
CA VAL C 409 -36.53 6.29 3.84
C VAL C 409 -37.37 5.68 2.70
N PHE C 410 -36.74 4.85 1.87
CA PHE C 410 -37.40 4.16 0.78
C PHE C 410 -37.37 2.65 1.01
N ILE C 411 -38.55 2.04 1.06
CA ILE C 411 -38.70 0.67 1.52
C ILE C 411 -39.19 -0.18 0.38
N LYS C 412 -38.33 -1.08 -0.10
CA LYS C 412 -38.65 -2.02 -1.16
C LYS C 412 -38.80 -3.43 -0.59
N ARG C 413 -40.00 -3.97 -0.73
CA ARG C 413 -40.32 -5.27 -0.22
C ARG C 413 -40.67 -6.21 -1.37
N GLN C 414 -40.09 -7.40 -1.32
CA GLN C 414 -40.34 -8.43 -2.33
C GLN C 414 -40.83 -9.66 -1.61
N ILE C 415 -41.80 -10.33 -2.19
CA ILE C 415 -42.44 -11.42 -1.48
C ILE C 415 -42.70 -12.63 -2.38
N VAL C 416 -42.48 -13.82 -1.83
CA VAL C 416 -42.82 -15.09 -2.47
C VAL C 416 -43.59 -15.93 -1.46
N ASN C 417 -44.75 -16.43 -1.87
CA ASN C 417 -45.61 -17.20 -0.97
C ASN C 417 -46.59 -18.05 -1.79
N GLU C 418 -47.67 -18.54 -1.18
CA GLU C 418 -48.55 -19.47 -1.88
C GLU C 418 -49.24 -18.85 -3.09
N GLN C 419 -49.43 -17.53 -3.04
CA GLN C 419 -50.07 -16.76 -4.09
C GLN C 419 -49.11 -16.13 -5.14
N TYR C 420 -47.99 -15.57 -4.69
CA TYR C 420 -47.12 -14.74 -5.57
C TYR C 420 -45.73 -15.34 -5.71
N GLY C 421 -45.13 -15.20 -6.89
CA GLY C 421 -43.81 -15.73 -7.15
C GLY C 421 -43.78 -17.24 -7.14
N ASN C 422 -44.93 -17.86 -7.43
CA ASN C 422 -45.16 -19.28 -7.25
C ASN C 422 -45.81 -19.89 -8.50
N ALA C 423 -44.97 -20.41 -9.40
CA ALA C 423 -45.41 -20.97 -10.67
C ALA C 423 -46.11 -22.33 -10.51
N TRP C 424 -45.78 -23.07 -9.46
CA TRP C 424 -46.47 -24.34 -9.17
C TRP C 424 -47.99 -24.13 -9.01
N ARG C 425 -48.39 -23.05 -8.33
CA ARG C 425 -49.80 -22.80 -8.08
C ARG C 425 -50.52 -22.52 -9.39
N VAL C 426 -49.87 -21.75 -10.26
CA VAL C 426 -50.49 -21.34 -11.49
C VAL C 426 -50.48 -22.48 -12.50
N TRP C 427 -49.40 -23.25 -12.53
CA TRP C 427 -49.36 -24.52 -13.26
C TRP C 427 -50.58 -25.42 -12.93
N LYS C 428 -50.92 -25.53 -11.64
CA LYS C 428 -52.12 -26.25 -11.19
C LYS C 428 -53.39 -25.66 -11.83
N GLN C 429 -53.54 -24.35 -11.76
CA GLN C 429 -54.68 -23.66 -12.36
C GLN C 429 -54.81 -23.90 -13.87
N MET C 430 -53.69 -24.16 -14.53
CA MET C 430 -53.62 -24.43 -15.96
C MET C 430 -54.02 -25.88 -16.34
N GLY C 431 -54.37 -26.70 -15.36
CA GLY C 431 -54.66 -28.12 -15.56
C GLY C 431 -53.47 -29.05 -15.49
N ARG C 432 -52.42 -28.61 -14.81
CA ARG C 432 -51.17 -29.34 -14.67
C ARG C 432 -50.65 -29.90 -15.99
N PRO C 433 -50.46 -29.04 -17.00
CA PRO C 433 -49.90 -29.51 -18.27
C PRO C 433 -48.52 -30.07 -18.07
N ARG C 434 -48.36 -31.33 -18.43
CA ARG C 434 -47.06 -31.97 -18.35
C ARG C 434 -46.02 -31.31 -19.25
N PHE C 435 -46.43 -30.94 -20.46
CA PHE C 435 -45.49 -30.47 -21.50
C PHE C 435 -46.05 -29.21 -22.10
N PRO C 436 -46.01 -28.14 -21.32
CA PRO C 436 -46.74 -26.92 -21.66
C PRO C 436 -46.21 -26.21 -22.91
N SER C 437 -47.10 -25.44 -23.50
CA SER C 437 -46.79 -24.65 -24.66
C SER C 437 -45.82 -23.52 -24.28
N ARG C 438 -45.29 -22.85 -25.29
CA ARG C 438 -44.40 -21.73 -25.09
C ARG C 438 -45.14 -20.61 -24.37
N GLN C 439 -46.37 -20.35 -24.82
CA GLN C 439 -47.23 -19.31 -24.24
C GLN C 439 -47.48 -19.55 -22.75
N ALA C 440 -47.72 -20.79 -22.38
CA ALA C 440 -47.96 -21.14 -20.99
C ALA C 440 -46.69 -20.96 -20.13
N VAL C 441 -45.56 -21.43 -20.65
CA VAL C 441 -44.24 -21.26 -20.05
C VAL C 441 -43.90 -19.77 -19.78
N GLU C 442 -44.18 -18.89 -20.74
CA GLU C 442 -43.93 -17.44 -20.52
C GLU C 442 -44.82 -16.88 -19.41
N THR C 443 -46.06 -17.33 -19.36
CA THR C 443 -46.97 -16.92 -18.28
C THR C 443 -46.47 -17.40 -16.92
N LEU C 444 -46.00 -18.63 -16.87
CA LEU C 444 -45.44 -19.20 -15.66
C LEU C 444 -44.16 -18.49 -15.19
N ARG C 445 -43.35 -18.00 -16.11
CA ARG C 445 -42.14 -17.23 -15.78
C ARG C 445 -42.51 -15.88 -15.16
N GLN C 446 -43.52 -15.24 -15.74
CA GLN C 446 -44.02 -13.94 -15.33
C GLN C 446 -44.50 -13.96 -13.88
N VAL C 447 -45.36 -14.94 -13.63
CA VAL C 447 -45.99 -15.18 -12.35
C VAL C 447 -44.99 -15.68 -11.29
N ALA C 448 -43.90 -16.29 -11.75
CA ALA C 448 -42.80 -16.74 -10.90
C ALA C 448 -41.97 -15.61 -10.27
N GLN C 449 -42.12 -14.39 -10.80
CA GLN C 449 -41.40 -13.20 -10.31
C GLN C 449 -41.98 -12.79 -8.97
N PRO C 450 -41.15 -12.40 -8.00
CA PRO C 450 -41.65 -11.90 -6.72
C PRO C 450 -42.64 -10.74 -6.86
N HIS C 451 -43.56 -10.62 -5.92
CA HIS C 451 -44.43 -9.46 -5.85
C HIS C 451 -43.65 -8.34 -5.15
N VAL C 452 -43.74 -7.12 -5.69
CA VAL C 452 -43.05 -5.97 -5.11
C VAL C 452 -44.05 -4.94 -4.60
N MET C 453 -43.79 -4.44 -3.39
CA MET C 453 -44.49 -3.29 -2.81
C MET C 453 -43.45 -2.30 -2.37
N THR C 454 -43.71 -1.02 -2.60
CA THR C 454 -42.75 0.01 -2.24
C THR C 454 -43.46 1.07 -1.46
N GLU C 455 -42.71 1.79 -0.64
CA GLU C 455 -43.23 2.96 0.03
C GLU C 455 -42.12 3.92 0.44
N GLN C 456 -42.50 5.18 0.61
CA GLN C 456 -41.65 6.14 1.28
C GLN C 456 -42.19 6.29 2.68
N ARG C 457 -41.29 6.44 3.65
CA ARG C 457 -41.69 6.66 5.03
C ARG C 457 -40.70 7.56 5.77
N ARG C 458 -41.22 8.59 6.44
CA ARG C 458 -40.37 9.49 7.21
C ARG C 458 -40.23 8.97 8.64
N ALA C 459 -39.03 9.08 9.19
CA ALA C 459 -38.74 8.65 10.55
C ALA C 459 -39.35 9.60 11.60
N THR C 460 -39.39 9.11 12.84
CA THR C 460 -39.62 9.95 14.04
C THR C 460 -38.70 9.47 15.16
N ASP C 461 -38.06 10.44 15.84
CA ASP C 461 -37.12 10.16 16.92
C ASP C 461 -35.91 9.31 16.51
N GLY C 462 -35.60 9.28 15.20
CA GLY C 462 -34.43 8.57 14.67
C GLY C 462 -34.68 7.13 14.25
N VAL C 463 -35.95 6.79 14.02
CA VAL C 463 -36.41 5.39 14.01
C VAL C 463 -37.66 5.14 13.12
N ILE C 464 -37.82 3.90 12.67
CA ILE C 464 -38.85 3.52 11.72
C ILE C 464 -39.65 2.33 12.26
N HIS C 465 -40.97 2.45 12.33
CA HIS C 465 -41.81 1.36 12.87
C HIS C 465 -42.52 0.59 11.74
N LEU C 466 -41.94 -0.54 11.35
CA LEU C 466 -42.51 -1.41 10.33
C LEU C 466 -43.48 -2.45 10.89
N SER C 467 -44.73 -2.37 10.44
CA SER C 467 -45.73 -3.43 10.64
C SER C 467 -45.80 -4.30 9.38
N ILE C 468 -45.57 -5.60 9.55
CA ILE C 468 -45.40 -6.56 8.45
C ILE C 468 -46.30 -7.79 8.69
N VAL C 469 -47.10 -8.14 7.69
CA VAL C 469 -47.91 -9.34 7.74
C VAL C 469 -47.37 -10.33 6.73
N LEU C 470 -47.00 -11.50 7.21
CA LEU C 470 -46.50 -12.56 6.35
C LEU C 470 -47.55 -13.65 6.30
N SER C 471 -47.87 -14.09 5.08
CA SER C 471 -48.88 -15.12 4.89
C SER C 471 -48.22 -16.49 5.03
N LYS C 472 -49.05 -17.53 4.96
CA LYS C 472 -48.58 -18.92 5.16
C LYS C 472 -47.42 -19.25 4.23
N ASN C 473 -46.28 -19.58 4.81
CA ASN C 473 -45.05 -20.01 4.10
C ASN C 473 -44.40 -18.94 3.19
N GLU C 474 -44.66 -17.67 3.51
CA GLU C 474 -44.03 -16.55 2.85
C GLU C 474 -42.54 -16.42 3.22
N VAL C 475 -41.69 -16.19 2.22
CA VAL C 475 -40.38 -15.59 2.42
C VAL C 475 -40.39 -14.19 1.80
N THR C 476 -39.76 -13.21 2.44
CA THR C 476 -39.84 -11.82 1.96
C THR C 476 -38.56 -11.03 2.25
N LEU C 477 -38.15 -10.23 1.27
CA LEU C 477 -37.01 -9.33 1.38
C LEU C 477 -37.49 -7.90 1.65
N ILE C 478 -36.92 -7.25 2.67
CA ILE C 478 -37.14 -5.84 2.91
C ILE C 478 -35.78 -5.11 2.86
N GLU C 479 -35.69 -4.15 1.95
CA GLU C 479 -34.57 -3.23 1.84
C GLU C 479 -35.04 -1.83 2.24
N ILE C 480 -34.35 -1.25 3.21
CA ILE C 480 -34.61 0.12 3.68
C ILE C 480 -33.39 0.96 3.30
N GLU C 481 -33.59 1.95 2.42
CA GLU C 481 -32.49 2.77 1.90
C GLU C 481 -32.67 4.26 2.15
N GLN C 482 -31.57 4.99 1.97
CA GLN C 482 -31.53 6.43 2.10
C GLN C 482 -32.27 7.08 0.93
N VAL C 483 -33.24 7.97 1.22
CA VAL C 483 -33.84 8.87 0.23
C VAL C 483 -33.10 10.20 0.28
N ARG C 484 -32.52 10.58 -0.85
CA ARG C 484 -31.96 11.91 -1.03
C ARG C 484 -32.98 12.69 -1.88
N ASP C 485 -33.99 13.24 -1.21
CA ASP C 485 -35.06 13.97 -1.88
C ASP C 485 -34.54 15.13 -2.75
N GLU C 486 -34.83 15.10 -4.04
CA GLU C 486 -34.39 16.15 -4.96
C GLU C 486 -35.58 17.02 -5.35
N THR C 487 -36.73 16.81 -4.70
CA THR C 487 -37.98 17.48 -5.04
C THR C 487 -37.87 19.00 -5.03
N SER C 488 -37.13 19.54 -4.08
CA SER C 488 -36.96 20.99 -3.96
C SER C 488 -36.28 21.62 -5.19
N THR C 489 -35.45 20.85 -5.92
CA THR C 489 -34.84 21.35 -7.17
C THR C 489 -35.84 21.48 -8.32
N TYR C 490 -36.98 20.81 -8.19
CA TYR C 490 -38.07 20.89 -9.17
C TYR C 490 -38.97 22.07 -8.85
N VAL C 491 -38.45 23.28 -9.05
CA VAL C 491 -39.14 24.47 -8.58
C VAL C 491 -40.44 24.67 -9.37
N GLY C 492 -41.55 24.80 -8.64
CA GLY C 492 -42.88 24.99 -9.22
C GLY C 492 -43.65 23.70 -9.47
N LEU C 493 -43.01 22.56 -9.22
CA LEU C 493 -43.63 21.26 -9.47
C LEU C 493 -44.87 21.12 -8.61
N ASP C 494 -45.96 20.72 -9.24
CA ASP C 494 -47.23 20.46 -8.57
C ASP C 494 -47.95 19.39 -9.39
N ASP C 495 -47.94 18.16 -8.90
CA ASP C 495 -48.75 17.07 -9.50
C ASP C 495 -50.24 17.41 -9.60
N GLY C 496 -50.71 18.32 -8.73
CA GLY C 496 -52.09 18.82 -8.77
C GLY C 496 -52.49 19.60 -10.00
N GLU C 497 -51.51 20.01 -10.79
CA GLU C 497 -51.79 20.65 -12.08
C GLU C 497 -52.01 19.64 -13.20
N ILE C 498 -51.59 18.39 -13.01
CA ILE C 498 -51.83 17.30 -13.97
C ILE C 498 -53.26 16.75 -13.84
N THR C 499 -53.91 16.57 -14.97
CA THR C 499 -55.27 16.02 -15.03
C THR C 499 -55.47 14.83 -14.11
N SER C 500 -56.40 14.99 -13.17
CA SER C 500 -56.88 13.94 -12.24
C SER C 500 -56.06 13.73 -10.95
N TYR C 501 -54.92 14.39 -10.79
CA TYR C 501 -53.98 14.13 -9.67
C TYR C 501 -53.94 15.26 -8.62
N SER C 502 -53.29 15.02 -7.48
CA SER C 502 -53.07 16.09 -6.49
C SER C 502 -51.64 16.10 -5.90
N GLY D 2 20.91 -8.22 -42.69
CA GLY D 2 21.72 -8.42 -41.46
C GLY D 2 21.17 -9.57 -40.63
N VAL D 3 22.08 -10.39 -40.11
CA VAL D 3 21.69 -11.57 -39.35
C VAL D 3 21.46 -11.16 -37.88
N VAL D 4 20.25 -11.38 -37.38
CA VAL D 4 19.88 -10.97 -36.03
C VAL D 4 19.97 -12.17 -35.08
N ASN D 5 20.87 -12.08 -34.10
CA ASN D 5 21.02 -13.12 -33.09
C ASN D 5 20.20 -12.70 -31.87
N VAL D 6 19.08 -13.38 -31.65
CA VAL D 6 18.21 -13.12 -30.52
C VAL D 6 18.76 -13.79 -29.26
N PRO D 7 19.13 -13.02 -28.24
CA PRO D 7 19.59 -13.64 -26.98
C PRO D 7 18.47 -14.48 -26.38
N SER D 8 18.85 -15.52 -25.64
CA SER D 8 17.87 -16.41 -25.01
C SER D 8 17.23 -15.76 -23.80
N ASN D 9 17.98 -14.89 -23.13
CA ASN D 9 17.47 -14.14 -21.99
C ASN D 9 17.57 -12.63 -22.21
N GLY D 10 16.70 -11.88 -21.54
CA GLY D 10 16.69 -10.43 -21.63
C GLY D 10 16.47 -9.78 -20.27
N ARG D 11 17.19 -8.70 -20.02
CA ARG D 11 17.07 -7.97 -18.76
C ARG D 11 15.92 -6.95 -18.80
N GLU D 12 15.75 -6.26 -19.93
CA GLU D 12 14.76 -5.19 -20.03
C GLU D 12 13.33 -5.72 -20.19
N LYS D 13 12.37 -4.85 -19.86
CA LYS D 13 10.94 -5.20 -19.87
C LYS D 13 10.20 -4.25 -20.79
N PHE D 14 9.49 -4.81 -21.79
CA PHE D 14 8.66 -4.02 -22.70
C PHE D 14 7.39 -3.59 -21.97
N LYS D 15 7.26 -2.30 -21.71
CA LYS D 15 6.12 -1.80 -20.93
C LYS D 15 4.80 -1.81 -21.73
N LYS D 16 3.70 -1.76 -20.98
CA LYS D 16 2.35 -1.70 -21.56
C LYS D 16 1.89 -0.25 -21.76
N ASN D 17 2.83 0.69 -21.67
CA ASN D 17 2.55 2.10 -21.86
C ASN D 17 1.80 2.35 -23.17
N TRP D 18 2.15 1.61 -24.20
CA TRP D 18 1.59 1.79 -25.55
C TRP D 18 0.07 1.60 -25.66
N LYS D 19 -0.57 1.05 -24.63
CA LYS D 19 -2.02 0.90 -24.63
C LYS D 19 -2.67 1.42 -23.33
N PHE D 20 -1.98 2.30 -22.61
CA PHE D 20 -2.59 3.01 -21.46
C PHE D 20 -3.84 3.77 -21.87
N CYS D 21 -3.80 4.42 -23.03
CA CYS D 21 -4.85 5.34 -23.42
C CYS D 21 -4.95 5.40 -24.95
N VAL D 22 -6.17 5.61 -25.42
CA VAL D 22 -6.49 5.75 -26.84
C VAL D 22 -7.39 6.98 -27.00
N GLY D 23 -7.36 7.58 -28.16
CA GLY D 23 -8.12 8.78 -28.46
C GLY D 23 -9.51 8.48 -29.02
N THR D 24 -10.39 9.47 -28.96
CA THR D 24 -11.74 9.34 -29.51
C THR D 24 -12.28 10.68 -30.05
N GLY D 25 -13.31 10.59 -30.89
CA GLY D 25 -14.12 11.71 -31.29
C GLY D 25 -14.88 12.19 -30.09
N ARG D 26 -15.69 13.24 -30.26
CA ARG D 26 -16.20 13.99 -29.10
C ARG D 26 -17.13 13.11 -28.29
N LEU D 27 -17.26 13.35 -26.99
CA LEU D 27 -17.94 12.42 -26.10
C LEU D 27 -19.44 12.31 -26.40
N GLY D 28 -20.03 13.31 -27.01
CA GLY D 28 -21.42 13.22 -27.44
C GLY D 28 -21.62 12.14 -28.47
N LEU D 29 -20.56 11.84 -29.23
CA LEU D 29 -20.64 10.76 -30.23
C LEU D 29 -20.63 9.37 -29.63
N ALA D 30 -20.18 9.26 -28.38
CA ALA D 30 -20.19 8.00 -27.66
C ALA D 30 -21.61 7.47 -27.42
N LEU D 31 -22.61 8.33 -27.60
CA LEU D 31 -24.01 7.93 -27.48
C LEU D 31 -24.44 7.09 -28.68
N GLN D 32 -23.68 7.14 -29.77
CA GLN D 32 -24.03 6.38 -30.97
C GLN D 32 -23.80 4.89 -30.81
N LYS D 33 -24.63 4.09 -31.48
CA LYS D 33 -24.48 2.65 -31.42
C LYS D 33 -23.22 2.26 -32.16
N GLU D 34 -22.92 2.97 -33.24
CA GLU D 34 -21.77 2.68 -34.08
C GLU D 34 -20.50 2.85 -33.25
N TYR D 35 -20.48 3.89 -32.43
CA TYR D 35 -19.33 4.18 -31.56
C TYR D 35 -19.05 3.01 -30.62
N LEU D 36 -20.12 2.55 -29.98
CA LEU D 36 -20.04 1.47 -29.02
C LEU D 36 -19.67 0.13 -29.64
N ASP D 37 -20.17 -0.18 -30.83
CA ASP D 37 -19.67 -1.35 -31.57
C ASP D 37 -18.15 -1.27 -31.75
N HIS D 38 -17.64 -0.10 -32.11
CA HIS D 38 -16.21 0.06 -32.36
C HIS D 38 -15.40 -0.10 -31.09
N LEU D 39 -15.88 0.49 -30.00
CA LEU D 39 -15.18 0.42 -28.72
C LEU D 39 -15.18 -1.00 -28.18
N LYS D 40 -16.28 -1.71 -28.33
CA LYS D 40 -16.34 -3.12 -27.92
C LYS D 40 -15.30 -3.98 -28.63
N LEU D 41 -15.15 -3.77 -29.94
CA LEU D 41 -14.15 -4.48 -30.75
C LEU D 41 -12.72 -4.11 -30.36
N VAL D 42 -12.48 -2.82 -30.13
CA VAL D 42 -11.18 -2.38 -29.67
C VAL D 42 -10.86 -2.92 -28.28
N GLN D 43 -11.85 -3.08 -27.41
CA GLN D 43 -11.55 -3.51 -26.04
C GLN D 43 -11.33 -5.00 -25.93
N GLU D 44 -11.89 -5.77 -26.88
CA GLU D 44 -11.72 -7.22 -26.94
C GLU D 44 -10.39 -7.65 -27.57
N LYS D 45 -9.93 -6.88 -28.55
CA LYS D 45 -8.71 -7.19 -29.31
C LYS D 45 -7.48 -6.39 -28.86
N ILE D 46 -7.70 -5.34 -28.10
CA ILE D 46 -6.63 -4.48 -27.56
C ILE D 46 -7.13 -3.95 -26.24
N GLY D 47 -6.54 -4.25 -25.13
CA GLY D 47 -7.22 -3.75 -23.91
C GLY D 47 -6.72 -2.37 -23.53
N PHE D 48 -7.34 -1.29 -24.03
CA PHE D 48 -6.94 0.09 -23.62
C PHE D 48 -7.51 0.40 -22.27
N ARG D 49 -6.72 1.06 -21.42
CA ARG D 49 -7.16 1.41 -20.07
C ARG D 49 -7.95 2.71 -19.99
N TYR D 50 -7.57 3.71 -20.79
CA TYR D 50 -8.15 5.05 -20.76
C TYR D 50 -8.57 5.50 -22.16
N ILE D 51 -9.54 6.44 -22.20
CA ILE D 51 -10.04 7.01 -23.45
C ILE D 51 -10.18 8.52 -23.32
N ARG D 52 -9.59 9.24 -24.28
CA ARG D 52 -9.43 10.68 -24.24
C ARG D 52 -9.99 11.39 -25.48
N GLY D 53 -10.92 12.32 -25.27
CA GLY D 53 -11.52 13.10 -26.34
C GLY D 53 -12.09 14.45 -25.88
N HIS D 54 -12.49 15.29 -26.86
CA HIS D 54 -13.04 16.63 -26.55
C HIS D 54 -14.49 16.55 -26.24
N GLY D 55 -15.02 17.66 -25.69
CA GLY D 55 -16.44 17.95 -25.68
C GLY D 55 -17.24 17.50 -24.49
N LEU D 56 -16.57 17.16 -23.41
CA LEU D 56 -17.27 16.77 -22.21
C LEU D 56 -18.26 17.86 -21.83
N LEU D 57 -17.77 19.09 -21.83
CA LEU D 57 -18.56 20.23 -21.41
C LEU D 57 -19.24 20.97 -22.57
N SER D 58 -19.18 20.45 -23.79
CA SER D 58 -19.85 21.11 -24.90
C SER D 58 -21.31 20.75 -24.92
N ASP D 59 -22.09 21.47 -25.72
CA ASP D 59 -23.51 21.54 -25.47
C ASP D 59 -24.36 20.37 -25.92
N ASP D 60 -23.85 19.56 -26.84
CA ASP D 60 -24.54 18.33 -27.23
C ASP D 60 -24.61 17.35 -26.06
N VAL D 61 -23.53 17.26 -25.30
CA VAL D 61 -23.53 16.48 -24.06
C VAL D 61 -24.45 17.17 -23.05
N GLY D 62 -24.41 18.50 -23.02
CA GLY D 62 -25.46 19.30 -22.41
C GLY D 62 -25.46 19.46 -20.90
N ILE D 63 -24.30 19.32 -20.29
CA ILE D 63 -24.23 19.44 -18.84
C ILE D 63 -24.58 20.86 -18.42
N TYR D 64 -24.00 21.89 -19.04
CA TYR D 64 -24.19 23.25 -18.50
C TYR D 64 -25.39 23.97 -19.09
N ARG D 65 -26.34 24.30 -18.22
CA ARG D 65 -27.50 25.12 -18.57
C ARG D 65 -27.82 26.19 -17.51
N GLU D 66 -28.53 27.24 -17.94
CA GLU D 66 -29.46 28.03 -17.09
C GLU D 66 -30.75 28.14 -17.93
N VAL D 67 -31.99 28.29 -17.47
CA VAL D 67 -32.70 28.00 -16.19
C VAL D 67 -33.15 29.23 -15.31
N GLU D 68 -34.31 29.78 -15.66
CA GLU D 68 -34.89 30.92 -14.93
C GLU D 68 -35.78 30.45 -13.76
N ILE D 69 -35.30 30.67 -12.54
CA ILE D 69 -36.01 30.27 -11.32
C ILE D 69 -36.18 31.46 -10.41
N ASP D 70 -37.44 31.81 -10.11
CA ASP D 70 -37.80 32.93 -9.25
C ASP D 70 -37.13 34.25 -9.68
N GLY D 71 -37.21 34.56 -10.97
CA GLY D 71 -36.68 35.82 -11.50
C GLY D 71 -35.16 35.89 -11.56
N GLU D 72 -34.50 34.73 -11.57
CA GLU D 72 -33.05 34.64 -11.48
C GLU D 72 -32.48 33.53 -12.39
N MET D 73 -31.44 33.87 -13.16
CA MET D 73 -30.79 32.89 -14.03
C MET D 73 -29.84 32.02 -13.21
N LYS D 74 -30.22 30.76 -13.01
CA LYS D 74 -29.51 29.86 -12.12
C LYS D 74 -29.00 28.62 -12.88
N PRO D 75 -27.82 28.13 -12.52
CA PRO D 75 -27.24 26.93 -13.15
C PRO D 75 -28.07 25.65 -12.94
N PHE D 76 -28.18 24.87 -13.99
CA PHE D 76 -28.71 23.51 -13.92
C PHE D 76 -27.70 22.60 -14.59
N TYR D 77 -27.37 21.51 -13.90
CA TYR D 77 -26.37 20.56 -14.37
C TYR D 77 -27.09 19.29 -14.82
N ASN D 78 -27.08 19.03 -16.13
CA ASN D 78 -27.83 17.91 -16.69
C ASN D 78 -26.91 16.73 -16.99
N PHE D 79 -26.93 15.68 -16.16
CA PHE D 79 -25.94 14.58 -16.31
C PHE D 79 -26.54 13.38 -17.00
N THR D 80 -27.68 13.55 -17.64
CA THR D 80 -28.35 12.47 -18.37
C THR D 80 -27.43 11.76 -19.37
N TYR D 81 -26.74 12.57 -20.17
CA TYR D 81 -25.84 12.06 -21.21
C TYR D 81 -24.48 11.55 -20.70
N ILE D 82 -23.69 12.28 -19.89
CA ILE D 82 -22.39 11.66 -19.44
C ILE D 82 -22.63 10.49 -18.54
N ASP D 83 -23.76 10.42 -17.83
CA ASP D 83 -24.05 9.23 -17.05
C ASP D 83 -24.00 8.03 -17.99
N ARG D 84 -24.78 8.10 -19.07
CA ARG D 84 -24.88 7.03 -20.06
C ARG D 84 -23.55 6.73 -20.73
N ILE D 85 -22.82 7.78 -21.08
CA ILE D 85 -21.51 7.66 -21.74
C ILE D 85 -20.51 6.97 -20.81
N VAL D 86 -20.34 7.54 -19.61
CA VAL D 86 -19.33 7.00 -18.68
C VAL D 86 -19.69 5.58 -18.20
N ASP D 87 -20.96 5.30 -17.94
CA ASP D 87 -21.46 3.93 -17.76
C ASP D 87 -21.03 2.97 -18.87
N SER D 88 -21.19 3.39 -20.13
CA SER D 88 -20.85 2.51 -21.26
C SER D 88 -19.35 2.26 -21.35
N TYR D 89 -18.57 3.26 -20.95
CA TYR D 89 -17.11 3.14 -20.87
C TYR D 89 -16.73 2.08 -19.85
N LEU D 90 -17.16 2.25 -18.62
CA LEU D 90 -16.79 1.32 -17.55
C LEU D 90 -17.28 -0.10 -17.83
N ALA D 91 -18.42 -0.25 -18.51
CA ALA D 91 -18.90 -1.58 -18.88
C ALA D 91 -17.98 -2.23 -19.91
N LEU D 92 -17.25 -1.41 -20.67
CA LEU D 92 -16.27 -1.94 -21.61
C LEU D 92 -14.84 -1.89 -21.07
N ASN D 93 -14.74 -1.64 -19.77
CA ASN D 93 -13.50 -1.73 -19.02
C ASN D 93 -12.50 -0.68 -19.45
N ILE D 94 -13.00 0.53 -19.69
CA ILE D 94 -12.12 1.65 -20.05
C ILE D 94 -12.56 2.88 -19.27
N ARG D 95 -11.58 3.68 -18.81
CA ARG D 95 -11.90 4.84 -17.99
C ARG D 95 -11.58 6.12 -18.75
N PRO D 96 -12.26 7.20 -18.40
CA PRO D 96 -12.04 8.47 -19.12
C PRO D 96 -10.76 9.18 -18.68
N PHE D 97 -9.89 9.47 -19.64
CA PHE D 97 -8.86 10.49 -19.47
C PHE D 97 -9.66 11.76 -19.81
N ILE D 98 -10.31 12.32 -18.80
CA ILE D 98 -11.22 13.46 -18.97
C ILE D 98 -10.47 14.65 -19.49
N GLU D 99 -11.06 15.35 -20.45
CA GLU D 99 -10.54 16.62 -20.95
C GLU D 99 -11.57 17.69 -20.69
N PHE D 100 -11.21 18.71 -19.90
CA PHE D 100 -12.16 19.76 -19.55
C PHE D 100 -12.25 20.77 -20.68
N GLY D 101 -13.36 20.72 -21.42
CA GLY D 101 -13.58 21.57 -22.59
C GLY D 101 -14.78 21.03 -23.37
N PHE D 102 -15.26 21.73 -24.39
CA PHE D 102 -14.94 23.12 -24.64
C PHE D 102 -15.83 24.00 -23.75
N MET D 103 -16.10 25.23 -24.18
CA MET D 103 -16.75 26.20 -23.30
C MET D 103 -18.24 26.13 -23.52
N PRO D 104 -19.04 25.90 -22.48
CA PRO D 104 -20.48 25.89 -22.68
C PRO D 104 -20.93 27.25 -23.19
N LYS D 105 -21.92 27.26 -24.06
CA LYS D 105 -22.35 28.48 -24.75
C LYS D 105 -22.92 29.48 -23.78
N ALA D 106 -23.73 29.00 -22.85
CA ALA D 106 -24.30 29.86 -21.82
C ALA D 106 -23.26 30.44 -20.86
N LEU D 107 -22.01 29.99 -20.94
CA LEU D 107 -20.94 30.54 -20.10
C LEU D 107 -19.83 31.22 -20.93
N ALA D 108 -19.97 31.21 -22.25
CA ALA D 108 -18.96 31.79 -23.14
C ALA D 108 -18.91 33.32 -23.03
N SER D 109 -17.73 33.90 -23.22
CA SER D 109 -17.52 35.35 -23.21
C SER D 109 -17.60 35.91 -24.62
N GLY D 110 -17.39 35.06 -25.61
CA GLY D 110 -17.34 35.45 -27.01
C GLY D 110 -17.92 34.40 -27.94
N ASP D 111 -17.78 34.66 -29.23
CA ASP D 111 -18.46 33.91 -30.30
C ASP D 111 -17.64 32.83 -31.02
N GLN D 112 -16.32 32.86 -30.87
CA GLN D 112 -15.44 32.06 -31.72
C GLN D 112 -15.65 30.55 -31.44
N THR D 113 -15.86 29.77 -32.50
CA THR D 113 -16.00 28.34 -32.36
C THR D 113 -14.95 27.60 -33.18
N VAL D 114 -14.92 26.29 -32.97
CA VAL D 114 -14.01 25.41 -33.65
C VAL D 114 -14.84 24.20 -34.11
N PHE D 115 -14.58 23.75 -35.33
CA PHE D 115 -15.15 22.51 -35.90
C PHE D 115 -16.56 22.72 -36.39
N TYR D 116 -16.99 21.77 -37.20
CA TYR D 116 -18.34 21.71 -37.71
C TYR D 116 -19.34 21.63 -36.55
N TRP D 117 -18.94 21.00 -35.45
CA TRP D 117 -19.85 20.95 -34.29
C TRP D 117 -19.75 22.13 -33.36
N LYS D 118 -18.95 23.12 -33.71
CA LYS D 118 -19.00 24.43 -33.07
C LYS D 118 -18.66 24.45 -31.57
N GLY D 119 -17.60 23.75 -31.18
CA GLY D 119 -17.09 23.93 -29.84
C GLY D 119 -16.69 25.39 -29.63
N ASN D 120 -17.15 26.02 -28.54
CA ASN D 120 -16.80 27.42 -28.27
C ASN D 120 -15.45 27.47 -27.57
N VAL D 121 -14.57 28.35 -28.06
CA VAL D 121 -13.19 28.33 -27.64
C VAL D 121 -12.79 29.67 -26.97
N THR D 122 -13.70 30.25 -26.20
CA THR D 122 -13.44 31.51 -25.51
C THR D 122 -13.48 31.31 -24.00
N PRO D 123 -12.75 32.17 -23.27
CA PRO D 123 -12.73 32.09 -21.80
C PRO D 123 -14.13 32.14 -21.22
N PRO D 124 -14.34 31.65 -20.01
CA PRO D 124 -15.62 31.81 -19.33
C PRO D 124 -15.86 33.28 -19.05
N LYS D 125 -17.09 33.75 -19.21
CA LYS D 125 -17.46 35.14 -18.91
C LYS D 125 -17.33 35.39 -17.41
N ASP D 126 -17.47 34.34 -16.63
CA ASP D 126 -17.29 34.36 -15.19
C ASP D 126 -16.50 33.11 -14.77
N TYR D 127 -15.31 33.34 -14.24
CA TYR D 127 -14.43 32.26 -13.81
C TYR D 127 -14.94 31.50 -12.59
N ASN D 128 -15.72 32.17 -11.74
CA ASN D 128 -16.38 31.51 -10.60
C ASN D 128 -17.49 30.54 -11.01
N LYS D 129 -18.14 30.84 -12.12
CA LYS D 129 -19.17 29.94 -12.65
C LYS D 129 -18.53 28.74 -13.33
N TRP D 130 -17.35 28.93 -13.91
CA TRP D 130 -16.55 27.85 -14.51
C TRP D 130 -16.08 26.88 -13.42
N ARG D 131 -15.50 27.43 -12.36
CA ARG D 131 -15.11 26.65 -11.18
C ARG D 131 -16.29 25.86 -10.58
N ASP D 132 -17.42 26.53 -10.36
CA ASP D 132 -18.61 25.86 -9.87
C ASP D 132 -19.03 24.71 -10.79
N LEU D 133 -18.83 24.89 -12.08
CA LEU D 133 -19.12 23.86 -13.07
C LEU D 133 -18.19 22.67 -12.81
N ILE D 134 -16.88 22.92 -12.70
CA ILE D 134 -15.93 21.85 -12.47
C ILE D 134 -16.27 21.11 -11.19
N VAL D 135 -16.57 21.85 -10.11
CA VAL D 135 -16.91 21.20 -8.84
C VAL D 135 -18.17 20.33 -8.94
N ALA D 136 -19.20 20.82 -9.65
CA ALA D 136 -20.46 20.06 -9.74
C ALA D 136 -20.31 18.78 -10.57
N VAL D 137 -19.50 18.83 -11.62
CA VAL D 137 -19.24 17.68 -12.47
C VAL D 137 -18.40 16.63 -11.73
N VAL D 138 -17.28 17.05 -11.15
CA VAL D 138 -16.35 16.13 -10.47
C VAL D 138 -17.09 15.45 -9.32
N SER D 139 -17.81 16.28 -8.55
CA SER D 139 -18.65 15.81 -7.46
C SER D 139 -19.65 14.80 -7.97
N HIS D 140 -20.31 15.12 -9.08
CA HIS D 140 -21.25 14.20 -9.65
C HIS D 140 -20.59 12.84 -9.92
N PHE D 141 -19.37 12.84 -10.48
CA PHE D 141 -18.71 11.59 -10.78
C PHE D 141 -18.53 10.78 -9.49
N ILE D 142 -18.13 11.46 -8.42
CA ILE D 142 -17.83 10.81 -7.14
C ILE D 142 -19.11 10.23 -6.52
N GLU D 143 -20.22 10.95 -6.65
CA GLU D 143 -21.50 10.52 -6.09
C GLU D 143 -21.97 9.26 -6.81
N ARG D 144 -21.77 9.25 -8.13
CA ARG D 144 -22.25 8.17 -8.97
C ARG D 144 -21.38 6.92 -8.90
N TYR D 145 -20.07 7.08 -9.02
CA TYR D 145 -19.15 5.96 -9.20
C TYR D 145 -18.28 5.62 -7.99
N GLY D 146 -18.16 6.53 -7.03
CA GLY D 146 -17.31 6.32 -5.88
C GLY D 146 -15.96 6.97 -6.00
N ILE D 147 -15.45 7.44 -4.86
CA ILE D 147 -14.21 8.18 -4.77
C ILE D 147 -13.03 7.32 -5.28
N GLU D 148 -13.03 6.03 -4.94
CA GLU D 148 -11.92 5.13 -5.33
C GLU D 148 -11.78 5.01 -6.85
N GLU D 149 -12.87 4.65 -7.51
CA GLU D 149 -12.95 4.72 -8.97
C GLU D 149 -12.42 6.05 -9.59
N VAL D 150 -13.03 7.18 -9.23
CA VAL D 150 -12.74 8.48 -9.86
C VAL D 150 -11.28 8.84 -9.70
N ARG D 151 -10.67 8.34 -8.61
CA ARG D 151 -9.29 8.65 -8.27
C ARG D 151 -8.28 8.02 -9.22
N THR D 152 -8.71 6.95 -9.90
CA THR D 152 -7.90 6.33 -10.95
C THR D 152 -8.00 7.04 -12.29
N TRP D 153 -8.85 8.07 -12.39
CA TRP D 153 -9.05 8.80 -13.67
C TRP D 153 -7.98 9.88 -13.81
N LEU D 154 -7.88 10.49 -14.99
CA LEU D 154 -6.99 11.64 -15.19
C LEU D 154 -7.80 12.82 -15.71
N PHE D 155 -7.38 14.04 -15.40
CA PHE D 155 -8.10 15.28 -15.72
C PHE D 155 -7.18 16.28 -16.39
N GLU D 156 -7.24 16.38 -17.72
CA GLU D 156 -6.44 17.31 -18.52
C GLU D 156 -7.27 18.56 -18.73
N VAL D 157 -6.62 19.72 -18.72
CA VAL D 157 -7.36 20.99 -18.76
C VAL D 157 -7.29 21.65 -20.14
N TRP D 158 -8.41 21.61 -20.84
CA TRP D 158 -8.54 22.24 -22.15
C TRP D 158 -7.80 21.49 -23.25
N ASN D 159 -7.69 22.10 -24.42
CA ASN D 159 -7.04 21.50 -25.58
C ASN D 159 -6.32 22.53 -26.44
N GLU D 160 -5.05 22.25 -26.73
CA GLU D 160 -4.19 23.07 -27.57
C GLU D 160 -4.40 24.58 -27.45
N PRO D 161 -4.22 25.11 -26.25
CA PRO D 161 -4.35 26.55 -26.01
C PRO D 161 -3.33 27.37 -26.80
N ASN D 162 -2.26 26.72 -27.26
CA ASN D 162 -1.25 27.42 -28.07
C ASN D 162 -1.64 27.63 -29.54
N LEU D 163 -2.82 27.13 -29.90
CA LEU D 163 -3.41 27.34 -31.23
C LEU D 163 -4.64 28.23 -31.19
N VAL D 164 -4.69 29.19 -32.11
CA VAL D 164 -5.76 30.17 -32.18
C VAL D 164 -7.11 29.47 -32.45
N ASN D 165 -7.09 28.35 -33.17
CA ASN D 165 -8.30 27.62 -33.48
C ASN D 165 -8.97 27.06 -32.23
N PHE D 166 -8.17 26.79 -31.18
CA PHE D 166 -8.69 26.17 -29.97
C PHE D 166 -8.85 27.09 -28.77
N TRP D 167 -8.36 28.32 -28.88
CA TRP D 167 -8.31 29.19 -27.72
C TRP D 167 -8.08 30.64 -28.16
N LYS D 168 -8.98 31.53 -27.77
CA LYS D 168 -8.97 32.91 -28.25
C LYS D 168 -7.59 33.56 -28.15
N ASP D 169 -7.01 33.88 -29.30
CA ASP D 169 -5.71 34.56 -29.41
C ASP D 169 -4.51 33.72 -28.95
N ALA D 170 -4.71 32.44 -28.65
CA ALA D 170 -3.68 31.60 -28.07
C ALA D 170 -3.09 32.35 -26.87
N ASN D 171 -3.98 32.79 -25.99
CA ASN D 171 -3.61 33.62 -24.86
C ASN D 171 -2.97 32.81 -23.71
N LYS D 172 -1.65 32.91 -23.62
CA LYS D 172 -0.87 32.15 -22.64
C LYS D 172 -1.35 32.36 -21.19
N GLN D 173 -1.44 33.63 -20.77
CA GLN D 173 -1.72 33.94 -19.37
C GLN D 173 -3.19 33.67 -19.06
N GLU D 174 -4.05 33.80 -20.06
CA GLU D 174 -5.46 33.45 -19.89
C GLU D 174 -5.61 31.93 -19.71
N TYR D 175 -4.81 31.17 -20.44
CA TYR D 175 -4.80 29.73 -20.28
C TYR D 175 -4.25 29.35 -18.90
N PHE D 176 -3.12 29.90 -18.50
CA PHE D 176 -2.56 29.60 -17.20
C PHE D 176 -3.59 29.90 -16.12
N LYS D 177 -4.37 30.97 -16.32
CA LYS D 177 -5.43 31.33 -15.38
C LYS D 177 -6.57 30.32 -15.41
N LEU D 178 -6.94 29.86 -16.60
CA LEU D 178 -8.00 28.85 -16.74
C LEU D 178 -7.53 27.55 -16.09
N TYR D 179 -6.28 27.19 -16.34
CA TYR D 179 -5.69 26.01 -15.72
C TYR D 179 -5.79 26.15 -14.21
N GLU D 180 -5.29 27.25 -13.69
CA GLU D 180 -5.25 27.44 -12.24
C GLU D 180 -6.62 27.33 -11.58
N VAL D 181 -7.65 27.95 -12.16
CA VAL D 181 -9.00 27.89 -11.58
C VAL D 181 -9.55 26.44 -11.65
N THR D 182 -9.21 25.73 -12.71
CA THR D 182 -9.68 24.35 -12.87
C THR D 182 -8.93 23.38 -11.98
N ALA D 183 -7.62 23.58 -11.84
CA ALA D 183 -6.79 22.69 -11.03
C ALA D 183 -7.16 22.79 -9.56
N ARG D 184 -7.42 24.01 -9.08
CA ARG D 184 -7.85 24.22 -7.69
C ARG D 184 -9.28 23.77 -7.45
N ALA D 185 -10.14 23.93 -8.45
CA ALA D 185 -11.51 23.41 -8.36
C ALA D 185 -11.49 21.88 -8.14
N VAL D 186 -10.72 21.18 -8.95
CA VAL D 186 -10.63 19.72 -8.87
C VAL D 186 -10.05 19.26 -7.54
N LYS D 187 -8.96 19.87 -7.10
CA LYS D 187 -8.33 19.50 -5.83
C LYS D 187 -9.20 19.81 -4.62
N SER D 188 -10.03 20.85 -4.71
CA SER D 188 -10.93 21.20 -3.60
C SER D 188 -12.04 20.15 -3.38
N VAL D 189 -12.33 19.36 -4.41
CA VAL D 189 -13.31 18.27 -4.25
C VAL D 189 -12.63 17.07 -3.59
N ASP D 190 -11.42 16.75 -4.03
CA ASP D 190 -10.57 15.72 -3.45
C ASP D 190 -9.10 15.93 -3.87
N PRO D 191 -8.14 15.94 -2.93
CA PRO D 191 -6.73 16.26 -3.28
C PRO D 191 -5.93 15.21 -4.07
N HIS D 192 -6.46 14.00 -4.16
CA HIS D 192 -5.84 12.90 -4.88
C HIS D 192 -6.29 12.74 -6.33
N LEU D 193 -7.14 13.65 -6.80
CA LEU D 193 -7.54 13.64 -8.23
C LEU D 193 -6.40 14.24 -9.04
N GLN D 194 -5.95 13.53 -10.06
CA GLN D 194 -4.75 13.87 -10.81
C GLN D 194 -5.11 14.82 -11.93
N VAL D 195 -4.66 16.07 -11.84
CA VAL D 195 -4.95 17.10 -12.82
C VAL D 195 -3.67 17.55 -13.52
N GLY D 196 -3.81 17.96 -14.78
CA GLY D 196 -2.66 18.34 -15.59
C GLY D 196 -2.98 19.13 -16.85
N GLY D 197 -1.92 19.53 -17.54
CA GLY D 197 -1.96 20.35 -18.74
C GLY D 197 -0.55 20.41 -19.29
N PRO D 198 -0.24 21.27 -20.28
CA PRO D 198 -1.15 22.23 -20.90
C PRO D 198 -1.79 21.79 -22.24
N ALA D 199 -1.70 20.52 -22.57
CA ALA D 199 -2.43 19.97 -23.73
C ALA D 199 -2.03 20.59 -25.10
N ILE D 200 -0.78 21.03 -25.23
CA ILE D 200 -0.37 21.82 -26.40
C ILE D 200 -0.05 20.97 -27.60
N CYS D 201 -0.28 21.53 -28.79
CA CYS D 201 0.24 20.93 -30.01
C CYS D 201 1.72 21.27 -30.05
N GLY D 202 2.45 20.64 -30.98
CA GLY D 202 3.87 20.91 -31.14
C GLY D 202 4.12 22.25 -31.78
N GLY D 203 5.37 22.70 -31.77
CA GLY D 203 5.75 23.91 -32.45
C GLY D 203 6.19 25.03 -31.53
N SER D 204 5.91 24.88 -30.24
CA SER D 204 6.13 25.95 -29.28
C SER D 204 6.30 25.39 -27.85
N ASP D 205 7.28 24.52 -27.68
CA ASP D 205 7.45 23.81 -26.40
C ASP D 205 7.87 24.70 -25.22
N GLU D 206 8.30 25.92 -25.49
CA GLU D 206 8.51 26.88 -24.41
C GLU D 206 7.24 27.00 -23.52
N TRP D 207 6.06 26.71 -24.07
CA TRP D 207 4.81 26.68 -23.30
C TRP D 207 4.85 25.69 -22.13
N ILE D 208 5.53 24.56 -22.32
CA ILE D 208 5.73 23.61 -21.24
C ILE D 208 6.65 24.22 -20.18
N THR D 209 7.83 24.64 -20.59
CA THR D 209 8.73 25.37 -19.69
C THR D 209 7.96 26.45 -18.91
N ASP D 210 7.25 27.35 -19.61
CA ASP D 210 6.57 28.48 -18.95
C ASP D 210 5.39 28.03 -18.09
N PHE D 211 4.70 26.99 -18.56
CA PHE D 211 3.55 26.45 -17.81
C PHE D 211 3.98 26.00 -16.41
N LEU D 212 5.09 25.25 -16.34
CA LEU D 212 5.55 24.71 -15.07
C LEU D 212 6.16 25.79 -14.18
N HIS D 213 6.68 26.85 -14.77
CA HIS D 213 7.16 27.99 -14.01
C HIS D 213 5.98 28.78 -13.46
N PHE D 214 4.87 28.80 -14.22
CA PHE D 214 3.64 29.41 -13.71
C PHE D 214 3.13 28.63 -12.47
N CYS D 215 3.02 27.31 -12.59
CA CYS D 215 2.53 26.47 -11.48
C CYS D 215 3.47 26.51 -10.26
N ALA D 216 4.77 26.70 -10.50
CA ALA D 216 5.78 26.79 -9.43
C ALA D 216 5.64 28.08 -8.66
N GLU D 217 5.52 29.19 -9.37
CA GLU D 217 5.46 30.50 -8.72
C GLU D 217 4.19 30.67 -7.91
N ARG D 218 3.07 30.19 -8.43
CA ARG D 218 1.79 30.39 -7.77
C ARG D 218 1.33 29.14 -7.01
N ARG D 219 2.21 28.15 -6.93
CA ARG D 219 1.91 26.84 -6.31
C ARG D 219 0.52 26.35 -6.68
N VAL D 220 0.33 26.25 -8.00
CA VAL D 220 -0.84 25.66 -8.60
C VAL D 220 -0.60 24.16 -8.69
N PRO D 221 -1.55 23.35 -8.24
CA PRO D 221 -1.39 21.89 -8.29
C PRO D 221 -1.16 21.43 -9.72
N VAL D 222 -0.22 20.51 -9.94
CA VAL D 222 -0.03 19.89 -11.25
C VAL D 222 0.53 18.49 -11.03
N ASP D 223 0.05 17.53 -11.82
CA ASP D 223 0.30 16.10 -11.58
C ASP D 223 0.82 15.35 -12.82
N PHE D 224 0.63 15.96 -13.98
CA PHE D 224 1.26 15.45 -15.19
C PHE D 224 1.39 16.57 -16.20
N VAL D 225 2.22 16.33 -17.21
CA VAL D 225 2.35 17.23 -18.34
C VAL D 225 1.74 16.49 -19.52
N SER D 226 0.92 17.18 -20.31
CA SER D 226 0.38 16.63 -21.54
C SER D 226 0.79 17.44 -22.75
N ARG D 227 0.90 16.75 -23.86
CA ARG D 227 1.40 17.29 -25.10
C ARG D 227 0.87 16.43 -26.24
N HIS D 228 0.68 17.03 -27.42
CA HIS D 228 0.26 16.28 -28.61
C HIS D 228 1.43 16.20 -29.58
N ALA D 229 1.47 15.19 -30.44
CA ALA D 229 2.63 15.00 -31.30
C ALA D 229 2.24 14.42 -32.65
N TYR D 230 2.58 15.14 -33.71
CA TYR D 230 2.30 14.70 -35.06
C TYR D 230 3.51 14.96 -35.94
N THR D 231 3.54 14.31 -37.09
CA THR D 231 4.69 14.42 -37.98
C THR D 231 4.32 14.97 -39.35
N SER D 232 3.06 15.38 -39.53
CA SER D 232 2.61 15.91 -40.81
C SER D 232 2.86 17.41 -40.91
N LYS D 233 3.39 17.83 -42.04
CA LYS D 233 3.40 19.25 -42.42
C LYS D 233 1.94 19.71 -42.65
N ALA D 234 1.72 21.01 -42.62
CA ALA D 234 0.42 21.53 -42.98
C ALA D 234 0.15 21.11 -44.42
N PRO D 235 -1.13 20.96 -44.77
CA PRO D 235 -1.54 20.48 -46.10
C PRO D 235 -1.00 21.33 -47.26
N HIS D 236 -0.50 20.66 -48.29
CA HIS D 236 0.03 21.28 -49.51
C HIS D 236 -0.99 21.18 -50.66
N LYS D 237 -1.98 20.29 -50.52
CA LYS D 237 -3.11 20.18 -51.47
C LYS D 237 -4.40 19.89 -50.70
N LYS D 238 -5.51 20.33 -51.27
CA LYS D 238 -6.83 20.20 -50.69
C LYS D 238 -7.81 19.82 -51.78
N THR D 239 -8.78 18.98 -51.46
CA THR D 239 -9.98 18.85 -52.28
C THR D 239 -11.13 19.22 -51.38
N PHE D 240 -12.37 19.18 -51.88
CA PHE D 240 -13.55 19.49 -51.07
C PHE D 240 -13.67 18.46 -49.94
N GLU D 241 -12.93 17.39 -50.11
CA GLU D 241 -13.05 16.17 -49.37
C GLU D 241 -11.86 15.86 -48.47
N TYR D 242 -10.66 16.26 -48.91
CA TYR D 242 -9.41 15.84 -48.30
C TYR D 242 -8.41 16.96 -47.97
N TYR D 243 -7.57 16.74 -46.95
CA TYR D 243 -6.30 17.44 -46.80
C TYR D 243 -5.19 16.43 -47.10
N TYR D 244 -4.26 16.76 -47.98
CA TYR D 244 -3.08 15.91 -48.20
C TYR D 244 -1.86 16.53 -47.52
N GLN D 245 -1.03 15.72 -46.88
CA GLN D 245 0.18 16.23 -46.20
C GLN D 245 1.40 15.32 -46.38
N GLU D 246 2.57 15.94 -46.48
CA GLU D 246 3.85 15.23 -46.40
C GLU D 246 4.11 14.87 -44.95
N LEU D 247 4.82 13.77 -44.71
CA LEU D 247 5.15 13.33 -43.35
C LEU D 247 6.68 13.31 -43.14
N GLU D 248 7.10 13.69 -41.94
CA GLU D 248 8.49 13.46 -41.49
C GLU D 248 8.59 12.00 -41.02
N PRO D 249 9.80 11.47 -40.88
CA PRO D 249 9.94 10.08 -40.46
C PRO D 249 9.55 9.85 -38.97
N PRO D 250 9.38 8.60 -38.54
CA PRO D 250 8.97 8.33 -37.16
C PRO D 250 9.98 8.81 -36.14
N GLU D 251 11.25 8.89 -36.50
CA GLU D 251 12.27 9.42 -35.56
C GLU D 251 11.97 10.86 -35.10
N ASP D 252 11.34 11.65 -35.97
CA ASP D 252 10.84 12.98 -35.63
C ASP D 252 9.89 12.99 -34.40
N MET D 253 8.96 12.06 -34.35
CA MET D 253 7.99 11.97 -33.22
C MET D 253 8.64 11.53 -31.91
N LEU D 254 9.43 10.46 -31.99
CA LEU D 254 10.22 9.98 -30.86
C LEU D 254 11.14 11.07 -30.28
N GLU D 255 11.70 11.91 -31.15
CA GLU D 255 12.53 13.04 -30.71
C GLU D 255 11.66 14.14 -30.04
N GLN D 256 10.39 14.29 -30.46
CA GLN D 256 9.48 15.21 -29.81
C GLN D 256 9.21 14.73 -28.37
N PHE D 257 8.97 13.42 -28.21
CA PHE D 257 8.72 12.81 -26.90
C PHE D 257 9.92 13.06 -25.99
N LYS D 258 11.09 12.69 -26.51
CA LYS D 258 12.39 12.77 -25.85
C LYS D 258 12.81 14.21 -25.50
N THR D 259 12.32 15.17 -26.28
CA THR D 259 12.57 16.59 -26.04
C THR D 259 11.71 17.13 -24.91
N VAL D 260 10.46 16.66 -24.81
CA VAL D 260 9.53 17.18 -23.82
C VAL D 260 9.82 16.59 -22.44
N ARG D 261 10.28 15.34 -22.42
CA ARG D 261 10.70 14.69 -21.19
C ARG D 261 11.88 15.48 -20.62
N ALA D 262 12.89 15.77 -21.45
CA ALA D 262 14.04 16.56 -21.01
C ALA D 262 13.58 17.91 -20.44
N LEU D 263 12.62 18.58 -21.08
CA LEU D 263 12.13 19.87 -20.59
C LEU D 263 11.46 19.76 -19.21
N ILE D 264 10.79 18.64 -18.93
CA ILE D 264 10.23 18.40 -17.60
C ILE D 264 11.35 18.16 -16.57
N ARG D 265 12.40 17.47 -16.98
CA ARG D 265 13.56 17.19 -16.10
C ARG D 265 14.34 18.43 -15.65
N GLN D 266 14.38 19.45 -16.50
CA GLN D 266 15.09 20.71 -16.22
C GLN D 266 14.20 21.69 -15.43
N SER D 267 12.96 21.31 -15.19
CA SER D 267 11.95 22.18 -14.61
C SER D 267 11.91 22.02 -13.10
N PRO D 268 11.09 22.82 -12.41
CA PRO D 268 10.91 22.66 -10.95
C PRO D 268 9.96 21.51 -10.57
N PHE D 269 9.46 20.74 -11.53
CA PHE D 269 8.73 19.50 -11.25
C PHE D 269 9.36 18.35 -12.06
N PRO D 270 10.55 17.89 -11.65
CA PRO D 270 11.34 16.94 -12.47
C PRO D 270 10.76 15.54 -12.63
N HIS D 271 9.81 15.19 -11.78
CA HIS D 271 9.32 13.83 -11.67
C HIS D 271 7.94 13.66 -12.29
N LEU D 272 7.44 14.68 -12.98
CA LEU D 272 6.06 14.62 -13.48
C LEU D 272 5.91 13.61 -14.61
N PRO D 273 4.91 12.74 -14.54
CA PRO D 273 4.53 11.91 -15.68
C PRO D 273 4.18 12.68 -16.96
N LEU D 274 4.53 12.13 -18.11
CA LEU D 274 4.25 12.75 -19.40
C LEU D 274 3.23 11.90 -20.19
N HIS D 275 2.04 12.46 -20.43
CA HIS D 275 1.01 11.84 -21.27
C HIS D 275 0.86 12.59 -22.59
N ILE D 276 1.32 11.97 -23.67
CA ILE D 276 1.04 12.47 -25.01
C ILE D 276 -0.44 12.16 -25.30
N THR D 277 -1.35 13.08 -24.99
CA THR D 277 -2.78 12.77 -25.11
C THR D 277 -3.33 12.74 -26.55
N GLU D 278 -2.46 12.98 -27.55
CA GLU D 278 -2.79 12.70 -28.97
C GLU D 278 -1.55 12.37 -29.77
N TYR D 279 -1.66 11.39 -30.66
CA TYR D 279 -0.64 11.21 -31.68
C TYR D 279 -1.19 10.47 -32.90
N ASN D 280 -0.66 10.83 -34.07
CA ASN D 280 -0.80 10.08 -35.32
C ASN D 280 0.25 10.64 -36.30
N THR D 281 0.25 10.13 -37.51
CA THR D 281 1.00 10.73 -38.60
C THR D 281 0.47 12.13 -38.91
N SER D 282 -0.70 12.19 -39.55
CA SER D 282 -1.34 13.44 -39.90
C SER D 282 -2.31 13.80 -38.79
N TYR D 283 -2.46 15.10 -38.54
CA TYR D 283 -3.42 15.64 -37.58
C TYR D 283 -4.76 15.99 -38.24
N SER D 284 -4.98 15.58 -39.48
CA SER D 284 -6.22 15.90 -40.15
C SER D 284 -7.16 14.70 -40.23
N PRO D 285 -8.41 14.89 -39.85
CA PRO D 285 -9.40 13.79 -39.90
C PRO D 285 -9.93 13.48 -41.29
N ILE D 286 -9.31 14.04 -42.33
CA ILE D 286 -9.70 13.77 -43.70
C ILE D 286 -8.46 13.60 -44.60
N ASN D 287 -7.42 13.03 -44.02
CA ASN D 287 -6.20 12.66 -44.77
C ASN D 287 -6.16 11.15 -45.00
N PRO D 288 -6.35 10.72 -46.23
CA PRO D 288 -6.37 9.30 -46.55
C PRO D 288 -5.19 8.49 -46.04
N VAL D 289 -4.08 9.10 -45.63
CA VAL D 289 -2.92 8.32 -45.19
C VAL D 289 -3.31 7.38 -44.05
N HIS D 290 -4.17 7.88 -43.16
CA HIS D 290 -4.76 7.11 -42.06
C HIS D 290 -5.31 5.73 -42.43
N ASP D 291 -5.78 5.55 -43.67
CA ASP D 291 -6.42 4.31 -44.10
C ASP D 291 -5.48 3.25 -44.65
N THR D 292 -4.17 3.54 -44.68
CA THR D 292 -3.26 2.76 -45.49
C THR D 292 -2.38 1.91 -44.62
N ALA D 293 -1.67 1.02 -45.30
CA ALA D 293 -0.67 0.15 -44.71
C ALA D 293 0.57 0.94 -44.27
N LEU D 294 0.86 2.06 -44.92
CA LEU D 294 1.97 2.89 -44.51
C LEU D 294 1.77 3.37 -43.08
N ASN D 295 0.58 3.89 -42.83
CA ASN D 295 0.25 4.31 -41.48
C ASN D 295 0.59 3.23 -40.46
N ALA D 296 0.19 1.98 -40.73
CA ALA D 296 0.43 0.85 -39.83
C ALA D 296 1.92 0.59 -39.50
N ALA D 297 2.75 0.52 -40.53
CA ALA D 297 4.18 0.35 -40.35
C ALA D 297 4.79 1.53 -39.59
N TYR D 298 4.40 2.72 -39.98
CA TYR D 298 4.89 3.95 -39.35
C TYR D 298 4.63 3.92 -37.86
N ILE D 299 3.41 3.57 -37.48
CA ILE D 299 3.00 3.60 -36.08
C ILE D 299 3.65 2.45 -35.31
N ALA D 300 3.86 1.30 -35.94
CA ALA D 300 4.49 0.18 -35.24
C ALA D 300 5.89 0.59 -34.72
N ARG D 301 6.61 1.38 -35.52
CA ARG D 301 7.84 2.02 -35.05
C ARG D 301 7.57 2.73 -33.73
N ILE D 302 6.55 3.58 -33.71
CA ILE D 302 6.23 4.33 -32.48
C ILE D 302 5.79 3.44 -31.32
N LEU D 303 4.99 2.43 -31.58
CA LEU D 303 4.57 1.53 -30.49
C LEU D 303 5.77 0.81 -29.86
N SER D 304 6.80 0.55 -30.68
CA SER D 304 7.96 -0.20 -30.23
C SER D 304 8.81 0.56 -29.22
N GLU D 305 8.90 1.88 -29.38
CA GLU D 305 9.82 2.68 -28.58
C GLU D 305 9.24 3.82 -27.78
N GLY D 306 8.04 4.30 -28.11
CA GLY D 306 7.52 5.51 -27.49
C GLY D 306 7.47 5.49 -25.98
N GLY D 307 7.20 4.30 -25.42
CA GLY D 307 7.15 4.09 -23.98
C GLY D 307 8.49 4.25 -23.24
N ASP D 308 9.58 4.29 -24.00
CA ASP D 308 10.89 4.61 -23.45
C ASP D 308 11.01 6.00 -22.87
N TYR D 309 10.16 6.93 -23.35
CA TYR D 309 10.25 8.35 -23.03
C TYR D 309 9.03 8.95 -22.34
N VAL D 310 7.87 8.35 -22.52
CA VAL D 310 6.61 8.90 -22.00
C VAL D 310 5.87 7.85 -21.17
N ASP D 311 4.99 8.29 -20.28
CA ASP D 311 4.13 7.34 -19.54
C ASP D 311 2.99 6.81 -20.36
N SER D 312 2.48 7.62 -21.28
CA SER D 312 1.50 7.13 -22.27
C SER D 312 1.55 7.94 -23.55
N PHE D 313 1.13 7.31 -24.63
CA PHE D 313 0.94 7.97 -25.92
C PHE D 313 -0.36 7.43 -26.55
N SER D 314 -1.32 8.35 -26.74
CA SER D 314 -2.72 8.01 -27.02
C SER D 314 -3.03 8.20 -28.50
N TYR D 315 -3.24 7.09 -29.20
CA TYR D 315 -3.52 7.16 -30.61
C TYR D 315 -4.86 7.87 -30.89
N TRP D 316 -4.78 8.95 -31.66
CA TRP D 316 -5.95 9.69 -32.13
C TRP D 316 -6.35 9.12 -33.51
N THR D 317 -7.36 8.24 -33.63
CA THR D 317 -8.28 7.79 -32.59
C THR D 317 -8.56 6.28 -32.74
N PHE D 318 -9.41 5.71 -31.90
CA PHE D 318 -9.80 4.30 -31.99
C PHE D 318 -10.80 4.08 -33.12
N SER D 319 -11.42 5.17 -33.60
CA SER D 319 -12.61 5.08 -34.43
C SER D 319 -12.86 6.28 -35.34
N ASP D 320 -13.30 5.99 -36.58
CA ASP D 320 -13.82 6.99 -37.54
C ASP D 320 -15.17 7.67 -37.18
N VAL D 321 -15.79 7.25 -36.09
CA VAL D 321 -16.96 7.96 -35.58
C VAL D 321 -16.42 9.29 -35.06
N PHE D 322 -16.61 10.33 -35.87
CA PHE D 322 -15.87 11.59 -35.78
C PHE D 322 -16.66 12.59 -36.65
N GLU D 323 -16.72 13.84 -36.20
CA GLU D 323 -17.41 14.89 -36.93
C GLU D 323 -16.70 16.26 -36.95
N GLU D 324 -15.41 16.35 -36.66
CA GLU D 324 -14.75 17.64 -36.59
C GLU D 324 -14.85 18.34 -37.96
N MET D 325 -14.72 17.58 -39.02
CA MET D 325 -14.84 18.08 -40.37
C MET D 325 -16.08 17.48 -41.05
N ASP D 326 -17.19 17.46 -40.31
CA ASP D 326 -18.48 17.01 -40.85
C ASP D 326 -18.59 15.48 -40.92
N VAL D 327 -19.80 14.96 -41.19
CA VAL D 327 -20.00 13.51 -41.35
C VAL D 327 -19.12 12.94 -42.48
N PRO D 328 -18.52 11.77 -42.27
CA PRO D 328 -17.74 11.13 -43.35
C PRO D 328 -18.49 11.02 -44.69
N LYS D 329 -17.76 11.31 -45.78
CA LYS D 329 -18.33 11.46 -47.11
C LYS D 329 -18.14 10.22 -47.94
N ALA D 330 -17.35 9.28 -47.41
CA ALA D 330 -17.14 7.98 -48.02
C ALA D 330 -16.62 7.03 -46.96
N LEU D 331 -16.63 5.73 -47.26
CA LEU D 331 -16.25 4.74 -46.24
C LEU D 331 -14.81 4.92 -45.74
N PHE D 332 -13.89 5.11 -46.68
CA PHE D 332 -12.49 5.41 -46.37
C PHE D 332 -12.24 6.84 -46.84
N HIS D 333 -12.15 7.73 -45.85
CA HIS D 333 -12.22 9.17 -46.01
C HIS D 333 -11.07 9.85 -45.25
N GLY D 334 -10.06 9.07 -44.86
CA GLY D 334 -8.89 9.58 -44.20
C GLY D 334 -9.09 9.94 -42.77
N GLY D 335 -10.07 9.32 -42.12
CA GLY D 335 -10.30 9.54 -40.70
C GLY D 335 -9.22 8.90 -39.85
N PHE D 336 -9.14 9.39 -38.62
CA PHE D 336 -8.11 9.05 -37.64
C PHE D 336 -8.14 7.62 -37.15
N GLY D 337 -9.32 7.01 -37.17
CA GLY D 337 -9.57 5.75 -36.46
C GLY D 337 -8.83 4.50 -36.83
N LEU D 338 -8.59 3.65 -35.82
CA LEU D 338 -8.13 2.28 -36.02
C LEU D 338 -9.20 1.44 -36.70
N VAL D 339 -10.46 1.77 -36.43
CA VAL D 339 -11.59 1.06 -36.97
C VAL D 339 -12.43 2.00 -37.84
N ALA D 340 -12.86 1.50 -39.00
CA ALA D 340 -13.72 2.24 -39.92
C ALA D 340 -15.19 1.91 -39.69
N LEU D 341 -16.08 2.73 -40.26
CA LEU D 341 -17.51 2.47 -40.15
C LEU D 341 -17.79 1.05 -40.60
N HIS D 342 -18.90 0.48 -40.09
CA HIS D 342 -19.21 -0.97 -40.15
C HIS D 342 -18.18 -1.86 -39.42
N SER D 343 -17.48 -1.27 -38.43
CA SER D 343 -16.52 -2.00 -37.59
C SER D 343 -15.46 -2.76 -38.43
N ILE D 344 -14.97 -2.13 -39.50
CA ILE D 344 -13.93 -2.72 -40.35
C ILE D 344 -12.55 -2.31 -39.81
N PRO D 345 -11.70 -3.25 -39.41
CA PRO D 345 -10.35 -2.87 -38.97
C PRO D 345 -9.53 -2.33 -40.14
N LYS D 346 -8.90 -1.16 -39.94
CA LYS D 346 -7.91 -0.62 -40.86
C LYS D 346 -6.59 -1.26 -40.48
N PRO D 347 -5.58 -1.18 -41.35
CA PRO D 347 -4.28 -1.80 -41.07
C PRO D 347 -3.61 -1.44 -39.73
N THR D 348 -3.77 -0.21 -39.25
CA THR D 348 -3.17 0.22 -37.98
C THR D 348 -3.74 -0.53 -36.78
N PHE D 349 -5.03 -0.84 -36.84
CA PHE D 349 -5.66 -1.69 -35.85
C PHE D 349 -4.89 -2.99 -35.68
N HIS D 350 -4.47 -3.64 -36.76
CA HIS D 350 -3.72 -4.89 -36.58
C HIS D 350 -2.31 -4.65 -36.00
N ALA D 351 -1.75 -3.46 -36.18
CA ALA D 351 -0.49 -3.15 -35.48
C ALA D 351 -0.71 -3.19 -33.97
N PHE D 352 -1.80 -2.60 -33.50
CA PHE D 352 -2.08 -2.56 -32.07
C PHE D 352 -2.34 -3.98 -31.53
N THR D 353 -2.95 -4.79 -32.37
CA THR D 353 -3.44 -6.09 -32.01
C THR D 353 -2.24 -7.04 -31.91
N PHE D 354 -1.27 -6.85 -32.82
CA PHE D 354 -0.03 -7.60 -32.87
C PHE D 354 0.88 -7.25 -31.69
N PHE D 355 0.92 -5.99 -31.32
CA PHE D 355 1.67 -5.60 -30.14
C PHE D 355 1.07 -6.19 -28.86
N ASN D 356 -0.24 -6.37 -28.87
CA ASN D 356 -0.96 -6.99 -27.78
C ASN D 356 -0.62 -8.49 -27.60
N ALA D 357 0.00 -9.09 -28.62
CA ALA D 357 0.50 -10.44 -28.51
C ALA D 357 1.92 -10.56 -27.94
N LEU D 358 2.62 -9.43 -27.70
CA LEU D 358 4.01 -9.47 -27.21
C LEU D 358 4.06 -9.80 -25.72
N GLY D 359 5.17 -10.41 -25.31
CA GLY D 359 5.41 -10.67 -23.89
C GLY D 359 6.07 -9.51 -23.17
N ASP D 360 6.12 -9.62 -21.83
CA ASP D 360 6.79 -8.64 -20.95
C ASP D 360 8.30 -8.60 -21.18
N GLU D 361 8.90 -9.78 -21.41
CA GLU D 361 10.36 -9.89 -21.44
C GLU D 361 10.97 -9.49 -22.79
N LEU D 362 11.67 -8.36 -22.83
CA LEU D 362 12.25 -7.86 -24.07
C LEU D 362 13.59 -8.50 -24.36
N LEU D 363 13.64 -9.32 -25.43
CA LEU D 363 14.84 -10.06 -25.84
C LEU D 363 15.69 -9.31 -26.86
N TYR D 364 15.03 -8.62 -27.78
CA TYR D 364 15.75 -7.83 -28.79
C TYR D 364 14.88 -6.70 -29.36
N ARG D 365 15.54 -5.61 -29.74
CA ARG D 365 14.87 -4.50 -30.42
C ARG D 365 15.83 -3.59 -31.22
N ASP D 366 15.52 -3.40 -32.51
CA ASP D 366 16.14 -2.36 -33.35
C ASP D 366 15.04 -1.51 -34.03
N GLY D 367 15.37 -0.76 -35.07
CA GLY D 367 14.43 0.18 -35.68
C GLY D 367 13.39 -0.45 -36.60
N GLU D 368 13.44 -1.78 -36.73
CA GLU D 368 12.51 -2.52 -37.57
C GLU D 368 11.89 -3.77 -36.93
N MET D 369 12.23 -4.09 -35.67
CA MET D 369 11.57 -5.22 -35.01
C MET D 369 11.65 -5.16 -33.48
N ILE D 370 10.79 -5.96 -32.86
CA ILE D 370 10.79 -6.17 -31.42
C ILE D 370 10.49 -7.65 -31.11
N VAL D 371 11.39 -8.30 -30.36
CA VAL D 371 11.26 -9.71 -30.05
C VAL D 371 11.18 -9.92 -28.55
N THR D 372 10.27 -10.78 -28.12
CA THR D 372 9.92 -10.89 -26.71
C THR D 372 9.59 -12.29 -26.32
N ARG D 373 9.60 -12.53 -25.01
CA ARG D 373 9.29 -13.84 -24.45
C ARG D 373 8.08 -13.70 -23.53
N ARG D 374 7.14 -14.63 -23.65
CA ARG D 374 5.97 -14.66 -22.78
C ARG D 374 6.23 -15.55 -21.60
N LYS D 375 5.28 -15.55 -20.68
CA LYS D 375 5.42 -16.27 -19.43
C LYS D 375 5.50 -17.78 -19.65
N ASP D 376 4.85 -18.30 -20.69
CA ASP D 376 4.93 -19.73 -21.00
C ASP D 376 6.14 -20.15 -21.86
N GLY D 377 7.09 -19.24 -22.08
CA GLY D 377 8.32 -19.57 -22.79
C GLY D 377 8.28 -19.42 -24.30
N SER D 378 7.10 -19.15 -24.84
CA SER D 378 6.93 -18.90 -26.27
C SER D 378 7.48 -17.51 -26.69
N ILE D 379 7.85 -17.39 -27.97
CA ILE D 379 8.46 -16.18 -28.53
C ILE D 379 7.44 -15.46 -29.41
N ALA D 380 7.50 -14.14 -29.37
CA ALA D 380 6.51 -13.28 -30.04
C ALA D 380 7.19 -12.00 -30.52
N ALA D 381 7.21 -11.83 -31.84
CA ALA D 381 7.91 -10.72 -32.48
C ALA D 381 6.99 -9.99 -33.45
N VAL D 382 7.03 -8.65 -33.41
CA VAL D 382 6.48 -7.82 -34.49
C VAL D 382 7.60 -7.20 -35.32
N LEU D 383 7.55 -7.41 -36.64
CA LEU D 383 8.48 -6.78 -37.58
C LEU D 383 7.68 -5.89 -38.52
N TRP D 384 8.23 -4.73 -38.86
CA TRP D 384 7.64 -3.83 -39.84
C TRP D 384 8.69 -3.41 -40.88
N ASN D 385 8.23 -3.07 -42.09
CA ASN D 385 9.10 -2.60 -43.17
C ASN D 385 8.56 -1.29 -43.69
N LEU D 386 8.80 -0.21 -42.94
CA LEU D 386 8.28 1.09 -43.28
C LEU D 386 9.04 1.68 -44.46
N VAL D 387 8.34 1.91 -45.55
CA VAL D 387 8.91 2.55 -46.75
C VAL D 387 8.08 3.78 -47.08
N MET D 388 8.64 4.96 -46.87
CA MET D 388 7.95 6.20 -47.17
C MET D 388 8.13 6.64 -48.62
N GLU D 389 9.15 6.11 -49.30
CA GLU D 389 9.45 6.53 -50.68
C GLU D 389 8.51 5.82 -51.66
N LYS D 390 8.27 6.44 -52.81
CA LYS D 390 7.35 5.87 -53.80
C LYS D 390 8.04 4.73 -54.54
N GLY D 391 7.28 3.93 -55.27
CA GLY D 391 7.86 2.83 -56.03
C GLY D 391 7.33 1.47 -55.62
N GLU D 392 7.66 0.48 -56.45
CA GLU D 392 7.16 -0.88 -56.29
C GLU D 392 8.23 -1.81 -55.75
N GLY D 393 7.80 -2.88 -55.07
CA GLY D 393 8.70 -3.81 -54.40
C GLY D 393 9.25 -3.22 -53.12
N LEU D 394 10.56 -2.96 -53.08
CA LEU D 394 11.24 -2.41 -51.89
C LEU D 394 11.04 -3.33 -50.67
N THR D 395 11.27 -4.63 -50.92
CA THR D 395 11.15 -5.69 -49.92
C THR D 395 12.46 -5.82 -49.14
N LYS D 396 12.32 -6.25 -47.87
CA LYS D 396 13.42 -6.37 -46.93
C LYS D 396 13.43 -7.79 -46.37
N GLU D 397 14.48 -8.55 -46.70
CA GLU D 397 14.69 -9.86 -46.10
C GLU D 397 15.31 -9.72 -44.70
N VAL D 398 14.88 -10.56 -43.76
CA VAL D 398 15.41 -10.57 -42.40
C VAL D 398 15.72 -12.01 -41.96
N GLN D 399 16.85 -12.19 -41.30
CA GLN D 399 17.32 -13.51 -40.84
C GLN D 399 17.32 -13.55 -39.30
N LEU D 400 16.68 -14.55 -38.71
CA LEU D 400 16.52 -14.62 -37.26
C LEU D 400 17.15 -15.90 -36.72
N VAL D 401 17.95 -15.79 -35.66
CA VAL D 401 18.45 -16.96 -34.94
C VAL D 401 17.86 -16.90 -33.54
N ILE D 402 16.84 -17.71 -33.29
CA ILE D 402 16.07 -17.68 -32.04
C ILE D 402 16.32 -18.96 -31.25
N PRO D 403 16.73 -18.80 -30.00
CA PRO D 403 16.93 -19.94 -29.10
C PRO D 403 15.63 -20.42 -28.43
N VAL D 404 15.46 -21.74 -28.42
CA VAL D 404 14.39 -22.43 -27.69
C VAL D 404 14.88 -23.87 -27.45
N SER D 405 14.94 -24.30 -26.18
CA SER D 405 15.33 -25.68 -25.85
C SER D 405 14.25 -26.65 -26.33
N GLU D 406 13.00 -26.17 -26.32
CA GLU D 406 11.85 -26.79 -26.96
C GLU D 406 12.24 -27.33 -28.34
N SER D 407 12.44 -28.64 -28.49
CA SER D 407 13.04 -29.26 -29.70
C SER D 407 12.18 -29.32 -31.01
N ALA D 408 10.93 -28.87 -30.94
CA ALA D 408 10.12 -28.64 -32.15
C ALA D 408 9.15 -27.49 -31.90
N VAL D 409 8.82 -26.76 -32.95
CA VAL D 409 8.22 -25.46 -32.81
C VAL D 409 7.08 -25.27 -33.85
N PHE D 410 5.99 -24.65 -33.40
CA PHE D 410 4.89 -24.25 -34.26
C PHE D 410 4.96 -22.74 -34.42
N ILE D 411 5.06 -22.26 -35.66
CA ILE D 411 5.19 -20.85 -35.94
C ILE D 411 3.92 -20.33 -36.59
N LYS D 412 3.32 -19.32 -35.97
CA LYS D 412 2.14 -18.70 -36.49
C LYS D 412 2.52 -17.30 -36.89
N ARG D 413 2.29 -16.97 -38.14
CA ARG D 413 2.58 -15.63 -38.62
C ARG D 413 1.30 -15.01 -39.18
N GLN D 414 1.05 -13.76 -38.80
CA GLN D 414 -0.01 -12.96 -39.40
C GLN D 414 0.61 -11.75 -40.10
N ILE D 415 0.13 -11.43 -41.30
CA ILE D 415 0.70 -10.32 -42.04
C ILE D 415 -0.40 -9.34 -42.53
N VAL D 416 -0.09 -8.06 -42.42
CA VAL D 416 -0.88 -7.03 -43.07
C VAL D 416 0.06 -6.07 -43.78
N ASN D 417 -0.23 -5.90 -45.07
CA ASN D 417 0.57 -5.11 -46.00
C ASN D 417 -0.33 -4.54 -47.10
N GLU D 418 0.24 -4.14 -48.23
CA GLU D 418 -0.55 -3.53 -49.31
C GLU D 418 -1.56 -4.48 -49.95
N GLN D 419 -1.39 -5.78 -49.74
CA GLN D 419 -2.19 -6.80 -50.39
C GLN D 419 -3.16 -7.54 -49.43
N TYR D 420 -2.75 -7.70 -48.16
CA TYR D 420 -3.53 -8.45 -47.16
C TYR D 420 -3.87 -7.60 -45.93
N GLY D 421 -5.04 -7.84 -45.37
CA GLY D 421 -5.49 -7.13 -44.19
C GLY D 421 -5.84 -5.67 -44.47
N ASN D 422 -6.16 -5.39 -45.74
CA ASN D 422 -6.15 -4.04 -46.32
C ASN D 422 -7.47 -3.74 -47.04
N ALA D 423 -8.45 -3.20 -46.33
CA ALA D 423 -9.80 -2.98 -46.89
C ALA D 423 -9.79 -1.87 -47.91
N TRP D 424 -9.02 -0.81 -47.62
CA TRP D 424 -8.77 0.30 -48.54
C TRP D 424 -8.43 -0.18 -49.94
N ARG D 425 -7.46 -1.09 -50.05
CA ARG D 425 -7.07 -1.54 -51.38
C ARG D 425 -8.28 -2.13 -52.09
N VAL D 426 -9.01 -2.98 -51.39
CA VAL D 426 -10.17 -3.65 -51.97
C VAL D 426 -11.36 -2.70 -52.20
N TRP D 427 -11.56 -1.71 -51.33
CA TRP D 427 -12.52 -0.64 -51.58
C TRP D 427 -12.26 0.02 -52.97
N LYS D 428 -10.99 0.24 -53.31
CA LYS D 428 -10.60 0.93 -54.54
C LYS D 428 -10.91 0.08 -55.76
N GLN D 429 -10.70 -1.23 -55.63
CA GLN D 429 -10.99 -2.18 -56.69
C GLN D 429 -12.47 -2.30 -56.96
N MET D 430 -13.28 -1.92 -55.97
CA MET D 430 -14.74 -1.91 -56.00
C MET D 430 -15.29 -0.61 -56.62
N GLY D 431 -14.40 0.33 -56.91
CA GLY D 431 -14.74 1.59 -57.54
C GLY D 431 -14.97 2.67 -56.51
N ARG D 432 -14.33 2.56 -55.35
CA ARG D 432 -14.49 3.51 -54.26
C ARG D 432 -15.95 3.84 -53.94
N PRO D 433 -16.77 2.85 -53.66
CA PRO D 433 -18.15 3.14 -53.27
C PRO D 433 -18.18 3.97 -51.96
N ARG D 434 -18.92 5.08 -51.99
CA ARG D 434 -18.97 6.01 -50.88
C ARG D 434 -19.79 5.47 -49.71
N PHE D 435 -20.93 4.89 -50.05
CA PHE D 435 -21.89 4.37 -49.08
C PHE D 435 -22.17 2.96 -49.58
N PRO D 436 -21.26 2.04 -49.29
CA PRO D 436 -21.33 0.67 -49.85
C PRO D 436 -22.57 -0.13 -49.40
N SER D 437 -22.91 -1.17 -50.18
CA SER D 437 -23.96 -2.10 -49.80
C SER D 437 -23.50 -2.99 -48.63
N ARG D 438 -24.46 -3.64 -47.96
CA ARG D 438 -24.18 -4.57 -46.86
C ARG D 438 -23.26 -5.70 -47.31
N GLN D 439 -23.45 -6.13 -48.56
CA GLN D 439 -22.67 -7.22 -49.15
C GLN D 439 -21.22 -6.78 -49.36
N ALA D 440 -21.04 -5.54 -49.79
CA ALA D 440 -19.70 -5.02 -50.04
C ALA D 440 -18.97 -4.82 -48.72
N VAL D 441 -19.69 -4.38 -47.70
CA VAL D 441 -19.15 -4.17 -46.35
C VAL D 441 -18.64 -5.50 -45.78
N GLU D 442 -19.42 -6.57 -45.95
CA GLU D 442 -19.00 -7.89 -45.46
C GLU D 442 -17.73 -8.39 -46.17
N THR D 443 -17.60 -8.07 -47.44
CA THR D 443 -16.42 -8.50 -48.20
C THR D 443 -15.16 -7.74 -47.74
N LEU D 444 -15.34 -6.44 -47.50
CA LEU D 444 -14.30 -5.56 -46.97
C LEU D 444 -13.92 -5.97 -45.54
N ARG D 445 -14.87 -6.47 -44.76
CA ARG D 445 -14.57 -6.99 -43.42
C ARG D 445 -13.69 -8.26 -43.49
N GLN D 446 -14.02 -9.13 -44.42
CA GLN D 446 -13.33 -10.39 -44.62
C GLN D 446 -11.90 -10.19 -45.11
N VAL D 447 -11.74 -9.25 -46.03
CA VAL D 447 -10.46 -8.92 -46.62
C VAL D 447 -9.57 -8.16 -45.63
N ALA D 448 -10.23 -7.48 -44.69
CA ALA D 448 -9.57 -6.74 -43.62
C ALA D 448 -8.85 -7.62 -42.57
N GLN D 449 -9.07 -8.94 -42.60
CA GLN D 449 -8.42 -9.84 -41.65
C GLN D 449 -6.97 -10.12 -42.06
N PRO D 450 -6.06 -10.20 -41.10
CA PRO D 450 -4.67 -10.61 -41.41
C PRO D 450 -4.58 -11.92 -42.20
N HIS D 451 -3.72 -11.95 -43.21
CA HIS D 451 -3.34 -13.20 -43.83
C HIS D 451 -2.47 -14.05 -42.84
N VAL D 452 -2.75 -15.36 -42.74
CA VAL D 452 -2.06 -16.24 -41.79
C VAL D 452 -1.27 -17.33 -42.50
N MET D 453 -0.02 -17.48 -42.08
CA MET D 453 0.84 -18.57 -42.51
C MET D 453 1.31 -19.33 -41.27
N THR D 454 1.26 -20.66 -41.33
CA THR D 454 1.74 -21.49 -40.24
C THR D 454 2.66 -22.55 -40.79
N GLU D 455 3.68 -22.89 -39.99
CA GLU D 455 4.57 -24.02 -40.25
C GLU D 455 5.07 -24.73 -38.97
N GLN D 456 5.42 -26.01 -39.11
CA GLN D 456 6.16 -26.72 -38.08
C GLN D 456 7.64 -26.73 -38.43
N ARG D 457 8.51 -26.54 -37.44
CA ARG D 457 9.95 -26.61 -37.65
C ARG D 457 10.69 -27.14 -36.44
N ARG D 458 11.65 -28.03 -36.68
CA ARG D 458 12.43 -28.65 -35.60
C ARG D 458 13.73 -27.86 -35.41
N ALA D 459 14.20 -27.81 -34.16
CA ALA D 459 15.43 -27.10 -33.80
C ALA D 459 16.66 -27.98 -34.07
N THR D 460 17.70 -27.39 -34.69
CA THR D 460 19.05 -28.00 -34.72
C THR D 460 19.99 -27.17 -33.83
N ASP D 461 20.48 -27.81 -32.76
CA ASP D 461 21.43 -27.19 -31.81
C ASP D 461 20.81 -26.13 -30.88
N GLY D 462 19.58 -26.34 -30.44
CA GLY D 462 18.89 -25.45 -29.53
C GLY D 462 18.37 -24.16 -30.16
N VAL D 463 18.34 -24.12 -31.50
CA VAL D 463 18.07 -22.87 -32.20
C VAL D 463 17.27 -23.07 -33.52
N ILE D 464 16.45 -22.06 -33.85
CA ILE D 464 15.63 -22.06 -35.06
C ILE D 464 16.14 -20.91 -35.96
N HIS D 465 16.31 -21.16 -37.26
CA HIS D 465 16.65 -20.04 -38.14
C HIS D 465 15.52 -19.63 -39.10
N LEU D 466 14.92 -18.46 -38.85
CA LEU D 466 13.87 -17.90 -39.71
C LEU D 466 14.38 -16.90 -40.77
N SER D 467 14.15 -17.24 -42.04
CA SER D 467 14.35 -16.31 -43.17
C SER D 467 12.98 -15.77 -43.58
N ILE D 468 12.75 -14.49 -43.32
CA ILE D 468 11.44 -13.83 -43.44
C ILE D 468 11.51 -12.74 -44.51
N VAL D 469 10.47 -12.66 -45.34
CA VAL D 469 10.41 -11.60 -46.33
C VAL D 469 9.23 -10.69 -46.03
N LEU D 470 9.53 -9.40 -45.92
CA LEU D 470 8.54 -8.39 -45.66
C LEU D 470 8.39 -7.49 -46.88
N SER D 471 7.20 -7.48 -47.49
CA SER D 471 6.90 -6.54 -48.57
C SER D 471 6.71 -5.10 -48.06
N LYS D 472 6.40 -4.18 -48.99
CA LYS D 472 6.29 -2.74 -48.72
C LYS D 472 5.29 -2.41 -47.64
N ASN D 473 5.74 -1.73 -46.58
CA ASN D 473 4.86 -1.28 -45.51
C ASN D 473 4.07 -2.43 -44.86
N GLU D 474 4.69 -3.60 -44.84
CA GLU D 474 4.18 -4.76 -44.12
C GLU D 474 4.41 -4.62 -42.64
N VAL D 475 3.40 -4.94 -41.83
CA VAL D 475 3.61 -5.30 -40.45
C VAL D 475 3.26 -6.76 -40.31
N THR D 476 4.02 -7.48 -39.48
CA THR D 476 3.78 -8.90 -39.26
C THR D 476 4.10 -9.34 -37.83
N LEU D 477 3.25 -10.24 -37.32
CA LEU D 477 3.40 -10.85 -36.01
C LEU D 477 3.84 -12.31 -36.21
N ILE D 478 4.88 -12.73 -35.53
CA ILE D 478 5.34 -14.11 -35.59
C ILE D 478 5.31 -14.59 -34.17
N GLU D 479 4.56 -15.67 -33.94
CA GLU D 479 4.56 -16.35 -32.64
C GLU D 479 5.21 -17.70 -32.83
N ILE D 480 5.98 -18.15 -31.84
CA ILE D 480 6.73 -19.41 -31.93
C ILE D 480 6.51 -20.21 -30.67
N GLU D 481 5.70 -21.26 -30.77
CA GLU D 481 5.26 -22.06 -29.63
C GLU D 481 5.97 -23.42 -29.56
N GLN D 482 6.13 -23.93 -28.35
CA GLN D 482 6.52 -25.33 -28.12
C GLN D 482 5.49 -26.25 -28.81
N VAL D 483 5.96 -27.19 -29.62
CA VAL D 483 5.14 -28.33 -30.01
C VAL D 483 5.35 -29.45 -28.98
N ARG D 484 4.28 -29.78 -28.26
CA ARG D 484 4.20 -31.02 -27.51
C ARG D 484 3.51 -32.02 -28.43
N ASP D 485 4.29 -32.84 -29.11
CA ASP D 485 3.80 -33.71 -30.17
C ASP D 485 3.08 -34.94 -29.60
N GLU D 486 1.83 -35.12 -29.99
CA GLU D 486 1.02 -36.24 -29.48
C GLU D 486 0.88 -37.37 -30.53
N THR D 487 1.57 -37.23 -31.66
CA THR D 487 1.44 -38.16 -32.80
C THR D 487 1.69 -39.62 -32.43
N SER D 488 2.58 -39.87 -31.46
CA SER D 488 2.93 -41.23 -31.09
C SER D 488 1.79 -41.97 -30.38
N THR D 489 0.88 -41.21 -29.76
CA THR D 489 -0.28 -41.80 -29.08
C THR D 489 -1.33 -42.32 -30.08
N TYR D 490 -1.24 -41.87 -31.35
CA TYR D 490 -2.13 -42.31 -32.41
C TYR D 490 -1.53 -43.55 -33.09
N VAL D 491 -1.51 -44.66 -32.36
CA VAL D 491 -0.81 -45.84 -32.82
C VAL D 491 -1.39 -46.43 -34.13
N GLY D 492 -0.52 -46.56 -35.14
CA GLY D 492 -0.90 -47.01 -36.47
C GLY D 492 -1.48 -45.90 -37.35
N LEU D 493 -1.38 -44.64 -36.92
CA LEU D 493 -1.83 -43.54 -37.76
C LEU D 493 -0.97 -43.50 -39.02
N ASP D 494 -1.60 -43.41 -40.18
CA ASP D 494 -0.86 -43.26 -41.44
C ASP D 494 -1.70 -42.45 -42.44
N ASP D 495 -1.28 -41.23 -42.70
CA ASP D 495 -2.00 -40.36 -43.63
C ASP D 495 -2.00 -40.91 -45.05
N GLY D 496 -1.03 -41.77 -45.35
CA GLY D 496 -0.98 -42.46 -46.63
C GLY D 496 -2.05 -43.50 -46.86
N GLU D 497 -2.83 -43.82 -45.84
CA GLU D 497 -3.95 -44.76 -46.00
C GLU D 497 -5.22 -44.01 -46.44
N ILE D 498 -5.16 -42.69 -46.47
CA ILE D 498 -6.26 -41.87 -46.98
C ILE D 498 -6.07 -41.61 -48.47
N THR D 499 -7.15 -41.78 -49.24
CA THR D 499 -7.19 -41.33 -50.63
C THR D 499 -6.41 -40.01 -50.89
N SER D 500 -5.44 -40.10 -51.79
CA SER D 500 -4.66 -38.95 -52.28
C SER D 500 -3.50 -38.44 -51.39
N TYR D 501 -3.39 -38.94 -50.16
CA TYR D 501 -2.42 -38.43 -49.19
C TYR D 501 -1.28 -39.42 -48.96
N SER D 502 -0.16 -38.95 -48.40
CA SER D 502 0.99 -39.83 -48.14
C SER D 502 1.53 -39.74 -46.72
N GLY E 2 38.38 -0.30 -18.70
CA GLY E 2 37.52 0.29 -19.76
C GLY E 2 37.06 1.69 -19.38
N VAL E 3 36.54 2.44 -20.35
CA VAL E 3 35.92 3.75 -20.11
C VAL E 3 34.41 3.58 -19.93
N VAL E 4 33.92 3.89 -18.72
CA VAL E 4 32.50 3.77 -18.41
C VAL E 4 31.87 5.14 -18.57
N ASN E 5 30.94 5.25 -19.51
CA ASN E 5 30.12 6.44 -19.65
C ASN E 5 28.85 6.24 -18.85
N VAL E 6 28.78 6.91 -17.71
CA VAL E 6 27.62 6.84 -16.82
C VAL E 6 26.47 7.62 -17.46
N PRO E 7 25.34 6.96 -17.71
CA PRO E 7 24.14 7.65 -18.23
C PRO E 7 23.63 8.68 -17.24
N SER E 8 23.04 9.77 -17.75
CA SER E 8 22.48 10.85 -16.94
C SER E 8 21.39 10.40 -15.98
N ASN E 9 20.50 9.56 -16.51
CA ASN E 9 19.34 9.04 -15.79
C ASN E 9 19.28 7.53 -15.88
N GLY E 10 18.81 6.89 -14.81
CA GLY E 10 18.70 5.45 -14.77
C GLY E 10 17.29 4.98 -14.56
N ARG E 11 16.96 3.82 -15.12
CA ARG E 11 15.61 3.27 -15.05
C ARG E 11 15.38 2.50 -13.73
N GLU E 12 16.43 1.83 -13.24
CA GLU E 12 16.32 0.97 -12.07
C GLU E 12 16.57 1.73 -10.76
N LYS E 13 16.07 1.17 -9.67
CA LYS E 13 16.36 1.62 -8.32
C LYS E 13 17.26 0.58 -7.64
N PHE E 14 18.25 1.06 -6.90
CA PHE E 14 19.05 0.20 -6.03
C PHE E 14 18.34 0.06 -4.66
N LYS E 15 17.94 -1.18 -4.34
CA LYS E 15 17.10 -1.46 -3.17
C LYS E 15 17.85 -1.38 -1.86
N LYS E 16 17.09 -1.29 -0.77
CA LYS E 16 17.64 -1.22 0.58
C LYS E 16 17.78 -2.57 1.27
N ASN E 17 17.65 -3.64 0.48
CA ASN E 17 17.74 -5.02 0.98
C ASN E 17 19.07 -5.36 1.65
N TRP E 18 20.15 -4.71 1.21
CA TRP E 18 21.51 -5.00 1.70
C TRP E 18 21.72 -4.67 3.19
N LYS E 19 20.88 -3.79 3.73
CA LYS E 19 20.90 -3.49 5.16
C LYS E 19 19.61 -3.80 5.91
N PHE E 20 18.74 -4.62 5.32
CA PHE E 20 17.54 -5.05 6.04
C PHE E 20 17.84 -5.79 7.37
N CYS E 21 18.84 -6.67 7.36
CA CYS E 21 19.21 -7.45 8.54
C CYS E 21 20.72 -7.64 8.65
N VAL E 22 21.20 -7.71 9.90
CA VAL E 22 22.59 -8.08 10.22
C VAL E 22 22.56 -9.17 11.29
N GLY E 23 23.62 -9.97 11.34
CA GLY E 23 23.71 -11.09 12.28
C GLY E 23 24.39 -10.69 13.57
N THR E 24 24.16 -11.47 14.64
CA THR E 24 24.78 -11.25 15.96
C THR E 24 25.14 -12.57 16.64
N GLY E 25 26.16 -12.55 17.50
CA GLY E 25 26.41 -13.62 18.46
C GLY E 25 25.18 -13.83 19.29
N ARG E 26 25.18 -14.80 20.22
CA ARG E 26 23.95 -15.20 20.91
C ARG E 26 23.33 -14.06 21.70
N LEU E 27 22.00 -14.09 21.85
CA LEU E 27 21.26 -12.96 22.38
C LEU E 27 21.66 -12.62 23.82
N GLY E 28 22.13 -13.62 24.55
CA GLY E 28 22.63 -13.45 25.91
C GLY E 28 23.82 -12.50 26.02
N LEU E 29 24.59 -12.43 24.94
CA LEU E 29 25.73 -11.53 24.85
C LEU E 29 25.33 -10.08 24.63
N ALA E 30 24.13 -9.84 24.12
CA ALA E 30 23.56 -8.48 24.06
C ALA E 30 23.46 -7.76 25.41
N LEU E 31 23.64 -8.49 26.51
CA LEU E 31 23.65 -7.93 27.86
C LEU E 31 24.94 -7.17 28.15
N GLN E 32 25.96 -7.47 27.36
CA GLN E 32 27.26 -6.84 27.50
C GLN E 32 27.27 -5.38 27.02
N LYS E 33 27.96 -4.54 27.77
CA LYS E 33 28.15 -3.14 27.37
C LYS E 33 28.92 -3.06 26.06
N GLU E 34 29.96 -3.87 25.93
CA GLU E 34 30.81 -3.87 24.74
C GLU E 34 29.95 -4.13 23.49
N TYR E 35 29.00 -5.03 23.65
CA TYR E 35 28.05 -5.35 22.60
C TYR E 35 27.21 -4.14 22.21
N LEU E 36 26.64 -3.45 23.20
CA LEU E 36 25.82 -2.26 22.93
C LEU E 36 26.64 -1.08 22.37
N ASP E 37 27.91 -0.96 22.77
CA ASP E 37 28.80 0.00 22.12
C ASP E 37 28.91 -0.25 20.61
N HIS E 38 29.18 -1.49 20.24
CA HIS E 38 29.32 -1.86 18.83
C HIS E 38 27.99 -1.66 18.09
N LEU E 39 26.86 -1.95 18.74
CA LEU E 39 25.55 -1.82 18.09
C LEU E 39 25.15 -0.35 17.84
N LYS E 40 25.43 0.51 18.81
CA LYS E 40 25.26 1.95 18.65
C LYS E 40 26.07 2.44 17.45
N LEU E 41 27.34 2.05 17.37
CA LEU E 41 28.18 2.42 16.25
C LEU E 41 27.60 1.97 14.90
N VAL E 42 27.22 0.70 14.83
CA VAL E 42 26.67 0.15 13.61
C VAL E 42 25.33 0.80 13.24
N GLN E 43 24.55 1.21 14.22
CA GLN E 43 23.24 1.81 13.95
C GLN E 43 23.33 3.30 13.55
N GLU E 44 24.37 3.98 14.03
CA GLU E 44 24.68 5.37 13.65
C GLU E 44 25.22 5.49 12.23
N LYS E 45 26.08 4.56 11.82
CA LYS E 45 26.81 4.64 10.53
C LYS E 45 26.18 3.79 9.42
N ILE E 46 25.41 2.79 9.84
CA ILE E 46 24.67 1.90 8.95
C ILE E 46 23.32 1.69 9.64
N GLY E 47 22.21 2.10 9.11
CA GLY E 47 21.02 1.81 9.91
C GLY E 47 20.39 0.47 9.57
N PHE E 48 20.84 -0.63 10.16
CA PHE E 48 20.17 -1.92 9.92
C PHE E 48 18.76 -1.94 10.52
N ARG E 49 17.82 -2.58 9.83
CA ARG E 49 16.45 -2.66 10.32
C ARG E 49 16.23 -3.82 11.33
N TYR E 50 16.92 -4.96 11.09
CA TYR E 50 16.72 -6.18 11.86
C TYR E 50 18.07 -6.80 12.30
N ILE E 51 18.01 -7.59 13.38
CA ILE E 51 19.17 -8.28 13.97
C ILE E 51 18.82 -9.75 14.31
N ARG E 52 19.67 -10.67 13.87
CA ARG E 52 19.36 -12.08 13.86
C ARG E 52 20.46 -12.89 14.49
N GLY E 53 20.11 -13.70 15.49
CA GLY E 53 21.06 -14.57 16.18
C GLY E 53 20.48 -15.74 16.97
N HIS E 54 21.37 -16.64 17.39
CA HIS E 54 20.97 -17.85 18.13
C HIS E 54 20.73 -17.56 19.61
N GLY E 55 20.04 -18.48 20.26
CA GLY E 55 20.13 -18.67 21.70
C GLY E 55 19.12 -17.95 22.53
N LEU E 56 18.03 -17.50 21.89
CA LEU E 56 16.98 -16.78 22.59
C LEU E 56 16.37 -17.66 23.67
N LEU E 57 16.27 -18.95 23.39
CA LEU E 57 15.65 -19.90 24.31
C LEU E 57 16.68 -20.67 25.09
N SER E 58 17.96 -20.37 24.87
CA SER E 58 19.02 -21.05 25.62
C SER E 58 19.12 -20.48 27.04
N ASP E 59 19.79 -21.22 27.92
CA ASP E 59 19.59 -21.05 29.35
C ASP E 59 20.31 -19.86 29.96
N ASP E 60 21.25 -19.24 29.24
CA ASP E 60 21.83 -18.01 29.77
C ASP E 60 20.78 -16.88 29.75
N VAL E 61 20.04 -16.71 28.66
CA VAL E 61 18.92 -15.75 28.61
C VAL E 61 17.87 -16.14 29.67
N GLY E 62 17.67 -17.45 29.81
CA GLY E 62 17.07 -18.01 31.01
C GLY E 62 15.56 -18.04 31.07
N ILE E 63 14.90 -18.03 29.91
CA ILE E 63 13.44 -17.96 29.86
C ILE E 63 12.77 -19.17 30.51
N TYR E 64 13.13 -20.37 30.08
CA TYR E 64 12.43 -21.55 30.56
C TYR E 64 13.06 -22.25 31.76
N ARG E 65 12.28 -22.37 32.82
CA ARG E 65 12.64 -23.11 34.00
C ARG E 65 11.47 -24.01 34.40
N GLU E 66 11.79 -25.03 35.18
CA GLU E 66 10.85 -25.70 36.09
C GLU E 66 11.65 -25.74 37.40
N VAL E 67 11.13 -25.93 38.60
CA VAL E 67 10.18 -25.13 39.40
C VAL E 67 9.21 -26.06 40.17
N GLU E 68 9.63 -26.38 41.40
CA GLU E 68 8.97 -27.35 42.24
C GLU E 68 8.01 -26.64 43.17
N ILE E 69 6.72 -26.87 42.97
CA ILE E 69 5.70 -26.32 43.84
C ILE E 69 4.90 -27.47 44.44
N ASP E 70 5.05 -27.64 45.76
CA ASP E 70 4.32 -28.67 46.51
C ASP E 70 4.46 -30.04 45.83
N GLY E 71 5.71 -30.43 45.58
CA GLY E 71 6.04 -31.74 45.02
C GLY E 71 5.78 -31.98 43.53
N GLU E 72 5.66 -30.91 42.74
CA GLU E 72 5.23 -31.00 41.34
C GLU E 72 6.03 -29.99 40.51
N MET E 73 6.69 -30.46 39.46
CA MET E 73 7.46 -29.60 38.57
C MET E 73 6.51 -28.85 37.62
N LYS E 74 6.68 -27.54 37.53
CA LYS E 74 5.79 -26.69 36.73
C LYS E 74 6.60 -25.69 35.92
N PRO E 75 6.07 -25.24 34.79
CA PRO E 75 6.79 -24.28 33.94
C PRO E 75 6.86 -22.87 34.55
N PHE E 76 7.99 -22.19 34.34
CA PHE E 76 8.19 -20.79 34.72
C PHE E 76 8.97 -20.07 33.63
N TYR E 77 8.47 -18.91 33.26
CA TYR E 77 8.98 -18.16 32.12
C TYR E 77 9.57 -16.85 32.64
N ASN E 78 10.91 -16.79 32.68
CA ASN E 78 11.62 -15.65 33.22
C ASN E 78 11.99 -14.71 32.09
N PHE E 79 11.33 -13.56 32.01
CA PHE E 79 11.61 -12.63 30.92
C PHE E 79 12.60 -11.50 31.29
N THR E 80 13.24 -11.58 32.46
CA THR E 80 14.07 -10.50 32.95
C THR E 80 15.13 -10.02 31.96
N TYR E 81 15.83 -10.97 31.34
CA TYR E 81 16.92 -10.65 30.41
C TYR E 81 16.44 -10.31 29.00
N ILE E 82 15.50 -11.03 28.39
CA ILE E 82 15.13 -10.65 27.00
C ILE E 82 14.37 -9.36 27.00
N ASP E 83 13.65 -9.05 28.09
CA ASP E 83 13.05 -7.72 28.21
C ASP E 83 14.16 -6.69 28.00
N ARG E 84 15.25 -6.80 28.76
CA ARG E 84 16.35 -5.84 28.69
C ARG E 84 17.03 -5.87 27.33
N ILE E 85 17.13 -7.06 26.73
CA ILE E 85 17.77 -7.21 25.46
C ILE E 85 16.93 -6.55 24.37
N VAL E 86 15.65 -6.88 24.30
CA VAL E 86 14.82 -6.34 23.20
C VAL E 86 14.60 -4.82 23.39
N ASP E 87 14.47 -4.38 24.64
CA ASP E 87 14.42 -2.93 24.93
C ASP E 87 15.64 -2.24 24.32
N SER E 88 16.84 -2.75 24.59
CA SER E 88 18.07 -2.12 24.09
C SER E 88 18.13 -2.12 22.56
N TYR E 89 17.62 -3.16 21.92
CA TYR E 89 17.49 -3.18 20.47
C TYR E 89 16.57 -2.04 19.97
N LEU E 90 15.36 -1.96 20.51
CA LEU E 90 14.37 -1.00 20.03
C LEU E 90 14.85 0.43 20.29
N ALA E 91 15.59 0.63 21.39
CA ALA E 91 16.19 1.92 21.71
C ALA E 91 17.28 2.30 20.72
N LEU E 92 17.88 1.33 20.02
CA LEU E 92 18.80 1.63 18.92
C LEU E 92 18.18 1.44 17.53
N ASN E 93 16.85 1.38 17.47
CA ASN E 93 16.11 1.37 16.23
C ASN E 93 16.29 0.09 15.43
N ILE E 94 16.45 -1.03 16.11
CA ILE E 94 16.61 -2.31 15.41
C ILE E 94 15.69 -3.34 16.03
N ARG E 95 15.15 -4.21 15.19
CA ARG E 95 14.12 -5.13 15.65
C ARG E 95 14.66 -6.55 15.57
N PRO E 96 14.17 -7.45 16.42
CA PRO E 96 14.58 -8.85 16.32
C PRO E 96 13.99 -9.57 15.09
N PHE E 97 14.87 -10.10 14.26
CA PHE E 97 14.58 -11.27 13.45
C PHE E 97 14.76 -12.44 14.42
N ILE E 98 13.69 -12.86 15.06
CA ILE E 98 13.78 -13.87 16.10
C ILE E 98 14.10 -15.26 15.51
N GLU E 99 14.91 -16.02 16.26
CA GLU E 99 15.25 -17.39 15.93
C GLU E 99 14.96 -18.26 17.15
N PHE E 100 13.93 -19.08 17.04
CA PHE E 100 13.53 -19.92 18.16
C PHE E 100 14.51 -21.08 18.30
N GLY E 101 15.44 -20.93 19.24
CA GLY E 101 16.38 -21.98 19.56
C GLY E 101 17.36 -21.44 20.58
N PHE E 102 18.24 -22.29 21.13
CA PHE E 102 18.19 -23.74 20.96
C PHE E 102 17.23 -24.31 21.99
N MET E 103 17.46 -25.54 22.44
CA MET E 103 16.53 -26.24 23.30
C MET E 103 16.86 -26.02 24.77
N PRO E 104 15.96 -25.43 25.57
CA PRO E 104 16.20 -25.31 27.01
C PRO E 104 16.49 -26.67 27.69
N LYS E 105 17.44 -26.70 28.61
CA LYS E 105 17.93 -27.93 29.26
C LYS E 105 16.81 -28.73 29.91
N ALA E 106 15.91 -28.05 30.63
CA ALA E 106 14.79 -28.70 31.30
C ALA E 106 13.71 -29.21 30.33
N LEU E 107 13.84 -28.91 29.04
CA LEU E 107 12.94 -29.43 28.02
C LEU E 107 13.61 -30.43 27.07
N ALA E 108 14.92 -30.62 27.18
CA ALA E 108 15.67 -31.41 26.21
C ALA E 108 15.40 -32.89 26.37
N SER E 109 15.42 -33.62 25.24
CA SER E 109 15.24 -35.08 25.25
C SER E 109 16.56 -35.83 25.47
N GLY E 110 17.70 -35.19 25.19
CA GLY E 110 19.03 -35.78 25.33
C GLY E 110 20.14 -34.77 25.62
N ASP E 111 21.40 -35.21 25.50
CA ASP E 111 22.59 -34.50 26.00
C ASP E 111 23.38 -33.70 24.96
N GLN E 112 23.15 -33.97 23.68
CA GLN E 112 23.96 -33.33 22.65
C GLN E 112 23.86 -31.79 22.73
N THR E 113 25.03 -31.15 22.74
CA THR E 113 25.11 -29.69 22.68
C THR E 113 26.02 -29.23 21.56
N VAL E 114 25.98 -27.93 21.34
CA VAL E 114 26.82 -27.29 20.34
C VAL E 114 27.46 -26.04 20.93
N PHE E 115 28.64 -25.70 20.40
CA PHE E 115 29.41 -24.53 20.81
C PHE E 115 30.04 -24.65 22.19
N TYR E 116 30.93 -23.72 22.47
CA TYR E 116 31.57 -23.61 23.77
C TYR E 116 30.56 -23.28 24.87
N TRP E 117 29.44 -22.65 24.50
CA TRP E 117 28.38 -22.27 25.45
C TRP E 117 27.25 -23.31 25.50
N LYS E 118 27.43 -24.43 24.82
CA LYS E 118 26.59 -25.62 25.02
C LYS E 118 25.08 -25.41 24.86
N GLY E 119 24.68 -24.93 23.70
CA GLY E 119 23.29 -24.94 23.31
C GLY E 119 22.86 -26.36 23.06
N ASN E 120 21.76 -26.78 23.69
CA ASN E 120 21.29 -28.13 23.52
C ASN E 120 20.52 -28.25 22.21
N VAL E 121 20.86 -29.29 21.44
CA VAL E 121 20.39 -29.43 20.08
C VAL E 121 19.55 -30.70 19.90
N THR E 122 18.91 -31.16 20.98
CA THR E 122 17.98 -32.28 20.88
C THR E 122 16.50 -31.78 20.80
N PRO E 123 15.63 -32.60 20.23
CA PRO E 123 14.20 -32.26 20.19
C PRO E 123 13.59 -32.24 21.60
N PRO E 124 12.51 -31.49 21.79
CA PRO E 124 11.88 -31.41 23.10
C PRO E 124 11.35 -32.79 23.53
N LYS E 125 11.55 -33.16 24.80
CA LYS E 125 10.93 -34.37 25.41
C LYS E 125 9.42 -34.43 25.15
N ASP E 126 8.81 -33.24 25.04
CA ASP E 126 7.36 -33.08 24.91
C ASP E 126 7.06 -31.84 24.06
N TYR E 127 6.46 -32.04 22.91
CA TYR E 127 6.17 -30.98 21.97
C TYR E 127 5.06 -30.02 22.41
N ASN E 128 4.18 -30.46 23.32
CA ASN E 128 3.17 -29.56 23.92
C ASN E 128 3.79 -28.53 24.88
N LYS E 129 4.87 -28.93 25.56
CA LYS E 129 5.63 -28.03 26.43
C LYS E 129 6.40 -27.00 25.62
N TRP E 130 6.97 -27.44 24.50
CA TRP E 130 7.59 -26.54 23.52
C TRP E 130 6.56 -25.53 22.96
N ARG E 131 5.40 -26.05 22.57
CA ARG E 131 4.30 -25.20 22.10
C ARG E 131 3.95 -24.16 23.16
N ASP E 132 3.78 -24.60 24.41
CA ASP E 132 3.45 -23.70 25.53
C ASP E 132 4.53 -22.64 25.77
N LEU E 133 5.77 -23.04 25.53
CA LEU E 133 6.90 -22.14 25.63
C LEU E 133 6.76 -21.07 24.57
N ILE E 134 6.60 -21.49 23.32
CA ILE E 134 6.47 -20.57 22.19
C ILE E 134 5.31 -19.60 22.40
N VAL E 135 4.15 -20.13 22.79
CA VAL E 135 2.98 -19.32 23.09
C VAL E 135 3.33 -18.26 24.16
N ALA E 136 3.91 -18.69 25.28
CA ALA E 136 4.23 -17.77 26.38
C ALA E 136 5.27 -16.69 25.98
N VAL E 137 6.20 -17.01 25.09
CA VAL E 137 7.21 -16.04 24.66
C VAL E 137 6.62 -15.01 23.68
N VAL E 138 5.93 -15.48 22.66
CA VAL E 138 5.29 -14.60 21.69
C VAL E 138 4.22 -13.75 22.39
N SER E 139 3.42 -14.38 23.26
CA SER E 139 2.44 -13.64 24.06
C SER E 139 3.11 -12.56 24.87
N HIS E 140 4.24 -12.88 25.50
CA HIS E 140 4.93 -11.91 26.35
C HIS E 140 5.40 -10.67 25.58
N PHE E 141 5.97 -10.90 24.41
CA PHE E 141 6.41 -9.83 23.51
C PHE E 141 5.27 -8.89 23.13
N ILE E 142 4.09 -9.46 22.86
CA ILE E 142 2.91 -8.66 22.48
C ILE E 142 2.40 -7.85 23.66
N GLU E 143 2.40 -8.43 24.85
CA GLU E 143 2.04 -7.71 26.08
C GLU E 143 2.94 -6.49 26.33
N ARG E 144 4.26 -6.69 26.23
CA ARG E 144 5.20 -5.64 26.58
C ARG E 144 5.23 -4.59 25.48
N TYR E 145 5.29 -5.03 24.22
CA TYR E 145 5.57 -4.13 23.07
C TYR E 145 4.36 -3.75 22.24
N GLY E 146 3.26 -4.47 22.41
CA GLY E 146 2.06 -4.24 21.60
C GLY E 146 2.10 -5.01 20.28
N ILE E 147 0.92 -5.33 19.79
CA ILE E 147 0.77 -6.20 18.65
C ILE E 147 1.29 -5.59 17.36
N GLU E 148 1.13 -4.27 17.20
CA GLU E 148 1.57 -3.62 15.94
C GLU E 148 3.07 -3.73 15.79
N GLU E 149 3.79 -3.50 16.89
CA GLU E 149 5.24 -3.65 16.92
C GLU E 149 5.68 -5.07 16.58
N VAL E 150 5.14 -6.05 17.29
CA VAL E 150 5.54 -7.46 17.17
C VAL E 150 5.23 -8.03 15.77
N ARG E 151 4.21 -7.49 15.08
CA ARG E 151 3.85 -7.91 13.71
C ARG E 151 4.85 -7.48 12.63
N THR E 152 5.71 -6.52 12.96
CA THR E 152 6.78 -6.13 12.06
C THR E 152 7.99 -7.04 12.20
N TRP E 153 8.00 -7.89 13.22
CA TRP E 153 9.13 -8.77 13.45
C TRP E 153 9.07 -9.96 12.47
N LEU E 154 10.09 -10.81 12.49
CA LEU E 154 10.11 -12.08 11.73
C LEU E 154 10.50 -13.23 12.68
N PHE E 155 10.10 -14.45 12.34
CA PHE E 155 10.22 -15.58 13.26
C PHE E 155 10.74 -16.82 12.56
N GLU E 156 12.02 -17.08 12.79
CA GLU E 156 12.73 -18.20 12.19
C GLU E 156 12.76 -19.36 13.17
N VAL E 157 12.53 -20.57 12.68
CA VAL E 157 12.49 -21.76 13.52
C VAL E 157 13.79 -22.56 13.42
N TRP E 158 14.51 -22.62 14.53
CA TRP E 158 15.75 -23.40 14.63
C TRP E 158 16.86 -22.82 13.76
N ASN E 159 17.96 -23.55 13.66
CA ASN E 159 19.14 -23.16 12.90
C ASN E 159 19.81 -24.40 12.31
N GLU E 160 20.13 -24.33 11.03
CA GLU E 160 20.82 -25.41 10.31
C GLU E 160 20.47 -26.86 10.75
N PRO E 161 19.19 -27.25 10.63
CA PRO E 161 18.76 -28.60 10.99
C PRO E 161 19.33 -29.69 10.08
N ASN E 162 19.81 -29.33 8.90
CA ASN E 162 20.46 -30.27 7.99
C ASN E 162 21.90 -30.57 8.37
N LEU E 163 22.35 -29.96 9.45
CA LEU E 163 23.68 -30.19 9.96
C LEU E 163 23.57 -30.85 11.31
N VAL E 164 24.33 -31.92 11.47
CA VAL E 164 24.25 -32.80 12.62
C VAL E 164 24.72 -32.09 13.93
N ASN E 165 25.67 -31.15 13.81
CA ASN E 165 26.08 -30.28 14.94
C ASN E 165 24.94 -29.47 15.60
N PHE E 166 23.90 -29.14 14.83
CA PHE E 166 22.85 -28.22 15.29
C PHE E 166 21.53 -28.89 15.60
N TRP E 167 21.41 -30.16 15.24
CA TRP E 167 20.12 -30.84 15.36
C TRP E 167 20.38 -32.34 15.34
N LYS E 168 19.87 -33.03 16.35
CA LYS E 168 20.18 -34.45 16.51
C LYS E 168 19.95 -35.22 15.21
N ASP E 169 21.04 -35.82 14.69
CA ASP E 169 21.03 -36.71 13.52
C ASP E 169 20.63 -36.01 12.20
N ALA E 170 20.49 -34.69 12.24
CA ALA E 170 20.00 -33.94 11.07
C ALA E 170 18.70 -34.59 10.57
N ASN E 171 17.81 -34.87 11.50
CA ASN E 171 16.59 -35.58 11.20
C ASN E 171 15.57 -34.62 10.55
N LYS E 172 15.36 -34.84 9.25
CA LYS E 172 14.49 -34.02 8.42
C LYS E 172 13.07 -33.98 8.94
N GLN E 173 12.45 -35.15 9.08
CA GLN E 173 11.06 -35.24 9.49
C GLN E 173 10.84 -34.75 10.92
N GLU E 174 11.83 -34.93 11.80
CA GLU E 174 11.73 -34.36 13.12
C GLU E 174 11.77 -32.82 13.02
N TYR E 175 12.61 -32.25 12.15
CA TYR E 175 12.63 -30.79 12.03
C TYR E 175 11.28 -30.28 11.50
N PHE E 176 10.73 -30.93 10.48
CA PHE E 176 9.42 -30.56 9.97
C PHE E 176 8.35 -30.64 11.03
N LYS E 177 8.45 -31.63 11.92
CA LYS E 177 7.53 -31.69 13.06
C LYS E 177 7.72 -30.52 14.06
N LEU E 178 8.96 -30.09 14.27
CA LEU E 178 9.27 -28.98 15.17
C LEU E 178 8.89 -27.67 14.47
N TYR E 179 9.03 -27.61 13.16
CA TYR E 179 8.59 -26.42 12.45
C TYR E 179 7.07 -26.25 12.58
N GLU E 180 6.34 -27.34 12.39
CA GLU E 180 4.88 -27.28 12.37
C GLU E 180 4.34 -26.86 13.72
N VAL E 181 4.84 -27.45 14.80
CA VAL E 181 4.38 -27.09 16.14
C VAL E 181 4.74 -25.63 16.45
N THR E 182 5.94 -25.21 16.06
CA THR E 182 6.33 -23.84 16.29
C THR E 182 5.43 -22.86 15.48
N ALA E 183 5.30 -23.13 14.17
CA ALA E 183 4.57 -22.25 13.28
C ALA E 183 3.08 -22.12 13.70
N ARG E 184 2.42 -23.25 13.97
CA ARG E 184 1.04 -23.17 14.48
C ARG E 184 0.93 -22.47 15.83
N ALA E 185 1.92 -22.65 16.72
CA ALA E 185 1.91 -21.98 18.02
C ALA E 185 1.94 -20.44 17.93
N VAL E 186 2.81 -19.93 17.05
CA VAL E 186 2.93 -18.51 16.73
C VAL E 186 1.62 -17.95 16.18
N LYS E 187 1.09 -18.62 15.16
CA LYS E 187 -0.16 -18.21 14.51
C LYS E 187 -1.32 -18.19 15.50
N SER E 188 -1.39 -19.20 16.38
CA SER E 188 -2.42 -19.26 17.43
C SER E 188 -2.47 -18.00 18.32
N VAL E 189 -1.32 -17.35 18.50
CA VAL E 189 -1.25 -16.07 19.21
C VAL E 189 -1.73 -14.91 18.34
N ASP E 190 -1.20 -14.83 17.13
CA ASP E 190 -1.68 -13.87 16.16
C ASP E 190 -1.40 -14.40 14.76
N PRO E 191 -2.42 -14.43 13.89
CA PRO E 191 -2.26 -14.97 12.52
C PRO E 191 -1.33 -14.20 11.56
N HIS E 192 -1.04 -12.92 11.83
CA HIS E 192 -0.22 -12.10 10.93
C HIS E 192 1.25 -12.10 11.29
N LEU E 193 1.64 -12.89 12.28
CA LEU E 193 3.05 -12.99 12.61
C LEU E 193 3.72 -13.84 11.55
N GLN E 194 4.81 -13.33 11.01
CA GLN E 194 5.55 -13.93 9.90
C GLN E 194 6.55 -14.97 10.43
N VAL E 195 6.28 -16.23 10.13
CA VAL E 195 7.07 -17.35 10.61
C VAL E 195 7.66 -18.11 9.42
N GLY E 196 8.87 -18.65 9.56
CA GLY E 196 9.55 -19.29 8.44
C GLY E 196 10.74 -20.16 8.80
N GLY E 197 11.39 -20.70 7.77
CA GLY E 197 12.46 -21.68 7.85
C GLY E 197 12.94 -22.08 6.43
N PRO E 198 13.73 -23.15 6.26
CA PRO E 198 14.21 -24.03 7.32
C PRO E 198 15.61 -23.71 7.86
N ALA E 199 16.15 -22.52 7.58
CA ALA E 199 17.40 -22.06 8.17
C ALA E 199 18.60 -22.95 7.87
N ILE E 200 18.62 -23.58 6.70
CA ILE E 200 19.66 -24.56 6.37
C ILE E 200 20.96 -23.95 5.86
N CYS E 201 22.04 -24.67 6.11
CA CYS E 201 23.31 -24.34 5.50
C CYS E 201 23.32 -24.81 4.05
N GLY E 202 24.29 -24.31 3.29
CA GLY E 202 24.44 -24.67 1.90
C GLY E 202 24.83 -26.13 1.72
N GLY E 203 24.66 -26.64 0.50
CA GLY E 203 25.04 -28.00 0.15
C GLY E 203 24.01 -29.11 0.31
N SER E 204 22.74 -28.75 0.34
CA SER E 204 21.68 -29.69 0.75
C SER E 204 20.28 -29.11 0.40
N ASP E 205 20.16 -28.44 -0.75
CA ASP E 205 18.99 -27.59 -1.05
C ASP E 205 17.67 -28.33 -1.33
N GLU E 206 17.74 -29.64 -1.53
CA GLU E 206 16.52 -30.47 -1.50
C GLU E 206 15.72 -30.31 -0.20
N TRP E 207 16.38 -29.95 0.91
CA TRP E 207 15.63 -29.65 2.14
C TRP E 207 14.58 -28.53 1.94
N ILE E 208 14.92 -27.49 1.20
CA ILE E 208 13.98 -26.38 0.93
C ILE E 208 12.73 -26.90 0.19
N THR E 209 12.97 -27.69 -0.85
CA THR E 209 11.93 -28.30 -1.64
C THR E 209 11.06 -29.18 -0.79
N ASP E 210 11.70 -30.01 0.05
CA ASP E 210 10.98 -30.96 0.89
C ASP E 210 10.23 -30.23 1.99
N PHE E 211 10.80 -29.14 2.49
CA PHE E 211 10.19 -28.32 3.53
C PHE E 211 8.88 -27.72 3.03
N LEU E 212 8.93 -27.10 1.87
CA LEU E 212 7.75 -26.50 1.24
C LEU E 212 6.71 -27.55 0.77
N HIS E 213 7.13 -28.78 0.46
CA HIS E 213 6.20 -29.89 0.17
C HIS E 213 5.38 -30.24 1.38
N PHE E 214 6.09 -30.40 2.48
CA PHE E 214 5.54 -30.70 3.79
C PHE E 214 4.55 -29.63 4.20
N CYS E 215 4.94 -28.38 4.06
CA CYS E 215 4.08 -27.27 4.43
C CYS E 215 2.78 -27.27 3.57
N ALA E 216 2.88 -27.57 2.28
CA ALA E 216 1.69 -27.61 1.40
C ALA E 216 0.78 -28.80 1.73
N GLU E 217 1.33 -29.98 1.88
CA GLU E 217 0.53 -31.19 2.17
C GLU E 217 -0.25 -31.10 3.50
N ARG E 218 0.38 -30.57 4.54
CA ARG E 218 -0.27 -30.49 5.85
C ARG E 218 -0.80 -29.09 6.22
N ARG E 219 -0.81 -28.18 5.25
CA ARG E 219 -1.26 -26.81 5.45
C ARG E 219 -0.61 -26.19 6.67
N VAL E 220 0.72 -26.23 6.69
CA VAL E 220 1.51 -25.59 7.70
C VAL E 220 1.81 -24.15 7.27
N PRO E 221 1.59 -23.19 8.16
CA PRO E 221 1.95 -21.79 7.88
C PRO E 221 3.44 -21.63 7.61
N VAL E 222 3.74 -21.00 6.48
CA VAL E 222 5.07 -20.59 6.10
C VAL E 222 4.92 -19.28 5.38
N ASP E 223 5.65 -18.28 5.85
CA ASP E 223 5.57 -16.94 5.28
C ASP E 223 6.89 -16.50 4.69
N PHE E 224 7.97 -17.24 4.93
CA PHE E 224 9.23 -17.01 4.22
C PHE E 224 10.13 -18.24 4.24
N VAL E 225 11.15 -18.19 3.40
CA VAL E 225 12.18 -19.22 3.33
C VAL E 225 13.48 -18.61 3.80
N SER E 226 14.23 -19.35 4.61
CA SER E 226 15.53 -18.88 5.08
C SER E 226 16.63 -19.88 4.75
N ARG E 227 17.83 -19.34 4.55
CA ARG E 227 18.96 -20.10 4.01
C ARG E 227 20.27 -19.38 4.38
N HIS E 228 21.34 -20.14 4.58
CA HIS E 228 22.67 -19.59 4.86
C HIS E 228 23.58 -19.83 3.66
N ALA E 229 24.52 -18.91 3.45
CA ALA E 229 25.44 -18.91 2.34
C ALA E 229 26.84 -18.43 2.75
N TYR E 230 27.82 -19.31 2.56
CA TYR E 230 29.23 -19.01 2.73
C TYR E 230 29.99 -19.58 1.55
N THR E 231 31.20 -19.08 1.34
CA THR E 231 32.01 -19.54 0.21
C THR E 231 33.27 -20.24 0.63
N SER E 232 33.37 -20.59 1.92
CA SER E 232 34.62 -21.15 2.42
C SER E 232 34.65 -22.67 2.35
N LYS E 233 35.78 -23.20 1.91
CA LYS E 233 36.03 -24.65 1.91
C LYS E 233 36.33 -25.11 3.33
N ALA E 234 36.32 -26.42 3.56
CA ALA E 234 36.89 -26.99 4.79
C ALA E 234 38.31 -26.47 4.99
N PRO E 235 38.76 -26.36 6.24
CA PRO E 235 40.12 -25.86 6.53
C PRO E 235 41.28 -26.75 6.00
N HIS E 236 42.25 -26.13 5.35
CA HIS E 236 43.46 -26.81 4.88
C HIS E 236 44.56 -26.73 5.95
N LYS E 237 44.42 -25.81 6.89
CA LYS E 237 45.32 -25.70 8.05
C LYS E 237 44.63 -25.12 9.29
N LYS E 238 44.93 -25.70 10.44
CA LYS E 238 44.43 -25.32 11.77
C LYS E 238 45.61 -24.99 12.67
N THR E 239 45.52 -23.90 13.44
CA THR E 239 46.36 -23.74 14.64
C THR E 239 45.43 -23.92 15.85
N PHE E 240 45.97 -23.76 17.06
CA PHE E 240 45.14 -23.91 18.26
C PHE E 240 44.05 -22.83 18.35
N GLU E 241 44.21 -21.74 17.63
CA GLU E 241 43.25 -20.62 17.66
C GLU E 241 42.68 -20.18 16.27
N TYR E 242 43.14 -20.83 15.18
CA TYR E 242 42.72 -20.45 13.82
C TYR E 242 42.19 -21.61 12.99
N TYR E 243 41.29 -21.29 12.07
CA TYR E 243 41.00 -22.09 10.88
C TYR E 243 41.40 -21.23 9.70
N TYR E 244 42.21 -21.79 8.81
CA TYR E 244 42.53 -21.17 7.52
C TYR E 244 41.76 -21.90 6.40
N GLN E 245 41.00 -21.15 5.60
CA GLN E 245 40.19 -21.75 4.54
C GLN E 245 40.26 -21.00 3.22
N GLU E 246 40.26 -21.74 2.13
CA GLU E 246 40.27 -21.10 0.82
C GLU E 246 38.84 -20.70 0.52
N LEU E 247 38.69 -19.72 -0.36
CA LEU E 247 37.38 -19.21 -0.73
C LEU E 247 37.13 -19.37 -2.23
N GLU E 248 35.87 -19.68 -2.54
CA GLU E 248 35.31 -19.57 -3.87
C GLU E 248 35.08 -18.09 -4.17
N PRO E 249 35.08 -17.71 -5.44
CA PRO E 249 34.88 -16.31 -5.78
C PRO E 249 33.47 -15.84 -5.39
N PRO E 250 33.25 -14.53 -5.36
CA PRO E 250 31.94 -14.00 -4.97
C PRO E 250 30.79 -14.47 -5.88
N GLU E 251 31.04 -14.69 -7.17
CA GLU E 251 30.00 -15.22 -8.07
C GLU E 251 29.37 -16.52 -7.57
N ASP E 252 30.14 -17.30 -6.82
CA ASP E 252 29.61 -18.53 -6.22
C ASP E 252 28.46 -18.17 -5.26
N MET E 253 28.70 -17.23 -4.35
CA MET E 253 27.63 -16.80 -3.43
C MET E 253 26.36 -16.27 -4.11
N LEU E 254 26.54 -15.42 -5.11
CA LEU E 254 25.42 -14.92 -5.87
C LEU E 254 24.63 -16.02 -6.61
N GLU E 255 25.32 -17.05 -7.09
CA GLU E 255 24.70 -18.24 -7.72
C GLU E 255 23.98 -19.13 -6.70
N GLN E 256 24.44 -19.11 -5.45
CA GLN E 256 23.70 -19.73 -4.37
C GLN E 256 22.37 -18.96 -4.13
N PHE E 257 22.43 -17.62 -4.12
CA PHE E 257 21.23 -16.79 -3.95
C PHE E 257 20.24 -17.05 -5.10
N LYS E 258 20.76 -17.12 -6.32
CA LYS E 258 19.94 -17.18 -7.53
C LYS E 258 19.28 -18.56 -7.66
N THR E 259 20.02 -19.60 -7.31
CA THR E 259 19.58 -20.99 -7.37
C THR E 259 18.52 -21.31 -6.35
N VAL E 260 18.60 -20.71 -5.17
CA VAL E 260 17.59 -20.95 -4.14
C VAL E 260 16.30 -20.20 -4.49
N ARG E 261 16.45 -19.01 -5.03
CA ARG E 261 15.28 -18.22 -5.46
C ARG E 261 14.52 -18.99 -6.53
N ALA E 262 15.25 -19.52 -7.52
CA ALA E 262 14.66 -20.32 -8.59
C ALA E 262 13.93 -21.55 -8.07
N LEU E 263 14.46 -22.16 -7.00
CA LEU E 263 13.82 -23.30 -6.34
C LEU E 263 12.50 -22.93 -5.64
N ILE E 264 12.42 -21.72 -5.09
CA ILE E 264 11.21 -21.25 -4.46
C ILE E 264 10.14 -21.01 -5.53
N ARG E 265 10.56 -20.47 -6.67
CA ARG E 265 9.64 -20.14 -7.73
C ARG E 265 9.08 -21.38 -8.41
N GLN E 266 9.81 -22.50 -8.33
CA GLN E 266 9.34 -23.82 -8.82
C GLN E 266 8.60 -24.64 -7.76
N SER E 267 8.46 -24.11 -6.54
CA SER E 267 7.86 -24.82 -5.41
C SER E 267 6.35 -24.56 -5.27
N PRO E 268 5.66 -25.31 -4.41
CA PRO E 268 4.26 -25.02 -4.04
C PRO E 268 3.95 -23.63 -3.41
N PHE E 269 4.98 -22.86 -3.09
CA PHE E 269 4.84 -21.51 -2.55
C PHE E 269 5.70 -20.52 -3.36
N PRO E 270 5.33 -20.28 -4.63
CA PRO E 270 6.17 -19.51 -5.57
C PRO E 270 6.50 -18.07 -5.20
N HIS E 271 5.71 -17.47 -4.33
CA HIS E 271 5.81 -16.05 -4.01
C HIS E 271 6.49 -15.74 -2.67
N LEU E 272 7.03 -16.74 -1.97
CA LEU E 272 7.61 -16.51 -0.64
C LEU E 272 8.88 -15.67 -0.69
N PRO E 273 8.98 -14.66 0.19
CA PRO E 273 10.24 -13.95 0.40
C PRO E 273 11.38 -14.91 0.80
N LEU E 274 12.61 -14.59 0.39
CA LEU E 274 13.79 -15.38 0.73
C LEU E 274 14.73 -14.54 1.59
N HIS E 275 14.94 -14.98 2.84
CA HIS E 275 15.84 -14.28 3.74
C HIS E 275 17.11 -15.07 3.94
N ILE E 276 18.23 -14.59 3.40
CA ILE E 276 19.50 -15.23 3.68
C ILE E 276 19.97 -14.84 5.07
N THR E 277 19.64 -15.65 6.07
CA THR E 277 19.85 -15.22 7.45
C THR E 277 21.29 -15.27 7.95
N GLU E 278 22.22 -15.80 7.15
CA GLU E 278 23.67 -15.65 7.41
C GLU E 278 24.40 -15.64 6.10
N TYR E 279 25.32 -14.71 5.93
CA TYR E 279 26.36 -14.86 4.95
C TYR E 279 27.65 -14.19 5.39
N ASN E 280 28.74 -14.70 4.81
CA ASN E 280 30.10 -14.18 4.95
C ASN E 280 30.98 -15.07 4.05
N THR E 281 32.24 -14.69 3.93
CA THR E 281 33.21 -15.52 3.25
C THR E 281 33.39 -16.86 3.96
N SER E 282 34.02 -16.84 5.12
CA SER E 282 34.19 -18.03 5.93
C SER E 282 33.10 -18.16 6.98
N TYR E 283 32.79 -19.40 7.29
CA TYR E 283 31.78 -19.72 8.27
C TYR E 283 32.38 -19.94 9.65
N SER E 284 33.65 -19.59 9.84
CA SER E 284 34.35 -19.85 11.12
C SER E 284 34.66 -18.54 11.86
N PRO E 285 34.33 -18.49 13.16
CA PRO E 285 34.60 -17.31 14.00
C PRO E 285 36.05 -17.14 14.43
N ILE E 286 36.94 -17.92 13.83
CA ILE E 286 38.37 -17.81 14.10
C ILE E 286 39.20 -17.90 12.80
N ASN E 287 38.68 -17.32 11.71
CA ASN E 287 39.40 -17.27 10.44
C ASN E 287 39.83 -15.83 10.14
N PRO E 288 41.14 -15.55 10.22
CA PRO E 288 41.69 -14.19 9.99
C PRO E 288 41.19 -13.41 8.76
N VAL E 289 40.69 -14.10 7.75
CA VAL E 289 40.23 -13.43 6.52
C VAL E 289 39.19 -12.33 6.80
N HIS E 290 38.39 -12.53 7.85
CA HIS E 290 37.36 -11.58 8.25
C HIS E 290 37.89 -10.20 8.67
N ASP E 291 39.13 -10.14 9.13
CA ASP E 291 39.75 -8.89 9.62
C ASP E 291 40.48 -8.11 8.52
N THR E 292 40.38 -8.58 7.28
CA THR E 292 41.24 -8.08 6.21
C THR E 292 40.54 -7.19 5.23
N ALA E 293 41.33 -6.58 4.37
CA ALA E 293 40.84 -5.74 3.30
C ALA E 293 40.20 -6.57 2.21
N LEU E 294 40.67 -7.79 1.97
CA LEU E 294 40.04 -8.72 1.03
C LEU E 294 38.58 -8.99 1.40
N ASN E 295 38.31 -9.20 2.67
CA ASN E 295 36.94 -9.44 3.09
C ASN E 295 36.00 -8.32 2.68
N ALA E 296 36.47 -7.07 2.75
CA ALA E 296 35.66 -5.91 2.43
C ALA E 296 35.36 -5.82 0.93
N ALA E 297 36.41 -5.91 0.11
CA ALA E 297 36.30 -5.92 -1.36
C ALA E 297 35.45 -7.07 -1.87
N TYR E 298 35.54 -8.20 -1.19
CA TYR E 298 34.74 -9.38 -1.55
C TYR E 298 33.27 -9.07 -1.28
N ILE E 299 32.99 -8.65 -0.06
CA ILE E 299 31.62 -8.42 0.37
C ILE E 299 30.94 -7.26 -0.39
N ALA E 300 31.72 -6.28 -0.86
CA ALA E 300 31.17 -5.17 -1.61
C ALA E 300 30.45 -5.68 -2.85
N ARG E 301 31.08 -6.62 -3.55
CA ARG E 301 30.46 -7.27 -4.71
C ARG E 301 29.07 -7.78 -4.35
N ILE E 302 28.95 -8.44 -3.19
CA ILE E 302 27.67 -9.02 -2.77
C ILE E 302 26.64 -7.93 -2.41
N LEU E 303 27.07 -6.89 -1.69
CA LEU E 303 26.19 -5.76 -1.37
C LEU E 303 25.60 -5.15 -2.66
N SER E 304 26.41 -5.09 -3.70
CA SER E 304 26.05 -4.51 -4.99
C SER E 304 24.91 -5.22 -5.74
N GLU E 305 24.85 -6.54 -5.62
CA GLU E 305 23.98 -7.37 -6.44
C GLU E 305 23.01 -8.30 -5.71
N GLY E 306 23.30 -8.65 -4.45
CA GLY E 306 22.63 -9.75 -3.77
C GLY E 306 21.13 -9.53 -3.70
N GLY E 307 20.77 -8.26 -3.56
CA GLY E 307 19.39 -7.84 -3.44
C GLY E 307 18.55 -8.03 -4.68
N ASP E 308 19.17 -8.33 -5.80
CA ASP E 308 18.51 -8.74 -7.03
C ASP E 308 17.79 -10.08 -6.90
N TYR E 309 18.22 -10.90 -5.94
CA TYR E 309 17.76 -12.30 -5.83
C TYR E 309 17.01 -12.63 -4.54
N VAL E 310 17.25 -11.82 -3.51
CA VAL E 310 16.78 -12.14 -2.18
C VAL E 310 16.16 -10.90 -1.55
N ASP E 311 15.28 -11.11 -0.57
CA ASP E 311 14.63 -10.03 0.18
C ASP E 311 15.53 -9.45 1.27
N SER E 312 16.47 -10.26 1.74
CA SER E 312 17.52 -9.79 2.64
C SER E 312 18.67 -10.75 2.65
N PHE E 313 19.82 -10.23 3.07
CA PHE E 313 21.01 -11.03 3.29
C PHE E 313 21.78 -10.44 4.45
N SER E 314 21.78 -11.20 5.55
CA SER E 314 22.24 -10.74 6.84
C SER E 314 23.69 -11.13 7.08
N TYR E 315 24.56 -10.13 7.10
CA TYR E 315 26.02 -10.36 7.29
C TYR E 315 26.22 -10.87 8.71
N TRP E 316 26.90 -12.01 8.78
CA TRP E 316 27.15 -12.69 10.03
C TRP E 316 28.58 -12.33 10.38
N THR E 317 28.88 -11.34 11.26
CA THR E 317 27.99 -10.64 12.18
C THR E 317 28.38 -9.15 12.28
N PHE E 318 27.59 -8.35 13.01
CA PHE E 318 27.93 -6.95 13.22
C PHE E 318 29.15 -6.76 14.14
N SER E 319 29.40 -7.74 15.00
CA SER E 319 30.36 -7.62 16.11
C SER E 319 31.18 -8.89 16.39
N ASP E 320 32.41 -8.68 16.85
CA ASP E 320 33.30 -9.73 17.36
C ASP E 320 32.92 -10.17 18.77
N VAL E 321 31.96 -9.48 19.40
CA VAL E 321 31.40 -9.95 20.65
C VAL E 321 30.70 -11.27 20.32
N PHE E 322 31.36 -12.36 20.68
CA PHE E 322 31.07 -13.68 20.14
C PHE E 322 31.82 -14.74 20.98
N GLU E 323 31.17 -15.89 21.23
CA GLU E 323 31.75 -16.97 22.06
C GLU E 323 31.55 -18.41 21.58
N GLU E 324 31.05 -18.65 20.35
CA GLU E 324 30.91 -20.01 19.80
C GLU E 324 32.16 -20.88 19.98
N MET E 325 33.34 -20.31 19.75
CA MET E 325 34.59 -21.03 19.92
C MET E 325 35.42 -20.40 21.02
N ASP E 326 34.75 -20.00 22.10
CA ASP E 326 35.38 -19.48 23.31
C ASP E 326 35.62 -17.97 23.16
N VAL E 327 36.14 -17.37 24.24
CA VAL E 327 36.41 -15.94 24.27
C VAL E 327 37.59 -15.63 23.30
N PRO E 328 37.46 -14.61 22.46
CA PRO E 328 38.55 -14.19 21.57
C PRO E 328 39.92 -14.13 22.26
N LYS E 329 40.92 -14.71 21.61
CA LYS E 329 42.23 -14.93 22.23
C LYS E 329 43.23 -13.79 21.92
N ALA E 330 42.78 -12.86 21.09
CA ALA E 330 43.56 -11.69 20.68
C ALA E 330 42.62 -10.68 19.99
N LEU E 331 43.07 -9.43 19.83
CA LEU E 331 42.21 -8.38 19.29
C LEU E 331 41.67 -8.77 17.94
N PHE E 332 42.57 -9.08 17.03
CA PHE E 332 42.19 -9.53 15.70
C PHE E 332 42.39 -11.04 15.67
N HIS E 333 41.26 -11.76 15.73
CA HIS E 333 41.24 -13.19 16.04
C HIS E 333 40.41 -13.98 14.98
N GLY E 334 40.08 -13.31 13.88
CA GLY E 334 39.30 -13.91 12.82
C GLY E 334 37.81 -14.00 13.07
N GLY E 335 37.30 -13.16 13.96
CA GLY E 335 35.88 -13.05 14.20
C GLY E 335 35.09 -12.56 13.00
N PHE E 336 33.82 -12.91 12.99
CA PHE E 336 32.85 -12.53 11.98
C PHE E 336 32.52 -11.01 11.94
N GLY E 337 32.76 -10.31 13.04
CA GLY E 337 32.37 -8.93 13.22
C GLY E 337 32.80 -7.92 12.15
N LEU E 338 31.90 -7.01 11.81
CA LEU E 338 32.19 -5.74 11.14
C LEU E 338 33.00 -4.90 12.11
N VAL E 339 32.68 -5.02 13.39
CA VAL E 339 33.30 -4.23 14.44
C VAL E 339 34.07 -5.12 15.39
N ALA E 340 35.37 -4.82 15.52
CA ALA E 340 36.25 -5.45 16.50
C ALA E 340 36.02 -4.92 17.93
N LEU E 341 36.44 -5.71 18.91
CA LEU E 341 36.51 -5.26 20.29
C LEU E 341 37.16 -3.89 20.40
N HIS E 342 36.72 -3.15 21.41
CA HIS E 342 36.98 -1.72 21.60
C HIS E 342 36.36 -0.82 20.50
N SER E 343 35.32 -1.30 19.80
CA SER E 343 34.60 -0.53 18.78
C SER E 343 35.49 -0.05 17.61
N ILE E 344 36.47 -0.86 17.23
CA ILE E 344 37.32 -0.62 16.09
C ILE E 344 36.72 -1.21 14.81
N PRO E 345 36.46 -0.36 13.82
CA PRO E 345 35.85 -0.83 12.57
C PRO E 345 36.88 -1.54 11.67
N LYS E 346 36.50 -2.72 11.24
CA LYS E 346 37.31 -3.46 10.27
C LYS E 346 37.03 -2.83 8.90
N PRO E 347 37.85 -3.17 7.89
CA PRO E 347 37.58 -2.72 6.51
C PRO E 347 36.20 -3.10 6.00
N THR E 348 35.66 -4.25 6.41
CA THR E 348 34.29 -4.65 6.01
C THR E 348 33.18 -3.69 6.51
N PHE E 349 33.35 -3.10 7.70
CA PHE E 349 32.42 -2.06 8.23
C PHE E 349 32.30 -0.91 7.22
N HIS E 350 33.43 -0.43 6.74
CA HIS E 350 33.45 0.69 5.81
C HIS E 350 32.77 0.40 4.49
N ALA E 351 32.93 -0.83 3.99
CA ALA E 351 32.19 -1.27 2.82
C ALA E 351 30.69 -0.99 3.02
N PHE E 352 30.15 -1.35 4.18
CA PHE E 352 28.74 -1.10 4.53
C PHE E 352 28.41 0.39 4.68
N THR E 353 29.25 1.09 5.42
CA THR E 353 29.21 2.55 5.53
C THR E 353 29.19 3.23 4.17
N PHE E 354 29.97 2.70 3.22
CA PHE E 354 30.10 3.31 1.90
C PHE E 354 28.86 3.09 1.06
N PHE E 355 28.26 1.90 1.19
CA PHE E 355 27.02 1.61 0.52
C PHE E 355 25.88 2.41 1.15
N ASN E 356 26.03 2.77 2.42
CA ASN E 356 25.00 3.54 3.12
C ASN E 356 24.91 4.96 2.57
N ALA E 357 25.92 5.40 1.83
CA ALA E 357 25.92 6.73 1.21
C ALA E 357 25.30 6.78 -0.18
N LEU E 358 25.07 5.62 -0.78
CA LEU E 358 24.48 5.53 -2.12
C LEU E 358 23.05 6.05 -2.21
N GLY E 359 22.69 6.60 -3.36
CA GLY E 359 21.32 7.01 -3.67
C GLY E 359 20.43 5.87 -4.16
N ASP E 360 19.13 6.15 -4.27
CA ASP E 360 18.11 5.17 -4.67
C ASP E 360 18.11 4.95 -6.18
N GLU E 361 18.49 5.98 -6.94
CA GLU E 361 18.56 5.89 -8.41
C GLU E 361 19.86 5.26 -8.94
N LEU E 362 19.73 4.09 -9.55
CA LEU E 362 20.86 3.38 -10.15
C LEU E 362 21.20 3.88 -11.56
N LEU E 363 22.34 4.54 -11.69
CA LEU E 363 22.82 5.00 -12.99
C LEU E 363 23.64 3.94 -13.73
N TYR E 364 24.48 3.22 -13.00
CA TYR E 364 25.36 2.24 -13.64
C TYR E 364 25.88 1.21 -12.63
N ARG E 365 26.06 -0.02 -13.11
CA ARG E 365 26.58 -1.09 -12.29
C ARG E 365 27.26 -2.15 -13.14
N ASP E 366 28.45 -2.56 -12.71
CA ASP E 366 29.11 -3.74 -13.29
C ASP E 366 29.78 -4.54 -12.18
N GLY E 367 30.57 -5.55 -12.54
CA GLY E 367 31.28 -6.40 -11.59
C GLY E 367 32.21 -5.72 -10.59
N GLU E 368 32.54 -4.45 -10.80
CA GLU E 368 33.48 -3.74 -9.92
C GLU E 368 33.05 -2.34 -9.45
N MET E 369 31.85 -1.90 -9.80
CA MET E 369 31.36 -0.60 -9.32
C MET E 369 29.85 -0.47 -9.34
N ILE E 370 29.35 0.47 -8.55
CA ILE E 370 27.96 0.86 -8.58
C ILE E 370 27.90 2.39 -8.46
N VAL E 371 27.13 3.03 -9.33
CA VAL E 371 27.05 4.49 -9.39
C VAL E 371 25.59 4.91 -9.29
N THR E 372 25.31 5.85 -8.41
CA THR E 372 23.95 6.30 -8.11
C THR E 372 23.79 7.82 -8.10
N ARG E 373 22.54 8.26 -8.23
CA ARG E 373 22.15 9.66 -7.98
C ARG E 373 21.27 9.77 -6.73
N ARG E 374 21.49 10.83 -5.97
CA ARG E 374 20.71 11.09 -4.78
C ARG E 374 19.66 12.13 -5.05
N LYS E 375 18.76 12.27 -4.10
CA LYS E 375 17.65 13.21 -4.22
C LYS E 375 18.17 14.61 -4.55
N ASP E 376 19.24 15.05 -3.87
CA ASP E 376 19.77 16.41 -4.06
C ASP E 376 20.53 16.66 -5.36
N GLY E 377 20.50 15.69 -6.28
CA GLY E 377 21.23 15.78 -7.54
C GLY E 377 22.65 15.25 -7.52
N SER E 378 23.25 15.12 -6.33
CA SER E 378 24.63 14.66 -6.24
C SER E 378 24.76 13.18 -6.66
N ILE E 379 26.00 12.75 -6.87
CA ILE E 379 26.34 11.45 -7.41
C ILE E 379 27.20 10.70 -6.40
N ALA E 380 26.85 9.46 -6.11
CA ALA E 380 27.57 8.65 -5.15
C ALA E 380 27.92 7.30 -5.77
N ALA E 381 29.18 6.89 -5.65
CA ALA E 381 29.65 5.65 -6.29
C ALA E 381 30.51 4.84 -5.33
N VAL E 382 30.37 3.53 -5.37
CA VAL E 382 31.28 2.65 -4.66
C VAL E 382 31.96 1.77 -5.70
N LEU E 383 33.28 1.68 -5.60
CA LEU E 383 34.13 0.85 -6.45
C LEU E 383 35.03 -0.03 -5.60
N TRP E 384 35.41 -1.17 -6.16
CA TRP E 384 36.15 -2.18 -5.44
C TRP E 384 37.01 -2.99 -6.40
N ASN E 385 38.17 -3.42 -5.91
CA ASN E 385 39.17 -4.14 -6.66
C ASN E 385 39.54 -5.41 -5.90
N LEU E 386 38.67 -6.40 -5.98
CA LEU E 386 38.91 -7.69 -5.35
C LEU E 386 40.01 -8.43 -6.09
N VAL E 387 41.04 -8.80 -5.35
CA VAL E 387 42.15 -9.53 -5.92
C VAL E 387 42.46 -10.69 -4.98
N MET E 388 42.14 -11.89 -5.46
CA MET E 388 42.19 -13.08 -4.63
C MET E 388 43.52 -13.83 -4.72
N GLU E 389 44.40 -13.39 -5.62
CA GLU E 389 45.65 -14.10 -5.80
C GLU E 389 46.76 -13.33 -5.11
N LYS E 390 47.80 -14.05 -4.74
CA LYS E 390 48.87 -13.49 -3.94
C LYS E 390 49.74 -12.57 -4.79
N GLY E 391 50.35 -11.59 -4.14
CA GLY E 391 51.32 -10.74 -4.79
C GLY E 391 50.94 -9.29 -4.69
N GLU E 392 51.90 -8.42 -4.99
CA GLU E 392 51.65 -7.01 -5.00
C GLU E 392 51.55 -6.48 -6.43
N GLY E 393 51.43 -5.17 -6.55
CA GLY E 393 51.03 -4.56 -7.80
C GLY E 393 49.53 -4.77 -7.84
N LEU E 394 49.04 -5.37 -8.91
CA LEU E 394 47.63 -5.80 -9.00
C LEU E 394 46.63 -4.67 -8.69
N THR E 395 47.00 -3.44 -9.06
CA THR E 395 46.08 -2.31 -9.05
C THR E 395 45.15 -2.39 -10.26
N LYS E 396 44.13 -1.55 -10.26
CA LYS E 396 43.12 -1.53 -11.29
C LYS E 396 42.85 -0.10 -11.68
N GLU E 397 42.98 0.21 -12.97
CA GLU E 397 42.71 1.53 -13.50
C GLU E 397 41.26 1.60 -14.01
N VAL E 398 40.53 2.62 -13.60
CA VAL E 398 39.12 2.81 -13.99
C VAL E 398 38.88 4.23 -14.50
N GLN E 399 38.35 4.37 -15.71
CA GLN E 399 38.04 5.70 -16.28
C GLN E 399 36.53 5.95 -16.24
N LEU E 400 36.12 7.03 -15.58
CA LEU E 400 34.70 7.36 -15.39
C LEU E 400 34.36 8.67 -16.10
N VAL E 401 33.26 8.68 -16.86
CA VAL E 401 32.76 9.88 -17.51
C VAL E 401 31.34 10.15 -16.98
N ILE E 402 31.23 11.12 -16.08
CA ILE E 402 30.01 11.33 -15.29
C ILE E 402 29.35 12.66 -15.69
N PRO E 403 28.06 12.61 -16.06
CA PRO E 403 27.35 13.82 -16.47
C PRO E 403 27.00 14.66 -15.24
N VAL E 404 27.31 15.93 -15.32
CA VAL E 404 27.17 16.81 -14.18
C VAL E 404 26.31 18.01 -14.58
N SER E 405 25.16 18.10 -13.92
CA SER E 405 24.18 19.18 -14.12
C SER E 405 24.61 20.54 -13.51
N GLU E 406 25.83 20.64 -13.00
CA GLU E 406 26.15 21.65 -11.98
C GLU E 406 27.14 22.76 -12.36
N SER E 407 28.15 22.48 -13.20
CA SER E 407 29.16 23.48 -13.64
C SER E 407 30.53 23.41 -12.90
N ALA E 408 30.52 23.54 -11.57
CA ALA E 408 31.70 23.23 -10.76
C ALA E 408 31.35 22.20 -9.68
N VAL E 409 32.31 21.32 -9.38
CA VAL E 409 32.06 20.13 -8.59
C VAL E 409 33.10 19.87 -7.49
N PHE E 410 32.61 19.52 -6.30
CA PHE E 410 33.43 19.04 -5.18
C PHE E 410 33.40 17.51 -5.11
N ILE E 411 34.57 16.90 -5.25
CA ILE E 411 34.72 15.45 -5.19
C ILE E 411 35.34 15.02 -3.85
N LYS E 412 34.65 14.13 -3.13
CA LYS E 412 35.14 13.56 -1.90
C LYS E 412 35.33 12.07 -2.12
N ARG E 413 36.53 11.56 -1.84
CA ARG E 413 36.85 10.15 -2.01
C ARG E 413 37.40 9.55 -0.73
N GLN E 414 36.75 8.51 -0.23
CA GLN E 414 37.16 7.82 0.98
C GLN E 414 37.68 6.44 0.61
N ILE E 415 38.79 6.04 1.21
CA ILE E 415 39.42 4.79 0.80
C ILE E 415 39.86 3.89 1.97
N VAL E 416 39.68 2.59 1.75
CA VAL E 416 40.05 1.55 2.67
C VAL E 416 40.70 0.47 1.83
N ASN E 417 41.95 0.14 2.13
CA ASN E 417 42.68 -0.88 1.41
C ASN E 417 43.72 -1.54 2.30
N GLU E 418 44.75 -2.17 1.73
CA GLU E 418 45.80 -2.77 2.54
C GLU E 418 46.59 -1.76 3.36
N GLN E 419 46.55 -0.48 3.00
CA GLN E 419 47.37 0.56 3.62
C GLN E 419 46.56 1.45 4.59
N TYR E 420 45.41 1.91 4.13
CA TYR E 420 44.59 2.85 4.88
C TYR E 420 43.28 2.21 5.38
N GLY E 421 42.76 2.69 6.51
CA GLY E 421 41.54 2.18 7.11
C GLY E 421 41.60 0.72 7.51
N ASN E 422 42.78 0.30 7.99
CA ASN E 422 43.10 -1.12 8.12
C ASN E 422 43.94 -1.33 9.35
N ALA E 423 43.25 -1.62 10.47
CA ALA E 423 43.90 -1.69 11.77
C ALA E 423 44.76 -2.94 11.86
N TRP E 424 44.36 -3.98 11.15
CA TRP E 424 45.01 -5.28 11.20
C TRP E 424 46.44 -5.16 10.71
N ARG E 425 46.64 -4.45 9.60
CA ARG E 425 47.99 -4.13 9.13
C ARG E 425 48.84 -3.54 10.26
N VAL E 426 48.32 -2.49 10.89
CA VAL E 426 48.99 -1.77 11.98
C VAL E 426 49.16 -2.60 13.24
N TRP E 427 48.16 -3.42 13.57
CA TRP E 427 48.21 -4.31 14.73
C TRP E 427 49.39 -5.27 14.57
N LYS E 428 49.66 -5.66 13.33
CA LYS E 428 50.82 -6.50 12.98
C LYS E 428 52.12 -5.74 13.28
N GLN E 429 52.16 -4.46 12.91
CA GLN E 429 53.34 -3.61 13.14
C GLN E 429 53.64 -3.43 14.62
N MET E 430 52.61 -3.54 15.45
CA MET E 430 52.77 -3.44 16.89
C MET E 430 53.34 -4.73 17.51
N GLY E 431 53.44 -5.77 16.71
CA GLY E 431 53.94 -7.07 17.16
C GLY E 431 52.79 -7.97 17.55
N ARG E 432 51.65 -7.80 16.89
CA ARG E 432 50.41 -8.52 17.19
C ARG E 432 50.05 -8.66 18.68
N PRO E 433 49.90 -7.55 19.40
CA PRO E 433 49.56 -7.64 20.82
C PRO E 433 48.22 -8.34 20.95
N ARG E 434 48.13 -9.36 21.80
CA ARG E 434 46.84 -10.02 22.03
C ARG E 434 45.84 -9.10 22.75
N PHE E 435 46.33 -8.52 23.85
CA PHE E 435 45.52 -7.72 24.76
C PHE E 435 46.14 -6.32 24.88
N PRO E 436 45.92 -5.48 23.86
CA PRO E 436 46.64 -4.21 23.74
C PRO E 436 46.27 -3.18 24.78
N SER E 437 47.22 -2.27 25.00
CA SER E 437 47.02 -1.19 25.95
C SER E 437 45.95 -0.22 25.44
N ARG E 438 45.56 0.71 26.29
CA ARG E 438 44.54 1.67 25.93
C ARG E 438 45.05 2.60 24.83
N GLN E 439 46.34 2.93 24.90
CA GLN E 439 47.06 3.77 23.94
C GLN E 439 47.11 3.11 22.57
N ALA E 440 47.49 1.83 22.56
CA ALA E 440 47.64 1.08 21.33
C ALA E 440 46.27 0.97 20.64
N VAL E 441 45.23 0.75 21.43
CA VAL E 441 43.86 0.69 20.93
C VAL E 441 43.42 2.01 20.26
N GLU E 442 43.75 3.15 20.85
CA GLU E 442 43.37 4.44 20.27
C GLU E 442 44.10 4.69 18.94
N THR E 443 45.36 4.29 18.84
CA THR E 443 46.11 4.36 17.59
C THR E 443 45.44 3.47 16.52
N LEU E 444 44.97 2.31 16.95
CA LEU E 444 44.30 1.39 16.03
C LEU E 444 42.92 1.94 15.57
N ARG E 445 42.29 2.75 16.40
CA ARG E 445 41.05 3.41 16.02
C ARG E 445 41.30 4.49 14.96
N GLN E 446 42.29 5.33 15.26
CA GLN E 446 42.77 6.36 14.33
C GLN E 446 43.11 5.85 12.91
N VAL E 447 43.80 4.72 12.86
CA VAL E 447 44.35 4.18 11.63
C VAL E 447 43.25 3.43 10.83
N ALA E 448 42.24 3.01 11.57
CA ALA E 448 41.04 2.35 11.03
C ALA E 448 40.06 3.32 10.34
N GLN E 449 40.26 4.64 10.47
CA GLN E 449 39.44 5.59 9.73
C GLN E 449 39.84 5.56 8.25
N PRO E 450 38.89 5.77 7.33
CA PRO E 450 39.24 5.79 5.90
C PRO E 450 40.19 6.92 5.59
N HIS E 451 41.00 6.76 4.55
CA HIS E 451 41.81 7.86 4.02
C HIS E 451 40.93 8.70 3.09
N VAL E 452 40.99 10.02 3.28
CA VAL E 452 40.11 10.99 2.59
C VAL E 452 40.96 11.86 1.69
N MET E 453 40.50 11.99 0.45
CA MET E 453 41.04 12.94 -0.52
C MET E 453 39.90 13.76 -1.10
N THR E 454 40.14 15.06 -1.29
CA THR E 454 39.18 15.97 -1.87
C THR E 454 39.82 16.71 -3.04
N GLU E 455 39.03 16.99 -4.07
CA GLU E 455 39.40 17.95 -5.10
C GLU E 455 38.19 18.78 -5.57
N GLN E 456 38.46 20.00 -6.01
CA GLN E 456 37.50 20.76 -6.81
C GLN E 456 37.86 20.56 -8.26
N ARG E 457 36.83 20.59 -9.10
CA ARG E 457 37.04 20.33 -10.51
C ARG E 457 35.86 20.86 -11.31
N ARG E 458 36.18 21.55 -12.39
CA ARG E 458 35.15 22.10 -13.25
C ARG E 458 34.84 21.16 -14.41
N ALA E 459 33.57 21.13 -14.77
CA ALA E 459 33.10 20.34 -15.91
C ALA E 459 33.74 20.84 -17.22
N THR E 460 33.99 19.92 -18.15
CA THR E 460 34.27 20.30 -19.53
C THR E 460 33.03 19.95 -20.35
N ASP E 461 31.96 20.66 -19.99
CA ASP E 461 30.67 20.67 -20.70
C ASP E 461 29.82 19.46 -20.47
N GLY E 462 29.03 19.58 -19.41
CA GLY E 462 28.05 18.58 -19.04
C GLY E 462 28.68 17.33 -18.47
N VAL E 463 30.01 17.31 -18.30
CA VAL E 463 30.72 16.07 -17.99
C VAL E 463 31.96 16.28 -17.09
N ILE E 464 32.28 15.28 -16.28
CA ILE E 464 33.54 15.18 -15.55
C ILE E 464 34.25 13.84 -15.87
N HIS E 465 35.58 13.88 -15.99
CA HIS E 465 36.36 12.69 -16.32
C HIS E 465 37.27 12.35 -15.13
N LEU E 466 36.87 11.35 -14.35
CA LEU E 466 37.71 10.81 -13.27
C LEU E 466 38.55 9.65 -13.77
N SER E 467 39.86 9.79 -13.61
CA SER E 467 40.77 8.70 -13.76
C SER E 467 41.12 8.22 -12.35
N ILE E 468 40.67 7.02 -12.00
CA ILE E 468 40.83 6.46 -10.66
C ILE E 468 41.79 5.27 -10.69
N VAL E 469 42.60 5.15 -9.64
CA VAL E 469 43.42 3.97 -9.42
C VAL E 469 43.02 3.37 -8.09
N LEU E 470 42.61 2.10 -8.13
CA LEU E 470 42.28 1.31 -6.96
C LEU E 470 43.42 0.37 -6.67
N SER E 471 43.95 0.41 -5.46
CA SER E 471 45.02 -0.52 -5.08
C SER E 471 44.41 -1.90 -4.75
N LYS E 472 45.25 -2.86 -4.41
CA LYS E 472 44.82 -4.24 -4.15
C LYS E 472 43.76 -4.27 -3.03
N ASN E 473 42.60 -4.85 -3.33
CA ASN E 473 41.51 -5.03 -2.37
C ASN E 473 40.94 -3.78 -1.72
N GLU E 474 41.00 -2.70 -2.47
CA GLU E 474 40.42 -1.45 -2.06
C GLU E 474 38.93 -1.45 -2.32
N VAL E 475 38.24 -0.86 -1.34
CA VAL E 475 36.89 -0.36 -1.49
C VAL E 475 36.99 1.16 -1.27
N THR E 476 36.27 1.90 -2.10
CA THR E 476 36.24 3.35 -2.04
C THR E 476 34.88 3.91 -2.41
N LEU E 477 34.56 5.02 -1.76
CA LEU E 477 33.33 5.76 -1.97
C LEU E 477 33.75 7.04 -2.67
N ILE E 478 33.03 7.42 -3.72
CA ILE E 478 33.25 8.71 -4.35
C ILE E 478 31.93 9.49 -4.41
N GLU E 479 31.87 10.62 -3.70
CA GLU E 479 30.74 11.56 -3.75
C GLU E 479 31.09 12.83 -4.56
N ILE E 480 30.14 13.27 -5.39
CA ILE E 480 30.31 14.38 -6.32
C ILE E 480 29.15 15.32 -6.08
N GLU E 481 29.44 16.45 -5.44
CA GLU E 481 28.45 17.39 -5.01
C GLU E 481 28.61 18.73 -5.73
N GLN E 482 27.51 19.48 -5.71
CA GLN E 482 27.43 20.77 -6.38
C GLN E 482 28.30 21.75 -5.63
N VAL E 483 29.03 22.58 -6.35
CA VAL E 483 29.69 23.74 -5.72
C VAL E 483 29.02 25.01 -6.19
N ARG E 484 28.41 25.67 -5.22
CA ARG E 484 27.88 27.02 -5.37
C ARG E 484 28.97 27.91 -4.79
N ASP E 485 29.81 28.46 -5.65
CA ASP E 485 31.01 29.17 -5.22
C ASP E 485 30.64 30.55 -4.67
N GLU E 486 30.96 30.79 -3.40
CA GLU E 486 30.70 32.08 -2.75
C GLU E 486 31.88 33.04 -2.80
N THR E 487 32.97 32.65 -3.45
CA THR E 487 34.21 33.44 -3.50
C THR E 487 34.10 34.91 -3.90
N SER E 488 33.13 35.24 -4.74
CA SER E 488 32.99 36.60 -5.27
C SER E 488 32.31 37.52 -4.25
N THR E 489 31.63 36.95 -3.26
CA THR E 489 31.13 37.75 -2.14
C THR E 489 32.31 38.23 -1.26
N TYR E 490 33.46 37.55 -1.33
CA TYR E 490 34.62 37.94 -0.52
C TYR E 490 35.38 39.02 -1.27
N VAL E 491 34.83 40.21 -1.31
CA VAL E 491 35.34 41.27 -2.19
C VAL E 491 36.69 41.75 -1.71
N GLY E 492 37.71 41.58 -2.56
CA GLY E 492 39.09 41.91 -2.25
C GLY E 492 39.93 40.74 -1.74
N LEU E 493 39.31 39.56 -1.54
CA LEU E 493 40.03 38.39 -1.09
C LEU E 493 41.22 38.14 -1.97
N ASP E 494 42.36 37.93 -1.32
CA ASP E 494 43.57 37.57 -2.04
C ASP E 494 44.43 36.77 -1.06
N ASP E 495 44.46 35.46 -1.25
CA ASP E 495 45.32 34.59 -0.46
C ASP E 495 46.81 34.95 -0.67
N GLY E 496 47.13 35.61 -1.78
CA GLY E 496 48.46 36.18 -1.98
C GLY E 496 48.93 37.16 -0.92
N GLU E 497 48.01 37.72 -0.14
CA GLU E 497 48.35 38.73 0.89
C GLU E 497 48.75 38.12 2.24
N ILE E 498 48.50 36.82 2.39
CA ILE E 498 48.92 36.05 3.55
C ILE E 498 50.31 35.50 3.31
N THR E 499 51.14 35.70 4.32
CA THR E 499 52.48 35.15 4.39
C THR E 499 52.57 33.75 3.82
N SER E 500 53.51 33.57 2.89
CA SER E 500 53.86 32.29 2.25
C SER E 500 52.97 31.78 1.10
N TYR E 501 51.80 32.40 0.89
CA TYR E 501 50.75 31.87 -0.02
C TYR E 501 50.59 32.72 -1.31
N SER E 502 49.90 32.16 -2.31
CA SER E 502 49.69 32.82 -3.63
C SER E 502 48.22 32.94 -3.99
N GLY F 2 -19.32 19.19 45.94
CA GLY F 2 -20.37 18.25 45.47
C GLY F 2 -19.79 16.96 44.90
N VAL F 3 -20.66 15.95 44.74
CA VAL F 3 -20.24 14.65 44.21
C VAL F 3 -20.17 14.75 42.69
N VAL F 4 -19.06 14.29 42.11
CA VAL F 4 -18.88 14.37 40.67
C VAL F 4 -18.88 12.95 40.13
N ASN F 5 -19.86 12.63 39.29
CA ASN F 5 -19.90 11.35 38.58
C ASN F 5 -19.32 11.54 37.17
N VAL F 6 -18.16 10.94 36.94
CA VAL F 6 -17.50 10.94 35.64
C VAL F 6 -18.22 9.93 34.73
N PRO F 7 -18.70 10.36 33.56
CA PRO F 7 -19.28 9.42 32.59
C PRO F 7 -18.26 8.43 32.03
N SER F 8 -18.74 7.24 31.64
CA SER F 8 -17.88 6.17 31.13
C SER F 8 -17.24 6.53 29.80
N ASN F 9 -17.97 7.31 29.01
CA ASN F 9 -17.56 7.66 27.67
C ASN F 9 -17.71 9.15 27.41
N GLY F 10 -16.83 9.69 26.58
CA GLY F 10 -16.88 11.08 26.20
C GLY F 10 -16.88 11.23 24.70
N ARG F 11 -17.69 12.16 24.20
CA ARG F 11 -17.72 12.48 22.77
C ARG F 11 -16.56 13.42 22.45
N GLU F 12 -16.36 14.39 23.32
CA GLU F 12 -15.38 15.45 23.08
C GLU F 12 -13.94 14.94 23.23
N LYS F 13 -13.05 15.54 22.46
CA LYS F 13 -11.62 15.29 22.61
C LYS F 13 -10.98 16.50 23.28
N PHE F 14 -10.03 16.24 24.18
CA PHE F 14 -9.16 17.28 24.69
C PHE F 14 -8.03 17.49 23.70
N LYS F 15 -7.94 18.70 23.15
CA LYS F 15 -7.00 18.97 22.07
C LYS F 15 -5.59 19.26 22.59
N LYS F 16 -4.62 19.17 21.70
CA LYS F 16 -3.21 19.38 22.03
C LYS F 16 -2.75 20.84 21.81
N ASN F 17 -3.72 21.74 21.68
CA ASN F 17 -3.52 23.20 21.51
C ASN F 17 -2.69 23.87 22.60
N TRP F 18 -2.89 23.40 23.82
CA TRP F 18 -2.19 23.90 25.00
C TRP F 18 -0.66 23.77 24.90
N LYS F 19 -0.15 22.85 24.05
CA LYS F 19 1.30 22.69 23.89
C LYS F 19 1.80 22.79 22.45
N PHE F 20 1.02 23.44 21.59
CA PHE F 20 1.45 23.81 20.25
C PHE F 20 2.65 24.77 20.24
N CYS F 21 2.66 25.79 21.14
CA CYS F 21 3.70 26.83 21.18
C CYS F 21 4.07 27.29 22.59
N VAL F 22 5.35 27.60 22.77
CA VAL F 22 5.84 28.18 23.99
C VAL F 22 6.76 29.37 23.67
N GLY F 23 6.85 30.29 24.60
CA GLY F 23 7.53 31.54 24.38
C GLY F 23 8.94 31.48 24.89
N THR F 24 9.76 32.42 24.44
CA THR F 24 11.18 32.43 24.81
C THR F 24 11.69 33.85 24.94
N GLY F 25 12.80 33.98 25.65
CA GLY F 25 13.57 35.20 25.65
C GLY F 25 14.15 35.38 24.26
N ARG F 26 14.76 36.53 24.01
CA ARG F 26 15.27 36.87 22.69
C ARG F 26 16.16 35.75 22.11
N LEU F 27 16.15 35.59 20.79
CA LEU F 27 16.78 34.45 20.13
C LEU F 27 18.26 34.43 20.31
N GLY F 28 18.85 35.60 20.51
CA GLY F 28 20.26 35.66 20.82
C GLY F 28 20.63 34.91 22.09
N LEU F 29 19.72 34.88 23.06
CA LEU F 29 19.93 34.14 24.31
C LEU F 29 19.94 32.62 24.12
N ALA F 30 19.42 32.14 22.99
CA ALA F 30 19.42 30.71 22.67
C ALA F 30 20.83 30.12 22.49
N LEU F 31 21.82 30.98 22.26
CA LEU F 31 23.20 30.54 22.14
C LEU F 31 23.78 30.10 23.52
N GLN F 32 23.12 30.47 24.61
CA GLN F 32 23.60 30.13 25.95
C GLN F 32 23.38 28.66 26.24
N LYS F 33 24.38 28.05 26.84
CA LYS F 33 24.27 26.69 27.28
C LYS F 33 23.08 26.57 28.24
N GLU F 34 22.95 27.50 29.20
CA GLU F 34 21.85 27.44 30.16
C GLU F 34 20.48 27.39 29.46
N TYR F 35 20.33 28.11 28.36
CA TYR F 35 19.06 28.16 27.61
C TYR F 35 18.78 26.79 27.03
N LEU F 36 19.79 26.16 26.44
CA LEU F 36 19.62 24.83 25.84
C LEU F 36 19.38 23.71 26.87
N ASP F 37 19.87 23.83 28.10
CA ASP F 37 19.58 22.85 29.17
C ASP F 37 18.12 22.91 29.57
N HIS F 38 17.58 24.13 29.55
CA HIS F 38 16.18 24.38 29.86
C HIS F 38 15.24 23.89 28.78
N LEU F 39 15.66 24.03 27.53
CA LEU F 39 14.85 23.64 26.39
C LEU F 39 14.75 22.12 26.33
N LYS F 40 15.90 21.47 26.55
CA LYS F 40 15.98 20.02 26.64
C LYS F 40 15.05 19.46 27.72
N LEU F 41 15.07 20.05 28.90
CA LEU F 41 14.20 19.59 29.97
C LEU F 41 12.76 19.71 29.54
N VAL F 42 12.41 20.89 29.05
CA VAL F 42 11.04 21.22 28.68
C VAL F 42 10.57 20.32 27.55
N GLN F 43 11.45 19.99 26.61
CA GLN F 43 11.06 19.10 25.50
C GLN F 43 11.01 17.64 25.89
N GLU F 44 11.66 17.27 27.00
CA GLU F 44 11.61 15.88 27.49
C GLU F 44 10.36 15.61 28.32
N LYS F 45 9.88 16.61 29.07
CA LYS F 45 8.70 16.44 29.94
C LYS F 45 7.39 17.04 29.40
N ILE F 46 7.50 17.91 28.39
CA ILE F 46 6.41 18.59 27.69
C ILE F 46 6.84 18.77 26.23
N GLY F 47 6.39 17.99 25.27
CA GLY F 47 6.90 18.27 23.94
C GLY F 47 6.17 19.45 23.33
N PHE F 48 6.69 20.69 23.41
CA PHE F 48 6.13 21.80 22.61
C PHE F 48 6.51 21.63 21.14
N ARG F 49 5.62 22.01 20.23
CA ARG F 49 5.90 21.92 18.81
C ARG F 49 6.68 23.13 18.28
N TYR F 50 6.43 24.29 18.86
CA TYR F 50 6.96 25.56 18.37
C TYR F 50 7.43 26.47 19.49
N ILE F 51 8.33 27.39 19.13
CA ILE F 51 8.96 28.32 20.08
C ILE F 51 9.00 29.74 19.49
N ARG F 52 8.41 30.68 20.21
CA ARG F 52 8.17 32.03 19.74
C ARG F 52 8.89 33.03 20.62
N GLY F 53 9.70 33.90 20.02
CA GLY F 53 10.34 34.99 20.75
C GLY F 53 10.84 36.13 19.88
N HIS F 54 11.24 37.22 20.52
CA HIS F 54 11.78 38.41 19.85
C HIS F 54 13.22 38.28 19.34
N GLY F 55 13.59 39.21 18.46
CA GLY F 55 14.97 39.58 18.19
C GLY F 55 15.71 38.79 17.12
N LEU F 56 14.95 38.13 16.26
CA LEU F 56 15.52 37.40 15.15
C LEU F 56 16.45 38.33 14.36
N LEU F 57 15.97 39.54 14.11
CA LEU F 57 16.71 40.51 13.33
C LEU F 57 17.48 41.59 14.15
N SER F 58 17.40 41.58 15.48
CA SER F 58 18.18 42.57 16.26
C SER F 58 19.65 42.20 16.22
N ASP F 59 20.53 43.05 16.76
CA ASP F 59 21.92 43.05 16.30
C ASP F 59 22.89 42.05 17.00
N ASP F 60 22.47 41.52 18.14
CA ASP F 60 23.25 40.47 18.78
C ASP F 60 23.19 39.18 17.91
N VAL F 61 22.02 38.83 17.38
CA VAL F 61 21.91 37.69 16.46
C VAL F 61 22.70 37.96 15.18
N GLY F 62 22.68 39.20 14.72
CA GLY F 62 23.70 39.70 13.82
C GLY F 62 23.47 39.61 12.32
N ILE F 63 22.24 39.32 11.90
CA ILE F 63 21.97 39.08 10.47
C ILE F 63 22.33 40.28 9.57
N TYR F 64 21.72 41.43 9.84
CA TYR F 64 21.86 42.59 8.95
C TYR F 64 23.06 43.48 9.26
N ARG F 65 23.99 43.55 8.28
CA ARG F 65 25.09 44.50 8.29
C ARG F 65 25.21 45.28 6.96
N GLU F 66 25.95 46.38 7.04
CA GLU F 66 26.60 47.06 5.90
C GLU F 66 27.97 47.44 6.51
N VAL F 67 29.14 47.50 5.86
CA VAL F 67 29.72 46.84 4.66
C VAL F 67 30.04 47.79 3.47
N GLU F 68 31.20 48.45 3.61
CA GLU F 68 31.73 49.41 2.63
C GLU F 68 32.60 48.76 1.54
N ILE F 69 32.07 48.69 0.32
CA ILE F 69 32.79 48.18 -0.84
C ILE F 69 32.98 49.29 -1.86
N ASP F 70 34.23 49.50 -2.28
CA ASP F 70 34.59 50.63 -3.15
C ASP F 70 34.25 51.94 -2.43
N GLY F 71 33.10 52.53 -2.71
CA GLY F 71 32.68 53.72 -1.97
C GLY F 71 31.29 53.66 -1.33
N GLU F 72 30.59 52.54 -1.49
CA GLU F 72 29.18 52.44 -1.11
C GLU F 72 28.97 51.43 0.03
N MET F 73 27.95 51.71 0.84
CA MET F 73 27.47 50.78 1.83
C MET F 73 26.57 49.78 1.10
N LYS F 74 26.90 48.49 1.21
CA LYS F 74 26.18 47.40 0.54
C LYS F 74 25.77 46.33 1.56
N PRO F 75 24.64 45.67 1.33
CA PRO F 75 24.11 44.70 2.28
C PRO F 75 25.00 43.48 2.51
N PHE F 76 25.00 43.01 3.76
CA PHE F 76 25.64 41.76 4.14
C PHE F 76 24.79 41.02 5.15
N TYR F 77 24.49 39.76 4.86
CA TYR F 77 23.64 38.95 5.70
C TYR F 77 24.49 37.88 6.36
N ASN F 78 24.56 37.94 7.69
CA ASN F 78 25.41 37.07 8.48
C ASN F 78 24.56 36.03 9.18
N PHE F 79 24.66 34.78 8.72
CA PHE F 79 23.81 33.68 9.17
C PHE F 79 24.47 32.75 10.21
N THR F 80 25.63 33.14 10.75
CA THR F 80 26.41 32.32 11.68
C THR F 80 25.60 31.92 12.93
N TYR F 81 24.94 32.88 13.53
CA TYR F 81 24.18 32.65 14.74
C TYR F 81 22.78 32.03 14.54
N ILE F 82 21.94 32.50 13.59
CA ILE F 82 20.61 31.86 13.47
C ILE F 82 20.76 30.47 12.95
N ASP F 83 21.79 30.17 12.16
CA ASP F 83 22.05 28.79 11.76
C ASP F 83 22.23 27.93 13.02
N ARG F 84 23.16 28.30 13.89
CA ARG F 84 23.38 27.56 15.12
C ARG F 84 22.13 27.53 16.01
N ILE F 85 21.34 28.60 16.00
CA ILE F 85 20.18 28.66 16.88
C ILE F 85 19.09 27.74 16.34
N VAL F 86 18.71 27.93 15.07
CA VAL F 86 17.63 27.13 14.51
C VAL F 86 18.04 25.66 14.47
N ASP F 87 19.28 25.35 14.11
CA ASP F 87 19.81 23.98 14.20
C ASP F 87 19.52 23.34 15.54
N SER F 88 19.76 24.09 16.62
CA SER F 88 19.63 23.56 17.97
C SER F 88 18.15 23.41 18.36
N TYR F 89 17.30 24.23 17.77
CA TYR F 89 15.84 24.08 17.90
C TYR F 89 15.37 22.74 17.32
N LEU F 90 15.78 22.47 16.08
CA LEU F 90 15.37 21.27 15.34
C LEU F 90 16.01 20.00 15.90
N ALA F 91 17.20 20.12 16.45
CA ALA F 91 17.81 18.98 17.14
C ALA F 91 16.92 18.54 18.33
N LEU F 92 16.24 19.52 18.92
CA LEU F 92 15.34 19.27 20.07
C LEU F 92 13.86 19.20 19.71
N ASN F 93 13.57 18.90 18.44
CA ASN F 93 12.17 18.70 17.98
C ASN F 93 11.23 19.88 18.17
N ILE F 94 11.73 21.09 18.00
CA ILE F 94 10.90 22.30 18.13
C ILE F 94 11.20 23.28 16.98
N ARG F 95 10.17 23.97 16.48
CA ARG F 95 10.34 24.82 15.29
C ARG F 95 10.11 26.27 15.63
N PRO F 96 10.74 27.16 14.88
CA PRO F 96 10.55 28.59 15.12
C PRO F 96 9.16 29.04 14.74
N PHE F 97 8.41 29.60 15.69
CA PHE F 97 7.26 30.43 15.36
C PHE F 97 7.95 31.77 15.22
N ILE F 98 8.40 32.06 14.02
CA ILE F 98 9.30 33.19 13.80
C ILE F 98 8.57 34.51 13.93
N GLU F 99 9.14 35.47 14.66
CA GLU F 99 8.63 36.83 14.70
C GLU F 99 9.66 37.74 14.07
N PHE F 100 9.27 38.46 13.01
CA PHE F 100 10.17 39.42 12.35
C PHE F 100 10.22 40.74 13.15
N GLY F 101 11.37 41.01 13.76
CA GLY F 101 11.56 42.15 14.66
C GLY F 101 12.76 41.87 15.55
N PHE F 102 13.37 42.87 16.15
CA PHE F 102 13.05 44.28 15.92
C PHE F 102 13.87 44.84 14.75
N MET F 103 14.14 46.16 14.73
CA MET F 103 14.75 46.84 13.57
C MET F 103 16.27 46.84 13.71
N PRO F 104 17.00 46.29 12.73
CA PRO F 104 18.46 46.39 12.73
C PRO F 104 18.91 47.85 12.76
N LYS F 105 20.06 48.09 13.38
CA LYS F 105 20.55 49.45 13.66
C LYS F 105 20.78 50.18 12.34
N ALA F 106 21.51 49.53 11.42
CA ALA F 106 21.89 50.11 10.12
C ALA F 106 20.70 50.38 9.20
N LEU F 107 19.56 49.76 9.51
CA LEU F 107 18.35 49.91 8.71
C LEU F 107 17.34 50.86 9.37
N ALA F 108 17.65 51.30 10.59
CA ALA F 108 16.70 52.09 11.38
C ALA F 108 16.61 53.57 10.94
N SER F 109 15.41 54.14 11.12
CA SER F 109 15.10 55.55 10.81
C SER F 109 15.16 56.48 12.05
N GLY F 110 15.20 55.89 13.24
CA GLY F 110 15.34 56.64 14.48
C GLY F 110 16.11 55.88 15.55
N ASP F 111 16.10 56.44 16.77
CA ASP F 111 16.91 55.96 17.89
C ASP F 111 16.13 55.24 18.97
N GLN F 112 14.81 55.39 18.99
CA GLN F 112 14.02 54.85 20.09
C GLN F 112 14.28 53.35 20.16
N THR F 113 14.67 52.88 21.34
CA THR F 113 14.83 51.45 21.60
C THR F 113 13.95 51.03 22.78
N VAL F 114 13.89 49.72 22.99
CA VAL F 114 13.15 49.12 24.08
C VAL F 114 14.03 48.03 24.72
N PHE F 115 13.87 47.83 26.02
CA PHE F 115 14.56 46.80 26.80
C PHE F 115 15.99 47.22 27.17
N TYR F 116 16.59 46.43 28.06
CA TYR F 116 18.01 46.54 28.42
C TYR F 116 18.92 46.29 27.21
N TRP F 117 18.51 45.40 26.31
CA TRP F 117 19.30 45.08 25.11
C TRP F 117 18.96 45.95 23.89
N LYS F 118 18.17 47.01 24.11
CA LYS F 118 18.03 48.10 23.15
C LYS F 118 17.76 47.62 21.73
N GLY F 119 16.68 46.87 21.56
CA GLY F 119 16.21 46.53 20.24
C GLY F 119 15.54 47.75 19.64
N ASN F 120 15.89 48.14 18.42
CA ASN F 120 15.33 49.36 17.81
C ASN F 120 13.88 49.16 17.34
N VAL F 121 13.02 50.10 17.74
CA VAL F 121 11.61 49.98 17.48
C VAL F 121 11.07 51.03 16.50
N THR F 122 11.91 51.56 15.62
CA THR F 122 11.44 52.51 14.62
C THR F 122 11.23 51.85 13.25
N PRO F 123 10.39 52.43 12.40
CA PRO F 123 10.24 51.92 11.03
C PRO F 123 11.57 51.97 10.28
N PRO F 124 11.69 51.16 9.23
CA PRO F 124 12.91 51.17 8.40
C PRO F 124 12.98 52.48 7.60
N LYS F 125 14.18 53.06 7.49
CA LYS F 125 14.45 54.23 6.65
C LYS F 125 14.08 54.01 5.18
N ASP F 126 14.26 52.78 4.71
CA ASP F 126 13.90 52.38 3.36
C ASP F 126 13.17 51.05 3.42
N TYR F 127 11.92 51.02 2.97
CA TYR F 127 11.11 49.80 3.02
C TYR F 127 11.57 48.75 2.00
N ASN F 128 12.21 49.17 0.90
CA ASN F 128 12.85 48.24 -0.04
C ASN F 128 13.94 47.41 0.67
N LYS F 129 14.70 48.06 1.56
CA LYS F 129 15.81 47.39 2.22
C LYS F 129 15.32 46.33 3.23
N TRP F 130 14.18 46.63 3.84
CA TRP F 130 13.43 45.73 4.73
C TRP F 130 12.87 44.54 3.96
N ARG F 131 12.36 44.78 2.77
CA ARG F 131 11.79 43.72 1.96
C ARG F 131 12.90 42.76 1.64
N ASP F 132 14.04 43.30 1.20
CA ASP F 132 15.18 42.49 0.80
C ASP F 132 15.84 41.76 1.95
N LEU F 133 15.70 42.29 3.17
CA LEU F 133 16.17 41.57 4.35
C LEU F 133 15.34 40.29 4.48
N ILE F 134 14.02 40.47 4.44
CA ILE F 134 13.09 39.38 4.67
C ILE F 134 13.25 38.33 3.59
N VAL F 135 13.50 38.77 2.36
CA VAL F 135 13.74 37.87 1.25
C VAL F 135 15.04 37.09 1.45
N ALA F 136 16.09 37.77 1.92
CA ALA F 136 17.38 37.10 2.20
C ALA F 136 17.27 36.09 3.34
N VAL F 137 16.47 36.40 4.34
CA VAL F 137 16.38 35.57 5.53
C VAL F 137 15.51 34.34 5.27
N VAL F 138 14.31 34.55 4.71
CA VAL F 138 13.38 33.45 4.46
C VAL F 138 14.00 32.52 3.44
N SER F 139 14.61 33.12 2.42
CA SER F 139 15.32 32.38 1.39
C SER F 139 16.43 31.55 2.01
N HIS F 140 17.20 32.12 2.93
CA HIS F 140 18.30 31.40 3.54
C HIS F 140 17.81 30.16 4.32
N PHE F 141 16.68 30.28 5.02
CA PHE F 141 16.09 29.16 5.76
C PHE F 141 15.74 28.00 4.84
N ILE F 142 15.21 28.32 3.66
CA ILE F 142 14.82 27.30 2.68
C ILE F 142 16.06 26.61 2.10
N GLU F 143 17.07 27.40 1.73
CA GLU F 143 18.37 26.88 1.29
C GLU F 143 19.00 25.92 2.33
N ARG F 144 18.92 26.25 3.61
CA ARG F 144 19.55 25.41 4.62
C ARG F 144 18.71 24.19 4.98
N TYR F 145 17.42 24.39 5.14
CA TYR F 145 16.54 23.39 5.76
C TYR F 145 15.57 22.69 4.80
N GLY F 146 15.34 23.29 3.63
CA GLY F 146 14.46 22.72 2.62
C GLY F 146 13.07 23.30 2.76
N ILE F 147 12.36 23.46 1.62
CA ILE F 147 11.03 24.05 1.67
C ILE F 147 10.05 23.21 2.49
N GLU F 148 10.23 21.89 2.51
CA GLU F 148 9.30 21.03 3.26
C GLU F 148 9.32 21.43 4.73
N GLU F 149 10.53 21.61 5.27
CA GLU F 149 10.69 21.95 6.68
C GLU F 149 10.13 23.36 6.92
N VAL F 150 10.54 24.32 6.10
CA VAL F 150 10.22 25.73 6.34
C VAL F 150 8.73 26.05 6.21
N ARG F 151 7.99 25.29 5.40
CA ARG F 151 6.54 25.50 5.22
C ARG F 151 5.72 25.14 6.45
N THR F 152 6.32 24.38 7.37
CA THR F 152 5.66 24.02 8.62
C THR F 152 5.81 25.09 9.68
N TRP F 153 6.54 26.15 9.37
CA TRP F 153 6.81 27.20 10.35
C TRP F 153 5.74 28.28 10.22
N LEU F 154 5.80 29.25 11.14
CA LEU F 154 4.88 30.37 11.16
C LEU F 154 5.67 31.65 11.23
N PHE F 155 5.15 32.69 10.59
CA PHE F 155 5.86 33.95 10.44
C PHE F 155 4.97 35.12 10.86
N GLU F 156 5.22 35.64 12.06
CA GLU F 156 4.48 36.75 12.64
C GLU F 156 5.23 38.07 12.45
N VAL F 157 4.54 39.16 12.10
CA VAL F 157 5.22 40.43 11.84
C VAL F 157 5.21 41.40 13.04
N TRP F 158 6.40 41.62 13.60
CA TRP F 158 6.62 42.62 14.64
C TRP F 158 5.90 42.27 15.93
N ASN F 159 6.04 43.11 16.92
CA ASN F 159 5.47 42.82 18.21
C ASN F 159 4.80 44.04 18.79
N GLU F 160 3.58 43.83 19.29
CA GLU F 160 2.84 44.84 20.02
C GLU F 160 2.98 46.26 19.39
N PRO F 161 2.67 46.38 18.09
CA PRO F 161 2.72 47.68 17.41
C PRO F 161 1.75 48.71 17.97
N ASN F 162 0.73 48.25 18.72
CA ASN F 162 -0.23 49.11 19.39
C ASN F 162 0.26 49.67 20.72
N LEU F 163 1.52 49.41 21.05
CA LEU F 163 2.16 49.96 22.24
C LEU F 163 3.34 50.83 21.81
N VAL F 164 3.44 52.02 22.39
CA VAL F 164 4.46 52.97 21.96
C VAL F 164 5.91 52.49 22.26
N ASN F 165 6.04 51.64 23.28
CA ASN F 165 7.34 51.10 23.66
C ASN F 165 7.93 50.18 22.58
N PHE F 166 7.06 49.60 21.77
CA PHE F 166 7.46 48.59 20.79
C PHE F 166 7.44 49.06 19.34
N TRP F 167 6.88 50.24 19.08
CA TRP F 167 6.73 50.74 17.72
C TRP F 167 6.54 52.26 17.74
N LYS F 168 7.32 53.00 16.93
CA LYS F 168 7.27 54.47 16.96
C LYS F 168 5.82 55.02 16.91
N ASP F 169 5.41 55.71 17.98
CA ASP F 169 4.08 56.38 18.14
C ASP F 169 2.84 55.46 18.05
N ALA F 170 3.01 54.15 18.22
CA ALA F 170 1.88 53.24 18.14
C ALA F 170 1.07 53.55 16.87
N ASN F 171 1.81 53.78 15.79
CA ASN F 171 1.25 54.26 14.53
C ASN F 171 0.63 53.09 13.77
N LYS F 172 -0.69 53.05 13.82
CA LYS F 172 -1.49 52.00 13.22
C LYS F 172 -1.20 51.84 11.73
N GLN F 173 -1.30 52.94 10.98
CA GLN F 173 -1.11 52.91 9.53
C GLN F 173 0.32 52.49 9.12
N GLU F 174 1.33 52.94 9.87
CA GLU F 174 2.73 52.61 9.57
C GLU F 174 2.98 51.12 9.83
N TYR F 175 2.28 50.54 10.81
CA TYR F 175 2.42 49.12 11.04
C TYR F 175 1.83 48.34 9.88
N PHE F 176 0.62 48.71 9.44
CA PHE F 176 -0.03 48.02 8.32
C PHE F 176 0.86 48.03 7.09
N LYS F 177 1.51 49.16 6.82
CA LYS F 177 2.50 49.22 5.73
C LYS F 177 3.64 48.23 5.97
N LEU F 178 4.17 48.19 7.18
CA LEU F 178 5.25 47.27 7.50
C LEU F 178 4.80 45.82 7.29
N TYR F 179 3.57 45.52 7.67
CA TYR F 179 3.03 44.17 7.54
C TYR F 179 2.87 43.75 6.06
N GLU F 180 2.45 44.69 5.22
CA GLU F 180 2.19 44.41 3.81
C GLU F 180 3.50 44.16 3.06
N VAL F 181 4.53 44.98 3.34
CA VAL F 181 5.84 44.78 2.72
C VAL F 181 6.48 43.47 3.21
N THR F 182 6.26 43.15 4.48
CA THR F 182 6.83 41.94 5.09
C THR F 182 6.13 40.74 4.53
N ALA F 183 4.80 40.77 4.58
CA ALA F 183 3.96 39.65 4.16
C ALA F 183 4.08 39.31 2.68
N ARG F 184 4.24 40.33 1.83
CA ARG F 184 4.40 40.12 0.40
C ARG F 184 5.80 39.59 0.08
N ALA F 185 6.81 40.08 0.78
CA ALA F 185 8.17 39.56 0.62
C ALA F 185 8.21 38.07 0.95
N VAL F 186 7.54 37.70 2.04
CA VAL F 186 7.46 36.30 2.49
C VAL F 186 6.82 35.48 1.37
N LYS F 187 5.59 35.83 1.02
CA LYS F 187 4.88 35.17 -0.06
C LYS F 187 5.65 35.07 -1.38
N SER F 188 6.53 36.04 -1.66
CA SER F 188 7.26 36.10 -2.93
C SER F 188 8.35 35.04 -3.00
N VAL F 189 8.86 34.65 -1.84
CA VAL F 189 9.81 33.55 -1.76
C VAL F 189 9.09 32.20 -1.94
N ASP F 190 7.93 32.06 -1.29
CA ASP F 190 7.10 30.87 -1.41
C ASP F 190 5.69 31.14 -0.86
N PRO F 191 4.66 30.87 -1.66
CA PRO F 191 3.28 31.19 -1.27
C PRO F 191 2.67 30.28 -0.19
N HIS F 192 3.34 29.21 0.19
CA HIS F 192 2.81 28.31 1.20
C HIS F 192 3.17 28.73 2.63
N LEU F 193 4.16 29.62 2.76
CA LEU F 193 4.58 30.17 4.06
C LEU F 193 3.48 31.01 4.70
N GLN F 194 3.13 30.65 5.93
CA GLN F 194 2.07 31.27 6.70
C GLN F 194 2.58 32.55 7.34
N VAL F 195 2.03 33.67 6.93
CA VAL F 195 2.38 34.95 7.55
C VAL F 195 1.16 35.51 8.27
N GLY F 196 1.38 36.28 9.33
CA GLY F 196 0.28 36.83 10.12
C GLY F 196 0.64 37.93 11.11
N GLY F 197 -0.37 38.40 11.84
CA GLY F 197 -0.25 39.53 12.75
C GLY F 197 -1.60 39.83 13.40
N PRO F 198 -1.79 40.99 14.02
CA PRO F 198 -0.81 42.06 14.15
C PRO F 198 -0.02 42.05 15.48
N ALA F 199 -0.09 40.95 16.21
CA ALA F 199 0.74 40.72 17.42
C ALA F 199 0.47 41.66 18.59
N ILE F 200 -0.73 42.22 18.64
CA ILE F 200 -1.02 43.33 19.55
C ILE F 200 -1.22 42.88 20.98
N CYS F 201 -1.00 43.80 21.93
CA CYS F 201 -1.41 43.51 23.31
C CYS F 201 -2.88 43.85 23.47
N GLY F 202 -3.42 43.60 24.67
CA GLY F 202 -4.82 43.88 24.98
C GLY F 202 -5.05 45.37 25.14
N GLY F 203 -6.30 45.79 25.36
CA GLY F 203 -6.63 47.20 25.56
C GLY F 203 -7.01 48.00 24.31
N SER F 204 -6.93 47.37 23.14
CA SER F 204 -7.30 48.06 21.88
C SER F 204 -7.59 47.07 20.76
N ASP F 205 -8.61 46.25 20.97
CA ASP F 205 -8.95 45.16 20.06
C ASP F 205 -9.50 45.61 18.69
N GLU F 206 -9.88 46.89 18.58
CA GLU F 206 -10.22 47.47 17.27
C GLU F 206 -9.05 47.42 16.26
N TRP F 207 -7.81 47.31 16.74
CA TRP F 207 -6.66 47.00 15.88
C TRP F 207 -6.81 45.70 15.07
N ILE F 208 -7.47 44.69 15.63
CA ILE F 208 -7.62 43.45 14.89
C ILE F 208 -8.68 43.61 13.78
N THR F 209 -9.82 44.19 14.11
CA THR F 209 -10.83 44.58 13.12
C THR F 209 -10.24 45.39 11.96
N ASP F 210 -9.41 46.38 12.26
CA ASP F 210 -8.87 47.27 11.21
C ASP F 210 -7.71 46.64 10.46
N PHE F 211 -6.99 45.73 11.11
CA PHE F 211 -5.87 45.02 10.47
C PHE F 211 -6.45 44.13 9.37
N LEU F 212 -7.53 43.43 9.70
CA LEU F 212 -8.14 42.51 8.75
C LEU F 212 -8.85 43.28 7.63
N HIS F 213 -9.44 44.43 7.96
CA HIS F 213 -10.04 45.24 6.90
C HIS F 213 -9.00 45.86 5.98
N PHE F 214 -7.81 46.13 6.51
CA PHE F 214 -6.68 46.59 5.70
C PHE F 214 -6.28 45.52 4.69
N CYS F 215 -6.20 44.28 5.13
CA CYS F 215 -5.75 43.21 4.27
C CYS F 215 -6.77 42.93 3.15
N ALA F 216 -8.06 43.01 3.46
CA ALA F 216 -9.14 42.86 2.46
C ALA F 216 -9.11 43.94 1.38
N GLU F 217 -9.21 45.20 1.79
CA GLU F 217 -9.17 46.37 0.89
C GLU F 217 -7.98 46.37 -0.07
N ARG F 218 -6.82 45.96 0.44
CA ARG F 218 -5.56 46.09 -0.30
C ARG F 218 -4.96 44.75 -0.74
N ARG F 219 -5.75 43.69 -0.60
CA ARG F 219 -5.40 42.33 -1.02
C ARG F 219 -4.06 41.81 -0.47
N VAL F 220 -3.82 42.10 0.81
CA VAL F 220 -2.56 41.73 1.46
C VAL F 220 -2.63 40.30 2.03
N PRO F 221 -1.69 39.43 1.70
CA PRO F 221 -1.68 38.08 2.28
C PRO F 221 -1.80 38.05 3.81
N VAL F 222 -2.66 37.16 4.31
CA VAL F 222 -2.84 36.91 5.75
C VAL F 222 -3.23 35.45 5.94
N ASP F 223 -2.58 34.76 6.88
CA ASP F 223 -2.87 33.35 7.15
C ASP F 223 -3.28 33.05 8.60
N PHE F 224 -3.08 34.03 9.50
CA PHE F 224 -3.48 33.90 10.90
C PHE F 224 -3.50 35.25 11.61
N VAL F 225 -4.19 35.32 12.73
CA VAL F 225 -4.25 36.50 13.59
C VAL F 225 -3.46 36.13 14.86
N SER F 226 -2.67 37.07 15.35
CA SER F 226 -1.93 36.86 16.60
C SER F 226 -2.23 37.98 17.56
N ARG F 227 -2.19 37.61 18.84
CA ARG F 227 -2.64 38.47 19.91
C ARG F 227 -2.04 38.01 21.25
N HIS F 228 -1.89 38.95 22.17
CA HIS F 228 -1.30 38.73 23.49
C HIS F 228 -2.33 38.94 24.58
N ALA F 229 -2.19 38.17 25.65
CA ALA F 229 -3.20 38.09 26.68
C ALA F 229 -2.57 37.96 28.06
N TYR F 230 -2.68 39.02 28.85
CA TYR F 230 -2.28 38.98 30.24
C TYR F 230 -3.45 39.42 31.10
N THR F 231 -3.34 39.19 32.41
CA THR F 231 -4.39 39.62 33.32
C THR F 231 -3.91 40.50 34.47
N SER F 232 -2.71 41.07 34.38
CA SER F 232 -2.19 41.90 35.45
C SER F 232 -2.48 43.38 35.20
N LYS F 233 -2.90 44.07 36.26
CA LYS F 233 -3.00 45.52 36.20
C LYS F 233 -1.58 46.14 36.23
N ALA F 234 -1.50 47.45 36.14
CA ALA F 234 -0.23 48.14 36.29
C ALA F 234 0.22 48.01 37.75
N PRO F 235 1.53 48.11 37.98
CA PRO F 235 2.09 47.94 39.32
C PRO F 235 1.56 48.93 40.36
N HIS F 236 1.08 48.42 41.49
CA HIS F 236 0.74 49.21 42.69
C HIS F 236 1.94 49.36 43.60
N LYS F 237 2.98 48.56 43.36
CA LYS F 237 4.25 48.72 44.06
C LYS F 237 5.44 48.33 43.17
N LYS F 238 6.55 49.04 43.36
CA LYS F 238 7.82 48.79 42.71
C LYS F 238 8.95 48.84 43.72
N THR F 239 9.88 47.91 43.62
CA THR F 239 11.18 48.03 44.24
C THR F 239 12.18 48.16 43.08
N PHE F 240 13.48 48.19 43.41
CA PHE F 240 14.54 48.29 42.39
C PHE F 240 14.68 47.01 41.55
N GLU F 241 14.08 45.92 42.02
CA GLU F 241 14.15 44.64 41.32
C GLU F 241 12.80 43.99 41.01
N TYR F 242 11.69 44.52 41.54
CA TYR F 242 10.37 43.88 41.40
C TYR F 242 9.28 44.86 40.90
N TYR F 243 8.29 44.32 40.17
CA TYR F 243 6.98 44.95 39.99
C TYR F 243 5.96 44.02 40.65
N TYR F 244 5.16 44.55 41.56
CA TYR F 244 4.04 43.83 42.15
C TYR F 244 2.76 44.24 41.45
N GLN F 245 1.91 43.27 41.11
CA GLN F 245 0.68 43.53 40.39
C GLN F 245 -0.51 42.73 40.94
N GLU F 246 -1.70 43.34 40.89
CA GLU F 246 -2.96 42.65 41.21
C GLU F 246 -3.33 41.90 39.94
N LEU F 247 -4.10 40.83 40.07
CA LEU F 247 -4.48 40.02 38.92
C LEU F 247 -6.00 39.91 38.80
N GLU F 248 -6.49 39.96 37.57
CA GLU F 248 -7.86 39.59 37.28
C GLU F 248 -8.00 38.05 37.38
N PRO F 249 -9.21 37.54 37.61
CA PRO F 249 -9.42 36.09 37.69
C PRO F 249 -9.28 35.42 36.32
N PRO F 250 -8.91 34.15 36.24
CA PRO F 250 -8.69 33.45 34.95
C PRO F 250 -9.78 33.59 33.88
N GLU F 251 -11.05 33.70 34.30
CA GLU F 251 -12.18 33.92 33.37
C GLU F 251 -11.95 35.09 32.43
N ASP F 252 -11.22 36.10 32.89
CA ASP F 252 -10.97 37.30 32.13
C ASP F 252 -10.07 37.05 30.93
N MET F 253 -9.08 36.18 31.07
CA MET F 253 -8.24 35.80 29.94
C MET F 253 -9.02 35.02 28.90
N LEU F 254 -9.81 34.04 29.34
CA LEU F 254 -10.60 33.26 28.40
C LEU F 254 -11.62 34.12 27.60
N GLU F 255 -12.17 35.15 28.25
CA GLU F 255 -13.10 36.07 27.60
C GLU F 255 -12.33 36.93 26.60
N GLN F 256 -11.04 37.18 26.89
CA GLN F 256 -10.14 37.81 25.94
C GLN F 256 -9.95 36.94 24.70
N PHE F 257 -9.78 35.62 24.90
CA PHE F 257 -9.60 34.69 23.78
C PHE F 257 -10.89 34.65 22.96
N LYS F 258 -12.00 34.55 23.69
CA LYS F 258 -13.34 34.42 23.12
C LYS F 258 -13.75 35.68 22.37
N THR F 259 -13.38 36.84 22.91
CA THR F 259 -13.71 38.14 22.33
C THR F 259 -13.04 38.30 20.97
N VAL F 260 -11.73 38.05 20.93
CA VAL F 260 -10.92 38.18 19.70
C VAL F 260 -11.33 37.17 18.64
N ARG F 261 -11.71 35.97 19.08
CA ARG F 261 -12.18 34.94 18.16
C ARG F 261 -13.43 35.43 17.42
N ALA F 262 -14.36 36.04 18.16
CA ALA F 262 -15.60 36.56 17.61
C ALA F 262 -15.33 37.71 16.65
N LEU F 263 -14.25 38.47 16.86
CA LEU F 263 -13.88 39.57 15.95
C LEU F 263 -13.41 39.03 14.61
N ILE F 264 -12.60 37.97 14.65
CA ILE F 264 -12.13 37.27 13.46
C ILE F 264 -13.30 36.74 12.61
N ARG F 265 -14.33 36.20 13.27
CA ARG F 265 -15.50 35.55 12.63
C ARG F 265 -16.56 36.52 12.08
N GLN F 266 -16.53 37.77 12.52
CA GLN F 266 -17.33 38.84 11.91
C GLN F 266 -16.56 39.54 10.78
N SER F 267 -15.29 39.15 10.61
CA SER F 267 -14.37 39.87 9.72
C SER F 267 -14.39 39.25 8.30
N PRO F 268 -13.80 39.94 7.33
CA PRO F 268 -13.70 39.44 5.96
C PRO F 268 -12.98 38.08 5.77
N PHE F 269 -12.24 37.65 6.79
CA PHE F 269 -11.55 36.37 6.77
C PHE F 269 -12.03 35.58 7.99
N PRO F 270 -13.28 35.13 7.97
CA PRO F 270 -13.92 34.58 9.16
C PRO F 270 -13.27 33.31 9.72
N HIS F 271 -12.47 32.63 8.90
CA HIS F 271 -11.96 31.30 9.21
C HIS F 271 -10.47 31.25 9.64
N LEU F 272 -9.82 32.40 9.75
CA LEU F 272 -8.39 32.46 10.12
C LEU F 272 -8.13 31.88 11.50
N PRO F 273 -7.04 31.12 11.63
CA PRO F 273 -6.58 30.69 12.96
C PRO F 273 -6.31 31.84 13.94
N LEU F 274 -6.55 31.63 15.23
CA LEU F 274 -6.11 32.55 16.28
C LEU F 274 -4.97 31.94 17.12
N HIS F 275 -3.80 32.54 17.02
CA HIS F 275 -2.66 32.15 17.84
C HIS F 275 -2.44 33.22 18.89
N ILE F 276 -2.52 32.83 20.15
CA ILE F 276 -2.25 33.76 21.23
C ILE F 276 -0.76 33.61 21.54
N THR F 277 0.06 34.44 20.92
CA THR F 277 1.50 34.25 20.94
C THR F 277 2.19 34.69 22.25
N GLU F 278 1.44 35.25 23.19
CA GLU F 278 1.94 35.40 24.57
C GLU F 278 0.82 35.35 25.59
N TYR F 279 1.03 34.60 26.65
CA TYR F 279 0.17 34.72 27.81
C TYR F 279 0.89 34.34 29.10
N ASN F 280 0.50 35.03 30.17
CA ASN F 280 0.89 34.70 31.54
C ASN F 280 -0.04 35.53 32.38
N THR F 281 0.04 35.38 33.70
CA THR F 281 -0.68 36.26 34.59
C THR F 281 -0.11 37.69 34.42
N SER F 282 1.11 37.93 34.92
CA SER F 282 1.76 39.24 34.79
C SER F 282 2.63 39.35 33.51
N TYR F 283 2.69 40.56 32.94
CA TYR F 283 3.49 40.77 31.71
C TYR F 283 4.90 41.26 32.05
N SER F 284 5.23 41.28 33.33
CA SER F 284 6.50 41.86 33.76
C SER F 284 7.47 40.72 34.09
N PRO F 285 8.72 40.79 33.59
CA PRO F 285 9.70 39.74 33.85
C PRO F 285 10.34 39.79 35.26
N ILE F 286 9.77 40.61 36.14
CA ILE F 286 10.30 40.81 37.48
C ILE F 286 9.19 40.83 38.54
N ASN F 287 8.12 40.04 38.32
CA ASN F 287 7.02 39.92 39.27
C ASN F 287 7.03 38.55 39.93
N PRO F 288 7.35 38.50 41.22
CA PRO F 288 7.42 37.23 41.96
C PRO F 288 6.28 36.24 41.78
N VAL F 289 5.11 36.67 41.35
CA VAL F 289 3.97 35.79 41.19
C VAL F 289 4.27 34.61 40.26
N HIS F 290 5.05 34.85 39.21
CA HIS F 290 5.44 33.79 38.29
C HIS F 290 6.16 32.59 38.98
N ASP F 291 6.79 32.85 40.14
CA ASP F 291 7.55 31.83 40.86
C ASP F 291 6.72 30.97 41.81
N THR F 292 5.43 31.30 41.98
CA THR F 292 4.61 30.70 43.04
C THR F 292 3.70 29.55 42.59
N ALA F 293 3.01 28.93 43.54
CA ALA F 293 2.02 27.89 43.24
C ALA F 293 0.74 28.51 42.74
N LEU F 294 0.43 29.71 43.20
CA LEU F 294 -0.70 30.43 42.66
C LEU F 294 -0.64 30.49 41.13
N ASN F 295 0.54 30.82 40.58
CA ASN F 295 0.68 30.88 39.12
C ASN F 295 0.32 29.56 38.45
N ALA F 296 0.69 28.45 39.08
CA ALA F 296 0.41 27.13 38.52
C ALA F 296 -1.09 26.88 38.49
N ALA F 297 -1.71 26.96 39.65
CA ALA F 297 -3.15 26.75 39.82
C ALA F 297 -3.96 27.66 38.89
N TYR F 298 -3.50 28.89 38.71
CA TYR F 298 -4.16 29.88 37.85
C TYR F 298 -4.05 29.43 36.39
N ILE F 299 -2.83 29.10 35.93
CA ILE F 299 -2.64 28.69 34.55
C ILE F 299 -3.28 27.33 34.22
N ALA F 300 -3.47 26.49 35.24
CA ALA F 300 -4.13 25.18 35.07
C ALA F 300 -5.53 25.35 34.47
N ARG F 301 -6.28 26.33 34.99
CA ARG F 301 -7.57 26.68 34.41
C ARG F 301 -7.45 27.03 32.94
N ILE F 302 -6.47 27.87 32.61
CA ILE F 302 -6.29 28.28 31.21
C ILE F 302 -5.98 27.09 30.32
N LEU F 303 -5.08 26.21 30.75
CA LEU F 303 -4.70 25.06 29.93
C LEU F 303 -5.88 24.11 29.68
N SER F 304 -6.84 24.11 30.61
CA SER F 304 -8.04 23.26 30.50
C SER F 304 -9.00 23.69 29.39
N GLU F 305 -9.11 25.01 29.16
CA GLU F 305 -10.16 25.62 28.35
C GLU F 305 -9.71 26.45 27.15
N GLY F 306 -8.51 27.02 27.25
CA GLY F 306 -7.98 27.94 26.24
C GLY F 306 -8.09 27.48 24.80
N GLY F 307 -7.76 26.21 24.55
CA GLY F 307 -7.79 25.62 23.23
C GLY F 307 -9.14 25.52 22.55
N ASP F 308 -10.22 25.74 23.30
CA ASP F 308 -11.59 25.83 22.79
C ASP F 308 -11.86 27.05 21.93
N TYR F 309 -11.06 28.10 22.08
CA TYR F 309 -11.31 29.35 21.33
C TYR F 309 -10.14 29.72 20.46
N VAL F 310 -9.00 29.11 20.69
CA VAL F 310 -7.80 29.47 19.95
C VAL F 310 -7.14 28.21 19.44
N ASP F 311 -6.42 28.36 18.34
CA ASP F 311 -5.61 27.29 17.76
C ASP F 311 -4.29 27.07 18.52
N SER F 312 -3.69 28.13 19.07
CA SER F 312 -2.59 27.95 20.03
C SER F 312 -2.60 29.05 21.09
N PHE F 313 -2.04 28.73 22.24
CA PHE F 313 -1.74 29.74 23.25
C PHE F 313 -0.39 29.42 23.89
N SER F 314 0.49 30.41 23.85
CA SER F 314 1.92 30.22 24.01
C SER F 314 2.41 30.92 25.27
N TYR F 315 2.63 30.11 26.30
CA TYR F 315 3.07 30.58 27.59
C TYR F 315 4.43 31.28 27.50
N TRP F 316 4.44 32.53 27.95
CA TRP F 316 5.63 33.37 27.94
C TRP F 316 6.18 33.31 29.34
N THR F 317 7.21 32.49 29.62
CA THR F 317 8.03 31.78 28.64
C THR F 317 8.43 30.42 29.21
N PHE F 318 9.25 29.66 28.47
CA PHE F 318 9.71 28.37 29.00
C PHE F 318 10.81 28.50 30.06
N SER F 319 11.43 29.67 30.14
CA SER F 319 12.72 29.78 30.86
C SER F 319 13.03 31.19 31.28
N ASP F 320 13.50 31.29 32.54
CA ASP F 320 13.98 32.52 33.17
C ASP F 320 15.22 33.07 32.52
N VAL F 321 15.79 32.34 31.56
CA VAL F 321 16.84 32.86 30.68
C VAL F 321 16.20 33.95 29.82
N PHE F 322 16.44 35.18 30.27
CA PHE F 322 15.79 36.39 29.82
C PHE F 322 16.68 37.60 30.18
N GLU F 323 16.54 38.70 29.44
CA GLU F 323 17.23 39.93 29.78
C GLU F 323 16.43 41.22 29.68
N GLU F 324 15.14 41.17 29.33
CA GLU F 324 14.43 42.41 28.97
C GLU F 324 14.67 43.53 30.00
N MET F 325 14.74 43.12 31.26
CA MET F 325 14.97 44.01 32.38
C MET F 325 16.24 43.62 33.14
N ASP F 326 17.31 43.38 32.38
CA ASP F 326 18.65 43.08 32.91
C ASP F 326 18.74 41.66 33.51
N VAL F 327 19.95 41.31 33.91
CA VAL F 327 20.25 39.93 34.27
C VAL F 327 19.49 39.69 35.56
N PRO F 328 18.89 38.52 35.72
CA PRO F 328 18.23 38.19 36.99
C PRO F 328 19.14 38.51 38.17
N LYS F 329 18.56 39.16 39.18
CA LYS F 329 19.31 39.65 40.34
C LYS F 329 19.29 38.63 41.52
N ALA F 330 18.45 37.60 41.40
CA ALA F 330 18.35 36.49 42.35
C ALA F 330 17.79 35.27 41.64
N LEU F 331 17.84 34.11 42.28
CA LEU F 331 17.40 32.87 41.66
C LEU F 331 15.94 32.95 41.33
N PHE F 332 15.13 33.23 42.35
CA PHE F 332 13.72 33.48 42.15
C PHE F 332 13.49 34.99 42.19
N HIS F 333 13.23 35.54 41.01
CA HIS F 333 13.22 36.98 40.78
C HIS F 333 11.99 37.44 39.99
N GLY F 334 11.03 36.56 39.80
CA GLY F 334 9.84 36.90 39.05
C GLY F 334 9.93 36.75 37.54
N GLY F 335 10.91 36.00 37.03
CA GLY F 335 10.99 35.70 35.61
C GLY F 335 9.74 34.99 35.12
N PHE F 336 9.52 35.01 33.81
CA PHE F 336 8.35 34.37 33.22
C PHE F 336 8.50 32.85 33.23
N GLY F 337 9.72 32.39 33.43
CA GLY F 337 10.08 31.02 33.08
C GLY F 337 9.21 29.95 33.70
N LEU F 338 9.01 28.88 32.93
CA LEU F 338 8.59 27.58 33.45
C LEU F 338 9.78 27.02 34.26
N VAL F 339 10.99 27.25 33.75
CA VAL F 339 12.18 26.75 34.39
C VAL F 339 13.07 27.91 34.89
N ALA F 340 13.44 27.82 36.17
CA ALA F 340 14.34 28.76 36.81
C ALA F 340 15.77 28.38 36.47
N LEU F 341 16.72 29.29 36.67
CA LEU F 341 18.12 29.00 36.44
C LEU F 341 18.54 27.77 37.26
N HIS F 342 19.55 27.07 36.75
CA HIS F 342 20.00 25.75 37.21
C HIS F 342 18.96 24.68 36.94
N SER F 343 18.09 24.92 35.95
CA SER F 343 17.09 23.94 35.50
C SER F 343 16.16 23.48 36.61
N ILE F 344 15.85 24.40 37.54
CA ILE F 344 14.88 24.06 38.56
C ILE F 344 13.47 24.31 37.99
N PRO F 345 12.58 23.33 38.11
CA PRO F 345 11.19 23.49 37.66
C PRO F 345 10.39 24.29 38.66
N LYS F 346 9.74 25.35 38.21
CA LYS F 346 8.83 26.11 39.05
C LYS F 346 7.51 25.38 39.07
N PRO F 347 6.65 25.63 40.05
CA PRO F 347 5.34 24.97 40.09
C PRO F 347 4.56 24.99 38.78
N THR F 348 4.66 26.04 37.98
CA THR F 348 3.92 26.11 36.71
C THR F 348 4.45 25.08 35.69
N PHE F 349 5.75 24.82 35.72
CA PHE F 349 6.33 23.71 34.96
C PHE F 349 5.50 22.44 35.14
N HIS F 350 5.19 22.10 36.38
CA HIS F 350 4.48 20.84 36.65
C HIS F 350 3.02 20.82 36.16
N ALA F 351 2.32 21.96 36.13
CA ALA F 351 0.99 21.97 35.53
C ALA F 351 1.04 21.47 34.08
N PHE F 352 1.98 22.01 33.30
CA PHE F 352 2.26 21.57 31.95
C PHE F 352 2.60 20.07 31.84
N THR F 353 3.36 19.58 32.80
CA THR F 353 3.80 18.17 32.82
C THR F 353 2.61 17.26 33.11
N PHE F 354 1.73 17.74 33.97
CA PHE F 354 0.54 17.03 34.36
C PHE F 354 -0.43 16.96 33.18
N PHE F 355 -0.58 18.06 32.44
CA PHE F 355 -1.48 18.08 31.29
C PHE F 355 -0.97 17.19 30.17
N ASN F 356 0.32 16.90 30.21
CA ASN F 356 0.98 16.06 29.21
C ASN F 356 0.67 14.59 29.41
N ALA F 357 0.19 14.27 30.60
CA ALA F 357 -0.25 12.93 30.94
C ALA F 357 -1.69 12.67 30.49
N LEU F 358 -2.46 13.71 30.20
CA LEU F 358 -3.88 13.56 29.88
C LEU F 358 -4.08 12.86 28.55
N GLY F 359 -5.15 12.09 28.46
CA GLY F 359 -5.52 11.41 27.23
C GLY F 359 -6.30 12.33 26.32
N ASP F 360 -6.65 11.80 25.15
CA ASP F 360 -7.43 12.49 24.13
C ASP F 360 -8.92 12.50 24.44
N GLU F 361 -9.39 11.46 25.10
CA GLU F 361 -10.81 11.31 25.37
C GLU F 361 -11.26 12.09 26.62
N LEU F 362 -12.13 13.08 26.43
CA LEU F 362 -12.52 14.00 27.50
C LEU F 362 -13.82 13.59 28.19
N LEU F 363 -13.70 13.01 29.39
CA LEU F 363 -14.86 12.49 30.11
C LEU F 363 -15.66 13.55 30.89
N TYR F 364 -14.95 14.49 31.52
CA TYR F 364 -15.61 15.49 32.34
C TYR F 364 -14.74 16.70 32.51
N ARG F 365 -15.39 17.86 32.56
CA ARG F 365 -14.68 19.08 32.80
C ARG F 365 -15.56 20.16 33.43
N ASP F 366 -15.09 20.71 34.55
CA ASP F 366 -15.61 21.99 35.08
C ASP F 366 -14.42 22.93 35.33
N GLY F 367 -14.67 24.09 35.94
CA GLY F 367 -13.61 25.06 36.21
C GLY F 367 -12.61 24.70 37.31
N GLU F 368 -12.62 23.46 37.78
CA GLU F 368 -11.71 22.98 38.86
C GLU F 368 -11.02 21.63 38.57
N MET F 369 -11.39 20.98 37.46
CA MET F 369 -10.78 19.71 37.06
C MET F 369 -11.08 19.35 35.61
N ILE F 370 -10.28 18.44 35.08
CA ILE F 370 -10.45 17.86 33.76
C ILE F 370 -10.11 16.37 33.84
N VAL F 371 -11.00 15.50 33.38
CA VAL F 371 -10.82 14.05 33.48
C VAL F 371 -10.83 13.43 32.08
N THR F 372 -9.85 12.56 31.82
CA THR F 372 -9.64 11.94 30.51
C THR F 372 -9.36 10.45 30.59
N ARG F 373 -9.53 9.81 29.45
CA ARG F 373 -9.21 8.40 29.26
C ARG F 373 -8.18 8.31 28.15
N ARG F 374 -7.21 7.44 28.32
CA ARG F 374 -6.17 7.23 27.30
C ARG F 374 -6.52 5.98 26.53
N LYS F 375 -5.74 5.71 25.48
CA LYS F 375 -6.00 4.57 24.61
C LYS F 375 -5.96 3.23 25.35
N ASP F 376 -5.14 3.12 26.40
CA ASP F 376 -5.04 1.86 27.14
C ASP F 376 -6.19 1.62 28.15
N GLY F 377 -7.08 2.61 28.33
CA GLY F 377 -8.22 2.51 29.23
C GLY F 377 -8.06 3.17 30.59
N SER F 378 -6.85 3.60 30.91
CA SER F 378 -6.51 4.22 32.19
C SER F 378 -7.04 5.66 32.22
N ILE F 379 -7.31 6.16 33.40
CA ILE F 379 -7.90 7.47 33.58
C ILE F 379 -6.79 8.43 33.96
N ALA F 380 -6.91 9.68 33.54
CA ALA F 380 -5.94 10.69 33.90
C ALA F 380 -6.73 11.96 34.17
N ALA F 381 -6.48 12.54 35.34
CA ALA F 381 -7.21 13.69 35.83
C ALA F 381 -6.29 14.70 36.49
N VAL F 382 -6.43 15.96 36.10
CA VAL F 382 -5.76 17.08 36.75
C VAL F 382 -6.81 17.92 37.45
N LEU F 383 -6.52 18.24 38.71
CA LEU F 383 -7.35 19.08 39.54
C LEU F 383 -6.53 20.23 40.05
N TRP F 384 -7.18 21.39 40.15
CA TRP F 384 -6.56 22.58 40.72
C TRP F 384 -7.50 23.27 41.69
N ASN F 385 -6.90 24.00 42.63
CA ASN F 385 -7.61 24.70 43.67
C ASN F 385 -7.08 26.12 43.68
N LEU F 386 -7.51 26.92 42.70
CA LEU F 386 -7.14 28.32 42.68
C LEU F 386 -7.77 29.01 43.89
N VAL F 387 -6.97 29.80 44.57
CA VAL F 387 -7.39 30.62 45.69
C VAL F 387 -6.57 31.91 45.60
N MET F 388 -7.24 33.00 45.21
CA MET F 388 -6.60 34.29 44.99
C MET F 388 -6.53 35.17 46.24
N GLU F 389 -7.41 34.91 47.20
CA GLU F 389 -7.48 35.71 48.42
C GLU F 389 -6.50 35.23 49.50
N LYS F 390 -6.25 36.10 50.47
CA LYS F 390 -5.30 35.85 51.54
C LYS F 390 -5.92 35.00 52.62
N GLY F 391 -5.10 34.54 53.55
CA GLY F 391 -5.51 33.61 54.58
C GLY F 391 -4.98 32.23 54.25
N GLU F 392 -4.74 31.42 55.28
CA GLU F 392 -4.22 30.07 55.08
C GLU F 392 -5.32 29.04 55.26
N GLY F 393 -4.99 27.78 54.99
CA GLY F 393 -5.99 26.73 54.89
C GLY F 393 -6.70 26.85 53.55
N LEU F 394 -8.00 27.15 53.59
CA LEU F 394 -8.82 27.30 52.38
C LEU F 394 -8.67 26.04 51.50
N THR F 395 -9.00 24.90 52.09
CA THR F 395 -9.00 23.61 51.38
C THR F 395 -10.22 23.49 50.47
N LYS F 396 -10.23 22.40 49.71
CA LYS F 396 -11.36 22.03 48.88
C LYS F 396 -11.41 20.52 48.84
N GLU F 397 -12.46 19.96 49.43
CA GLU F 397 -12.63 18.52 49.48
C GLU F 397 -13.43 18.15 48.23
N VAL F 398 -12.88 17.24 47.42
CA VAL F 398 -13.44 16.89 46.12
C VAL F 398 -13.70 15.39 46.06
N GLN F 399 -14.89 15.03 45.58
CA GLN F 399 -15.33 13.63 45.54
C GLN F 399 -15.58 13.22 44.11
N LEU F 400 -14.96 12.13 43.69
CA LEU F 400 -15.05 11.66 42.32
C LEU F 400 -15.57 10.24 42.31
N VAL F 401 -16.44 9.94 41.35
CA VAL F 401 -16.88 8.57 41.09
C VAL F 401 -16.57 8.27 39.62
N ILE F 402 -15.54 7.44 39.41
CA ILE F 402 -14.99 7.19 38.08
C ILE F 402 -15.23 5.74 37.68
N PRO F 403 -15.85 5.52 36.53
CA PRO F 403 -16.12 4.18 36.04
C PRO F 403 -14.85 3.54 35.47
N VAL F 404 -14.83 2.21 35.52
CA VAL F 404 -13.65 1.43 35.16
C VAL F 404 -14.08 -0.04 35.24
N SER F 405 -13.72 -0.88 34.27
CA SER F 405 -14.20 -2.28 34.30
C SER F 405 -13.15 -3.32 34.74
N GLU F 406 -12.03 -2.83 35.28
CA GLU F 406 -10.84 -3.65 35.52
C GLU F 406 -10.84 -4.43 36.84
N SER F 407 -11.51 -3.90 37.87
CA SER F 407 -11.62 -4.53 39.20
C SER F 407 -10.48 -4.27 40.18
N ALA F 408 -9.29 -3.96 39.66
CA ALA F 408 -8.14 -3.68 40.52
C ALA F 408 -7.37 -2.52 39.93
N VAL F 409 -7.01 -1.57 40.80
CA VAL F 409 -6.53 -0.28 40.33
C VAL F 409 -5.33 0.28 41.15
N PHE F 410 -4.32 0.78 40.43
CA PHE F 410 -3.20 1.49 41.02
C PHE F 410 -3.41 2.96 40.72
N ILE F 411 -3.41 3.77 41.78
CA ILE F 411 -3.64 5.19 41.68
C ILE F 411 -2.33 5.91 41.99
N LYS F 412 -1.85 6.70 41.03
CA LYS F 412 -0.66 7.53 41.21
C LYS F 412 -1.06 9.01 41.24
N ARG F 413 -0.70 9.66 42.33
CA ARG F 413 -1.02 11.05 42.53
C ARG F 413 0.28 11.84 42.71
N GLN F 414 0.46 12.88 41.90
CA GLN F 414 1.59 13.80 42.02
C GLN F 414 1.05 15.17 42.39
N ILE F 415 1.70 15.84 43.34
CA ILE F 415 1.16 17.04 43.98
C ILE F 415 2.19 18.17 43.96
N VAL F 416 1.72 19.35 43.54
CA VAL F 416 2.44 20.62 43.74
C VAL F 416 1.51 21.63 44.39
N ASN F 417 1.98 22.22 45.48
CA ASN F 417 1.26 23.24 46.19
C ASN F 417 2.26 24.12 46.94
N GLU F 418 1.79 24.87 47.95
CA GLU F 418 2.67 25.69 48.77
C GLU F 418 3.72 24.85 49.50
N GLN F 419 3.37 23.63 49.89
CA GLN F 419 4.30 22.73 50.60
C GLN F 419 5.28 21.93 49.72
N TYR F 420 4.79 21.34 48.63
CA TYR F 420 5.59 20.43 47.81
C TYR F 420 5.77 20.92 46.39
N GLY F 421 6.87 20.52 45.77
CA GLY F 421 7.12 20.86 44.37
C GLY F 421 7.39 22.32 44.18
N ASN F 422 7.79 22.97 45.26
CA ASN F 422 7.82 24.42 45.40
C ASN F 422 9.18 24.85 45.91
N ALA F 423 10.08 25.18 44.99
CA ALA F 423 11.45 25.55 45.34
C ALA F 423 11.49 26.94 45.91
N TRP F 424 10.53 27.77 45.52
CA TRP F 424 10.43 29.14 46.00
C TRP F 424 10.29 29.23 47.52
N ARG F 425 9.40 28.41 48.07
CA ARG F 425 9.18 28.31 49.51
C ARG F 425 10.49 27.92 50.18
N VAL F 426 11.17 26.91 49.66
CA VAL F 426 12.40 26.41 50.31
C VAL F 426 13.56 27.42 50.17
N TRP F 427 13.55 28.14 49.05
CA TRP F 427 14.48 29.21 48.81
C TRP F 427 14.38 30.31 49.89
N LYS F 428 13.15 30.64 50.29
CA LYS F 428 12.91 31.58 51.39
C LYS F 428 13.41 31.05 52.73
N GLN F 429 13.31 29.75 52.94
CA GLN F 429 13.79 29.16 54.21
C GLN F 429 15.32 29.22 54.33
N MET F 430 16.00 29.29 53.17
CA MET F 430 17.46 29.37 53.06
C MET F 430 18.01 30.79 53.26
N GLY F 431 17.10 31.75 53.36
CA GLY F 431 17.44 33.16 53.58
C GLY F 431 17.48 33.93 52.28
N ARG F 432 16.72 33.46 51.28
CA ARG F 432 16.67 34.07 49.94
C ARG F 432 18.07 34.35 49.35
N PRO F 433 18.90 33.32 49.24
CA PRO F 433 20.23 33.46 48.64
C PRO F 433 20.12 33.90 47.17
N ARG F 434 20.64 35.08 46.84
CA ARG F 434 20.57 35.58 45.47
C ARG F 434 21.34 34.66 44.50
N PHE F 435 22.50 34.20 44.94
CA PHE F 435 23.42 33.43 44.09
C PHE F 435 23.83 32.17 44.85
N PRO F 436 22.91 31.20 44.95
CA PRO F 436 23.12 30.05 45.83
C PRO F 436 24.32 29.16 45.41
N SER F 437 24.86 28.46 46.40
CA SER F 437 25.91 27.47 46.17
C SER F 437 25.35 26.30 45.33
N ARG F 438 26.26 25.45 44.84
CA ARG F 438 25.88 24.25 44.09
C ARG F 438 25.01 23.33 44.95
N GLN F 439 25.34 23.23 46.24
CA GLN F 439 24.66 22.32 47.17
C GLN F 439 23.26 22.81 47.47
N ALA F 440 23.09 24.12 47.59
CA ALA F 440 21.78 24.72 47.81
C ALA F 440 20.88 24.51 46.63
N VAL F 441 21.43 24.73 45.44
CA VAL F 441 20.70 24.55 44.20
C VAL F 441 20.21 23.12 44.10
N GLU F 442 21.09 22.16 44.34
CA GLU F 442 20.72 20.75 44.24
C GLU F 442 19.62 20.37 45.23
N THR F 443 19.66 20.95 46.43
CA THR F 443 18.54 20.80 47.35
C THR F 443 17.25 21.44 46.78
N LEU F 444 17.40 22.59 46.16
CA LEU F 444 16.26 23.26 45.55
C LEU F 444 15.63 22.42 44.46
N ARG F 445 16.46 21.74 43.67
CA ARG F 445 15.99 20.85 42.60
C ARG F 445 15.20 19.63 43.17
N GLN F 446 15.62 19.18 44.34
CA GLN F 446 15.08 17.96 44.98
C GLN F 446 13.71 18.25 45.52
N VAL F 447 13.57 19.37 46.21
CA VAL F 447 12.29 19.78 46.73
C VAL F 447 11.36 20.27 45.59
N ALA F 448 11.93 20.66 44.45
CA ALA F 448 11.12 21.04 43.29
C ALA F 448 10.29 19.88 42.69
N GLN F 449 10.66 18.63 42.99
CA GLN F 449 9.95 17.47 42.47
C GLN F 449 8.57 17.35 43.11
N PRO F 450 7.56 16.94 42.34
CA PRO F 450 6.22 16.73 42.92
C PRO F 450 6.30 15.74 44.08
N HIS F 451 5.43 15.90 45.08
CA HIS F 451 5.21 14.85 46.07
C HIS F 451 4.31 13.76 45.46
N VAL F 452 4.69 12.50 45.62
CA VAL F 452 3.96 11.36 45.04
C VAL F 452 3.31 10.48 46.13
N MET F 453 2.00 10.30 46.02
CA MET F 453 1.23 9.31 46.78
C MET F 453 0.74 8.20 45.84
N THR F 454 0.52 7.02 46.41
CA THR F 454 0.05 5.87 45.65
C THR F 454 -0.80 4.98 46.53
N GLU F 455 -1.69 4.23 45.91
CA GLU F 455 -2.44 3.19 46.61
C GLU F 455 -2.99 2.18 45.63
N GLN F 456 -3.38 1.01 46.15
CA GLN F 456 -4.12 0.03 45.39
C GLN F 456 -5.54 0.06 45.91
N ARG F 457 -6.50 0.16 45.00
CA ARG F 457 -7.92 0.19 45.36
C ARG F 457 -8.71 -0.84 44.56
N ARG F 458 -9.65 -1.51 45.24
CA ARG F 458 -10.56 -2.44 44.58
C ARG F 458 -11.79 -1.68 44.10
N ALA F 459 -12.15 -1.88 42.83
CA ALA F 459 -13.37 -1.32 42.26
C ALA F 459 -14.62 -2.07 42.73
N THR F 460 -15.66 -1.30 43.02
CA THR F 460 -16.97 -1.82 43.38
C THR F 460 -17.96 -1.39 42.27
N ASP F 461 -18.66 -2.38 41.71
CA ASP F 461 -19.72 -2.16 40.72
C ASP F 461 -19.23 -1.38 39.50
N GLY F 462 -18.00 -1.65 39.10
CA GLY F 462 -17.39 -1.01 37.94
C GLY F 462 -17.04 0.45 38.17
N VAL F 463 -16.65 0.79 39.40
CA VAL F 463 -16.56 2.20 39.82
C VAL F 463 -15.64 2.41 41.03
N ILE F 464 -14.99 3.58 41.07
CA ILE F 464 -14.04 3.93 42.13
C ILE F 464 -14.43 5.28 42.75
N HIS F 465 -14.53 5.31 44.07
CA HIS F 465 -14.92 6.54 44.79
C HIS F 465 -13.68 7.16 45.44
N LEU F 466 -13.15 8.20 44.81
CA LEU F 466 -11.96 8.90 45.30
C LEU F 466 -12.36 10.10 46.17
N SER F 467 -11.76 10.20 47.35
CA SER F 467 -11.84 11.42 48.17
C SER F 467 -10.51 12.13 48.12
N ILE F 468 -10.49 13.32 47.55
CA ILE F 468 -9.28 14.11 47.37
C ILE F 468 -9.37 15.40 48.19
N VAL F 469 -8.36 15.65 49.01
CA VAL F 469 -8.19 16.93 49.68
C VAL F 469 -7.10 17.72 48.93
N LEU F 470 -7.49 18.83 48.33
CA LEU F 470 -6.57 19.76 47.70
C LEU F 470 -6.31 20.91 48.67
N SER F 471 -5.04 21.19 48.96
CA SER F 471 -4.69 22.36 49.76
C SER F 471 -4.59 23.57 48.83
N LYS F 472 -4.27 24.72 49.40
CA LYS F 472 -4.36 26.01 48.69
C LYS F 472 -3.41 26.13 47.51
N ASN F 473 -3.96 26.58 46.38
CA ASN F 473 -3.27 26.72 45.10
C ASN F 473 -2.55 25.45 44.66
N GLU F 474 -3.13 24.31 45.00
CA GLU F 474 -2.57 23.03 44.62
C GLU F 474 -2.93 22.76 43.17
N VAL F 475 -2.04 22.08 42.46
CA VAL F 475 -2.41 21.35 41.25
C VAL F 475 -1.95 19.90 41.49
N THR F 476 -2.71 18.91 41.02
CA THR F 476 -2.38 17.49 41.22
C THR F 476 -2.80 16.63 40.01
N LEU F 477 -1.87 15.82 39.50
CA LEU F 477 -2.18 14.77 38.50
C LEU F 477 -2.64 13.52 39.25
N ILE F 478 -3.69 12.89 38.75
CA ILE F 478 -4.18 11.63 39.27
C ILE F 478 -4.33 10.66 38.11
N GLU F 479 -3.47 9.63 38.09
CA GLU F 479 -3.53 8.55 37.12
C GLU F 479 -4.11 7.27 37.75
N ILE F 480 -5.11 6.67 37.12
CA ILE F 480 -5.69 5.40 37.56
C ILE F 480 -5.38 4.33 36.53
N GLU F 481 -4.45 3.44 36.85
CA GLU F 481 -3.99 2.38 35.95
C GLU F 481 -4.55 1.03 36.33
N GLN F 482 -4.48 0.12 35.39
CA GLN F 482 -4.97 -1.24 35.57
C GLN F 482 -3.93 -2.05 36.33
N VAL F 483 -4.36 -2.77 37.35
CA VAL F 483 -3.49 -3.72 38.04
C VAL F 483 -3.86 -5.11 37.55
N ARG F 484 -2.90 -5.82 36.96
CA ARG F 484 -3.00 -7.24 36.72
C ARG F 484 -2.24 -7.92 37.85
N ASP F 485 -2.95 -8.38 38.87
CA ASP F 485 -2.30 -8.92 40.05
C ASP F 485 -1.59 -10.24 39.74
N GLU F 486 -0.26 -10.22 39.84
CA GLU F 486 0.57 -11.41 39.60
C GLU F 486 0.94 -12.13 40.90
N THR F 487 0.36 -11.71 42.02
CA THR F 487 0.70 -12.24 43.36
C THR F 487 0.51 -13.74 43.50
N SER F 488 -0.47 -14.29 42.81
CA SER F 488 -0.80 -15.71 42.88
C SER F 488 0.22 -16.62 42.20
N THR F 489 1.06 -16.06 41.32
CA THR F 489 2.13 -16.84 40.69
C THR F 489 3.30 -16.98 41.63
N TYR F 490 3.36 -16.16 42.67
CA TYR F 490 4.43 -16.31 43.67
C TYR F 490 3.87 -17.24 44.74
N VAL F 491 3.84 -18.54 44.42
CA VAL F 491 3.25 -19.56 45.30
C VAL F 491 4.07 -19.71 46.58
N GLY F 492 3.42 -19.50 47.71
CA GLY F 492 4.03 -19.61 49.02
C GLY F 492 4.51 -18.27 49.58
N LEU F 493 4.37 -17.20 48.80
CA LEU F 493 4.83 -15.88 49.24
C LEU F 493 4.08 -15.51 50.50
N ASP F 494 4.81 -14.99 51.47
CA ASP F 494 4.22 -14.55 52.70
C ASP F 494 5.17 -13.53 53.29
N ASP F 495 4.80 -12.26 53.19
CA ASP F 495 5.54 -11.18 53.80
C ASP F 495 5.63 -11.32 55.32
N GLY F 496 4.70 -12.08 55.93
CA GLY F 496 4.72 -12.37 57.34
C GLY F 496 5.87 -13.27 57.80
N GLU F 497 6.55 -13.88 56.84
CA GLU F 497 7.78 -14.64 57.08
C GLU F 497 9.06 -13.80 57.06
N ILE F 498 8.91 -12.48 56.88
CA ILE F 498 10.02 -11.54 56.98
C ILE F 498 9.97 -10.82 58.32
N THR F 499 11.14 -10.69 58.93
CA THR F 499 11.31 -9.91 60.14
C THR F 499 10.52 -8.58 60.11
N SER F 500 9.56 -8.46 61.03
CA SER F 500 8.78 -7.24 61.32
C SER F 500 7.49 -7.06 60.51
N TYR F 501 7.33 -7.83 59.43
CA TYR F 501 6.24 -7.61 58.48
C TYR F 501 5.06 -8.57 58.66
N SER F 502 3.93 -8.22 58.08
CA SER F 502 2.74 -9.09 58.08
C SER F 502 2.32 -9.53 56.68
N GLY G 2 70.81 18.41 7.45
CA GLY G 2 71.99 17.59 7.87
C GLY G 2 71.56 16.38 8.68
N VAL G 3 72.53 15.77 9.37
CA VAL G 3 72.31 14.58 10.20
C VAL G 3 72.34 15.00 11.67
N VAL G 4 71.39 14.48 12.44
CA VAL G 4 71.29 14.78 13.86
C VAL G 4 71.49 13.49 14.65
N ASN G 5 72.48 13.50 15.54
CA ASN G 5 72.73 12.36 16.42
C ASN G 5 72.16 12.63 17.79
N VAL G 6 71.00 12.04 18.06
CA VAL G 6 70.27 12.27 19.31
C VAL G 6 70.96 11.53 20.45
N PRO G 7 71.41 12.26 21.46
CA PRO G 7 71.94 11.64 22.69
C PRO G 7 70.96 10.69 23.34
N SER G 8 71.48 9.62 23.93
CA SER G 8 70.68 8.69 24.73
C SER G 8 70.06 9.34 25.98
N ASN G 9 70.76 10.31 26.57
CA ASN G 9 70.32 10.98 27.79
C ASN G 9 70.42 12.50 27.73
N GLY G 10 69.59 13.16 28.53
CA GLY G 10 69.50 14.61 28.51
C GLY G 10 69.49 15.23 29.90
N ARG G 11 70.28 16.28 30.06
CA ARG G 11 70.42 16.96 31.34
C ARG G 11 69.18 17.83 31.64
N GLU G 12 68.67 18.53 30.62
CA GLU G 12 67.62 19.52 30.83
C GLU G 12 66.21 18.93 30.71
N LYS G 13 65.25 19.62 31.30
CA LYS G 13 63.85 19.22 31.25
C LYS G 13 63.09 20.19 30.34
N PHE G 14 62.27 19.64 29.44
CA PHE G 14 61.26 20.46 28.73
C PHE G 14 60.10 20.78 29.68
N LYS G 15 59.90 22.07 29.92
CA LYS G 15 58.92 22.55 30.89
C LYS G 15 57.50 22.55 30.30
N LYS G 16 56.54 22.50 31.23
CA LYS G 16 55.12 22.54 30.91
C LYS G 16 54.60 23.97 30.72
N ASN G 17 55.49 24.98 30.80
CA ASN G 17 55.13 26.40 30.65
C ASN G 17 54.24 26.71 29.42
N TRP G 18 54.42 25.98 28.33
CA TRP G 18 53.71 26.24 27.07
C TRP G 18 52.18 26.02 27.13
N LYS G 19 51.70 25.29 28.14
CA LYS G 19 50.26 25.14 28.37
C LYS G 19 49.86 25.51 29.78
N PHE G 20 50.54 26.49 30.36
CA PHE G 20 50.08 27.10 31.59
C PHE G 20 48.74 27.82 31.36
N CYS G 21 48.69 28.57 30.27
CA CYS G 21 47.57 29.47 30.00
C CYS G 21 47.27 29.55 28.51
N VAL G 22 46.00 29.76 28.20
CA VAL G 22 45.55 30.01 26.84
C VAL G 22 44.54 31.17 26.93
N GLY G 23 44.39 31.93 25.87
CA GLY G 23 43.51 33.08 25.88
C GLY G 23 42.12 32.77 25.38
N THR G 24 41.18 33.69 25.65
CA THR G 24 39.80 33.56 25.20
C THR G 24 39.21 34.92 24.77
N GLY G 25 38.16 34.85 23.96
CA GLY G 25 37.26 35.95 23.72
C GLY G 25 36.64 36.31 25.04
N ARG G 26 35.90 37.42 25.10
CA ARG G 26 35.42 37.94 26.39
C ARG G 26 34.63 36.92 27.23
N LEU G 27 34.71 37.07 28.55
CA LEU G 27 34.13 36.09 29.48
C LEU G 27 32.62 35.95 29.31
N GLY G 28 31.96 36.99 28.81
CA GLY G 28 30.53 36.92 28.56
C GLY G 28 30.16 35.93 27.47
N LEU G 29 31.08 35.69 26.53
CA LEU G 29 30.91 34.66 25.50
C LEU G 29 31.06 33.24 26.04
N ALA G 30 31.66 33.10 27.22
CA ALA G 30 31.74 31.79 27.88
C ALA G 30 30.37 31.22 28.25
N LEU G 31 29.31 31.99 28.08
CA LEU G 31 27.96 31.52 28.37
C LEU G 31 27.40 30.69 27.24
N GLN G 32 28.01 30.80 26.08
CA GLN G 32 27.59 30.09 24.87
C GLN G 32 27.95 28.60 24.88
N LYS G 33 27.03 27.79 24.39
CA LYS G 33 27.26 26.36 24.24
C LYS G 33 28.47 26.09 23.35
N GLU G 34 28.54 26.77 22.21
CA GLU G 34 29.67 26.68 21.29
C GLU G 34 31.00 26.88 22.01
N TYR G 35 31.06 27.89 22.86
CA TYR G 35 32.29 28.19 23.60
C TYR G 35 32.74 26.98 24.42
N LEU G 36 31.82 26.38 25.15
CA LEU G 36 32.15 25.26 26.01
C LEU G 36 32.40 23.98 25.24
N ASP G 37 31.75 23.77 24.09
CA ASP G 37 32.14 22.63 23.24
C ASP G 37 33.63 22.75 22.89
N HIS G 38 34.10 23.95 22.60
CA HIS G 38 35.49 24.17 22.20
C HIS G 38 36.43 23.99 23.36
N LEU G 39 36.05 24.51 24.52
CA LEU G 39 36.89 24.40 25.70
C LEU G 39 37.02 22.94 26.11
N LYS G 40 35.92 22.19 26.02
CA LYS G 40 35.92 20.78 26.32
C LYS G 40 36.94 20.07 25.44
N LEU G 41 36.85 20.31 24.14
CA LEU G 41 37.78 19.71 23.21
C LEU G 41 39.23 20.06 23.52
N VAL G 42 39.46 21.32 23.85
CA VAL G 42 40.82 21.81 24.11
C VAL G 42 41.36 21.18 25.40
N GLN G 43 40.50 20.99 26.38
CA GLN G 43 40.91 20.46 27.68
C GLN G 43 41.13 18.97 27.69
N GLU G 44 40.51 18.29 26.70
CA GLU G 44 40.62 16.84 26.50
C GLU G 44 41.94 16.56 25.77
N LYS G 45 42.28 17.36 24.77
CA LYS G 45 43.47 17.10 23.95
C LYS G 45 44.71 17.89 24.35
N ILE G 46 44.51 19.03 24.98
CA ILE G 46 45.58 19.86 25.52
C ILE G 46 45.08 20.24 26.89
N GLY G 47 45.76 19.96 27.97
CA GLY G 47 45.13 20.38 29.22
C GLY G 47 45.69 21.68 29.80
N PHE G 48 45.17 22.84 29.37
CA PHE G 48 45.67 24.14 29.89
C PHE G 48 45.26 24.28 31.34
N ARG G 49 46.08 24.97 32.13
CA ARG G 49 45.77 25.20 33.55
C ARG G 49 44.95 26.46 33.78
N TYR G 50 45.22 27.51 32.99
CA TYR G 50 44.54 28.78 33.13
C TYR G 50 43.98 29.28 31.80
N ILE G 51 43.04 30.20 31.92
CA ILE G 51 42.42 30.83 30.77
C ILE G 51 42.25 32.32 31.06
N ARG G 52 42.67 33.15 30.11
CA ARG G 52 42.82 34.59 30.28
C ARG G 52 42.03 35.33 29.23
N GLY G 53 41.14 36.22 29.66
CA GLY G 53 40.44 37.08 28.72
C GLY G 53 39.84 38.35 29.31
N HIS G 54 39.32 39.20 28.43
CA HIS G 54 38.77 40.49 28.83
C HIS G 54 37.31 40.39 29.23
N GLY G 55 36.84 41.41 29.95
CA GLY G 55 35.41 41.68 30.09
C GLY G 55 34.71 41.20 31.34
N LEU G 56 35.49 40.74 32.32
CA LEU G 56 34.94 40.29 33.60
C LEU G 56 33.99 41.32 34.17
N LEU G 57 34.45 42.57 34.18
CA LEU G 57 33.68 43.71 34.74
C LEU G 57 32.78 44.45 33.75
N SER G 58 32.83 44.08 32.46
CA SER G 58 31.98 44.72 31.46
C SER G 58 30.52 44.28 31.60
N ASP G 59 29.61 44.99 30.94
CA ASP G 59 28.23 44.94 31.40
C ASP G 59 27.39 43.80 30.82
N ASP G 60 27.90 43.05 29.86
CA ASP G 60 27.19 41.83 29.46
C ASP G 60 27.30 40.78 30.57
N VAL G 61 28.47 40.68 31.21
CA VAL G 61 28.63 39.80 32.39
C VAL G 61 27.79 40.37 33.56
N GLY G 62 27.71 41.70 33.62
CA GLY G 62 26.71 42.40 34.40
C GLY G 62 26.91 42.48 35.89
N ILE G 63 28.16 42.44 36.36
CA ILE G 63 28.43 42.49 37.79
C ILE G 63 28.05 43.83 38.40
N TYR G 64 28.49 44.94 37.82
CA TYR G 64 28.33 46.24 38.53
C TYR G 64 27.09 46.99 38.08
N ARG G 65 26.22 47.30 39.04
CA ARG G 65 25.03 48.10 38.80
C ARG G 65 24.75 49.11 39.92
N GLU G 66 24.12 50.23 39.56
CA GLU G 66 23.33 51.07 40.47
C GLU G 66 21.99 51.28 39.74
N VAL G 67 20.76 51.32 40.27
CA VAL G 67 20.09 50.85 41.51
C VAL G 67 19.72 51.95 42.53
N GLU G 68 18.49 52.44 42.35
CA GLU G 68 17.88 53.45 43.19
C GLU G 68 17.06 52.84 44.33
N ILE G 69 17.48 53.15 45.55
CA ILE G 69 16.94 52.62 46.77
C ILE G 69 16.75 53.79 47.75
N ASP G 70 15.49 54.07 48.10
CA ASP G 70 15.15 55.14 49.05
C ASP G 70 15.69 56.49 48.56
N GLY G 71 15.40 56.81 47.30
CA GLY G 71 15.80 58.07 46.68
C GLY G 71 17.29 58.33 46.56
N GLU G 72 18.05 57.25 46.36
CA GLU G 72 19.49 57.20 46.59
C GLU G 72 20.16 56.18 45.66
N MET G 73 21.16 56.58 44.88
CA MET G 73 21.85 55.63 43.99
C MET G 73 22.85 54.80 44.81
N LYS G 74 22.76 53.48 44.71
CA LYS G 74 23.59 52.55 45.48
C LYS G 74 24.11 51.39 44.58
N PRO G 75 25.27 50.83 44.91
CA PRO G 75 25.81 49.70 44.15
C PRO G 75 25.07 48.38 44.43
N PHE G 76 24.93 47.57 43.39
CA PHE G 76 24.44 46.21 43.50
C PHE G 76 25.35 45.38 42.62
N TYR G 77 25.87 44.29 43.16
CA TYR G 77 26.75 43.39 42.43
C TYR G 77 26.04 42.10 42.02
N ASN G 78 25.79 41.93 40.73
CA ASN G 78 25.20 40.71 40.17
C ASN G 78 26.22 39.62 39.78
N PHE G 79 26.28 38.54 40.54
CA PHE G 79 27.19 37.44 40.24
C PHE G 79 26.53 36.27 39.50
N THR G 80 25.32 36.48 38.98
CA THR G 80 24.58 35.42 38.30
C THR G 80 25.39 34.81 37.16
N TYR G 81 25.93 35.67 36.29
CA TYR G 81 26.71 35.18 35.16
C TYR G 81 28.16 34.78 35.48
N ILE G 82 28.97 35.50 36.28
CA ILE G 82 30.34 34.95 36.49
C ILE G 82 30.31 33.67 37.26
N ASP G 83 29.30 33.46 38.10
CA ASP G 83 29.17 32.21 38.83
C ASP G 83 29.03 31.08 37.84
N ARG G 84 28.11 31.24 36.90
CA ARG G 84 27.94 30.22 35.87
C ARG G 84 29.24 30.01 35.08
N ILE G 85 29.89 31.12 34.69
CA ILE G 85 31.09 31.06 33.84
C ILE G 85 32.22 30.36 34.57
N VAL G 86 32.52 30.84 35.78
CA VAL G 86 33.62 30.26 36.55
C VAL G 86 33.30 28.85 37.01
N ASP G 87 32.03 28.54 37.27
CA ASP G 87 31.69 27.15 37.55
C ASP G 87 32.06 26.30 36.39
N SER G 88 31.76 26.75 35.17
CA SER G 88 32.00 25.93 33.97
C SER G 88 33.49 25.82 33.68
N TYR G 89 34.26 26.83 34.08
CA TYR G 89 35.71 26.73 33.94
C TYR G 89 36.22 25.57 34.81
N LEU G 90 35.93 25.63 36.11
CA LEU G 90 36.43 24.65 37.09
C LEU G 90 36.00 23.23 36.75
N ALA G 91 34.78 23.07 36.23
CA ALA G 91 34.25 21.77 35.83
C ALA G 91 35.07 21.18 34.69
N LEU G 92 35.69 22.03 33.88
CA LEU G 92 36.56 21.60 32.77
C LEU G 92 38.05 21.68 33.13
N ASN G 93 38.32 21.71 34.42
CA ASN G 93 39.65 21.72 35.01
C ASN G 93 40.56 22.82 34.47
N ILE G 94 40.02 24.02 34.35
CA ILE G 94 40.79 25.19 33.98
C ILE G 94 40.35 26.36 34.89
N ARG G 95 41.31 27.18 35.28
CA ARG G 95 41.08 28.22 36.29
C ARG G 95 41.28 29.59 35.64
N PRO G 96 40.65 30.62 36.18
CA PRO G 96 40.74 31.93 35.56
C PRO G 96 42.08 32.62 35.88
N PHE G 97 42.70 33.14 34.82
CA PHE G 97 43.70 34.18 34.94
C PHE G 97 42.85 35.44 34.84
N ILE G 98 42.36 35.92 35.98
CA ILE G 98 41.48 37.08 36.01
C ILE G 98 42.14 38.31 35.43
N GLU G 99 41.39 39.01 34.58
CA GLU G 99 41.79 40.32 34.08
C GLU G 99 40.69 41.29 34.45
N PHE G 100 40.99 42.20 35.38
CA PHE G 100 40.06 43.20 35.80
C PHE G 100 39.91 44.24 34.73
N GLY G 101 38.74 44.25 34.10
CA GLY G 101 38.44 45.12 32.97
C GLY G 101 37.20 44.63 32.20
N PHE G 102 36.65 45.43 31.28
CA PHE G 102 36.91 46.87 31.18
C PHE G 102 36.11 47.61 32.25
N MET G 103 35.68 48.85 32.00
CA MET G 103 35.02 49.66 33.02
C MET G 103 33.48 49.53 32.90
N PRO G 104 32.77 49.23 34.00
CA PRO G 104 31.31 49.29 33.97
C PRO G 104 30.78 50.68 33.59
N LYS G 105 29.68 50.70 32.84
CA LYS G 105 29.04 51.90 32.33
C LYS G 105 28.69 52.85 33.46
N ALA G 106 28.07 52.32 34.51
CA ALA G 106 27.57 53.13 35.60
C ALA G 106 28.69 53.70 36.46
N LEU G 107 29.90 53.14 36.30
CA LEU G 107 31.12 53.59 37.00
C LEU G 107 32.11 54.39 36.11
N ALA G 108 31.81 54.52 34.82
CA ALA G 108 32.70 55.19 33.85
C ALA G 108 32.72 56.71 34.03
N SER G 109 33.90 57.33 33.89
CA SER G 109 34.05 58.79 33.90
C SER G 109 33.75 59.42 32.52
N GLY G 110 33.90 58.62 31.46
CA GLY G 110 33.69 59.11 30.11
C GLY G 110 33.03 58.07 29.21
N ASP G 111 33.00 58.40 27.92
CA ASP G 111 32.20 57.70 26.92
C ASP G 111 33.02 56.86 25.95
N GLN G 112 34.36 56.88 26.06
CA GLN G 112 35.20 56.16 25.09
C GLN G 112 35.03 54.65 25.26
N THR G 113 34.83 53.94 24.15
CA THR G 113 34.70 52.49 24.17
C THR G 113 35.58 51.86 23.13
N VAL G 114 35.63 50.53 23.17
CA VAL G 114 36.51 49.74 22.31
C VAL G 114 35.75 48.48 21.87
N PHE G 115 36.11 47.99 20.67
CA PHE G 115 35.45 46.85 20.03
C PHE G 115 33.97 47.06 19.68
N TYR G 116 33.49 46.19 18.79
CA TYR G 116 32.06 45.98 18.50
C TYR G 116 31.18 45.92 19.76
N TRP G 117 31.67 45.29 20.83
CA TRP G 117 30.84 45.12 22.05
C TRP G 117 30.94 46.28 23.05
N LYS G 118 31.77 47.26 22.72
CA LYS G 118 31.79 48.56 23.39
C LYS G 118 32.10 48.49 24.88
N GLY G 119 33.20 47.83 25.24
CA GLY G 119 33.70 47.92 26.59
C GLY G 119 34.19 49.34 26.86
N ASN G 120 33.86 49.89 28.03
CA ASN G 120 34.22 51.25 28.36
C ASN G 120 35.66 51.30 28.90
N VAL G 121 36.44 52.26 28.40
CA VAL G 121 37.88 52.27 28.64
C VAL G 121 38.32 53.59 29.26
N THR G 122 37.44 54.23 30.02
CA THR G 122 37.77 55.46 30.76
C THR G 122 37.97 55.15 32.24
N PRO G 123 38.76 55.98 32.94
CA PRO G 123 39.02 55.74 34.35
C PRO G 123 37.72 55.70 35.12
N PRO G 124 37.69 55.11 36.29
CA PRO G 124 36.47 55.12 37.10
C PRO G 124 36.22 56.54 37.62
N LYS G 125 34.96 56.96 37.59
CA LYS G 125 34.57 58.29 38.11
C LYS G 125 34.90 58.45 39.59
N ASP G 126 35.00 57.32 40.28
CA ASP G 126 35.28 57.31 41.72
C ASP G 126 36.11 56.05 42.05
N TYR G 127 37.34 56.27 42.49
CA TYR G 127 38.30 55.19 42.67
C TYR G 127 37.95 54.34 43.88
N ASN G 128 37.30 54.96 44.87
CA ASN G 128 36.76 54.23 46.02
C ASN G 128 35.67 53.22 45.62
N LYS G 129 34.89 53.55 44.61
CA LYS G 129 33.85 52.64 44.12
C LYS G 129 34.49 51.50 43.31
N TRP G 130 35.58 51.83 42.61
CA TRP G 130 36.33 50.83 41.85
C TRP G 130 36.97 49.88 42.85
N ARG G 131 37.46 50.44 43.97
CA ARG G 131 37.98 49.68 45.09
C ARG G 131 36.91 48.77 45.69
N ASP G 132 35.74 49.31 45.96
CA ASP G 132 34.66 48.53 46.55
C ASP G 132 34.17 47.40 45.64
N LEU G 133 34.26 47.61 44.33
CA LEU G 133 33.87 46.63 43.33
C LEU G 133 34.86 45.45 43.33
N ILE G 134 36.16 45.76 43.27
CA ILE G 134 37.22 44.76 43.26
C ILE G 134 37.12 43.93 44.51
N VAL G 135 36.86 44.57 45.64
CA VAL G 135 36.71 43.88 46.89
C VAL G 135 35.51 42.94 46.86
N ALA G 136 34.37 43.40 46.32
CA ALA G 136 33.16 42.59 46.35
C ALA G 136 33.30 41.38 45.42
N VAL G 137 34.05 41.54 44.33
CA VAL G 137 34.25 40.46 43.38
C VAL G 137 35.18 39.40 43.99
N VAL G 138 36.34 39.87 44.44
CA VAL G 138 37.34 38.97 44.96
C VAL G 138 36.82 38.24 46.20
N SER G 139 36.10 38.98 47.05
CA SER G 139 35.47 38.44 48.26
C SER G 139 34.40 37.41 47.92
N HIS G 140 33.62 37.67 46.88
CA HIS G 140 32.59 36.74 46.44
C HIS G 140 33.20 35.43 45.90
N PHE G 141 34.29 35.54 45.15
CA PHE G 141 34.99 34.37 44.65
C PHE G 141 35.38 33.47 45.80
N ILE G 142 35.94 34.07 46.85
CA ILE G 142 36.36 33.33 48.04
C ILE G 142 35.16 32.70 48.75
N GLU G 143 34.07 33.45 48.91
CA GLU G 143 32.85 32.88 49.50
C GLU G 143 32.42 31.62 48.71
N ARG G 144 32.44 31.70 47.39
CA ARG G 144 31.90 30.63 46.57
C ARG G 144 32.82 29.40 46.45
N TYR G 145 34.11 29.61 46.16
CA TYR G 145 35.06 28.53 45.83
C TYR G 145 36.04 28.21 46.97
N GLY G 146 36.11 29.07 48.00
CA GLY G 146 37.06 28.91 49.09
C GLY G 146 38.42 29.52 48.81
N ILE G 147 39.12 29.91 49.90
CA ILE G 147 40.35 30.67 49.82
C ILE G 147 41.46 29.86 49.19
N GLU G 148 41.53 28.58 49.55
CA GLU G 148 42.55 27.66 49.02
C GLU G 148 42.53 27.73 47.51
N GLU G 149 41.33 27.60 46.95
CA GLU G 149 41.14 27.62 45.51
C GLU G 149 41.52 28.96 44.86
N VAL G 150 41.01 30.07 45.40
CA VAL G 150 41.16 31.37 44.77
C VAL G 150 42.62 31.89 44.85
N ARG G 151 43.38 31.43 45.85
CA ARG G 151 44.83 31.73 45.90
C ARG G 151 45.64 31.08 44.78
N THR G 152 45.11 30.08 44.11
CA THR G 152 45.79 29.53 42.94
C THR G 152 45.59 30.33 41.65
N TRP G 153 44.69 31.30 41.68
CA TRP G 153 44.37 32.11 40.51
C TRP G 153 45.39 33.23 40.37
N LEU G 154 45.30 33.94 39.25
CA LEU G 154 46.14 35.11 39.02
C LEU G 154 45.21 36.27 38.66
N PHE G 155 45.63 37.49 39.00
CA PHE G 155 44.84 38.69 38.86
C PHE G 155 45.65 39.80 38.14
N GLU G 156 45.35 40.01 36.86
CA GLU G 156 45.94 41.02 36.00
C GLU G 156 45.04 42.25 36.03
N VAL G 157 45.65 43.43 36.02
CA VAL G 157 44.89 44.68 36.13
C VAL G 157 44.87 45.41 34.79
N TRP G 158 43.68 45.53 34.25
CA TRP G 158 43.43 46.16 32.95
C TRP G 158 44.10 45.43 31.75
N ASN G 159 44.10 46.07 30.58
CA ASN G 159 44.64 45.53 29.34
C ASN G 159 45.19 46.66 28.49
N GLU G 160 46.40 46.44 27.99
CA GLU G 160 47.12 47.36 27.11
C GLU G 160 46.88 48.84 27.39
N PRO G 161 47.22 49.28 28.59
CA PRO G 161 46.99 50.67 29.00
C PRO G 161 47.93 51.64 28.26
N ASN G 162 48.96 51.10 27.61
CA ASN G 162 49.84 51.88 26.75
C ASN G 162 49.30 52.09 25.37
N LEU G 163 48.04 51.76 25.16
CA LEU G 163 47.41 51.92 23.85
C LEU G 163 46.16 52.75 24.03
N VAL G 164 46.02 53.75 23.16
CA VAL G 164 44.95 54.73 23.30
C VAL G 164 43.55 54.11 23.13
N ASN G 165 43.45 53.07 22.31
CA ASN G 165 42.21 52.35 22.13
C ASN G 165 41.67 51.65 23.40
N PHE G 166 42.57 51.31 24.33
CA PHE G 166 42.23 50.53 25.52
C PHE G 166 42.16 51.28 26.85
N TRP G 167 42.63 52.52 26.86
CA TRP G 167 42.77 53.28 28.09
C TRP G 167 42.90 54.75 27.71
N LYS G 168 41.97 55.58 28.18
CA LYS G 168 41.91 56.98 27.80
C LYS G 168 43.28 57.63 27.79
N ASP G 169 43.69 58.13 26.61
CA ASP G 169 44.91 58.89 26.39
C ASP G 169 46.21 58.11 26.57
N ALA G 170 46.12 56.78 26.69
CA ALA G 170 47.26 55.95 27.08
C ALA G 170 48.00 56.58 28.28
N ASN G 171 47.22 57.06 29.25
CA ASN G 171 47.71 57.82 30.38
C ASN G 171 48.41 56.88 31.37
N LYS G 172 49.73 56.99 31.42
CA LYS G 172 50.55 56.10 32.23
C LYS G 172 50.28 56.24 33.74
N GLN G 173 50.21 57.48 34.21
CA GLN G 173 50.06 57.76 35.64
C GLN G 173 48.66 57.46 36.15
N GLU G 174 47.66 57.57 35.26
CA GLU G 174 46.33 57.21 35.64
C GLU G 174 46.28 55.67 35.74
N TYR G 175 47.00 54.97 34.85
CA TYR G 175 47.06 53.52 34.94
C TYR G 175 47.73 53.09 36.25
N PHE G 176 48.81 53.77 36.62
CA PHE G 176 49.54 53.42 37.83
C PHE G 176 48.63 53.62 39.03
N LYS G 177 47.78 54.65 39.00
CA LYS G 177 46.81 54.88 40.07
C LYS G 177 45.78 53.77 40.09
N LEU G 178 45.21 53.46 38.94
CA LEU G 178 44.23 52.37 38.84
C LEU G 178 44.83 51.08 39.42
N TYR G 179 46.09 50.80 39.03
CA TYR G 179 46.77 49.58 39.47
C TYR G 179 46.94 49.54 40.98
N GLU G 180 47.58 50.58 41.51
CA GLU G 180 47.76 50.75 42.93
C GLU G 180 46.46 50.49 43.66
N VAL G 181 45.39 51.13 43.22
CA VAL G 181 44.09 50.97 43.87
C VAL G 181 43.57 49.53 43.72
N THR G 182 43.77 48.90 42.55
CA THR G 182 43.31 47.52 42.34
C THR G 182 44.14 46.53 43.16
N ALA G 183 45.46 46.69 43.09
CA ALA G 183 46.41 45.83 43.79
C ALA G 183 46.21 45.88 45.32
N ARG G 184 45.94 47.06 45.87
CA ARG G 184 45.74 47.19 47.32
C ARG G 184 44.38 46.62 47.72
N ALA G 185 43.40 46.74 46.84
CA ALA G 185 42.08 46.15 47.10
C ALA G 185 42.14 44.62 47.18
N VAL G 186 42.80 44.02 46.21
CA VAL G 186 42.99 42.56 46.19
C VAL G 186 43.69 42.09 47.47
N LYS G 187 44.79 42.75 47.86
CA LYS G 187 45.59 42.33 49.01
C LYS G 187 44.87 42.54 50.35
N SER G 188 43.99 43.52 50.40
CA SER G 188 43.15 43.78 51.56
C SER G 188 42.15 42.64 51.81
N VAL G 189 41.75 41.91 50.78
CA VAL G 189 40.85 40.76 50.99
C VAL G 189 41.68 39.55 51.38
N ASP G 190 42.78 39.34 50.67
CA ASP G 190 43.75 38.33 51.07
C ASP G 190 45.16 38.58 50.53
N PRO G 191 46.16 38.62 51.43
CA PRO G 191 47.53 39.00 51.06
C PRO G 191 48.27 38.00 50.14
N HIS G 192 47.76 36.78 49.99
CA HIS G 192 48.41 35.77 49.16
C HIS G 192 47.89 35.73 47.71
N LEU G 193 46.89 36.55 47.41
CA LEU G 193 46.36 36.62 46.07
C LEU G 193 47.33 37.36 45.16
N GLN G 194 47.65 36.72 44.02
CA GLN G 194 48.76 37.12 43.15
C GLN G 194 48.26 38.13 42.11
N VAL G 195 48.70 39.38 42.26
CA VAL G 195 48.24 40.47 41.44
C VAL G 195 49.37 41.03 40.58
N GLY G 196 49.05 41.49 39.37
CA GLY G 196 50.10 41.92 38.46
C GLY G 196 49.67 42.78 37.28
N GLY G 197 50.66 43.19 36.50
CA GLY G 197 50.49 44.09 35.36
C GLY G 197 51.86 44.22 34.66
N PRO G 198 52.04 45.18 33.76
CA PRO G 198 51.01 46.12 33.31
C PRO G 198 50.26 45.76 32.01
N ALA G 199 50.32 44.51 31.57
CA ALA G 199 49.46 44.02 30.46
C ALA G 199 49.66 44.76 29.11
N ILE G 200 50.81 45.36 28.91
CA ILE G 200 51.04 46.24 27.77
C ILE G 200 51.31 45.49 26.47
N CYS G 201 50.97 46.11 25.34
CA CYS G 201 51.42 45.64 24.03
C CYS G 201 52.88 46.03 23.83
N GLY G 202 53.54 45.44 22.83
CA GLY G 202 54.93 45.74 22.52
C GLY G 202 55.15 47.17 22.02
N GLY G 203 56.41 47.52 21.80
CA GLY G 203 56.79 48.84 21.28
C GLY G 203 56.81 49.98 22.30
N SER G 204 56.99 49.65 23.58
CA SER G 204 56.75 50.64 24.64
C SER G 204 57.26 50.12 26.00
N ASP G 205 58.41 49.45 26.01
CA ASP G 205 58.80 48.65 27.19
C ASP G 205 59.42 49.43 28.35
N GLU G 206 59.72 50.70 28.12
CA GLU G 206 60.05 51.59 29.24
C GLU G 206 58.89 51.55 30.25
N TRP G 207 57.66 51.29 29.76
CA TRP G 207 56.48 51.11 30.64
C TRP G 207 56.65 50.07 31.74
N ILE G 208 57.31 48.96 31.42
CA ILE G 208 57.61 47.93 32.42
C ILE G 208 58.59 48.42 33.46
N THR G 209 59.63 49.12 33.02
CA THR G 209 60.59 49.74 33.94
C THR G 209 59.90 50.77 34.82
N ASP G 210 59.04 51.60 34.23
CA ASP G 210 58.32 52.65 34.96
C ASP G 210 57.29 52.10 35.95
N PHE G 211 56.66 50.99 35.58
CA PHE G 211 55.65 50.33 36.39
C PHE G 211 56.33 49.77 37.65
N LEU G 212 57.47 49.14 37.45
CA LEU G 212 58.18 48.48 38.52
C LEU G 212 58.86 49.48 39.45
N HIS G 213 59.30 50.64 38.92
CA HIS G 213 59.84 51.69 39.80
C HIS G 213 58.73 52.37 40.62
N PHE G 214 57.59 52.61 39.99
CA PHE G 214 56.44 53.19 40.69
C PHE G 214 56.01 52.26 41.83
N CYS G 215 55.98 50.96 41.55
CA CYS G 215 55.53 49.97 42.53
C CYS G 215 56.51 49.88 43.71
N ALA G 216 57.81 50.01 43.43
CA ALA G 216 58.81 49.96 44.48
C ALA G 216 58.78 51.22 45.37
N GLU G 217 58.87 52.38 44.74
CA GLU G 217 58.88 53.68 45.45
C GLU G 217 57.66 53.87 46.36
N ARG G 218 56.49 53.50 45.88
CA ARG G 218 55.23 53.73 46.61
C ARG G 218 54.79 52.48 47.37
N ARG G 219 55.61 51.45 47.33
CA ARG G 219 55.39 50.20 48.06
C ARG G 219 54.03 49.61 47.73
N VAL G 220 53.78 49.47 46.44
CA VAL G 220 52.57 48.85 45.92
C VAL G 220 52.90 47.40 45.60
N PRO G 221 52.06 46.47 46.05
CA PRO G 221 52.31 45.06 45.80
C PRO G 221 52.26 44.74 44.31
N VAL G 222 53.17 43.87 43.91
CA VAL G 222 53.24 43.31 42.56
C VAL G 222 53.80 41.92 42.71
N ASP G 223 53.20 40.94 42.04
CA ASP G 223 53.66 39.55 42.12
C ASP G 223 53.98 38.97 40.73
N PHE G 224 53.58 39.66 39.67
CA PHE G 224 54.04 39.31 38.34
C PHE G 224 54.02 40.47 37.39
N VAL G 225 54.71 40.27 36.28
CA VAL G 225 54.74 41.20 35.17
C VAL G 225 54.07 40.54 33.99
N SER G 226 53.19 41.28 33.31
CA SER G 226 52.52 40.77 32.13
C SER G 226 52.78 41.66 30.92
N ARG G 227 52.76 41.03 29.74
CA ARG G 227 53.15 41.67 28.50
C ARG G 227 52.57 40.87 27.33
N HIS G 228 52.24 41.55 26.25
CA HIS G 228 51.68 40.90 25.08
C HIS G 228 52.72 40.90 23.96
N ALA G 229 52.78 39.85 23.14
CA ALA G 229 53.73 39.78 22.02
C ALA G 229 53.05 39.28 20.74
N TYR G 230 53.20 40.07 19.70
CA TYR G 230 52.87 39.65 18.36
C TYR G 230 53.97 40.07 17.40
N THR G 231 53.89 39.53 16.19
CA THR G 231 54.90 39.74 15.18
C THR G 231 54.37 40.29 13.87
N SER G 232 53.09 40.67 13.85
CA SER G 232 52.51 41.27 12.66
C SER G 232 52.77 42.76 12.63
N LYS G 233 53.17 43.24 11.45
CA LYS G 233 53.16 44.66 11.15
C LYS G 233 51.72 45.13 10.97
N ALA G 234 51.52 46.44 11.00
CA ALA G 234 50.21 47.02 10.70
C ALA G 234 49.68 46.53 9.34
N PRO G 235 48.35 46.44 9.21
CA PRO G 235 47.70 46.01 7.96
C PRO G 235 48.13 46.80 6.72
N HIS G 236 48.61 46.07 5.71
CA HIS G 236 48.99 46.67 4.44
C HIS G 236 47.87 46.54 3.36
N LYS G 237 46.84 45.73 3.61
CA LYS G 237 45.59 45.72 2.82
C LYS G 237 44.38 45.31 3.66
N LYS G 238 43.25 45.98 3.42
CA LYS G 238 41.98 45.70 4.10
C LYS G 238 40.87 45.41 3.10
N THR G 239 40.02 44.42 3.40
CA THR G 239 38.72 44.31 2.74
C THR G 239 37.68 44.63 3.80
N PHE G 240 36.41 44.54 3.45
CA PHE G 240 35.38 44.77 4.45
C PHE G 240 35.42 43.71 5.57
N GLU G 241 36.04 42.55 5.30
CA GLU G 241 36.13 41.48 6.30
C GLU G 241 37.53 41.08 6.77
N TYR G 242 38.58 41.58 6.13
CA TYR G 242 39.94 41.09 6.43
C TYR G 242 40.95 42.21 6.69
N TYR G 243 41.82 41.99 7.69
CA TYR G 243 43.12 42.65 7.77
C TYR G 243 44.16 41.62 7.27
N TYR G 244 44.96 42.04 6.28
CA TYR G 244 46.13 41.29 5.85
C TYR G 244 47.41 41.98 6.35
N GLN G 245 48.37 41.19 6.82
CA GLN G 245 49.57 41.74 7.43
C GLN G 245 50.82 40.90 7.13
N GLU G 246 51.96 41.56 6.99
CA GLU G 246 53.26 40.88 6.98
C GLU G 246 53.66 40.51 8.41
N LEU G 247 54.49 39.48 8.53
CA LEU G 247 55.01 39.00 9.80
C LEU G 247 56.54 38.97 9.81
N GLU G 248 57.10 39.29 10.97
CA GLU G 248 58.49 39.06 11.27
C GLU G 248 58.63 37.59 11.65
N PRO G 249 59.83 37.01 11.48
CA PRO G 249 60.04 35.59 11.83
C PRO G 249 59.93 35.29 13.34
N PRO G 250 59.83 34.01 13.70
CA PRO G 250 59.70 33.59 15.09
C PRO G 250 60.74 34.20 16.03
N GLU G 251 61.99 34.31 15.59
CA GLU G 251 63.06 34.94 16.39
C GLU G 251 62.65 36.27 17.00
N ASP G 252 61.93 37.10 16.24
CA ASP G 252 61.47 38.38 16.74
C ASP G 252 60.65 38.26 18.05
N MET G 253 59.71 37.32 18.10
CA MET G 253 58.93 37.11 19.31
C MET G 253 59.79 36.59 20.48
N LEU G 254 60.68 35.64 20.23
CA LEU G 254 61.55 35.10 21.28
C LEU G 254 62.45 36.21 21.85
N GLU G 255 62.79 37.16 21.00
CA GLU G 255 63.60 38.29 21.41
C GLU G 255 62.80 39.24 22.27
N GLN G 256 61.51 39.41 21.98
CA GLN G 256 60.63 40.19 22.85
C GLN G 256 60.58 39.54 24.24
N PHE G 257 60.37 38.23 24.27
CA PHE G 257 60.36 37.47 25.52
C PHE G 257 61.68 37.68 26.32
N LYS G 258 62.80 37.53 25.63
CA LYS G 258 64.14 37.59 26.23
C LYS G 258 64.49 39.01 26.72
N THR G 259 64.07 40.01 25.96
CA THR G 259 64.30 41.41 26.29
C THR G 259 63.49 41.81 27.50
N VAL G 260 62.22 41.40 27.55
CA VAL G 260 61.36 41.76 28.67
C VAL G 260 61.83 41.08 29.98
N ARG G 261 62.35 39.87 29.87
CA ARG G 261 62.91 39.17 31.00
C ARG G 261 64.13 39.92 31.54
N ALA G 262 65.01 40.35 30.62
CA ALA G 262 66.19 41.15 30.98
C ALA G 262 65.78 42.44 31.71
N LEU G 263 64.79 43.17 31.20
CA LEU G 263 64.30 44.38 31.88
C LEU G 263 63.75 44.10 33.30
N ILE G 264 63.11 42.95 33.50
CA ILE G 264 62.74 42.57 34.86
C ILE G 264 63.99 42.33 35.74
N ARG G 265 65.00 41.66 35.20
CA ARG G 265 66.23 41.35 35.94
C ARG G 265 67.05 42.57 36.38
N GLN G 266 66.93 43.67 35.66
CA GLN G 266 67.58 44.95 35.99
C GLN G 266 66.70 45.88 36.86
N SER G 267 65.48 45.44 37.16
CA SER G 267 64.50 46.24 37.88
C SER G 267 64.67 46.07 39.41
N PRO G 268 63.97 46.90 40.19
CA PRO G 268 63.85 46.72 41.63
C PRO G 268 63.13 45.45 42.10
N PHE G 269 62.41 44.75 41.22
CA PHE G 269 61.86 43.42 41.50
C PHE G 269 62.48 42.37 40.54
N PRO G 270 63.77 42.08 40.70
CA PRO G 270 64.48 41.21 39.74
C PRO G 270 63.94 39.77 39.62
N HIS G 271 63.20 39.27 40.60
CA HIS G 271 62.78 37.88 40.61
C HIS G 271 61.33 37.61 40.15
N LEU G 272 60.61 38.66 39.80
CA LEU G 272 59.21 38.53 39.40
C LEU G 272 59.00 37.59 38.19
N PRO G 273 57.98 36.74 38.27
CA PRO G 273 57.58 35.93 37.12
C PRO G 273 57.09 36.77 35.95
N LEU G 274 57.17 36.23 34.75
CA LEU G 274 56.78 36.91 33.54
C LEU G 274 55.74 36.09 32.79
N HIS G 275 54.50 36.56 32.81
CA HIS G 275 53.42 35.94 32.04
C HIS G 275 53.12 36.74 30.77
N ILE G 276 53.34 36.13 29.61
CA ILE G 276 52.95 36.75 28.34
C ILE G 276 51.47 36.36 28.12
N THR G 277 50.56 37.28 28.45
CA THR G 277 49.13 36.97 28.56
C THR G 277 48.36 37.00 27.25
N GLU G 278 49.05 37.38 26.18
CA GLU G 278 48.61 37.19 24.81
C GLU G 278 49.81 36.99 23.91
N TYR G 279 49.65 36.07 22.98
CA TYR G 279 50.57 35.98 21.87
C TYR G 279 49.90 35.25 20.68
N ASN G 280 50.38 35.62 19.49
CA ASN G 280 50.04 34.99 18.21
C ASN G 280 50.91 35.68 17.13
N THR G 281 50.69 35.31 15.88
CA THR G 281 51.37 35.95 14.76
C THR G 281 50.80 37.34 14.60
N SER G 282 49.55 37.41 14.16
CA SER G 282 48.85 38.67 13.98
C SER G 282 47.92 38.95 15.17
N TYR G 283 47.79 40.24 15.46
CA TYR G 283 46.95 40.72 16.55
C TYR G 283 45.51 41.07 16.12
N SER G 284 45.11 40.68 14.91
CA SER G 284 43.75 40.96 14.38
C SER G 284 42.90 39.70 14.32
N PRO G 285 41.64 39.77 14.76
CA PRO G 285 40.77 38.57 14.77
C PRO G 285 40.11 38.28 13.42
N ILE G 286 40.61 38.93 12.38
CA ILE G 286 40.13 38.74 11.01
C ILE G 286 41.30 38.71 10.05
N ASN G 287 42.40 38.04 10.44
CA ASN G 287 43.52 37.85 9.52
C ASN G 287 43.64 36.38 9.18
N PRO G 288 43.27 36.00 7.95
CA PRO G 288 43.33 34.62 7.48
C PRO G 288 44.57 33.78 7.78
N VAL G 289 45.73 34.40 8.04
CA VAL G 289 46.92 33.65 8.42
C VAL G 289 46.67 32.73 9.62
N HIS G 290 45.82 33.13 10.57
CA HIS G 290 45.50 32.31 11.75
C HIS G 290 44.90 30.93 11.42
N ASP G 291 44.24 30.84 10.27
CA ASP G 291 43.60 29.62 9.78
C ASP G 291 44.54 28.65 9.03
N THR G 292 45.82 28.96 8.90
CA THR G 292 46.67 28.26 7.93
C THR G 292 47.71 27.32 8.53
N ALA G 293 48.27 26.47 7.68
CA ALA G 293 49.36 25.60 8.10
C ALA G 293 50.59 26.41 8.53
N LEU G 294 50.90 27.49 7.81
CA LEU G 294 51.99 28.37 8.21
C LEU G 294 51.90 28.75 9.69
N ASN G 295 50.71 29.12 10.16
CA ASN G 295 50.55 29.55 11.56
C ASN G 295 51.06 28.48 12.52
N ALA G 296 50.68 27.24 12.25
CA ALA G 296 51.15 26.08 13.03
C ALA G 296 52.65 25.91 13.02
N ALA G 297 53.24 25.93 11.83
CA ALA G 297 54.70 25.80 11.74
C ALA G 297 55.36 26.92 12.53
N TYR G 298 54.79 28.11 12.45
CA TYR G 298 55.35 29.29 13.11
C TYR G 298 55.32 29.11 14.63
N ILE G 299 54.16 28.76 15.17
CA ILE G 299 53.97 28.70 16.61
C ILE G 299 54.72 27.54 17.24
N ALA G 300 54.93 26.48 16.49
CA ALA G 300 55.70 25.32 16.94
C ALA G 300 57.10 25.73 17.39
N ARG G 301 57.73 26.63 16.64
CA ARG G 301 58.97 27.20 17.09
C ARG G 301 58.82 27.85 18.47
N ILE G 302 57.81 28.71 18.65
CA ILE G 302 57.55 29.36 19.94
C ILE G 302 57.28 28.37 21.08
N LEU G 303 56.39 27.40 20.87
CA LEU G 303 56.13 26.37 21.91
C LEU G 303 57.41 25.63 22.33
N SER G 304 58.34 25.52 21.39
CA SER G 304 59.58 24.82 21.61
C SER G 304 60.51 25.55 22.58
N GLU G 305 60.56 26.88 22.49
CA GLU G 305 61.54 27.70 23.21
C GLU G 305 60.98 28.79 24.13
N GLY G 306 59.78 29.30 23.85
CA GLY G 306 59.20 30.35 24.65
C GLY G 306 59.41 30.16 26.14
N GLY G 307 59.24 28.93 26.62
CA GLY G 307 59.35 28.61 28.04
C GLY G 307 60.69 28.82 28.74
N ASP G 308 61.77 29.01 27.98
CA ASP G 308 63.11 29.39 28.51
C ASP G 308 63.16 30.78 29.15
N TYR G 309 62.31 31.68 28.67
CA TYR G 309 62.41 33.09 29.00
C TYR G 309 61.29 33.62 29.89
N VAL G 310 60.13 32.98 29.85
CA VAL G 310 58.94 33.42 30.54
C VAL G 310 58.31 32.27 31.33
N ASP G 311 57.46 32.60 32.30
CA ASP G 311 56.77 31.58 33.08
C ASP G 311 55.55 31.02 32.34
N SER G 312 54.79 31.88 31.67
CA SER G 312 53.72 31.41 30.79
C SER G 312 53.70 32.22 29.51
N PHE G 313 53.14 31.65 28.45
CA PHE G 313 52.84 32.41 27.24
C PHE G 313 51.54 31.89 26.65
N SER G 314 50.53 32.77 26.64
CA SER G 314 49.13 32.37 26.48
C SER G 314 48.62 32.69 25.07
N TYR G 315 48.42 31.61 24.29
CA TYR G 315 48.02 31.74 22.90
C TYR G 315 46.66 32.40 22.82
N TRP G 316 46.62 33.52 22.10
CA TRP G 316 45.39 34.27 21.89
C TRP G 316 44.84 33.77 20.53
N THR G 317 43.83 32.89 20.49
CA THR G 317 43.03 32.31 21.60
C THR G 317 42.72 30.81 21.37
N PHE G 318 41.98 30.19 22.30
CA PHE G 318 41.62 28.79 22.17
C PHE G 318 40.53 28.54 21.12
N SER G 319 39.82 29.60 20.72
CA SER G 319 38.53 29.46 20.03
C SER G 319 38.14 30.72 19.26
N ASP G 320 37.56 30.52 18.08
CA ASP G 320 37.00 31.61 17.23
C ASP G 320 35.67 32.16 17.78
N VAL G 321 35.23 31.67 18.94
CA VAL G 321 34.05 32.26 19.58
C VAL G 321 34.48 33.64 20.12
N PHE G 322 34.07 34.67 19.45
CA PHE G 322 34.78 35.94 19.50
C PHE G 322 33.98 37.02 18.77
N GLU G 323 34.12 38.24 19.25
CA GLU G 323 33.30 39.34 18.79
C GLU G 323 33.96 40.75 18.79
N GLU G 324 35.25 40.85 19.06
CA GLU G 324 35.92 42.15 19.02
C GLU G 324 35.59 42.90 17.73
N MET G 325 35.62 42.16 16.62
CA MET G 325 35.36 42.69 15.28
C MET G 325 34.08 42.10 14.65
N ASP G 326 33.05 41.94 15.49
CA ASP G 326 31.70 41.50 15.09
C ASP G 326 31.66 39.98 14.97
N VAL G 327 30.43 39.44 14.92
CA VAL G 327 30.21 38.04 14.65
C VAL G 327 30.97 37.68 13.36
N PRO G 328 31.74 36.58 13.39
CA PRO G 328 32.41 36.03 12.21
C PRO G 328 31.52 35.95 10.97
N LYS G 329 32.05 36.33 9.81
CA LYS G 329 31.25 36.43 8.59
C LYS G 329 31.44 35.22 7.66
N ALA G 330 32.27 34.28 8.06
CA ALA G 330 32.43 33.02 7.33
C ALA G 330 32.95 31.95 8.26
N LEU G 331 33.02 30.71 7.78
CA LEU G 331 33.57 29.65 8.62
C LEU G 331 35.01 29.99 8.99
N PHE G 332 35.87 30.09 7.98
CA PHE G 332 37.27 30.46 8.20
C PHE G 332 37.34 31.94 7.85
N HIS G 333 37.59 32.74 8.87
CA HIS G 333 37.47 34.21 8.81
C HIS G 333 38.68 34.91 9.42
N GLY G 334 39.76 34.17 9.66
CA GLY G 334 40.95 34.76 10.25
C GLY G 334 40.86 34.97 11.75
N GLY G 335 40.05 34.17 12.42
CA GLY G 335 39.92 34.25 13.85
C GLY G 335 41.19 33.75 14.54
N PHE G 336 41.42 34.25 15.75
CA PHE G 336 42.54 33.85 16.61
C PHE G 336 42.57 32.37 17.01
N GLY G 337 41.42 31.70 16.97
CA GLY G 337 41.22 30.44 17.64
C GLY G 337 42.06 29.27 17.19
N LEU G 338 42.48 28.45 18.15
CA LEU G 338 42.95 27.11 17.87
C LEU G 338 41.81 26.32 17.26
N VAL G 339 40.61 26.51 17.80
CA VAL G 339 39.44 25.78 17.30
C VAL G 339 38.54 26.69 16.50
N ALA G 340 38.07 26.18 15.37
CA ALA G 340 37.10 26.87 14.53
C ALA G 340 35.68 26.47 14.92
N LEU G 341 34.71 27.34 14.60
CA LEU G 341 33.29 27.05 14.83
C LEU G 341 32.96 25.67 14.29
N HIS G 342 31.96 25.02 14.92
CA HIS G 342 31.66 23.59 14.79
C HIS G 342 32.76 22.68 15.29
N SER G 343 33.63 23.18 16.16
CA SER G 343 34.67 22.38 16.81
C SER G 343 35.64 21.73 15.82
N ILE G 344 35.92 22.44 14.74
CA ILE G 344 36.88 21.99 13.75
C ILE G 344 38.25 22.48 14.20
N PRO G 345 39.20 21.57 14.46
CA PRO G 345 40.54 22.00 14.88
C PRO G 345 41.36 22.58 13.71
N LYS G 346 41.96 23.74 13.90
CA LYS G 346 42.82 24.36 12.90
C LYS G 346 44.19 23.70 12.97
N PRO G 347 45.04 23.89 11.96
CA PRO G 347 46.41 23.37 12.00
C PRO G 347 47.19 23.71 13.28
N THR G 348 46.94 24.87 13.87
CA THR G 348 47.68 25.29 15.06
C THR G 348 47.22 24.54 16.31
N PHE G 349 45.96 24.11 16.34
CA PHE G 349 45.48 23.22 17.40
C PHE G 349 46.32 21.96 17.48
N HIS G 350 46.67 21.40 16.33
CA HIS G 350 47.44 20.16 16.32
C HIS G 350 48.90 20.36 16.70
N ALA G 351 49.43 21.57 16.50
CA ALA G 351 50.75 21.89 17.02
C ALA G 351 50.76 21.69 18.54
N PHE G 352 49.73 22.19 19.21
CA PHE G 352 49.66 22.11 20.67
C PHE G 352 49.48 20.68 21.15
N THR G 353 48.68 19.95 20.39
CA THR G 353 48.37 18.56 20.66
C THR G 353 49.62 17.71 20.50
N PHE G 354 50.41 18.03 19.50
CA PHE G 354 51.68 17.34 19.28
C PHE G 354 52.63 17.63 20.45
N PHE G 355 52.62 18.86 20.94
CA PHE G 355 53.55 19.19 22.00
C PHE G 355 53.13 18.50 23.25
N ASN G 356 51.82 18.28 23.40
CA ASN G 356 51.24 17.56 24.52
C ASN G 356 51.72 16.13 24.61
N ALA G 357 52.26 15.57 23.52
CA ALA G 357 52.76 14.20 23.55
C ALA G 357 54.22 14.09 24.06
N LEU G 358 54.91 15.22 24.17
CA LEU G 358 56.33 15.24 24.54
C LEU G 358 56.59 14.83 25.99
N GLY G 359 57.69 14.11 26.21
CA GLY G 359 58.19 13.82 27.54
C GLY G 359 58.92 14.99 28.19
N ASP G 360 59.27 14.82 29.46
CA ASP G 360 60.04 15.81 30.24
C ASP G 360 61.49 15.85 29.90
N GLU G 361 62.07 14.69 29.59
CA GLU G 361 63.49 14.61 29.34
C GLU G 361 63.82 15.11 27.94
N LEU G 362 64.60 16.18 27.87
CA LEU G 362 64.96 16.83 26.61
C LEU G 362 66.25 16.20 26.10
N LEU G 363 66.18 15.57 24.93
CA LEU G 363 67.33 14.89 24.33
C LEU G 363 68.10 15.79 23.37
N TYR G 364 67.36 16.64 22.65
CA TYR G 364 67.91 17.52 21.64
C TYR G 364 66.89 18.55 21.21
N ARG G 365 67.39 19.73 20.85
CA ARG G 365 66.59 20.79 20.28
C ARG G 365 67.44 21.70 19.40
N ASP G 366 66.88 22.10 18.26
CA ASP G 366 67.38 23.24 17.49
C ASP G 366 66.14 23.98 16.99
N GLY G 367 66.30 24.87 16.00
CA GLY G 367 65.26 25.76 15.54
C GLY G 367 64.15 25.11 14.72
N GLU G 368 64.25 23.80 14.51
CA GLU G 368 63.30 23.06 13.70
C GLU G 368 62.85 21.73 14.28
N MET G 369 63.26 21.40 15.50
CA MET G 369 62.80 20.16 16.10
C MET G 369 63.04 20.07 17.58
N ILE G 370 62.30 19.17 18.22
CA ILE G 370 62.45 18.91 19.64
C ILE G 370 62.21 17.42 19.88
N VAL G 371 63.22 16.77 20.44
CA VAL G 371 63.23 15.33 20.68
C VAL G 371 63.29 15.14 22.19
N THR G 372 62.41 14.27 22.70
CA THR G 372 62.27 14.02 24.13
C THR G 372 62.13 12.53 24.45
N ARG G 373 62.35 12.20 25.72
CA ARG G 373 62.09 10.85 26.22
C ARG G 373 61.03 10.93 27.30
N ARG G 374 60.16 9.94 27.35
CA ARG G 374 59.10 9.89 28.37
C ARG G 374 59.41 8.77 29.35
N LYS G 375 58.53 8.65 30.36
CA LYS G 375 58.74 7.77 31.51
C LYS G 375 58.92 6.31 31.13
N ASP G 376 58.17 5.81 30.15
CA ASP G 376 58.29 4.40 29.74
C ASP G 376 59.47 4.10 28.79
N GLY G 377 60.35 5.06 28.53
CA GLY G 377 61.53 4.87 27.70
C GLY G 377 61.28 5.11 26.22
N SER G 378 60.06 5.52 25.85
CA SER G 378 59.75 5.81 24.45
C SER G 378 60.26 7.21 24.09
N ILE G 379 60.54 7.42 22.80
CA ILE G 379 60.96 8.71 22.26
C ILE G 379 59.75 9.42 21.64
N ALA G 380 59.58 10.69 21.99
CA ALA G 380 58.56 11.54 21.39
C ALA G 380 59.20 12.81 20.83
N ALA G 381 58.91 13.12 19.57
CA ALA G 381 59.52 14.25 18.89
C ALA G 381 58.57 15.04 17.99
N VAL G 382 58.71 16.37 18.02
CA VAL G 382 57.97 17.23 17.12
C VAL G 382 58.95 17.95 16.21
N LEU G 383 58.66 17.98 14.90
CA LEU G 383 59.51 18.66 13.90
C LEU G 383 58.65 19.61 13.07
N TRP G 384 59.25 20.71 12.62
CA TRP G 384 58.49 21.66 11.81
C TRP G 384 59.33 22.26 10.67
N ASN G 385 58.67 22.56 9.57
CA ASN G 385 59.34 23.15 8.41
C ASN G 385 58.67 24.47 8.09
N LEU G 386 58.96 25.47 8.90
CA LEU G 386 58.45 26.80 8.66
C LEU G 386 59.11 27.42 7.44
N VAL G 387 58.26 27.91 6.54
CA VAL G 387 58.66 28.52 5.28
C VAL G 387 57.77 29.74 5.04
N MET G 388 58.35 30.91 5.27
CA MET G 388 57.60 32.16 5.24
C MET G 388 57.54 32.77 3.85
N GLU G 389 58.33 32.24 2.93
CA GLU G 389 58.36 32.78 1.57
C GLU G 389 57.37 32.05 0.65
N LYS G 390 57.09 32.67 -0.50
CA LYS G 390 56.13 32.14 -1.44
C LYS G 390 56.79 31.06 -2.31
N GLY G 391 55.97 30.30 -3.04
CA GLY G 391 56.46 29.29 -3.95
C GLY G 391 56.14 27.86 -3.54
N GLU G 392 55.94 26.98 -4.52
CA GLU G 392 55.57 25.58 -4.25
C GLU G 392 56.82 24.75 -3.95
N GLY G 393 56.63 23.47 -3.62
CA GLY G 393 57.73 22.59 -3.24
C GLY G 393 58.32 23.06 -1.92
N LEU G 394 59.65 23.27 -1.92
CA LEU G 394 60.40 23.78 -0.76
C LEU G 394 60.28 22.88 0.47
N THR G 395 60.64 21.61 0.26
CA THR G 395 60.67 20.59 1.33
C THR G 395 62.02 20.62 2.07
N LYS G 396 62.01 20.09 3.29
CA LYS G 396 63.20 19.84 4.09
C LYS G 396 63.37 18.31 4.29
N GLU G 397 64.61 17.84 4.19
CA GLU G 397 64.94 16.47 4.57
C GLU G 397 65.60 16.55 5.96
N VAL G 398 65.30 15.57 6.81
CA VAL G 398 65.85 15.51 8.16
C VAL G 398 66.31 14.08 8.41
N GLN G 399 67.58 13.90 8.75
CA GLN G 399 68.14 12.59 9.04
C GLN G 399 68.42 12.51 10.54
N LEU G 400 67.81 11.54 11.19
CA LEU G 400 67.80 11.41 12.64
C LEU G 400 68.35 10.03 13.00
N VAL G 401 69.43 9.98 13.77
CA VAL G 401 69.96 8.74 14.32
C VAL G 401 69.58 8.67 15.81
N ILE G 402 68.74 7.70 16.16
CA ILE G 402 68.10 7.66 17.47
C ILE G 402 68.46 6.38 18.20
N PRO G 403 69.03 6.51 19.39
CA PRO G 403 69.31 5.35 20.22
C PRO G 403 68.13 4.98 21.13
N VAL G 404 67.86 3.68 21.20
CA VAL G 404 66.94 3.10 22.17
C VAL G 404 67.52 1.75 22.61
N SER G 405 67.06 1.27 23.76
CA SER G 405 67.51 -0.01 24.31
C SER G 405 66.55 -1.15 23.92
N GLU G 406 66.06 -1.11 22.67
CA GLU G 406 65.02 -2.02 22.18
C GLU G 406 65.40 -2.58 20.79
N SER G 407 65.05 -3.85 20.53
CA SER G 407 65.43 -4.54 19.27
C SER G 407 64.50 -4.28 18.08
N ALA G 408 63.21 -4.11 18.36
CA ALA G 408 62.24 -3.70 17.35
C ALA G 408 61.43 -2.52 17.86
N VAL G 409 60.96 -1.70 16.93
CA VAL G 409 60.34 -0.43 17.28
C VAL G 409 59.08 -0.19 16.44
N PHE G 410 58.12 0.50 17.02
CA PHE G 410 56.91 0.89 16.32
C PHE G 410 56.92 2.42 16.22
N ILE G 411 56.86 2.95 14.99
CA ILE G 411 56.90 4.39 14.77
C ILE G 411 55.53 4.88 14.33
N LYS G 412 54.98 5.83 15.08
CA LYS G 412 53.75 6.48 14.69
C LYS G 412 54.04 7.94 14.32
N ARG G 413 53.75 8.29 13.08
CA ARG G 413 53.93 9.65 12.62
C ARG G 413 52.58 10.30 12.36
N GLN G 414 52.40 11.53 12.84
CA GLN G 414 51.24 12.33 12.55
C GLN G 414 51.65 13.63 11.84
N ILE G 415 50.93 13.95 10.77
CA ILE G 415 51.28 15.03 9.86
C ILE G 415 50.11 15.99 9.74
N VAL G 416 50.44 17.28 9.78
CA VAL G 416 49.54 18.33 9.33
C VAL G 416 50.37 19.39 8.60
N ASN G 417 49.89 19.75 7.43
CA ASN G 417 50.59 20.63 6.49
C ASN G 417 49.54 21.21 5.52
N GLU G 418 49.95 21.61 4.31
CA GLU G 418 49.03 22.24 3.36
C GLU G 418 47.95 21.28 2.85
N GLN G 419 48.29 19.99 2.80
CA GLN G 419 47.47 18.94 2.21
C GLN G 419 46.63 18.16 3.25
N TYR G 420 47.21 17.88 4.42
CA TYR G 420 46.60 17.03 5.44
C TYR G 420 46.32 17.83 6.72
N GLY G 421 45.23 17.51 7.40
CA GLY G 421 44.87 18.14 8.67
C GLY G 421 44.52 19.61 8.56
N ASN G 422 44.05 20.00 7.36
CA ASN G 422 43.92 21.38 6.94
C ASN G 422 42.52 21.64 6.39
N ALA G 423 41.60 22.03 7.27
CA ALA G 423 40.21 22.28 6.89
C ALA G 423 40.07 23.52 6.00
N TRP G 424 41.00 24.46 6.11
CA TRP G 424 40.97 25.71 5.32
C TRP G 424 41.14 25.41 3.83
N ARG G 425 42.11 24.58 3.50
CA ARG G 425 42.32 24.17 2.12
C ARG G 425 41.07 23.55 1.51
N VAL G 426 40.43 22.65 2.23
CA VAL G 426 39.27 21.94 1.67
C VAL G 426 38.06 22.88 1.65
N TRP G 427 38.02 23.80 2.60
CA TRP G 427 36.97 24.81 2.63
C TRP G 427 37.00 25.63 1.32
N LYS G 428 38.19 25.89 0.78
CA LYS G 428 38.31 26.59 -0.52
C LYS G 428 37.85 25.72 -1.70
N GLN G 429 38.08 24.41 -1.60
CA GLN G 429 37.65 23.49 -2.64
C GLN G 429 36.12 23.38 -2.69
N MET G 430 35.46 23.68 -1.58
CA MET G 430 34.00 23.68 -1.48
C MET G 430 33.36 24.98 -1.96
N GLY G 431 34.17 25.95 -2.38
CA GLY G 431 33.71 27.24 -2.83
C GLY G 431 33.63 28.25 -1.70
N ARG G 432 34.49 28.07 -0.69
CA ARG G 432 34.46 28.94 0.48
C ARG G 432 33.05 29.23 0.95
N PRO G 433 32.28 28.21 1.34
CA PRO G 433 30.94 28.47 1.87
C PRO G 433 31.05 29.25 3.19
N ARG G 434 30.28 30.32 3.32
CA ARG G 434 30.36 31.17 4.50
C ARG G 434 29.69 30.47 5.64
N PHE G 435 28.50 29.92 5.35
CA PHE G 435 27.66 29.26 6.34
C PHE G 435 27.34 27.84 5.84
N PRO G 436 28.34 26.98 5.94
CA PRO G 436 28.27 25.64 5.34
C PRO G 436 27.18 24.75 5.97
N SER G 437 26.70 23.78 5.19
CA SER G 437 25.71 22.82 5.66
C SER G 437 26.32 21.93 6.72
N ARG G 438 25.48 21.15 7.42
CA ARG G 438 25.93 20.17 8.42
C ARG G 438 26.87 19.13 7.81
N GLN G 439 26.57 18.73 6.57
CA GLN G 439 27.32 17.67 5.90
C GLN G 439 28.69 18.16 5.47
N ALA G 440 28.76 19.40 4.99
CA ALA G 440 30.04 19.99 4.64
C ALA G 440 30.92 20.15 5.90
N VAL G 441 30.32 20.54 7.02
CA VAL G 441 31.01 20.72 8.31
C VAL G 441 31.61 19.40 8.81
N GLU G 442 30.91 18.29 8.57
CA GLU G 442 31.41 17.00 9.02
C GLU G 442 32.57 16.58 8.13
N THR G 443 32.48 16.86 6.84
CA THR G 443 33.61 16.60 5.93
C THR G 443 34.86 17.41 6.34
N LEU G 444 34.67 18.67 6.68
CA LEU G 444 35.76 19.52 7.13
C LEU G 444 36.38 19.04 8.44
N ARG G 445 35.55 18.50 9.34
CA ARG G 445 36.04 17.94 10.61
C ARG G 445 36.85 16.68 10.37
N GLN G 446 36.46 15.90 9.38
CA GLN G 446 37.13 14.63 9.06
C GLN G 446 38.51 14.88 8.46
N VAL G 447 38.58 15.87 7.59
CA VAL G 447 39.78 16.20 6.84
C VAL G 447 40.75 17.03 7.74
N ALA G 448 40.19 17.60 8.80
CA ALA G 448 40.97 18.36 9.76
C ALA G 448 41.76 17.47 10.72
N GLN G 449 41.51 16.15 10.67
CA GLN G 449 42.26 15.20 11.49
C GLN G 449 43.66 15.04 10.87
N PRO G 450 44.71 14.87 11.69
CA PRO G 450 46.06 14.67 11.12
C PRO G 450 46.15 13.38 10.34
N HIS G 451 46.97 13.35 9.31
CA HIS G 451 47.31 12.11 8.62
C HIS G 451 48.29 11.28 9.45
N VAL G 452 48.02 9.99 9.56
CA VAL G 452 48.80 9.08 10.39
C VAL G 452 49.53 8.09 9.52
N MET G 453 50.81 7.89 9.80
CA MET G 453 51.63 6.92 9.12
C MET G 453 52.35 6.07 10.16
N THR G 454 52.36 4.75 9.96
CA THR G 454 53.01 3.83 10.90
C THR G 454 53.96 2.88 10.23
N GLU G 455 54.91 2.37 11.00
CA GLU G 455 55.82 1.35 10.53
C GLU G 455 56.51 0.65 11.69
N GLN G 456 56.82 -0.62 11.50
CA GLN G 456 57.77 -1.29 12.38
C GLN G 456 59.15 -1.20 11.73
N ARG G 457 60.18 -1.05 12.55
CA ARG G 457 61.52 -1.37 12.07
C ARG G 457 62.50 -1.92 13.12
N ARG G 458 63.48 -2.64 12.62
CA ARG G 458 64.51 -3.30 13.44
C ARG G 458 65.65 -2.32 13.64
N ALA G 459 66.05 -2.15 14.89
CA ALA G 459 67.25 -1.38 15.24
C ALA G 459 68.53 -2.13 14.85
N THR G 460 69.50 -1.40 14.29
CA THR G 460 70.86 -1.88 14.11
C THR G 460 71.79 -1.06 15.04
N ASP G 461 72.35 -1.74 16.04
CA ASP G 461 73.23 -1.16 17.08
C ASP G 461 72.50 -0.27 18.09
N GLY G 462 71.33 -0.71 18.57
CA GLY G 462 70.52 0.06 19.49
C GLY G 462 70.22 1.46 18.95
N VAL G 463 70.05 1.53 17.64
CA VAL G 463 69.93 2.80 16.93
C VAL G 463 69.08 2.60 15.66
N ILE G 464 68.27 3.61 15.35
CA ILE G 464 67.37 3.59 14.21
C ILE G 464 67.63 4.83 13.33
N HIS G 465 67.80 4.64 12.02
CA HIS G 465 67.94 5.80 11.09
C HIS G 465 66.59 6.26 10.48
N LEU G 466 66.00 7.28 11.11
CA LEU G 466 64.77 7.92 10.63
C LEU G 466 65.03 8.96 9.56
N SER G 467 64.50 8.72 8.36
CA SER G 467 64.66 9.60 7.21
C SER G 467 63.31 10.20 6.85
N ILE G 468 63.19 11.48 7.11
CA ILE G 468 61.91 12.17 7.20
C ILE G 468 61.93 13.32 6.22
N VAL G 469 60.94 13.37 5.34
CA VAL G 469 60.75 14.54 4.47
C VAL G 469 59.59 15.34 5.04
N LEU G 470 59.83 16.62 5.27
CA LEU G 470 58.82 17.56 5.70
C LEU G 470 58.41 18.43 4.52
N SER G 471 57.12 18.48 4.22
CA SER G 471 56.65 19.36 3.17
C SER G 471 56.48 20.75 3.77
N LYS G 472 56.06 21.70 2.95
CA LYS G 472 56.08 23.13 3.27
C LYS G 472 55.11 23.43 4.43
N ASN G 473 55.65 24.06 5.46
CA ASN G 473 54.88 24.46 6.65
C ASN G 473 54.22 23.28 7.41
N GLU G 474 54.85 22.11 7.30
CA GLU G 474 54.48 20.91 8.03
C GLU G 474 54.86 20.98 9.50
N VAL G 475 53.97 20.46 10.33
CA VAL G 475 54.28 20.07 11.69
C VAL G 475 53.96 18.57 11.80
N THR G 476 54.90 17.81 12.37
CA THR G 476 54.73 16.37 12.53
C THR G 476 55.21 15.86 13.90
N LEU G 477 54.41 14.97 14.48
CA LEU G 477 54.73 14.25 15.70
C LEU G 477 55.26 12.87 15.33
N ILE G 478 56.43 12.50 15.84
CA ILE G 478 56.90 11.13 15.73
C ILE G 478 57.08 10.54 17.13
N GLU G 479 56.49 9.36 17.33
CA GLU G 479 56.55 8.61 18.57
C GLU G 479 57.16 7.25 18.23
N ILE G 480 58.20 6.90 18.98
CA ILE G 480 58.96 5.68 18.80
C ILE G 480 58.80 4.84 20.07
N GLU G 481 58.03 3.75 19.99
CA GLU G 481 57.66 2.90 21.13
C GLU G 481 58.36 1.56 21.01
N GLN G 482 58.51 0.87 22.14
CA GLN G 482 59.09 -0.48 22.17
C GLN G 482 58.15 -1.47 21.48
N VAL G 483 58.69 -2.40 20.69
CA VAL G 483 57.87 -3.54 20.25
C VAL G 483 58.16 -4.78 21.09
N ARG G 484 57.13 -5.21 21.82
CA ARG G 484 57.08 -6.51 22.51
C ARG G 484 56.31 -7.46 21.59
N ASP G 485 57.03 -8.13 20.70
CA ASP G 485 56.43 -8.96 19.66
C ASP G 485 55.83 -10.23 20.26
N GLU G 486 54.52 -10.41 20.09
CA GLU G 486 53.85 -11.59 20.63
C GLU G 486 53.57 -12.60 19.52
N THR G 487 54.26 -12.48 18.39
CA THR G 487 54.01 -13.35 17.25
C THR G 487 54.30 -14.82 17.61
N SER G 488 55.32 -15.05 18.45
CA SER G 488 55.78 -16.41 18.75
C SER G 488 54.77 -17.21 19.56
N THR G 489 53.85 -16.54 20.24
CA THR G 489 52.77 -17.22 20.98
C THR G 489 51.65 -17.74 20.03
N TYR G 490 51.50 -17.11 18.86
CA TYR G 490 50.52 -17.58 17.84
C TYR G 490 51.14 -18.77 17.09
N VAL G 491 51.19 -19.93 17.72
CA VAL G 491 51.94 -21.04 17.14
C VAL G 491 51.23 -21.56 15.88
N GLY G 492 51.98 -21.58 14.78
CA GLY G 492 51.44 -21.96 13.47
C GLY G 492 50.79 -20.86 12.64
N LEU G 493 50.68 -19.65 13.19
CA LEU G 493 50.20 -18.50 12.43
C LEU G 493 50.97 -18.34 11.14
N ASP G 494 50.25 -18.05 10.06
CA ASP G 494 50.87 -17.78 8.75
C ASP G 494 49.83 -17.06 7.88
N ASP G 495 50.08 -15.78 7.63
CA ASP G 495 49.21 -14.95 6.82
C ASP G 495 49.11 -15.44 5.35
N GLY G 496 50.16 -16.15 4.91
CA GLY G 496 50.17 -16.89 3.65
C GLY G 496 49.07 -17.91 3.47
N GLU G 497 48.43 -18.35 4.57
CA GLU G 497 47.29 -19.25 4.48
C GLU G 497 45.95 -18.53 4.28
N ILE G 498 45.99 -17.19 4.15
CA ILE G 498 44.81 -16.41 3.89
C ILE G 498 44.79 -15.99 2.42
N THR G 499 43.59 -16.02 1.84
CA THR G 499 43.33 -15.59 0.46
C THR G 499 44.02 -14.27 0.12
N SER G 500 44.83 -14.28 -0.94
CA SER G 500 45.58 -13.11 -1.45
C SER G 500 46.81 -12.64 -0.64
N TYR G 501 47.01 -13.18 0.56
CA TYR G 501 48.03 -12.65 1.46
C TYR G 501 49.24 -13.55 1.52
N SER G 502 50.33 -12.99 2.03
CA SER G 502 51.60 -13.67 2.14
C SER G 502 52.26 -13.29 3.47
N GLY H 2 14.31 9.78 75.41
CA GLY H 2 15.01 10.78 76.28
C GLY H 2 15.36 12.05 75.53
N VAL H 3 16.16 12.89 76.19
CA VAL H 3 16.66 14.14 75.62
C VAL H 3 18.18 14.02 75.41
N VAL H 4 18.65 14.41 74.24
CA VAL H 4 20.05 14.25 73.88
C VAL H 4 20.71 15.60 73.74
N ASN H 5 21.56 15.92 74.72
CA ASN H 5 22.34 17.16 74.70
C ASN H 5 23.60 16.94 73.92
N VAL H 6 23.59 17.40 72.68
CA VAL H 6 24.72 17.30 71.77
C VAL H 6 25.85 18.26 72.19
N PRO H 7 27.03 17.72 72.47
CA PRO H 7 28.20 18.59 72.72
C PRO H 7 28.58 19.47 71.52
N SER H 8 29.21 20.61 71.79
CA SER H 8 29.63 21.54 70.73
C SER H 8 30.86 21.04 69.97
N ASN H 9 31.73 20.33 70.68
CA ASN H 9 32.95 19.77 70.10
C ASN H 9 33.06 18.28 70.41
N GLY H 10 33.69 17.55 69.49
CA GLY H 10 33.85 16.12 69.59
C GLY H 10 35.31 15.74 69.66
N ARG H 11 35.60 14.75 70.49
CA ARG H 11 36.95 14.24 70.66
C ARG H 11 37.27 13.20 69.56
N GLU H 12 36.41 12.18 69.41
CA GLU H 12 36.67 11.10 68.46
C GLU H 12 36.36 11.55 67.02
N LYS H 13 36.85 10.79 66.06
CA LYS H 13 36.52 11.00 64.66
C LYS H 13 35.74 9.77 64.14
N PHE H 14 34.73 10.04 63.33
CA PHE H 14 34.04 9.00 62.58
C PHE H 14 34.87 8.69 61.33
N LYS H 15 35.29 7.44 61.21
CA LYS H 15 36.14 6.99 60.13
C LYS H 15 35.35 6.74 58.84
N LYS H 16 36.09 6.68 57.73
CA LYS H 16 35.56 6.35 56.42
C LYS H 16 35.56 4.84 56.18
N ASN H 17 35.88 4.03 57.21
CA ASN H 17 35.98 2.58 57.08
C ASN H 17 34.75 1.94 56.47
N TRP H 18 33.58 2.51 56.75
CA TRP H 18 32.29 1.99 56.30
C TRP H 18 32.10 1.97 54.78
N LYS H 19 32.83 2.80 54.06
CA LYS H 19 32.73 2.82 52.60
C LYS H 19 34.04 2.51 51.89
N PHE H 20 34.95 1.84 52.61
CA PHE H 20 36.18 1.30 52.01
C PHE H 20 35.89 0.29 50.87
N CYS H 21 34.95 -0.61 51.08
CA CYS H 21 34.74 -1.71 50.12
C CYS H 21 33.29 -2.07 49.99
N VAL H 22 32.86 -2.44 48.80
CA VAL H 22 31.52 -3.00 48.59
C VAL H 22 31.60 -4.31 47.84
N GLY H 23 30.61 -5.16 48.03
CA GLY H 23 30.58 -6.46 47.44
C GLY H 23 29.91 -6.42 46.07
N THR H 24 30.12 -7.51 45.33
CA THR H 24 29.56 -7.66 43.99
C THR H 24 29.31 -9.12 43.63
N GLY H 25 28.29 -9.31 42.80
CA GLY H 25 28.15 -10.53 42.02
C GLY H 25 29.44 -10.85 41.27
N ARG H 26 29.48 -12.03 40.68
CA ARG H 26 30.67 -12.57 40.10
C ARG H 26 31.23 -11.63 39.02
N LEU H 27 32.54 -11.65 38.87
CA LEU H 27 33.22 -10.64 38.07
C LEU H 27 32.81 -10.69 36.62
N GLY H 28 32.38 -11.84 36.13
CA GLY H 28 31.96 -11.93 34.73
C GLY H 28 30.67 -11.17 34.47
N LEU H 29 29.88 -10.98 35.52
CA LEU H 29 28.70 -10.13 35.44
C LEU H 29 29.06 -8.64 35.26
N ALA H 30 30.22 -8.25 35.76
CA ALA H 30 30.73 -6.89 35.51
C ALA H 30 30.64 -6.45 34.04
N LEU H 31 30.62 -7.42 33.10
CA LEU H 31 30.50 -7.12 31.68
C LEU H 31 29.16 -6.59 31.24
N GLN H 32 28.13 -6.80 32.06
CA GLN H 32 26.80 -6.27 31.75
C GLN H 32 26.69 -4.75 31.84
N LYS H 33 26.10 -4.15 30.80
CA LYS H 33 25.77 -2.75 30.87
C LYS H 33 24.97 -2.40 32.14
N GLU H 34 24.01 -3.25 32.50
CA GLU H 34 23.20 -3.03 33.68
C GLU H 34 24.06 -2.94 34.92
N TYR H 35 25.10 -3.76 34.97
CA TYR H 35 25.98 -3.77 36.12
C TYR H 35 26.72 -2.44 36.22
N LEU H 36 27.22 -1.95 35.11
CA LEU H 36 27.94 -0.70 35.11
C LEU H 36 27.03 0.49 35.40
N ASP H 37 25.79 0.45 34.93
CA ASP H 37 24.81 1.47 35.28
C ASP H 37 24.74 1.63 36.78
N HIS H 38 24.72 0.49 37.46
CA HIS H 38 24.55 0.45 38.89
C HIS H 38 25.81 0.95 39.58
N LEU H 39 26.95 0.50 39.08
CA LEU H 39 28.21 0.87 39.69
C LEU H 39 28.45 2.37 39.56
N LYS H 40 27.96 2.97 38.48
CA LYS H 40 28.11 4.40 38.25
C LYS H 40 27.24 5.17 39.23
N LEU H 41 26.02 4.70 39.46
CA LEU H 41 25.10 5.33 40.40
C LEU H 41 25.66 5.29 41.82
N VAL H 42 26.20 4.12 42.21
CA VAL H 42 26.76 3.91 43.53
C VAL H 42 28.02 4.74 43.71
N GLN H 43 28.81 4.88 42.65
CA GLN H 43 30.06 5.64 42.74
C GLN H 43 29.85 7.17 42.74
N GLU H 44 28.75 7.64 42.14
CA GLU H 44 28.37 9.05 42.20
C GLU H 44 27.75 9.45 43.57
N LYS H 45 26.99 8.54 44.19
CA LYS H 45 26.24 8.84 45.41
C LYS H 45 26.96 8.40 46.70
N ILE H 46 27.70 7.30 46.62
CA ILE H 46 28.48 6.74 47.73
C ILE H 46 29.85 6.43 47.15
N GLY H 47 30.90 7.02 47.61
CA GLY H 47 32.14 6.78 46.87
C GLY H 47 32.95 5.61 47.41
N PHE H 48 32.73 4.38 46.95
CA PHE H 48 33.45 3.22 47.46
C PHE H 48 34.88 3.19 46.86
N ARG H 49 35.87 2.85 47.69
CA ARG H 49 37.25 2.72 47.21
C ARG H 49 37.50 1.33 46.59
N TYR H 50 36.87 0.27 47.10
CA TYR H 50 37.13 -1.09 46.60
C TYR H 50 35.88 -1.91 46.31
N ILE H 51 36.04 -3.00 45.55
CA ILE H 51 34.96 -3.87 45.14
C ILE H 51 35.44 -5.34 45.21
N ARG H 52 34.67 -6.19 45.87
CA ARG H 52 35.11 -7.57 46.17
C ARG H 52 34.05 -8.58 45.73
N GLY H 53 34.44 -9.47 44.82
CA GLY H 53 33.55 -10.52 44.35
C GLY H 53 34.28 -11.80 44.00
N HIS H 54 33.48 -12.84 43.76
CA HIS H 54 33.98 -14.14 43.36
C HIS H 54 34.12 -14.14 41.85
N GLY H 55 34.74 -15.19 41.33
CA GLY H 55 34.69 -15.55 39.94
C GLY H 55 35.84 -15.16 39.03
N LEU H 56 36.87 -14.52 39.56
CA LEU H 56 37.97 -13.99 38.74
C LEU H 56 38.60 -15.04 37.86
N LEU H 57 38.87 -16.21 38.45
CA LEU H 57 39.54 -17.32 37.76
C LEU H 57 38.56 -18.34 37.18
N SER H 58 37.27 -18.17 37.43
CA SER H 58 36.27 -19.06 36.84
C SER H 58 36.15 -18.91 35.32
N ASP H 59 35.45 -19.83 34.68
CA ASP H 59 35.62 -20.00 33.23
C ASP H 59 34.83 -19.05 32.33
N ASP H 60 33.82 -18.38 32.86
CA ASP H 60 33.13 -17.35 32.07
C ASP H 60 34.08 -16.14 31.83
N VAL H 61 34.88 -15.77 32.83
CA VAL H 61 35.84 -14.68 32.70
C VAL H 61 36.93 -15.14 31.77
N GLY H 62 37.18 -16.45 31.78
CA GLY H 62 37.88 -17.10 30.70
C GLY H 62 39.39 -17.12 30.76
N ILE H 63 39.98 -16.70 31.88
CA ILE H 63 41.45 -16.57 31.96
C ILE H 63 42.21 -17.85 31.66
N TYR H 64 42.00 -18.92 32.41
CA TYR H 64 42.80 -20.15 32.24
C TYR H 64 42.25 -21.12 31.23
N ARG H 65 43.09 -21.48 30.27
CA ARG H 65 42.79 -22.47 29.23
C ARG H 65 44.02 -23.32 28.85
N GLU H 66 43.75 -24.53 28.37
CA GLU H 66 44.68 -25.33 27.55
C GLU H 66 43.85 -25.71 26.30
N VAL H 67 44.33 -26.02 25.08
CA VAL H 67 45.39 -25.47 24.17
C VAL H 67 46.47 -26.48 23.71
N GLU H 68 46.13 -27.20 22.65
CA GLU H 68 46.96 -28.26 22.10
C GLU H 68 47.97 -27.74 21.08
N ILE H 69 49.24 -27.88 21.41
CA ILE H 69 50.34 -27.48 20.55
C ILE H 69 51.41 -28.60 20.48
N ASP H 70 51.70 -29.10 19.27
CA ASP H 70 52.68 -30.19 19.07
C ASP H 70 52.30 -31.45 19.83
N GLY H 71 51.02 -31.81 19.87
CA GLY H 71 50.60 -33.02 20.58
C GLY H 71 50.73 -32.95 22.08
N GLU H 72 50.59 -31.75 22.63
CA GLU H 72 50.78 -31.48 24.05
C GLU H 72 49.81 -30.38 24.51
N MET H 73 49.13 -30.56 25.64
CA MET H 73 48.27 -29.51 26.18
C MET H 73 49.12 -28.46 26.89
N LYS H 74 48.93 -27.19 26.55
CA LYS H 74 49.73 -26.09 27.08
C LYS H 74 48.86 -24.97 27.70
N PRO H 75 49.42 -24.23 28.66
CA PRO H 75 48.68 -23.13 29.28
C PRO H 75 48.52 -21.92 28.35
N PHE H 76 47.30 -21.36 28.37
CA PHE H 76 46.96 -20.12 27.70
C PHE H 76 46.13 -19.26 28.66
N TYR H 77 46.54 -18.00 28.76
CA TYR H 77 45.93 -17.02 29.64
C TYR H 77 45.23 -15.95 28.80
N ASN H 78 43.89 -15.98 28.82
CA ASN H 78 43.07 -15.05 28.05
C ASN H 78 42.66 -13.91 28.96
N PHE H 79 43.26 -12.74 28.75
CA PHE H 79 42.96 -11.56 29.55
C PHE H 79 41.91 -10.62 28.92
N THR H 80 41.22 -11.09 27.90
CA THR H 80 40.29 -10.25 27.13
C THR H 80 39.23 -9.61 28.03
N TYR H 81 38.60 -10.45 28.83
CA TYR H 81 37.52 -10.03 29.73
C TYR H 81 37.94 -9.31 31.04
N ILE H 82 38.97 -9.75 31.80
CA ILE H 82 39.31 -8.97 33.01
C ILE H 82 39.99 -7.66 32.65
N ASP H 83 40.68 -7.58 31.51
CA ASP H 83 41.17 -6.30 31.03
C ASP H 83 39.98 -5.32 30.95
N ARG H 84 38.96 -5.70 30.19
CA ARG H 84 37.75 -4.87 30.06
C ARG H 84 37.12 -4.58 31.44
N ILE H 85 37.01 -5.63 32.26
CA ILE H 85 36.39 -5.51 33.55
C ILE H 85 37.11 -4.54 34.46
N VAL H 86 38.40 -4.77 34.68
CA VAL H 86 39.18 -3.94 35.60
C VAL H 86 39.31 -2.51 35.07
N ASP H 87 39.38 -2.33 33.75
CA ASP H 87 39.35 -0.98 33.16
C ASP H 87 38.10 -0.21 33.54
N SER H 88 36.94 -0.88 33.54
CA SER H 88 35.66 -0.23 33.83
C SER H 88 35.60 0.11 35.31
N TYR H 89 36.26 -0.69 36.13
CA TYR H 89 36.35 -0.38 37.54
C TYR H 89 37.13 0.90 37.74
N LEU H 90 38.35 0.95 37.19
CA LEU H 90 39.21 2.12 37.40
C LEU H 90 38.61 3.37 36.80
N ALA H 91 37.96 3.23 35.65
CA ALA H 91 37.28 4.36 35.04
C ALA H 91 36.23 4.94 36.00
N LEU H 92 35.70 4.12 36.90
CA LEU H 92 34.72 4.57 37.89
C LEU H 92 35.30 4.75 39.33
N ASN H 93 36.59 5.01 39.38
CA ASN H 93 37.37 5.21 40.62
C ASN H 93 37.12 4.18 41.74
N ILE H 94 37.08 2.92 41.38
CA ILE H 94 37.00 1.81 42.33
C ILE H 94 38.01 0.75 41.92
N ARG H 95 38.71 0.19 42.90
CA ARG H 95 39.76 -0.78 42.65
C ARG H 95 39.30 -2.14 43.11
N PRO H 96 39.83 -3.18 42.48
CA PRO H 96 39.48 -4.56 42.86
C PRO H 96 40.06 -4.99 44.20
N PHE H 97 39.22 -5.39 45.14
CA PHE H 97 39.65 -6.21 46.27
C PHE H 97 39.59 -7.64 45.72
N ILE H 98 40.68 -8.07 45.09
CA ILE H 98 40.68 -9.33 44.37
C ILE H 98 40.49 -10.56 45.27
N GLU H 99 39.69 -11.51 44.77
CA GLU H 99 39.48 -12.81 45.40
C GLU H 99 39.90 -13.90 44.40
N PHE H 100 40.95 -14.64 44.73
CA PHE H 100 41.45 -15.71 43.84
C PHE H 100 40.55 -16.92 44.00
N GLY H 101 39.72 -17.15 43.00
CA GLY H 101 38.82 -18.28 42.98
C GLY H 101 37.85 -18.10 41.84
N PHE H 102 36.97 -19.06 41.57
CA PHE H 102 37.08 -20.44 42.05
C PHE H 102 38.02 -21.20 41.11
N MET H 103 37.90 -22.51 40.99
CA MET H 103 38.93 -23.31 40.35
C MET H 103 38.61 -23.42 38.86
N PRO H 104 39.57 -23.08 37.98
CA PRO H 104 39.34 -23.31 36.56
C PRO H 104 39.16 -24.79 36.25
N LYS H 105 38.19 -25.12 35.41
CA LYS H 105 37.83 -26.51 35.09
C LYS H 105 39.02 -27.36 34.68
N ALA H 106 39.91 -26.78 33.88
CA ALA H 106 41.07 -27.51 33.39
C ALA H 106 42.06 -27.85 34.50
N LEU H 107 41.96 -27.14 35.62
CA LEU H 107 42.84 -27.43 36.75
C LEU H 107 42.17 -28.24 37.87
N ALA H 108 40.85 -28.35 37.85
CA ALA H 108 40.12 -29.01 38.92
C ALA H 108 40.46 -30.50 39.11
N SER H 109 40.52 -30.91 40.37
CA SER H 109 40.80 -32.31 40.73
C SER H 109 39.53 -33.16 40.86
N GLY H 110 38.39 -32.51 40.98
CA GLY H 110 37.10 -33.17 40.99
C GLY H 110 36.03 -32.33 40.33
N ASP H 111 34.81 -32.83 40.33
CA ASP H 111 33.71 -32.14 39.63
C ASP H 111 32.73 -31.38 40.52
N GLN H 112 32.96 -31.31 41.83
CA GLN H 112 32.05 -30.55 42.71
C GLN H 112 32.05 -29.06 42.35
N THR H 113 30.85 -28.50 42.21
CA THR H 113 30.69 -27.08 41.97
C THR H 113 29.75 -26.44 42.99
N VAL H 114 29.70 -25.12 42.94
CA VAL H 114 28.69 -24.35 43.67
C VAL H 114 28.02 -23.33 42.73
N PHE H 115 26.76 -23.05 43.03
CA PHE H 115 25.95 -22.05 42.34
C PHE H 115 25.37 -22.56 41.01
N TYR H 116 24.32 -21.85 40.59
CA TYR H 116 23.75 -21.92 39.25
C TYR H 116 24.84 -21.85 38.19
N TRP H 117 25.87 -21.01 38.40
CA TRP H 117 26.89 -20.83 37.37
C TRP H 117 28.08 -21.79 37.53
N LYS H 118 28.03 -22.69 38.52
CA LYS H 118 28.90 -23.87 38.63
C LYS H 118 30.37 -23.50 38.77
N GLY H 119 30.68 -22.72 39.79
CA GLY H 119 32.05 -22.49 40.18
C GLY H 119 32.61 -23.78 40.72
N ASN H 120 33.81 -24.17 40.30
CA ASN H 120 34.34 -25.43 40.72
C ASN H 120 35.07 -25.23 42.05
N VAL H 121 34.71 -26.01 43.07
CA VAL H 121 35.27 -25.80 44.41
C VAL H 121 36.24 -26.89 44.89
N THR H 122 36.92 -27.56 43.96
CA THR H 122 37.92 -28.56 44.33
C THR H 122 39.32 -27.97 44.25
N PRO H 123 40.27 -28.54 44.98
CA PRO H 123 41.66 -28.12 44.90
C PRO H 123 42.24 -28.42 43.54
N PRO H 124 43.31 -27.73 43.14
CA PRO H 124 43.93 -27.97 41.84
C PRO H 124 44.67 -29.32 41.86
N LYS H 125 44.68 -30.05 40.75
CA LYS H 125 45.43 -31.30 40.69
C LYS H 125 46.93 -30.99 40.91
N ASP H 126 47.41 -29.95 40.25
CA ASP H 126 48.83 -29.57 40.25
C ASP H 126 48.97 -28.14 40.79
N TYR H 127 49.61 -28.03 41.95
CA TYR H 127 49.78 -26.76 42.64
C TYR H 127 50.81 -25.85 41.99
N ASN H 128 51.73 -26.44 41.23
CA ASN H 128 52.59 -25.68 40.34
C ASN H 128 51.82 -24.93 39.24
N LYS H 129 50.80 -25.57 38.66
CA LYS H 129 49.99 -24.93 37.61
C LYS H 129 49.14 -23.78 38.20
N TRP H 130 48.65 -23.96 39.43
CA TRP H 130 47.92 -22.92 40.14
C TRP H 130 48.84 -21.74 40.40
N ARG H 131 50.05 -22.03 40.90
CA ARG H 131 51.08 -21.02 41.13
C ARG H 131 51.42 -20.25 39.84
N ASP H 132 51.63 -20.96 38.73
CA ASP H 132 51.87 -20.34 37.42
C ASP H 132 50.69 -19.47 36.94
N LEU H 133 49.46 -19.86 37.28
CA LEU H 133 48.27 -19.06 36.97
C LEU H 133 48.27 -17.75 37.77
N ILE H 134 48.48 -17.87 39.08
CA ILE H 134 48.55 -16.74 40.00
C ILE H 134 49.59 -15.75 39.54
N VAL H 135 50.76 -16.26 39.17
CA VAL H 135 51.89 -15.45 38.69
C VAL H 135 51.56 -14.78 37.36
N ALA H 136 50.93 -15.51 36.45
CA ALA H 136 50.47 -14.95 35.19
C ALA H 136 49.51 -13.79 35.39
N VAL H 137 48.53 -13.97 36.26
CA VAL H 137 47.47 -13.00 36.43
C VAL H 137 48.03 -11.75 37.08
N VAL H 138 48.72 -11.90 38.21
CA VAL H 138 49.29 -10.77 38.94
C VAL H 138 50.28 -10.03 38.06
N SER H 139 51.12 -10.77 37.35
CA SER H 139 52.07 -10.19 36.38
C SER H 139 51.35 -9.33 35.35
N HIS H 140 50.34 -9.91 34.71
CA HIS H 140 49.57 -9.21 33.69
C HIS H 140 48.96 -7.92 34.29
N PHE H 141 48.45 -7.98 35.52
CA PHE H 141 47.91 -6.77 36.14
C PHE H 141 48.98 -5.69 36.20
N ILE H 142 50.18 -6.03 36.62
CA ILE H 142 51.28 -5.07 36.66
C ILE H 142 51.68 -4.52 35.30
N GLU H 143 51.75 -5.40 34.29
CA GLU H 143 52.07 -4.96 32.94
C GLU H 143 51.05 -3.96 32.41
N ARG H 144 49.78 -4.19 32.72
CA ARG H 144 48.73 -3.37 32.17
C ARG H 144 48.58 -2.04 32.91
N TYR H 145 48.55 -2.07 34.24
CA TYR H 145 48.19 -0.92 35.08
C TYR H 145 49.33 -0.30 35.85
N GLY H 146 50.45 -1.00 35.90
CA GLY H 146 51.63 -0.48 36.57
C GLY H 146 51.65 -0.89 38.04
N ILE H 147 52.89 -1.02 38.53
CA ILE H 147 53.15 -1.51 39.86
C ILE H 147 52.55 -0.64 40.95
N GLU H 148 52.61 0.69 40.79
CA GLU H 148 52.07 1.59 41.81
C GLU H 148 50.57 1.35 42.02
N GLU H 149 49.83 1.20 40.93
CA GLU H 149 48.41 0.92 40.98
C GLU H 149 48.17 -0.43 41.67
N VAL H 150 48.89 -1.48 41.24
CA VAL H 150 48.63 -2.84 41.71
C VAL H 150 48.98 -3.00 43.19
N ARG H 151 49.92 -2.20 43.69
CA ARG H 151 50.32 -2.28 45.11
C ARG H 151 49.25 -1.74 46.05
N THR H 152 48.28 -0.99 45.52
CA THR H 152 47.15 -0.55 46.35
C THR H 152 46.03 -1.55 46.37
N TRP H 153 46.11 -2.57 45.51
CA TRP H 153 45.09 -3.63 45.49
C TRP H 153 45.26 -4.52 46.73
N LEU H 154 44.24 -5.33 47.02
CA LEU H 154 44.34 -6.40 48.01
C LEU H 154 43.95 -7.74 47.38
N PHE H 155 44.54 -8.81 47.90
CA PHE H 155 44.42 -10.12 47.32
C PHE H 155 44.01 -11.19 48.37
N GLU H 156 42.74 -11.57 48.33
CA GLU H 156 42.14 -12.56 49.23
C GLU H 156 42.21 -13.94 48.59
N VAL H 157 42.60 -14.94 49.35
CA VAL H 157 42.72 -16.28 48.79
C VAL H 157 41.45 -17.04 49.09
N TRP H 158 40.68 -17.29 48.03
CA TRP H 158 39.55 -18.21 48.06
C TRP H 158 38.36 -17.63 48.81
N ASN H 159 37.39 -18.48 49.09
CA ASN H 159 36.14 -18.07 49.69
C ASN H 159 35.56 -19.18 50.56
N GLU H 160 35.24 -18.79 51.79
CA GLU H 160 34.62 -19.65 52.81
C GLU H 160 35.05 -21.10 52.81
N PRO H 161 36.36 -21.33 52.97
CA PRO H 161 36.90 -22.71 52.91
C PRO H 161 36.41 -23.60 54.05
N ASN H 162 35.94 -22.99 55.14
CA ASN H 162 35.36 -23.72 56.26
C ASN H 162 33.91 -24.18 56.02
N LEU H 163 33.47 -24.16 54.76
CA LEU H 163 32.13 -24.55 54.41
C LEU H 163 32.14 -25.49 53.22
N VAL H 164 31.49 -26.63 53.38
CA VAL H 164 31.55 -27.71 52.39
C VAL H 164 31.18 -27.23 50.98
N ASN H 165 30.20 -26.32 50.90
CA ASN H 165 29.71 -25.79 49.64
C ASN H 165 30.81 -25.17 48.77
N PHE H 166 31.82 -24.56 49.41
CA PHE H 166 32.81 -23.71 48.72
C PHE H 166 34.20 -24.30 48.59
N TRP H 167 34.40 -25.48 49.15
CA TRP H 167 35.73 -26.07 49.28
C TRP H 167 35.55 -27.53 49.71
N LYS H 168 36.08 -28.45 48.91
CA LYS H 168 35.86 -29.88 49.08
C LYS H 168 36.20 -30.30 50.51
N ASP H 169 35.21 -30.84 51.22
CA ASP H 169 35.36 -31.36 52.60
C ASP H 169 35.63 -30.30 53.68
N ALA H 170 35.45 -29.03 53.33
CA ALA H 170 35.89 -27.96 54.19
C ALA H 170 37.25 -28.30 54.78
N ASN H 171 38.15 -28.77 53.92
CA ASN H 171 39.44 -29.30 54.36
C ASN H 171 40.40 -28.18 54.80
N LYS H 172 40.48 -27.99 56.11
CA LYS H 172 41.34 -26.98 56.73
C LYS H 172 42.81 -27.05 56.26
N GLN H 173 43.46 -28.21 56.34
CA GLN H 173 44.89 -28.29 56.00
C GLN H 173 45.14 -28.07 54.50
N GLU H 174 44.22 -28.48 53.65
CA GLU H 174 44.30 -28.20 52.23
C GLU H 174 44.14 -26.69 51.94
N TYR H 175 43.22 -26.01 52.59
CA TYR H 175 43.10 -24.56 52.35
C TYR H 175 44.41 -23.88 52.73
N PHE H 176 44.99 -24.27 53.86
CA PHE H 176 46.29 -23.71 54.25
C PHE H 176 47.36 -23.87 53.19
N LYS H 177 47.42 -25.04 52.55
CA LYS H 177 48.36 -25.26 51.43
C LYS H 177 48.04 -24.40 50.19
N LEU H 178 46.76 -24.23 49.86
CA LEU H 178 46.33 -23.32 48.79
C LEU H 178 46.72 -21.89 49.11
N TYR H 179 46.50 -21.46 50.35
CA TYR H 179 46.90 -20.14 50.77
C TYR H 179 48.42 -19.97 50.61
N GLU H 180 49.20 -20.93 51.09
CA GLU H 180 50.66 -20.80 51.04
C GLU H 180 51.17 -20.62 49.62
N VAL H 181 50.75 -21.53 48.75
CA VAL H 181 51.15 -21.53 47.34
C VAL H 181 50.77 -20.20 46.71
N THR H 182 49.57 -19.72 47.02
CA THR H 182 49.01 -18.51 46.43
C THR H 182 49.76 -17.29 46.97
N ALA H 183 49.81 -17.15 48.29
CA ALA H 183 50.62 -16.11 48.95
C ALA H 183 52.02 -16.01 48.43
N ARG H 184 52.71 -17.13 48.30
CA ARG H 184 54.11 -17.13 47.83
C ARG H 184 54.23 -16.80 46.35
N ALA H 185 53.24 -17.18 45.57
CA ALA H 185 53.18 -16.79 44.18
C ALA H 185 53.01 -15.27 44.05
N VAL H 186 52.03 -14.71 44.78
CA VAL H 186 51.79 -13.27 44.77
C VAL H 186 53.09 -12.54 45.14
N LYS H 187 53.69 -12.88 46.28
CA LYS H 187 54.88 -12.17 46.75
C LYS H 187 56.06 -12.28 45.79
N SER H 188 56.17 -13.42 45.09
CA SER H 188 57.25 -13.64 44.12
C SER H 188 57.22 -12.70 42.91
N VAL H 189 56.03 -12.29 42.48
CA VAL H 189 55.92 -11.27 41.43
C VAL H 189 56.32 -9.89 41.99
N ASP H 190 55.73 -9.50 43.12
CA ASP H 190 56.19 -8.31 43.86
C ASP H 190 55.94 -8.46 45.36
N PRO H 191 56.98 -8.30 46.17
CA PRO H 191 56.86 -8.54 47.61
C PRO H 191 55.96 -7.54 48.38
N HIS H 192 55.73 -6.35 47.83
CA HIS H 192 54.89 -5.37 48.52
C HIS H 192 53.40 -5.72 48.45
N LEU H 193 53.03 -6.63 47.57
CA LEU H 193 51.65 -6.94 47.33
C LEU H 193 51.01 -7.53 48.60
N GLN H 194 49.78 -7.11 48.87
CA GLN H 194 49.09 -7.40 50.10
C GLN H 194 48.17 -8.61 49.91
N VAL H 195 48.50 -9.70 50.59
CA VAL H 195 47.78 -10.96 50.47
C VAL H 195 47.25 -11.43 51.83
N GLY H 196 46.08 -12.05 51.83
CA GLY H 196 45.39 -12.34 53.06
C GLY H 196 44.31 -13.40 52.98
N GLY H 197 43.77 -13.78 54.14
CA GLY H 197 42.72 -14.78 54.24
C GLY H 197 42.22 -14.87 55.67
N PRO H 198 41.51 -15.92 56.10
CA PRO H 198 41.14 -17.09 55.30
C PRO H 198 39.77 -17.03 54.63
N ALA H 199 39.09 -15.89 54.72
CA ALA H 199 37.80 -15.63 54.08
C ALA H 199 36.67 -16.52 54.56
N ILE H 200 36.73 -16.93 55.83
CA ILE H 200 35.77 -17.89 56.39
C ILE H 200 34.39 -17.28 56.64
N CYS H 201 33.35 -18.12 56.62
CA CYS H 201 32.04 -17.79 57.22
C CYS H 201 32.10 -17.84 58.76
N GLY H 202 31.06 -17.34 59.41
CA GLY H 202 30.92 -17.35 60.86
C GLY H 202 30.63 -18.74 61.43
N GLY H 203 30.77 -18.88 62.75
CA GLY H 203 30.53 -20.13 63.46
C GLY H 203 31.70 -21.10 63.60
N SER H 204 32.92 -20.61 63.40
CA SER H 204 34.10 -21.47 63.14
C SER H 204 35.44 -20.73 63.38
N ASP H 205 35.43 -19.76 64.29
CA ASP H 205 36.53 -18.80 64.43
C ASP H 205 37.88 -19.38 64.87
N GLU H 206 37.89 -20.62 65.34
CA GLU H 206 39.17 -21.27 65.59
C GLU H 206 40.00 -21.35 64.28
N TRP H 207 39.35 -21.32 63.12
CA TRP H 207 40.04 -21.21 61.82
C TRP H 207 40.96 -20.00 61.73
N ILE H 208 40.54 -18.87 62.30
CA ILE H 208 41.38 -17.67 62.30
C ILE H 208 42.65 -17.92 63.12
N THR H 209 42.47 -18.45 64.32
CA THR H 209 43.61 -18.80 65.16
C THR H 209 44.53 -19.80 64.47
N ASP H 210 43.94 -20.85 63.89
CA ASP H 210 44.70 -21.93 63.27
C ASP H 210 45.46 -21.45 62.02
N PHE H 211 44.83 -20.51 61.28
CA PHE H 211 45.39 -19.92 60.05
C PHE H 211 46.62 -19.08 60.35
N LEU H 212 46.52 -18.27 61.39
CA LEU H 212 47.61 -17.42 61.82
C LEU H 212 48.74 -18.23 62.43
N HIS H 213 48.44 -19.35 63.12
CA HIS H 213 49.55 -20.19 63.60
C HIS H 213 50.26 -20.88 62.45
N PHE H 214 49.49 -21.42 61.51
CA PHE H 214 50.05 -21.99 60.31
C PHE H 214 51.02 -21.02 59.64
N CYS H 215 50.59 -19.76 59.48
CA CYS H 215 51.42 -18.74 58.84
C CYS H 215 52.68 -18.43 59.68
N ALA H 216 52.55 -18.45 61.01
CA ALA H 216 53.70 -18.25 61.90
C ALA H 216 54.71 -19.41 61.77
N GLU H 217 54.24 -20.63 62.04
CA GLU H 217 55.03 -21.85 62.05
C GLU H 217 55.81 -22.02 60.76
N ARG H 218 55.13 -21.78 59.63
CA ARG H 218 55.71 -22.01 58.30
C ARG H 218 56.22 -20.73 57.61
N ARG H 219 56.14 -19.60 58.33
CA ARG H 219 56.65 -18.31 57.88
C ARG H 219 56.03 -17.90 56.53
N VAL H 220 54.71 -18.04 56.44
CA VAL H 220 53.98 -17.70 55.22
C VAL H 220 53.54 -16.26 55.33
N PRO H 221 53.73 -15.48 54.27
CA PRO H 221 53.31 -14.08 54.29
C PRO H 221 51.79 -13.94 54.41
N VAL H 222 51.36 -13.17 55.41
CA VAL H 222 49.97 -12.72 55.59
C VAL H 222 50.03 -11.22 55.82
N ASP H 223 49.14 -10.47 55.17
CA ASP H 223 49.06 -9.04 55.34
C ASP H 223 47.70 -8.59 55.85
N PHE H 224 46.68 -9.44 55.77
CA PHE H 224 45.41 -9.11 56.45
C PHE H 224 44.62 -10.36 56.79
N VAL H 225 43.61 -10.17 57.61
CA VAL H 225 42.66 -11.23 57.95
C VAL H 225 41.27 -10.85 57.42
N SER H 226 40.60 -11.82 56.80
CA SER H 226 39.27 -11.63 56.27
C SER H 226 38.26 -12.64 56.81
N ARG H 227 37.02 -12.22 56.82
CA ARG H 227 35.98 -12.94 57.52
C ARG H 227 34.64 -12.39 57.07
N HIS H 228 33.63 -13.26 57.04
CA HIS H 228 32.30 -12.93 56.58
C HIS H 228 31.36 -12.90 57.80
N ALA H 229 30.47 -11.91 57.89
CA ALA H 229 29.50 -11.84 58.97
C ALA H 229 28.07 -11.63 58.46
N TYR H 230 27.19 -12.54 58.86
CA TYR H 230 25.76 -12.44 58.63
C TYR H 230 25.03 -12.81 59.92
N THR H 231 23.73 -12.50 60.00
CA THR H 231 22.95 -12.71 61.23
C THR H 231 21.65 -13.49 61.01
N SER H 232 21.54 -14.10 59.85
CA SER H 232 20.37 -14.89 59.50
C SER H 232 20.52 -16.35 59.93
N LYS H 233 19.48 -16.90 60.55
CA LYS H 233 19.39 -18.32 60.92
C LYS H 233 19.04 -19.11 59.68
N ALA H 234 19.11 -20.42 59.77
CA ALA H 234 18.73 -21.29 58.66
C ALA H 234 17.28 -21.00 58.21
N PRO H 235 17.02 -21.08 56.90
CA PRO H 235 15.66 -20.87 56.37
C PRO H 235 14.62 -21.77 57.03
N HIS H 236 13.55 -21.17 57.55
CA HIS H 236 12.44 -21.91 58.16
C HIS H 236 11.32 -22.11 57.11
N LYS H 237 11.38 -21.38 55.99
CA LYS H 237 10.52 -21.64 54.81
C LYS H 237 11.22 -21.30 53.48
N LYS H 238 10.98 -22.13 52.48
CA LYS H 238 11.41 -21.89 51.10
C LYS H 238 10.23 -21.96 50.16
N THR H 239 10.21 -21.09 49.17
CA THR H 239 9.42 -21.35 47.96
C THR H 239 10.40 -21.66 46.84
N PHE H 240 9.86 -21.82 45.63
CA PHE H 240 10.68 -22.11 44.47
C PHE H 240 11.60 -20.92 44.18
N GLU H 241 11.26 -19.75 44.72
CA GLU H 241 12.00 -18.52 44.49
C GLU H 241 12.47 -17.72 45.75
N TYR H 242 12.19 -18.20 46.97
CA TYR H 242 12.50 -17.46 48.21
C TYR H 242 13.12 -18.36 49.29
N TYR H 243 14.03 -17.79 50.07
CA TYR H 243 14.41 -18.31 51.38
C TYR H 243 13.97 -17.23 52.39
N TYR H 244 13.07 -17.57 53.31
CA TYR H 244 12.74 -16.71 54.45
C TYR H 244 13.55 -17.15 55.70
N GLN H 245 14.09 -16.17 56.42
CA GLN H 245 15.00 -16.43 57.54
C GLN H 245 14.79 -15.44 58.70
N GLU H 246 14.84 -15.98 59.92
CA GLU H 246 14.86 -15.19 61.14
C GLU H 246 16.21 -14.49 61.27
N LEU H 247 16.24 -13.31 61.89
CA LEU H 247 17.48 -12.54 62.11
C LEU H 247 17.82 -12.36 63.60
N GLU H 248 19.11 -12.45 63.94
CA GLU H 248 19.61 -11.94 65.23
C GLU H 248 19.67 -10.42 65.15
N PRO H 249 19.56 -9.73 66.28
CA PRO H 249 19.71 -8.28 66.27
C PRO H 249 21.13 -7.84 65.82
N PRO H 250 21.27 -6.57 65.43
CA PRO H 250 22.55 -6.07 64.95
C PRO H 250 23.69 -6.21 65.96
N GLU H 251 23.43 -6.18 67.27
CA GLU H 251 24.49 -6.39 68.29
C GLU H 251 25.28 -7.67 68.02
N ASP H 252 24.62 -8.69 67.49
CA ASP H 252 25.28 -9.97 67.17
C ASP H 252 26.39 -9.81 66.14
N MET H 253 26.09 -9.14 65.03
CA MET H 253 27.10 -8.88 64.03
C MET H 253 28.26 -8.08 64.62
N LEU H 254 27.95 -7.03 65.37
CA LEU H 254 29.01 -6.22 65.96
C LEU H 254 29.91 -7.05 66.89
N GLU H 255 29.31 -8.01 67.56
CA GLU H 255 30.01 -8.91 68.47
C GLU H 255 30.94 -9.85 67.71
N GLN H 256 30.51 -10.28 66.51
CA GLN H 256 31.38 -11.06 65.66
C GLN H 256 32.64 -10.26 65.26
N PHE H 257 32.48 -8.98 64.93
CA PHE H 257 33.61 -8.11 64.51
C PHE H 257 34.63 -8.00 65.65
N LYS H 258 34.14 -7.63 66.83
CA LYS H 258 34.91 -7.46 68.06
C LYS H 258 35.61 -8.78 68.48
N THR H 259 34.90 -9.89 68.33
CA THR H 259 35.42 -11.24 68.61
C THR H 259 36.63 -11.54 67.75
N VAL H 260 36.44 -11.41 66.43
CA VAL H 260 37.47 -11.75 65.46
C VAL H 260 38.64 -10.81 65.60
N ARG H 261 38.37 -9.54 65.87
CA ARG H 261 39.43 -8.60 66.15
C ARG H 261 40.31 -9.06 67.32
N ALA H 262 39.71 -9.56 68.39
CA ALA H 262 40.45 -9.95 69.61
C ALA H 262 41.34 -11.16 69.35
N LEU H 263 40.87 -12.05 68.48
CA LEU H 263 41.61 -13.24 68.10
C LEU H 263 42.89 -12.85 67.37
N ILE H 264 42.82 -11.80 66.56
CA ILE H 264 44.01 -11.28 65.88
C ILE H 264 44.99 -10.71 66.92
N ARG H 265 44.49 -9.91 67.84
CA ARG H 265 45.31 -9.20 68.84
C ARG H 265 46.07 -10.14 69.81
N GLN H 266 45.55 -11.37 69.94
CA GLN H 266 46.12 -12.40 70.81
C GLN H 266 46.96 -13.40 69.99
N SER H 267 47.15 -13.12 68.69
CA SER H 267 47.86 -13.99 67.74
C SER H 267 49.32 -13.54 67.59
N PRO H 268 50.14 -14.30 66.85
CA PRO H 268 51.50 -13.84 66.51
C PRO H 268 51.60 -12.66 65.50
N PHE H 269 50.49 -12.25 64.89
CA PHE H 269 50.48 -11.05 64.03
C PHE H 269 49.44 -10.01 64.54
N PRO H 270 49.61 -9.44 65.73
CA PRO H 270 48.58 -8.56 66.33
C PRO H 270 48.30 -7.26 65.56
N HIS H 271 49.21 -6.88 64.67
CA HIS H 271 49.03 -5.69 63.86
C HIS H 271 48.20 -5.86 62.58
N LEU H 272 47.70 -7.05 62.29
CA LEU H 272 47.03 -7.28 60.99
C LEU H 272 45.69 -6.54 60.87
N PRO H 273 45.48 -5.86 59.74
CA PRO H 273 44.16 -5.32 59.42
C PRO H 273 43.09 -6.42 59.34
N LEU H 274 41.82 -6.04 59.51
CA LEU H 274 40.71 -6.99 59.46
C LEU H 274 39.63 -6.49 58.51
N HIS H 275 39.43 -7.23 57.41
CA HIS H 275 38.45 -6.89 56.41
C HIS H 275 37.34 -7.92 56.46
N ILE H 276 36.16 -7.46 56.82
CA ILE H 276 34.94 -8.25 56.75
C ILE H 276 34.49 -8.14 55.29
N THR H 277 34.97 -9.06 54.45
CA THR H 277 34.80 -8.97 53.01
C THR H 277 33.40 -9.34 52.47
N GLU H 278 32.51 -9.79 53.37
CA GLU H 278 31.06 -9.79 53.12
C GLU H 278 30.27 -9.59 54.41
N TYR H 279 29.27 -8.72 54.38
CA TYR H 279 28.20 -8.72 55.38
C TYR H 279 26.86 -8.26 54.80
N ASN H 280 25.80 -8.77 55.44
CA ASN H 280 24.42 -8.34 55.23
C ASN H 280 23.61 -8.99 56.37
N THR H 281 22.30 -8.80 56.38
CA THR H 281 21.45 -9.55 57.26
C THR H 281 21.46 -11.02 56.86
N SER H 282 20.79 -11.32 55.74
CA SER H 282 20.66 -12.68 55.25
C SER H 282 21.81 -12.93 54.29
N TYR H 283 22.33 -14.16 54.29
CA TYR H 283 23.35 -14.64 53.35
C TYR H 283 22.77 -15.25 52.05
N SER H 284 21.47 -15.10 51.81
CA SER H 284 20.81 -15.69 50.65
C SER H 284 20.32 -14.60 49.69
N PRO H 285 20.64 -14.75 48.41
CA PRO H 285 20.30 -13.73 47.40
C PRO H 285 18.86 -13.79 46.94
N ILE H 286 18.01 -14.52 47.67
CA ILE H 286 16.59 -14.58 47.38
C ILE H 286 15.78 -14.45 48.65
N ASN H 287 16.29 -13.66 49.61
CA ASN H 287 15.53 -13.35 50.80
C ASN H 287 15.00 -11.90 50.76
N PRO H 288 13.68 -11.73 50.59
CA PRO H 288 13.02 -10.40 50.49
C PRO H 288 13.36 -9.37 51.56
N VAL H 289 13.89 -9.78 52.70
CA VAL H 289 14.30 -8.82 53.72
C VAL H 289 15.25 -7.78 53.13
N HIS H 290 16.11 -8.19 52.19
CA HIS H 290 17.05 -7.28 51.53
C HIS H 290 16.41 -6.08 50.82
N ASP H 291 15.13 -6.19 50.45
CA ASP H 291 14.41 -5.19 49.69
C ASP H 291 13.64 -4.21 50.58
N THR H 292 13.67 -4.38 51.90
CA THR H 292 12.82 -3.63 52.80
C THR H 292 13.51 -2.51 53.55
N ALA H 293 12.70 -1.65 54.11
CA ALA H 293 13.11 -0.65 55.09
C ALA H 293 13.74 -1.21 56.37
N LEU H 294 13.32 -2.41 56.79
CA LEU H 294 13.96 -3.04 57.93
C LEU H 294 15.46 -3.22 57.68
N ASN H 295 15.80 -3.67 56.48
CA ASN H 295 17.21 -3.86 56.14
C ASN H 295 18.01 -2.54 56.28
N ALA H 296 17.45 -1.42 55.83
CA ALA H 296 18.16 -0.14 55.92
C ALA H 296 18.41 0.24 57.38
N ALA H 297 17.39 0.11 58.22
CA ALA H 297 17.48 0.51 59.60
C ALA H 297 18.41 -0.39 60.37
N TYR H 298 18.45 -1.66 60.00
CA TYR H 298 19.31 -2.66 60.64
C TYR H 298 20.76 -2.35 60.30
N ILE H 299 21.01 -2.19 59.00
CA ILE H 299 22.36 -1.88 58.51
C ILE H 299 22.85 -0.54 59.00
N ALA H 300 21.95 0.41 59.23
CA ALA H 300 22.36 1.74 59.63
C ALA H 300 23.17 1.69 60.93
N ARG H 301 22.78 0.80 61.85
CA ARG H 301 23.51 0.59 63.12
C ARG H 301 24.93 0.08 62.90
N ILE H 302 25.08 -0.87 61.99
CA ILE H 302 26.38 -1.42 61.68
C ILE H 302 27.28 -0.35 61.07
N LEU H 303 26.74 0.43 60.14
CA LEU H 303 27.48 1.55 59.56
C LEU H 303 27.99 2.47 60.68
N SER H 304 27.12 2.72 61.65
CA SER H 304 27.46 3.54 62.79
C SER H 304 28.69 3.07 63.58
N GLU H 305 28.80 1.76 63.81
CA GLU H 305 29.74 1.22 64.79
C GLU H 305 30.83 0.29 64.29
N GLY H 306 30.66 -0.33 63.13
CA GLY H 306 31.56 -1.38 62.66
C GLY H 306 33.02 -0.98 62.54
N GLY H 307 33.25 0.23 62.05
CA GLY H 307 34.59 0.78 61.92
C GLY H 307 35.38 0.91 63.21
N ASP H 308 34.71 0.85 64.37
CA ASP H 308 35.40 0.73 65.67
C ASP H 308 36.20 -0.55 65.80
N TYR H 309 35.82 -1.58 65.04
CA TYR H 309 36.33 -2.93 65.27
C TYR H 309 37.16 -3.48 64.12
N VAL H 310 36.93 -2.95 62.92
CA VAL H 310 37.49 -3.54 61.70
C VAL H 310 38.00 -2.43 60.77
N ASP H 311 38.90 -2.79 59.87
CA ASP H 311 39.44 -1.82 58.89
C ASP H 311 38.55 -1.60 57.68
N SER H 312 37.74 -2.61 57.34
CA SER H 312 36.61 -2.45 56.42
C SER H 312 35.53 -3.51 56.65
N PHE H 313 34.34 -3.17 56.23
CA PHE H 313 33.25 -4.13 56.17
C PHE H 313 32.48 -3.88 54.89
N SER H 314 32.48 -4.89 54.03
CA SER H 314 32.04 -4.78 52.64
C SER H 314 30.66 -5.36 52.47
N TYR H 315 29.68 -4.48 52.26
CA TYR H 315 28.30 -4.85 52.01
C TYR H 315 28.08 -5.71 50.75
N TRP H 316 27.54 -6.89 50.97
CA TRP H 316 27.21 -7.84 49.92
C TRP H 316 25.72 -7.59 49.61
N THR H 317 25.37 -6.93 48.49
CA THR H 317 26.24 -6.43 47.42
C THR H 317 25.79 -5.01 47.06
N PHE H 318 26.49 -4.39 46.12
CA PHE H 318 26.11 -3.08 45.62
C PHE H 318 24.89 -3.17 44.70
N SER H 319 24.68 -4.36 44.12
CA SER H 319 23.69 -4.50 43.07
C SER H 319 23.05 -5.88 43.00
N ASP H 320 21.82 -5.89 42.49
CA ASP H 320 21.06 -7.11 42.25
C ASP H 320 21.47 -7.84 40.96
N VAL H 321 22.36 -7.24 40.17
CA VAL H 321 22.98 -8.00 39.09
C VAL H 321 23.78 -9.14 39.73
N PHE H 322 23.20 -10.33 39.67
CA PHE H 322 23.60 -11.48 40.47
C PHE H 322 22.98 -12.73 39.84
N GLU H 323 23.65 -13.88 39.97
CA GLU H 323 23.16 -15.16 39.42
C GLU H 323 23.46 -16.41 40.31
N GLU H 324 23.81 -16.25 41.57
CA GLU H 324 24.08 -17.44 42.41
C GLU H 324 22.90 -18.42 42.45
N MET H 325 21.69 -17.88 42.60
CA MET H 325 20.46 -18.67 42.51
C MET H 325 19.69 -18.34 41.26
N ASP H 326 20.38 -18.34 40.11
CA ASP H 326 19.76 -18.08 38.82
C ASP H 326 19.40 -16.60 38.64
N VAL H 327 18.80 -16.28 37.51
CA VAL H 327 18.45 -14.93 37.12
C VAL H 327 17.24 -14.53 37.93
N PRO H 328 17.27 -13.34 38.52
CA PRO H 328 16.11 -12.84 39.24
C PRO H 328 14.79 -13.14 38.54
N LYS H 329 13.86 -13.70 39.32
CA LYS H 329 12.58 -14.15 38.82
C LYS H 329 11.57 -13.03 38.83
N ALA H 330 11.93 -11.92 39.47
CA ALA H 330 11.06 -10.75 39.57
C ALA H 330 11.88 -9.53 39.97
N LEU H 331 11.25 -8.35 39.91
CA LEU H 331 11.98 -7.12 40.13
C LEU H 331 12.55 -7.09 41.54
N PHE H 332 11.69 -7.20 42.53
CA PHE H 332 12.14 -7.30 43.92
C PHE H 332 12.01 -8.78 44.27
N HIS H 333 13.17 -9.43 44.39
CA HIS H 333 13.30 -10.88 44.40
C HIS H 333 14.19 -11.32 45.60
N GLY H 334 14.43 -10.40 46.53
CA GLY H 334 15.31 -10.64 47.65
C GLY H 334 16.80 -10.64 47.37
N GLY H 335 17.24 -9.96 46.32
CA GLY H 335 18.66 -9.88 46.03
C GLY H 335 19.41 -9.13 47.09
N PHE H 336 20.71 -9.38 47.17
CA PHE H 336 21.64 -8.68 48.08
C PHE H 336 21.78 -7.17 47.83
N GLY H 337 21.51 -6.74 46.61
CA GLY H 337 21.88 -5.41 46.18
C GLY H 337 21.37 -4.21 46.93
N LEU H 338 22.20 -3.19 46.99
CA LEU H 338 21.76 -1.85 47.32
C LEU H 338 20.85 -1.29 46.21
N VAL H 339 21.15 -1.64 44.96
CA VAL H 339 20.41 -1.12 43.81
C VAL H 339 19.72 -2.29 43.14
N ALA H 340 18.44 -2.12 42.79
CA ALA H 340 17.66 -3.09 42.01
C ALA H 340 17.81 -2.84 40.53
N LEU H 341 17.53 -3.89 39.74
CA LEU H 341 17.43 -3.77 38.29
C LEU H 341 16.72 -2.48 37.90
N HIS H 342 17.11 -1.91 36.75
CA HIS H 342 16.66 -0.58 36.32
C HIS H 342 17.18 0.57 37.22
N SER H 343 18.28 0.30 37.93
CA SER H 343 18.95 1.30 38.76
C SER H 343 18.00 1.94 39.77
N ILE H 344 17.08 1.16 40.29
CA ILE H 344 16.20 1.66 41.34
C ILE H 344 16.88 1.47 42.69
N PRO H 345 17.10 2.56 43.42
CA PRO H 345 17.67 2.48 44.77
C PRO H 345 16.71 1.83 45.83
N LYS H 346 17.21 0.82 46.52
CA LYS H 346 16.50 0.21 47.66
C LYS H 346 16.71 1.07 48.91
N PRO H 347 15.84 0.95 49.91
CA PRO H 347 16.05 1.67 51.19
C PRO H 347 17.47 1.59 51.76
N THR H 348 18.17 0.47 51.59
CA THR H 348 19.51 0.32 52.13
C THR H 348 20.53 1.22 51.45
N PHE H 349 20.37 1.46 50.14
CA PHE H 349 21.14 2.48 49.41
C PHE H 349 21.12 3.87 50.10
N HIS H 350 19.95 4.23 50.61
CA HIS H 350 19.76 5.57 51.19
C HIS H 350 20.47 5.64 52.53
N ALA H 351 20.46 4.53 53.28
CA ALA H 351 21.26 4.45 54.50
C ALA H 351 22.72 4.83 54.22
N PHE H 352 23.29 4.22 53.18
CA PHE H 352 24.65 4.53 52.74
C PHE H 352 24.84 5.99 52.28
N THR H 353 23.93 6.47 51.45
CA THR H 353 23.85 7.84 51.00
C THR H 353 23.81 8.84 52.14
N PHE H 354 23.08 8.47 53.20
CA PHE H 354 22.93 9.37 54.33
C PHE H 354 24.24 9.42 55.13
N PHE H 355 24.91 8.28 55.29
CA PHE H 355 26.19 8.24 56.03
C PHE H 355 27.32 8.94 55.25
N ASN H 356 27.17 8.97 53.93
CA ASN H 356 28.05 9.75 53.08
C ASN H 356 27.95 11.27 53.27
N ALA H 357 26.87 11.75 53.87
CA ALA H 357 26.73 13.18 54.16
C ALA H 357 27.31 13.59 55.55
N LEU H 358 27.75 12.61 56.34
CA LEU H 358 28.24 12.85 57.70
C LEU H 358 29.61 13.51 57.70
N GLY H 359 29.89 14.29 58.72
CA GLY H 359 31.20 14.87 58.93
C GLY H 359 32.13 13.93 59.68
N ASP H 360 33.40 14.33 59.72
CA ASP H 360 34.50 13.62 60.41
C ASP H 360 34.40 13.65 61.94
N GLU H 361 33.84 14.75 62.44
CA GLU H 361 33.95 15.07 63.85
C GLU H 361 32.74 14.50 64.58
N LEU H 362 32.98 13.49 65.40
CA LEU H 362 31.90 12.82 66.13
C LEU H 362 31.52 13.54 67.42
N LEU H 363 30.31 14.09 67.44
CA LEU H 363 29.80 14.84 68.60
C LEU H 363 29.04 13.95 69.58
N TYR H 364 28.19 13.08 69.03
CA TYR H 364 27.42 12.15 69.84
C TYR H 364 27.04 10.87 69.05
N ARG H 365 26.95 9.79 69.80
CA ARG H 365 26.54 8.49 69.30
C ARG H 365 25.94 7.60 70.40
N ASP H 366 24.90 6.87 70.00
CA ASP H 366 24.36 5.77 70.81
C ASP H 366 23.71 4.77 69.85
N GLY H 367 22.89 3.86 70.35
CA GLY H 367 22.37 2.77 69.55
C GLY H 367 21.39 3.11 68.43
N GLU H 368 20.98 4.38 68.37
CA GLU H 368 19.97 4.84 67.42
C GLU H 368 20.33 6.12 66.66
N MET H 369 21.52 6.68 66.88
CA MET H 369 21.90 7.86 66.14
C MET H 369 23.40 8.12 66.13
N ILE H 370 23.81 8.96 65.21
CA ILE H 370 25.17 9.43 65.12
C ILE H 370 25.07 10.88 64.69
N VAL H 371 25.74 11.77 65.44
CA VAL H 371 25.69 13.21 65.18
C VAL H 371 27.11 13.69 65.00
N THR H 372 27.34 14.41 63.90
CA THR H 372 28.69 14.82 63.50
C THR H 372 28.72 16.28 63.10
N ARG H 373 29.91 16.88 63.18
CA ARG H 373 30.15 18.22 62.66
C ARG H 373 31.04 18.13 61.43
N ARG H 374 30.79 19.02 60.48
CA ARG H 374 31.49 19.03 59.21
C ARG H 374 32.46 20.18 59.15
N LYS H 375 33.22 20.21 58.06
CA LYS H 375 34.24 21.23 57.83
C LYS H 375 33.71 22.64 57.95
N ASP H 376 32.54 22.92 57.37
CA ASP H 376 31.99 24.29 57.37
C ASP H 376 31.24 24.76 58.64
N GLY H 377 31.30 24.00 59.74
CA GLY H 377 30.50 24.30 60.93
C GLY H 377 29.12 23.61 60.99
N SER H 378 28.63 23.13 59.86
CA SER H 378 27.29 22.55 59.81
C SER H 378 27.21 21.14 60.46
N ILE H 379 26.03 20.80 60.96
CA ILE H 379 25.79 19.51 61.64
C ILE H 379 25.05 18.55 60.71
N ALA H 380 25.47 17.29 60.74
CA ALA H 380 24.78 16.21 60.05
C ALA H 380 24.60 15.02 60.98
N ALA H 381 23.37 14.53 61.07
CA ALA H 381 23.01 13.42 61.94
C ALA H 381 22.18 12.39 61.19
N VAL H 382 22.46 11.11 61.44
CA VAL H 382 21.65 10.02 60.92
C VAL H 382 21.04 9.30 62.11
N LEU H 383 19.74 9.11 62.07
CA LEU H 383 19.00 8.42 63.11
C LEU H 383 18.21 7.26 62.49
N TRP H 384 17.98 6.24 63.31
CA TRP H 384 17.23 5.07 62.88
C TRP H 384 16.41 4.48 64.02
N ASN H 385 15.27 3.94 63.63
CA ASN H 385 14.35 3.28 64.51
C ASN H 385 14.15 1.85 64.07
N LEU H 386 15.16 1.01 64.29
CA LEU H 386 15.06 -0.43 63.97
C LEU H 386 14.03 -1.10 64.84
N VAL H 387 13.03 -1.71 64.20
CA VAL H 387 11.96 -2.40 64.91
C VAL H 387 11.75 -3.77 64.28
N MET H 388 12.21 -4.80 64.98
CA MET H 388 12.20 -6.17 64.49
C MET H 388 10.88 -6.88 64.79
N GLU H 389 10.06 -6.30 65.65
CA GLU H 389 8.81 -6.94 66.03
C GLU H 389 7.75 -6.61 65.00
N LYS H 390 6.74 -7.48 64.90
CA LYS H 390 5.59 -7.22 64.04
C LYS H 390 4.74 -6.16 64.71
N GLY H 391 3.87 -5.51 63.93
CA GLY H 391 2.89 -4.59 64.49
C GLY H 391 3.05 -3.18 63.97
N GLU H 392 1.92 -2.55 63.64
CA GLU H 392 1.91 -1.18 63.18
C GLU H 392 2.03 -0.22 64.39
N GLY H 393 2.30 1.05 64.12
CA GLY H 393 2.66 2.03 65.14
C GLY H 393 4.16 1.98 65.47
N LEU H 394 4.49 1.76 66.74
CA LEU H 394 5.87 1.49 67.17
C LEU H 394 6.90 2.57 66.72
N THR H 395 6.56 3.84 67.01
CA THR H 395 7.41 4.97 66.65
C THR H 395 8.23 5.44 67.85
N LYS H 396 9.42 6.01 67.58
CA LYS H 396 10.27 6.56 68.62
C LYS H 396 10.29 8.09 68.51
N GLU H 397 10.07 8.76 69.65
CA GLU H 397 10.23 10.21 69.75
C GLU H 397 11.67 10.45 70.23
N VAL H 398 12.29 11.51 69.71
CA VAL H 398 13.69 11.81 69.97
C VAL H 398 13.88 13.33 70.04
N GLN H 399 14.32 13.81 71.19
CA GLN H 399 14.54 15.23 71.44
C GLN H 399 16.03 15.52 71.34
N LEU H 400 16.40 16.48 70.49
CA LEU H 400 17.81 16.85 70.34
C LEU H 400 18.00 18.29 70.72
N VAL H 401 19.02 18.55 71.53
CA VAL H 401 19.39 19.91 71.90
C VAL H 401 20.76 20.15 71.27
N ILE H 402 20.79 20.93 70.22
CA ILE H 402 21.99 21.05 69.42
C ILE H 402 22.49 22.49 69.51
N PRO H 403 23.76 22.65 69.90
CA PRO H 403 24.38 23.97 69.95
C PRO H 403 24.84 24.39 68.56
N VAL H 404 24.73 25.68 68.29
CA VAL H 404 25.20 26.25 67.04
C VAL H 404 25.65 27.70 67.26
N SER H 405 26.67 28.09 66.50
CA SER H 405 27.25 29.43 66.55
C SER H 405 26.56 30.40 65.58
N GLU H 406 25.38 30.02 65.08
CA GLU H 406 24.87 30.55 63.81
C GLU H 406 23.46 31.23 63.81
N SER H 407 23.05 31.89 64.90
CA SER H 407 21.84 32.77 64.95
C SER H 407 20.50 32.34 64.28
N ALA H 408 20.53 31.87 63.03
CA ALA H 408 19.39 31.18 62.39
C ALA H 408 19.83 29.94 61.60
N VAL H 409 18.94 28.97 61.47
CA VAL H 409 19.35 27.68 60.91
C VAL H 409 18.35 27.15 59.87
N PHE H 410 18.90 26.53 58.82
CA PHE H 410 18.15 25.83 57.78
C PHE H 410 18.34 24.32 57.97
N ILE H 411 17.24 23.61 58.19
CA ILE H 411 17.26 22.19 58.48
C ILE H 411 16.75 21.44 57.26
N LYS H 412 17.53 20.48 56.79
CA LYS H 412 17.13 19.60 55.70
C LYS H 412 17.04 18.17 56.21
N ARG H 413 15.81 17.62 56.22
CA ARG H 413 15.57 16.23 56.61
C ARG H 413 15.13 15.37 55.44
N GLN H 414 15.79 14.24 55.23
CA GLN H 414 15.38 13.24 54.24
C GLN H 414 15.02 11.93 54.95
N ILE H 415 13.88 11.35 54.56
CA ILE H 415 13.31 10.20 55.22
C ILE H 415 13.15 9.03 54.25
N VAL H 416 13.59 7.85 54.68
CA VAL H 416 13.24 6.59 54.07
C VAL H 416 12.64 5.70 55.14
N ASN H 417 11.46 5.14 54.88
CA ASN H 417 10.78 4.30 55.85
C ASN H 417 9.80 3.38 55.12
N GLU H 418 8.84 2.81 55.86
CA GLU H 418 7.84 1.93 55.23
C GLU H 418 7.00 2.68 54.21
N GLN H 419 6.77 3.97 54.43
CA GLN H 419 5.96 4.74 53.49
C GLN H 419 6.74 5.39 52.35
N TYR H 420 7.94 5.93 52.61
CA TYR H 420 8.67 6.79 51.67
C TYR H 420 10.02 6.24 51.25
N GLY H 421 10.46 6.60 50.04
CA GLY H 421 11.71 6.13 49.48
C GLY H 421 11.84 4.62 49.45
N ASN H 422 10.70 3.98 49.22
CA ASN H 422 10.53 2.54 49.37
C ASN H 422 9.74 1.97 48.17
N ALA H 423 10.44 1.65 47.10
CA ALA H 423 9.79 1.11 45.90
C ALA H 423 9.15 -0.27 46.14
N TRP H 424 9.68 -1.05 47.07
CA TRP H 424 9.09 -2.37 47.38
C TRP H 424 7.61 -2.22 47.75
N ARG H 425 7.28 -1.33 48.70
CA ARG H 425 5.88 -1.07 49.07
C ARG H 425 4.98 -0.80 47.84
N VAL H 426 5.45 0.06 46.94
CA VAL H 426 4.69 0.49 45.78
C VAL H 426 4.60 -0.60 44.67
N TRP H 427 5.64 -1.40 44.56
CA TRP H 427 5.66 -2.57 43.70
C TRP H 427 4.54 -3.54 44.11
N LYS H 428 4.33 -3.68 45.42
CA LYS H 428 3.26 -4.53 45.91
C LYS H 428 1.92 -3.98 45.49
N GLN H 429 1.69 -2.69 45.74
CA GLN H 429 0.48 -1.99 45.30
C GLN H 429 0.23 -2.09 43.78
N MET H 430 1.28 -2.27 42.97
CA MET H 430 1.12 -2.51 41.52
C MET H 430 0.72 -3.96 41.16
N GLY H 431 0.65 -4.82 42.18
CA GLY H 431 0.34 -6.23 42.00
C GLY H 431 1.56 -7.10 41.80
N ARG H 432 2.67 -6.67 42.37
CA ARG H 432 3.96 -7.35 42.24
C ARG H 432 4.27 -7.78 40.80
N PRO H 433 4.30 -6.85 39.86
CA PRO H 433 4.69 -7.20 38.49
C PRO H 433 6.09 -7.79 38.48
N ARG H 434 6.25 -8.98 37.93
CA ARG H 434 7.58 -9.62 37.87
C ARG H 434 8.52 -8.89 36.94
N PHE H 435 7.98 -8.51 35.79
CA PHE H 435 8.73 -7.96 34.68
C PHE H 435 7.96 -6.70 34.24
N PRO H 436 8.10 -5.64 35.03
CA PRO H 436 7.25 -4.46 34.87
C PRO H 436 7.57 -3.65 33.63
N SER H 437 6.63 -2.78 33.26
CA SER H 437 6.74 -1.91 32.10
C SER H 437 7.76 -0.80 32.38
N ARG H 438 8.20 -0.12 31.33
CA ARG H 438 9.10 1.01 31.52
C ARG H 438 8.45 2.10 32.37
N GLN H 439 7.16 2.34 32.13
CA GLN H 439 6.45 3.35 32.90
C GLN H 439 6.31 2.95 34.35
N ALA H 440 6.10 1.66 34.60
CA ALA H 440 5.98 1.18 35.97
C ALA H 440 7.32 1.40 36.68
N VAL H 441 8.40 1.16 35.97
CA VAL H 441 9.75 1.31 36.49
C VAL H 441 10.05 2.78 36.81
N GLU H 442 9.66 3.70 35.93
CA GLU H 442 9.93 5.11 36.19
C GLU H 442 9.20 5.59 37.46
N THR H 443 7.99 5.10 37.66
CA THR H 443 7.21 5.46 38.83
C THR H 443 7.89 4.92 40.10
N LEU H 444 8.39 3.69 40.01
CA LEU H 444 9.11 3.06 41.11
C LEU H 444 10.40 3.80 41.45
N ARG H 445 11.05 4.37 40.45
CA ARG H 445 12.25 5.17 40.67
C ARG H 445 11.88 6.51 41.37
N GLN H 446 10.82 7.15 40.90
CA GLN H 446 10.31 8.40 41.51
C GLN H 446 10.02 8.21 43.00
N VAL H 447 9.19 7.22 43.31
CA VAL H 447 8.80 6.81 44.68
C VAL H 447 9.98 6.34 45.59
N ALA H 448 11.06 5.85 44.96
CA ALA H 448 12.25 5.40 45.69
C ALA H 448 13.16 6.53 46.14
N GLN H 449 12.90 7.75 45.70
CA GLN H 449 13.63 8.92 46.18
C GLN H 449 13.23 9.18 47.64
N PRO H 450 14.18 9.62 48.47
CA PRO H 450 13.83 9.89 49.87
C PRO H 450 12.81 11.03 49.95
N HIS H 451 11.96 11.02 50.98
CA HIS H 451 11.06 12.13 51.28
C HIS H 451 11.83 13.26 52.01
N VAL H 452 11.71 14.48 51.50
CA VAL H 452 12.40 15.64 52.02
C VAL H 452 11.42 16.57 52.67
N MET H 453 11.79 17.09 53.83
CA MET H 453 11.08 18.20 54.44
C MET H 453 12.08 19.17 55.05
N THR H 454 11.80 20.46 54.88
CA THR H 454 12.73 21.52 55.25
C THR H 454 12.04 22.54 56.13
N GLU H 455 12.80 23.22 56.97
CA GLU H 455 12.28 24.34 57.75
C GLU H 455 13.39 25.35 58.06
N GLN H 456 12.97 26.58 58.39
CA GLN H 456 13.86 27.55 59.01
C GLN H 456 13.59 27.57 60.50
N ARG H 457 14.64 27.74 61.28
CA ARG H 457 14.52 27.71 62.72
C ARG H 457 15.47 28.70 63.39
N ARG H 458 14.93 29.53 64.29
CA ARG H 458 15.74 30.52 65.00
C ARG H 458 16.20 29.95 66.33
N ALA H 459 17.48 30.16 66.65
CA ALA H 459 18.06 29.67 67.89
C ALA H 459 17.62 30.52 69.09
N THR H 460 17.40 29.85 70.22
CA THR H 460 17.17 30.53 71.49
C THR H 460 18.33 30.14 72.44
N ASP H 461 19.09 31.16 72.84
CA ASP H 461 20.27 31.02 73.73
C ASP H 461 21.44 30.21 73.14
N GLY H 462 21.60 30.24 71.82
CA GLY H 462 22.71 29.56 71.14
C GLY H 462 22.47 28.07 70.97
N VAL H 463 21.20 27.68 71.06
CA VAL H 463 20.82 26.28 71.01
C VAL H 463 19.53 26.07 70.19
N ILE H 464 19.43 24.89 69.58
CA ILE H 464 18.29 24.50 68.74
C ILE H 464 17.60 23.28 69.35
N HIS H 465 16.29 23.34 69.51
CA HIS H 465 15.54 22.20 70.05
C HIS H 465 14.75 21.48 68.97
N LEU H 466 15.30 20.37 68.48
CA LEU H 466 14.65 19.56 67.46
C LEU H 466 13.90 18.38 68.07
N SER H 467 12.57 18.42 67.99
CA SER H 467 11.71 17.31 68.37
C SER H 467 11.35 16.47 67.13
N ILE H 468 11.68 15.18 67.17
CA ILE H 468 11.64 14.32 65.99
C ILE H 468 10.87 13.03 66.25
N VAL H 469 10.02 12.67 65.29
CA VAL H 469 9.28 11.42 65.31
C VAL H 469 9.74 10.61 64.11
N LEU H 470 10.31 9.44 64.37
CA LEU H 470 10.66 8.48 63.37
C LEU H 470 9.63 7.35 63.45
N SER H 471 9.09 6.97 62.30
CA SER H 471 8.16 5.86 62.23
C SER H 471 8.92 4.54 62.16
N LYS H 472 8.18 3.45 62.02
CA LYS H 472 8.72 2.10 62.10
C LYS H 472 9.77 1.88 61.03
N ASN H 473 10.95 1.48 61.47
CA ASN H 473 12.07 1.14 60.59
C ASN H 473 12.52 2.27 59.68
N GLU H 474 12.44 3.49 60.21
CA GLU H 474 12.85 4.70 59.50
C GLU H 474 14.34 4.93 59.68
N VAL H 475 14.99 5.28 58.58
CA VAL H 475 16.32 5.88 58.61
C VAL H 475 16.15 7.29 58.10
N THR H 476 16.83 8.24 58.73
CA THR H 476 16.71 9.63 58.33
C THR H 476 17.98 10.43 58.53
N LEU H 477 18.20 11.38 57.63
CA LEU H 477 19.32 12.30 57.66
C LEU H 477 18.80 13.69 58.00
N ILE H 478 19.38 14.33 59.01
CA ILE H 478 19.18 15.74 59.26
C ILE H 478 20.50 16.50 59.07
N GLU H 479 20.49 17.48 58.18
CA GLU H 479 21.57 18.45 58.06
C GLU H 479 21.06 19.78 58.60
N ILE H 480 21.89 20.43 59.41
CA ILE H 480 21.58 21.69 60.04
C ILE H 480 22.67 22.66 59.60
N GLU H 481 22.32 23.59 58.71
CA GLU H 481 23.29 24.51 58.10
C GLU H 481 23.01 25.96 58.48
N GLN H 482 24.05 26.78 58.42
CA GLN H 482 23.96 28.20 58.76
C GLN H 482 23.09 28.94 57.77
N VAL H 483 22.20 29.80 58.26
CA VAL H 483 21.42 30.69 57.40
C VAL H 483 22.10 32.06 57.35
N ARG H 484 22.50 32.46 56.15
CA ARG H 484 22.98 33.81 55.91
C ARG H 484 21.84 34.54 55.23
N ASP H 485 21.02 35.22 56.02
CA ASP H 485 19.80 35.84 55.49
C ASP H 485 20.20 37.02 54.61
N GLU H 486 19.78 36.98 53.35
CA GLU H 486 20.06 38.02 52.37
C GLU H 486 18.82 38.91 52.14
N THR H 487 17.78 38.67 52.94
CA THR H 487 16.48 39.31 52.81
C THR H 487 16.53 40.83 52.92
N SER H 488 17.40 41.34 53.79
CA SER H 488 17.54 42.79 53.96
C SER H 488 18.07 43.54 52.71
N THR H 489 18.73 42.83 51.77
CA THR H 489 19.22 43.46 50.53
C THR H 489 18.09 43.62 49.48
N TYR H 490 17.02 42.86 49.65
CA TYR H 490 15.85 42.93 48.78
C TYR H 490 14.96 44.09 49.32
N VAL H 491 15.44 45.33 49.18
CA VAL H 491 14.81 46.44 49.89
C VAL H 491 13.43 46.68 49.30
N GLY H 492 12.41 46.68 50.16
CA GLY H 492 11.03 46.81 49.72
C GLY H 492 10.32 45.49 49.45
N LEU H 493 11.06 44.38 49.44
CA LEU H 493 10.45 43.06 49.29
C LEU H 493 9.26 42.90 50.26
N ASP H 494 8.14 42.45 49.73
CA ASP H 494 6.95 42.11 50.50
C ASP H 494 6.14 41.04 49.74
N ASP H 495 6.10 39.83 50.27
CA ASP H 495 5.28 38.74 49.70
C ASP H 495 3.76 38.94 49.83
N GLY H 496 3.32 39.81 50.74
CA GLY H 496 1.91 40.21 50.84
C GLY H 496 1.40 41.08 49.69
N GLU H 497 2.31 41.49 48.80
CA GLU H 497 1.96 42.23 47.59
C GLU H 497 1.69 41.30 46.39
N ILE H 498 1.92 39.99 46.58
CA ILE H 498 1.62 38.99 45.55
C ILE H 498 0.22 38.42 45.82
N THR H 499 -0.56 38.27 44.75
CA THR H 499 -1.88 37.64 44.81
C THR H 499 -1.88 36.43 45.76
N SER H 500 -2.71 36.48 46.81
CA SER H 500 -2.95 35.39 47.76
C SER H 500 -1.96 35.23 48.92
N TYR H 501 -0.75 35.76 48.78
CA TYR H 501 0.29 35.55 49.80
C TYR H 501 0.31 36.61 50.88
N SER H 502 1.06 36.33 51.95
CA SER H 502 1.19 37.20 53.13
C SER H 502 2.64 37.64 53.36
#